data_8HQ8
#
_entry.id   8HQ8
#
_cell.length_a   109.720
_cell.length_b   91.610
_cell.length_c   169.220
_cell.angle_alpha   90.00
_cell.angle_beta   103.52
_cell.angle_gamma   90.00
#
_symmetry.space_group_name_H-M   'P 1 21 1'
#
loop_
_entity.id
_entity.type
_entity.pdbx_description
1 polymer 'siphonaxanthin chlorophyll a/b binding light-harvesting complex II, Bry-Lhcb1'
2 non-polymer Siphonaxanthin
3 non-polymer (1R,3R)-6-{(3E,5E,7E,9E,11E,13E,15E,17E)-18-[(1S,4R,6R)-4-HYDROXY-2,2,6-TRIMETHYL-7-OXABICYCLO[4.1.0]HEPT-1-YL]-3,7,12,16-TETRAMETHYLOCTADECA-1,3,5,7,9,11,13,15,17-NONAENYLIDENE}-1,5,5-TRIMETHYLCYCLOHEXANE-1,3-DIOL
4 non-polymer DODECYL-ALPHA-D-MALTOSIDE
5 non-polymer 'CHLOROPHYLL B'
6 non-polymer 'CHLOROPHYLL A'
7 non-polymer 1,2-DIPALMITOYL-PHOSPHATIDYL-GLYCEROLE
8 non-polymer 'MAGNESIUM ION'
9 non-polymer Siphonein
10 non-polymer 'TRIMETHYL GLYCINE'
11 non-polymer 1,2-DISTEAROYL-MONOGALACTOSYL-DIGLYCERIDE
12 water water
#
_entity_poly.entity_id   1
_entity_poly.type   'polypeptide(L)'
_entity_poly.pdbx_seq_one_letter_code
;MASAMIAQTVVGAQAARATKQVTRAAVEFYGPDRALWLGPYSEGAVPSYLTGEFPGDYGWDSAGLSADPETFAANRELEL
IHARWAMLGTVGCLTPEALEKYGGVEFGEAVWFKAGSQIFAEGGLDYLGNPSLVHAQSILAICWTQVVLMGLAEGYRCSG
GPLGEATDPLYPGEAFDPMGMADDPETFAELKTKEIKNGRLAMFAMFGFFVQSLQTGKGPVECWAEHIADPVANNGFVYA
TKFFGAQIF
;
_entity_poly.pdbx_strand_id   A,B,C,D,E,F
#
loop_
_chem_comp.id
_chem_comp.type
_chem_comp.name
_chem_comp.formula
0IE non-polymer Siphonaxanthin 'C40 H56 O4'
0UR non-polymer Siphonein 'C52 H76 O5'
BET non-polymer 'TRIMETHYL GLYCINE' 'C5 H12 N O2 1'
CHL non-polymer 'CHLOROPHYLL B' 'C55 H70 Mg N4 O6 2'
CLA non-polymer 'CHLOROPHYLL A' 'C55 H72 Mg N4 O5'
LHG non-polymer 1,2-DIPALMITOYL-PHOSPHATIDYL-GLYCEROLE 'C38 H75 O10 P'
LMG non-polymer 1,2-DISTEAROYL-MONOGALACTOSYL-DIGLYCERIDE 'C45 H86 O10'
LMU D-saccharide DODECYL-ALPHA-D-MALTOSIDE 'C24 H46 O11'
MG non-polymer 'MAGNESIUM ION' 'Mg 2'
NEX non-polymer (1R,3R)-6-{(3E,5E,7E,9E,11E,13E,15E,17E)-18-[(1S,4R,6R)-4-HYDROXY-2,2,6-TRIMETHYL-7-OXABICYCLO[4.1.0]HEPT-1-YL]-3,7,12,16-TETRAMETHYLOCTADECA-1,3,5,7,9,11,13,15,17-NONAENYLIDENE}-1,5,5-TRIMETHYLCYCLOHEXANE-1,3-DIOL 'C40 H56 O4'
#
# COMPACT_ATOMS: atom_id res chain seq x y z
N VAL A 27 14.41 9.65 -25.29
CA VAL A 27 13.60 10.53 -26.12
C VAL A 27 12.34 9.80 -26.60
N GLU A 28 12.49 8.52 -26.95
CA GLU A 28 11.38 7.75 -27.52
C GLU A 28 11.13 6.44 -26.78
N PHE A 29 11.62 6.30 -25.55
CA PHE A 29 11.32 5.13 -24.74
C PHE A 29 10.71 5.48 -23.39
N TYR A 30 10.38 6.74 -23.16
CA TYR A 30 9.64 7.17 -21.99
C TYR A 30 8.71 8.31 -22.42
N GLY A 31 7.77 8.65 -21.55
CA GLY A 31 6.91 9.79 -21.77
C GLY A 31 5.89 9.56 -22.86
N PRO A 32 5.14 10.62 -23.22
CA PRO A 32 4.01 10.43 -24.15
C PRO A 32 4.44 10.14 -25.58
N ASP A 33 5.69 10.43 -25.93
CA ASP A 33 6.18 10.24 -27.29
C ASP A 33 7.10 9.03 -27.40
N ARG A 34 6.86 8.02 -26.56
CA ARG A 34 7.71 6.84 -26.56
C ARG A 34 7.27 5.84 -27.63
N ALA A 35 8.10 4.82 -27.82
CA ALA A 35 7.77 3.75 -28.74
C ALA A 35 6.75 2.83 -28.12
N LEU A 36 5.78 2.39 -28.92
CA LEU A 36 4.68 1.57 -28.45
C LEU A 36 4.71 0.22 -29.15
N TRP A 37 3.92 -0.72 -28.60
CA TRP A 37 3.97 -2.13 -28.97
C TRP A 37 3.21 -2.45 -30.26
N LEU A 38 2.65 -1.46 -30.96
CA LEU A 38 2.01 -1.70 -32.25
C LEU A 38 2.47 -0.71 -33.30
N GLY A 39 3.57 0.00 -33.05
CA GLY A 39 4.06 1.01 -33.96
C GLY A 39 3.05 2.11 -34.19
N PRO A 40 2.75 2.39 -35.47
CA PRO A 40 1.79 3.47 -35.77
C PRO A 40 0.37 3.15 -35.33
N TYR A 41 0.02 1.86 -35.24
CA TYR A 41 -1.31 1.43 -34.86
C TYR A 41 -1.49 1.32 -33.35
N SER A 42 -0.71 2.08 -32.58
CA SER A 42 -0.69 1.87 -31.15
C SER A 42 -1.66 2.76 -30.37
N GLU A 43 -1.67 4.06 -30.63
CA GLU A 43 -2.54 4.92 -29.81
C GLU A 43 -3.98 4.48 -30.01
N GLY A 44 -4.68 4.36 -28.91
CA GLY A 44 -5.98 3.72 -28.87
C GLY A 44 -5.87 2.27 -28.53
N ALA A 45 -4.66 1.81 -28.20
CA ALA A 45 -4.37 0.47 -27.72
C ALA A 45 -3.29 0.57 -26.65
N VAL A 46 -3.36 1.65 -25.86
CA VAL A 46 -2.45 1.89 -24.75
C VAL A 46 -3.30 2.23 -23.54
N PRO A 47 -3.22 1.47 -22.46
CA PRO A 47 -4.07 1.75 -21.30
C PRO A 47 -3.69 3.06 -20.64
N SER A 48 -4.65 3.62 -19.91
CA SER A 48 -4.45 4.92 -19.27
C SER A 48 -3.36 4.87 -18.22
N TYR A 49 -3.12 3.71 -17.61
CA TYR A 49 -2.15 3.59 -16.54
C TYR A 49 -0.73 3.33 -17.03
N LEU A 50 -0.54 3.10 -18.33
CA LEU A 50 0.80 2.95 -18.90
C LEU A 50 1.17 4.32 -19.50
N THR A 51 1.85 5.14 -18.70
CA THR A 51 2.09 6.53 -19.03
C THR A 51 3.50 6.85 -19.49
N GLY A 52 4.41 5.89 -19.58
CA GLY A 52 5.77 6.23 -19.92
C GLY A 52 6.76 6.29 -18.78
N GLU A 53 6.31 6.09 -17.54
CA GLU A 53 7.20 6.28 -16.39
C GLU A 53 8.20 5.12 -16.21
N PHE A 54 7.80 3.86 -16.45
CA PHE A 54 8.68 2.74 -16.11
C PHE A 54 9.38 2.14 -17.32
N PRO A 55 10.53 1.50 -17.12
CA PRO A 55 11.25 0.92 -18.26
C PRO A 55 10.43 -0.17 -18.93
N GLY A 56 10.52 -0.21 -20.26
CA GLY A 56 9.80 -1.22 -21.02
C GLY A 56 8.35 -0.90 -21.29
N ASP A 57 7.88 0.30 -20.91
CA ASP A 57 6.49 0.66 -21.12
C ASP A 57 6.20 0.90 -22.60
N TYR A 58 5.90 -0.16 -23.34
CA TYR A 58 5.42 -0.02 -24.71
C TYR A 58 3.91 0.10 -24.78
N GLY A 59 3.25 0.31 -23.64
CA GLY A 59 1.81 0.42 -23.65
C GLY A 59 1.08 -0.89 -23.89
N TRP A 60 1.72 -2.04 -23.63
CA TRP A 60 1.09 -3.34 -23.86
C TRP A 60 0.55 -3.86 -22.54
N ASP A 61 -0.76 -3.76 -22.35
CA ASP A 61 -1.43 -4.53 -21.30
C ASP A 61 -2.89 -4.78 -21.73
N SER A 62 -3.04 -5.47 -22.87
CA SER A 62 -4.36 -5.71 -23.45
C SER A 62 -5.25 -6.51 -22.50
N ALA A 63 -4.69 -7.39 -21.68
CA ALA A 63 -5.46 -8.13 -20.70
C ALA A 63 -5.70 -7.32 -19.43
N GLY A 64 -5.24 -6.07 -19.39
CA GLY A 64 -5.45 -5.24 -18.22
C GLY A 64 -4.98 -5.86 -16.92
N LEU A 65 -3.89 -6.61 -16.97
CA LEU A 65 -3.42 -7.27 -15.76
C LEU A 65 -2.70 -6.34 -14.80
N SER A 66 -2.32 -5.14 -15.24
CA SER A 66 -1.60 -4.21 -14.39
C SER A 66 -2.36 -2.90 -14.18
N ALA A 67 -3.68 -2.92 -14.31
CA ALA A 67 -4.48 -1.72 -14.11
C ALA A 67 -4.34 -1.21 -12.67
N ASP A 68 -4.25 -2.12 -11.72
CA ASP A 68 -4.03 -1.75 -10.32
C ASP A 68 -2.57 -1.34 -10.13
N PRO A 69 -2.30 -0.17 -9.55
CA PRO A 69 -0.90 0.28 -9.40
C PRO A 69 -0.04 -0.67 -8.58
N GLU A 70 -0.61 -1.28 -7.55
CA GLU A 70 0.17 -2.19 -6.72
C GLU A 70 0.49 -3.48 -7.45
N THR A 71 -0.48 -4.07 -8.16
CA THR A 71 -0.17 -5.25 -8.93
C THR A 71 0.83 -4.94 -10.03
N PHE A 72 0.63 -3.83 -10.72
CA PHE A 72 1.58 -3.42 -11.74
C PHE A 72 2.97 -3.30 -11.16
N ALA A 73 3.08 -2.82 -9.92
CA ALA A 73 4.39 -2.81 -9.26
C ALA A 73 4.92 -4.22 -9.08
N ALA A 74 4.06 -5.15 -8.66
CA ALA A 74 4.52 -6.53 -8.49
C ALA A 74 4.91 -7.15 -9.83
N ASN A 75 4.14 -6.87 -10.90
CA ASN A 75 4.46 -7.47 -12.19
C ASN A 75 5.76 -6.96 -12.76
N ARG A 76 6.11 -5.70 -12.50
CA ARG A 76 7.40 -5.17 -12.94
C ARG A 76 8.55 -5.89 -12.24
N GLU A 77 8.37 -6.24 -10.96
CA GLU A 77 9.38 -7.00 -10.26
C GLU A 77 9.44 -8.43 -10.76
N LEU A 78 8.27 -9.06 -10.99
CA LEU A 78 8.26 -10.40 -11.58
C LEU A 78 8.96 -10.41 -12.93
N GLU A 79 8.63 -9.45 -13.79
CA GLU A 79 9.19 -9.44 -15.14
C GLU A 79 10.70 -9.30 -15.11
N LEU A 80 11.21 -8.31 -14.36
CA LEU A 80 12.64 -8.04 -14.40
C LEU A 80 13.44 -9.17 -13.75
N ILE A 81 12.97 -9.71 -12.62
CA ILE A 81 13.67 -10.85 -12.01
C ILE A 81 13.70 -12.03 -12.98
N HIS A 82 12.60 -12.28 -13.69
CA HIS A 82 12.60 -13.31 -14.73
C HIS A 82 13.64 -12.97 -15.80
N ALA A 83 13.63 -11.73 -16.28
CA ALA A 83 14.55 -11.35 -17.35
C ALA A 83 15.99 -11.60 -16.97
N ARG A 84 16.33 -11.39 -15.69
CA ARG A 84 17.70 -11.64 -15.23
C ARG A 84 17.99 -13.13 -15.18
N TRP A 85 17.02 -13.94 -14.74
CA TRP A 85 17.21 -15.39 -14.79
C TRP A 85 17.26 -15.90 -16.22
N ALA A 86 16.46 -15.30 -17.11
CA ALA A 86 16.49 -15.75 -18.50
C ALA A 86 17.80 -15.36 -19.16
N MET A 87 18.29 -14.14 -18.91
CA MET A 87 19.56 -13.72 -19.49
C MET A 87 20.70 -14.63 -19.05
N LEU A 88 20.76 -14.95 -17.77
CA LEU A 88 21.71 -15.97 -17.32
C LEU A 88 21.41 -17.32 -17.96
N GLY A 89 20.13 -17.62 -18.17
CA GLY A 89 19.76 -18.93 -18.68
C GLY A 89 20.22 -19.19 -20.09
N THR A 90 20.03 -18.20 -20.98
CA THR A 90 20.39 -18.40 -22.39
C THR A 90 21.89 -18.65 -22.54
N VAL A 91 22.71 -17.89 -21.81
CA VAL A 91 24.15 -18.11 -21.87
C VAL A 91 24.49 -19.45 -21.23
N GLY A 92 23.81 -19.79 -20.13
CA GLY A 92 24.07 -21.05 -19.47
C GLY A 92 23.67 -22.26 -20.28
N CYS A 93 22.60 -22.14 -21.07
CA CYS A 93 22.16 -23.27 -21.88
C CYS A 93 22.99 -23.45 -23.15
N LEU A 94 23.45 -22.35 -23.75
CA LEU A 94 24.14 -22.44 -25.03
C LEU A 94 25.62 -22.78 -24.85
N THR A 95 26.20 -22.43 -23.70
CA THR A 95 27.65 -22.57 -23.54
C THR A 95 28.11 -24.02 -23.64
N PRO A 96 27.62 -24.96 -22.83
CA PRO A 96 28.15 -26.34 -22.94
C PRO A 96 27.86 -27.00 -24.27
N GLU A 97 26.72 -26.71 -24.91
CA GLU A 97 26.44 -27.32 -26.20
C GLU A 97 27.33 -26.76 -27.31
N ALA A 98 27.55 -25.44 -27.31
CA ALA A 98 28.46 -24.88 -28.30
C ALA A 98 29.91 -25.31 -28.03
N LEU A 99 30.28 -25.44 -26.75
CA LEU A 99 31.63 -25.86 -26.41
C LEU A 99 31.88 -27.31 -26.81
N GLU A 100 30.86 -28.17 -26.68
CA GLU A 100 31.08 -29.57 -27.00
C GLU A 100 31.19 -29.79 -28.50
N LYS A 101 30.32 -29.16 -29.29
CA LYS A 101 30.27 -29.45 -30.71
C LYS A 101 31.25 -28.59 -31.52
N TYR A 102 31.59 -27.39 -31.04
CA TYR A 102 32.49 -26.51 -31.78
C TYR A 102 33.81 -26.21 -31.07
N GLY A 103 33.92 -26.52 -29.78
CA GLY A 103 35.16 -26.35 -29.05
C GLY A 103 35.85 -27.64 -28.64
N GLY A 104 35.42 -28.79 -29.17
CA GLY A 104 36.05 -30.06 -28.89
C GLY A 104 36.06 -30.47 -27.43
N VAL A 105 35.17 -29.92 -26.63
CA VAL A 105 35.06 -30.25 -25.21
C VAL A 105 34.15 -31.47 -25.06
N GLU A 106 34.46 -32.30 -24.05
CA GLU A 106 33.74 -33.55 -23.82
C GLU A 106 33.00 -33.45 -22.47
N PHE A 107 31.76 -32.99 -22.52
CA PHE A 107 30.89 -33.00 -21.36
C PHE A 107 30.19 -34.35 -21.22
N GLY A 108 29.69 -34.62 -20.01
CA GLY A 108 28.83 -35.77 -19.81
C GLY A 108 27.51 -35.61 -20.54
N GLU A 109 26.84 -34.48 -20.34
CA GLU A 109 25.65 -34.12 -21.09
C GLU A 109 25.70 -32.63 -21.35
N ALA A 110 25.96 -32.24 -22.59
CA ALA A 110 26.15 -30.85 -22.94
C ALA A 110 24.86 -30.16 -23.37
N VAL A 111 23.79 -30.91 -23.59
CA VAL A 111 22.50 -30.33 -23.94
C VAL A 111 21.79 -29.94 -22.65
N TRP A 112 21.15 -28.77 -22.66
CA TRP A 112 20.66 -28.20 -21.40
C TRP A 112 19.60 -29.09 -20.77
N PHE A 113 18.65 -29.58 -21.56
CA PHE A 113 17.56 -30.35 -20.95
C PHE A 113 17.99 -31.74 -20.51
N LYS A 114 19.18 -32.18 -20.91
CA LYS A 114 19.75 -33.41 -20.43
C LYS A 114 20.84 -33.19 -19.38
N ALA A 115 21.22 -31.93 -19.15
CA ALA A 115 22.37 -31.64 -18.31
C ALA A 115 22.13 -32.05 -16.86
N GLY A 116 20.91 -31.89 -16.36
CA GLY A 116 20.62 -32.26 -14.98
C GLY A 116 20.76 -33.76 -14.72
N SER A 117 20.54 -34.57 -15.75
CA SER A 117 20.52 -36.02 -15.57
C SER A 117 21.90 -36.62 -15.38
N GLN A 118 22.95 -35.89 -15.75
CA GLN A 118 24.30 -36.45 -15.67
C GLN A 118 24.73 -36.72 -14.24
N ILE A 119 24.06 -36.13 -13.25
CA ILE A 119 24.37 -36.41 -11.85
C ILE A 119 24.05 -37.85 -11.48
N PHE A 120 23.16 -38.51 -12.24
CA PHE A 120 22.83 -39.89 -11.95
C PHE A 120 23.77 -40.89 -12.60
N ALA A 121 24.67 -40.44 -13.48
CA ALA A 121 25.62 -41.36 -14.07
C ALA A 121 26.77 -41.59 -13.10
N GLU A 122 27.55 -42.63 -13.37
CA GLU A 122 28.71 -42.90 -12.53
C GLU A 122 29.76 -41.82 -12.73
N GLY A 123 30.37 -41.40 -11.62
CA GLY A 123 31.30 -40.30 -11.60
C GLY A 123 30.65 -38.97 -11.36
N GLY A 124 29.37 -38.83 -11.70
CA GLY A 124 28.64 -37.63 -11.37
C GLY A 124 28.90 -36.49 -12.34
N LEU A 125 28.76 -35.28 -11.85
CA LEU A 125 28.88 -34.06 -12.65
C LEU A 125 30.31 -33.53 -12.54
N ASP A 126 31.14 -33.89 -13.51
CA ASP A 126 32.49 -33.35 -13.63
C ASP A 126 32.41 -32.07 -14.45
N TYR A 127 32.80 -30.96 -13.85
CA TYR A 127 32.70 -29.67 -14.54
C TYR A 127 33.61 -29.66 -15.76
N LEU A 128 33.04 -29.27 -16.90
CA LEU A 128 33.73 -29.26 -18.20
C LEU A 128 34.21 -30.64 -18.62
N GLY A 129 33.68 -31.70 -18.01
CA GLY A 129 34.14 -33.05 -18.26
C GLY A 129 35.39 -33.44 -17.49
N ASN A 130 36.13 -32.49 -16.94
CA ASN A 130 37.32 -32.79 -16.17
C ASN A 130 36.93 -33.41 -14.83
N PRO A 131 37.37 -34.64 -14.52
CA PRO A 131 36.96 -35.27 -13.26
C PRO A 131 37.51 -34.58 -12.01
N SER A 132 38.47 -33.67 -12.15
CA SER A 132 38.99 -32.94 -11.00
C SER A 132 38.17 -31.72 -10.65
N LEU A 133 37.19 -31.35 -11.46
CA LEU A 133 36.39 -30.15 -11.23
C LEU A 133 35.01 -30.56 -10.70
N VAL A 134 34.66 -30.03 -9.53
CA VAL A 134 33.39 -30.31 -8.88
C VAL A 134 33.26 -31.80 -8.60
N HIS A 135 32.91 -32.58 -9.62
CA HIS A 135 32.80 -34.04 -9.49
C HIS A 135 31.74 -34.42 -8.45
N ALA A 136 30.57 -33.79 -8.57
CA ALA A 136 29.51 -34.00 -7.59
C ALA A 136 28.91 -35.39 -7.76
N GLN A 137 28.63 -36.07 -6.63
CA GLN A 137 28.15 -37.43 -6.64
C GLN A 137 26.77 -37.63 -6.03
N SER A 138 26.23 -36.64 -5.32
CA SER A 138 24.96 -36.78 -4.62
C SER A 138 24.01 -35.68 -5.09
N ILE A 139 22.88 -36.09 -5.70
CA ILE A 139 21.89 -35.11 -6.12
C ILE A 139 21.25 -34.44 -4.91
N LEU A 140 21.14 -35.16 -3.79
CA LEU A 140 20.57 -34.57 -2.58
C LEU A 140 21.46 -33.49 -2.00
N ALA A 141 22.79 -33.59 -2.20
CA ALA A 141 23.68 -32.56 -1.70
C ALA A 141 23.59 -31.27 -2.51
N ILE A 142 23.55 -31.38 -3.85
CA ILE A 142 23.38 -30.20 -4.68
C ILE A 142 22.07 -29.49 -4.34
N CYS A 143 20.99 -30.25 -4.18
CA CYS A 143 19.68 -29.67 -3.98
C CYS A 143 19.62 -28.87 -2.69
N TRP A 144 19.96 -29.50 -1.56
CA TRP A 144 19.76 -28.84 -0.28
C TRP A 144 20.85 -27.83 0.05
N THR A 145 21.96 -27.80 -0.69
CA THR A 145 22.86 -26.65 -0.61
C THR A 145 22.25 -25.44 -1.30
N GLN A 146 21.64 -25.65 -2.46
CA GLN A 146 21.00 -24.56 -3.19
C GLN A 146 19.85 -23.96 -2.40
N VAL A 147 19.13 -24.79 -1.65
CA VAL A 147 18.02 -24.29 -0.84
C VAL A 147 18.54 -23.27 0.18
N VAL A 148 19.61 -23.62 0.89
CA VAL A 148 20.17 -22.73 1.91
C VAL A 148 20.76 -21.48 1.28
N LEU A 149 21.57 -21.65 0.23
CA LEU A 149 22.21 -20.51 -0.41
C LEU A 149 21.19 -19.58 -1.05
N MET A 150 20.34 -20.13 -1.93
CA MET A 150 19.33 -19.28 -2.59
C MET A 150 18.27 -18.80 -1.60
N GLY A 151 17.92 -19.62 -0.60
CA GLY A 151 16.99 -19.17 0.42
C GLY A 151 17.44 -17.92 1.13
N LEU A 152 18.72 -17.88 1.51
CA LEU A 152 19.25 -16.68 2.15
C LEU A 152 19.39 -15.54 1.16
N ALA A 153 19.89 -15.82 -0.05
CA ALA A 153 20.09 -14.76 -1.03
C ALA A 153 18.78 -14.05 -1.35
N GLU A 154 17.70 -14.82 -1.52
CA GLU A 154 16.41 -14.18 -1.77
C GLU A 154 15.92 -13.44 -0.53
N GLY A 155 16.24 -13.94 0.65
CA GLY A 155 15.90 -13.20 1.85
C GLY A 155 16.63 -11.88 1.93
N TYR A 156 17.91 -11.88 1.55
CA TYR A 156 18.68 -10.64 1.51
C TYR A 156 18.15 -9.70 0.44
N ARG A 157 17.51 -10.23 -0.60
CA ARG A 157 17.02 -9.38 -1.68
C ARG A 157 15.80 -8.58 -1.25
N CYS A 158 14.94 -9.18 -0.43
CA CYS A 158 13.69 -8.51 -0.03
C CYS A 158 13.90 -7.56 1.15
N SER A 159 14.80 -7.89 2.07
CA SER A 159 14.93 -7.16 3.32
C SER A 159 16.36 -6.74 3.63
N GLY A 160 17.29 -6.92 2.71
CA GLY A 160 18.68 -6.55 2.93
C GLY A 160 19.44 -7.62 3.69
N GLY A 161 20.76 -7.44 3.74
CA GLY A 161 21.61 -8.38 4.43
C GLY A 161 23.08 -8.02 4.36
N PRO A 162 23.95 -9.03 4.21
CA PRO A 162 25.39 -8.77 4.26
C PRO A 162 25.88 -7.79 3.21
N LEU A 163 25.33 -7.83 2.00
CA LEU A 163 25.78 -6.98 0.92
C LEU A 163 24.98 -5.69 0.83
N GLY A 164 24.32 -5.29 1.91
CA GLY A 164 23.67 -4.01 2.00
C GLY A 164 22.19 -4.14 2.31
N GLU A 165 21.54 -2.99 2.37
CA GLU A 165 20.11 -2.92 2.62
C GLU A 165 19.36 -2.88 1.29
N ALA A 166 18.15 -3.45 1.31
CA ALA A 166 17.34 -3.55 0.10
C ALA A 166 16.66 -2.22 -0.18
N THR A 167 17.47 -1.25 -0.64
CA THR A 167 16.98 0.10 -0.86
C THR A 167 15.95 0.16 -1.98
N ASP A 168 16.05 -0.75 -2.97
CA ASP A 168 15.14 -0.80 -4.09
C ASP A 168 14.97 -2.27 -4.48
N PRO A 169 13.73 -2.72 -4.73
CA PRO A 169 13.52 -4.16 -5.02
C PRO A 169 14.17 -4.64 -6.29
N LEU A 170 14.57 -3.75 -7.20
CA LEU A 170 15.12 -4.19 -8.47
C LEU A 170 16.50 -3.57 -8.70
N TYR A 171 16.69 -2.33 -8.25
CA TYR A 171 17.91 -1.56 -8.51
C TYR A 171 18.53 -1.10 -7.19
N PRO A 172 19.16 -2.00 -6.43
CA PRO A 172 19.80 -1.54 -5.18
C PRO A 172 21.09 -0.77 -5.42
N GLY A 173 21.91 -1.22 -6.36
CA GLY A 173 23.11 -0.52 -6.80
C GLY A 173 24.07 -0.08 -5.72
N GLU A 174 24.11 -0.82 -4.61
CA GLU A 174 25.12 -0.57 -3.60
C GLU A 174 26.31 -1.47 -3.88
N ALA A 175 26.32 -2.64 -3.25
CA ALA A 175 27.30 -3.66 -3.63
C ALA A 175 27.05 -4.21 -5.02
N PHE A 176 25.84 -4.03 -5.56
CA PHE A 176 25.49 -4.59 -6.86
C PHE A 176 25.69 -3.61 -8.02
N ASP A 177 26.27 -2.45 -7.76
CA ASP A 177 26.79 -1.58 -8.81
C ASP A 177 28.19 -1.14 -8.39
N PRO A 178 29.14 -2.08 -8.29
CA PRO A 178 30.48 -1.70 -7.83
C PRO A 178 31.21 -0.78 -8.81
N MET A 179 30.99 -0.96 -10.11
CA MET A 179 31.61 -0.10 -11.11
C MET A 179 30.82 1.19 -11.35
N GLY A 180 29.77 1.44 -10.58
CA GLY A 180 29.05 2.69 -10.64
C GLY A 180 28.53 3.07 -12.01
N MET A 181 28.13 2.09 -12.81
CA MET A 181 27.61 2.40 -14.15
C MET A 181 26.26 3.08 -14.11
N ALA A 182 25.57 3.06 -12.97
CA ALA A 182 24.26 3.69 -12.84
C ALA A 182 24.32 5.00 -12.06
N ASP A 183 25.51 5.60 -11.93
CA ASP A 183 25.63 6.84 -11.16
C ASP A 183 25.11 8.04 -11.92
N ASP A 184 25.22 8.05 -13.25
CA ASP A 184 24.69 9.16 -14.02
C ASP A 184 23.20 8.97 -14.22
N PRO A 185 22.37 9.91 -13.76
CA PRO A 185 20.91 9.71 -13.89
C PRO A 185 20.44 9.48 -15.31
N GLU A 186 21.07 10.11 -16.30
CA GLU A 186 20.57 9.98 -17.66
C GLU A 186 20.92 8.62 -18.26
N THR A 187 22.18 8.20 -18.14
CA THR A 187 22.53 6.89 -18.67
C THR A 187 21.87 5.78 -17.85
N PHE A 188 21.58 6.03 -16.58
CA PHE A 188 20.80 5.07 -15.80
C PHE A 188 19.46 4.81 -16.45
N ALA A 189 18.77 5.87 -16.88
CA ALA A 189 17.47 5.71 -17.53
C ALA A 189 17.60 4.91 -18.82
N GLU A 190 18.68 5.12 -19.56
CA GLU A 190 18.88 4.35 -20.79
C GLU A 190 19.31 2.92 -20.49
N LEU A 191 20.09 2.71 -19.43
CA LEU A 191 20.51 1.35 -19.09
C LEU A 191 19.32 0.52 -18.63
N LYS A 192 18.41 1.13 -17.86
CA LYS A 192 17.19 0.44 -17.48
C LYS A 192 16.41 -0.03 -18.70
N THR A 193 16.34 0.80 -19.75
CA THR A 193 15.67 0.39 -20.97
C THR A 193 16.38 -0.80 -21.62
N LYS A 194 17.69 -0.70 -21.80
CA LYS A 194 18.44 -1.79 -22.42
C LYS A 194 18.29 -3.08 -21.63
N GLU A 195 18.26 -2.98 -20.30
CA GLU A 195 18.18 -4.18 -19.46
C GLU A 195 16.88 -4.93 -19.72
N ILE A 196 15.76 -4.20 -19.75
CA ILE A 196 14.48 -4.89 -19.89
C ILE A 196 14.28 -5.39 -21.32
N LYS A 197 14.85 -4.71 -22.32
CA LYS A 197 14.70 -5.18 -23.70
C LYS A 197 15.53 -6.43 -23.95
N ASN A 198 16.78 -6.45 -23.49
CA ASN A 198 17.58 -7.66 -23.59
C ASN A 198 16.99 -8.80 -22.76
N GLY A 199 16.35 -8.47 -21.64
CA GLY A 199 15.81 -9.52 -20.79
C GLY A 199 14.57 -10.16 -21.39
N ARG A 200 13.67 -9.34 -21.92
CA ARG A 200 12.49 -9.87 -22.60
C ARG A 200 12.89 -10.73 -23.81
N LEU A 201 13.95 -10.33 -24.52
CA LEU A 201 14.45 -11.20 -25.58
C LEU A 201 14.95 -12.52 -25.02
N ALA A 202 15.60 -12.48 -23.86
CA ALA A 202 16.10 -13.72 -23.27
C ALA A 202 14.96 -14.60 -22.79
N MET A 203 13.96 -14.01 -22.14
CA MET A 203 12.78 -14.79 -21.77
C MET A 203 12.12 -15.37 -23.01
N PHE A 204 11.92 -14.52 -24.02
CA PHE A 204 11.35 -15.00 -25.29
C PHE A 204 12.20 -16.10 -25.90
N ALA A 205 13.53 -16.00 -25.77
CA ALA A 205 14.39 -17.05 -26.30
C ALA A 205 14.29 -18.32 -25.47
N MET A 206 14.25 -18.19 -24.14
CA MET A 206 14.10 -19.36 -23.29
C MET A 206 12.79 -20.08 -23.57
N PHE A 207 11.74 -19.32 -23.89
CA PHE A 207 10.51 -19.97 -24.33
C PHE A 207 10.77 -20.73 -25.62
N GLY A 208 11.63 -20.19 -26.49
CA GLY A 208 12.04 -20.93 -27.66
C GLY A 208 12.73 -22.23 -27.31
N PHE A 209 13.72 -22.18 -26.42
CA PHE A 209 14.41 -23.40 -25.98
C PHE A 209 13.42 -24.45 -25.50
N PHE A 210 12.46 -24.05 -24.66
CA PHE A 210 11.54 -25.00 -24.06
C PHE A 210 10.71 -25.71 -25.12
N VAL A 211 10.06 -24.94 -26.01
CA VAL A 211 9.20 -25.55 -27.01
C VAL A 211 10.03 -26.26 -28.08
N GLN A 212 11.16 -25.67 -28.48
CA GLN A 212 12.01 -26.29 -29.49
C GLN A 212 12.47 -27.67 -29.05
N SER A 213 12.85 -27.82 -27.77
CA SER A 213 13.34 -29.10 -27.30
C SER A 213 12.21 -30.13 -27.21
N LEU A 214 11.03 -29.72 -26.75
CA LEU A 214 9.90 -30.63 -26.72
C LEU A 214 9.55 -31.09 -28.13
N GLN A 215 9.59 -30.18 -29.08
CA GLN A 215 9.14 -30.47 -30.43
C GLN A 215 10.18 -31.25 -31.22
N THR A 216 11.41 -30.74 -31.26
CA THR A 216 12.45 -31.37 -32.07
C THR A 216 13.24 -32.44 -31.34
N GLY A 217 13.39 -32.33 -30.03
CA GLY A 217 14.22 -33.26 -29.30
C GLY A 217 15.70 -32.98 -29.37
N LYS A 218 16.10 -31.85 -29.96
CA LYS A 218 17.49 -31.50 -30.15
C LYS A 218 17.81 -30.23 -29.36
N GLY A 219 19.12 -29.96 -29.22
CA GLY A 219 19.58 -28.80 -28.49
C GLY A 219 19.46 -27.54 -29.32
N PRO A 220 19.44 -26.38 -28.65
CA PRO A 220 19.28 -25.12 -29.39
C PRO A 220 20.38 -24.89 -30.41
N VAL A 221 21.63 -25.19 -30.05
CA VAL A 221 22.73 -25.00 -31.00
C VAL A 221 22.54 -25.90 -32.22
N GLU A 222 22.25 -27.19 -31.96
CA GLU A 222 22.09 -28.14 -33.06
C GLU A 222 20.93 -27.76 -33.95
N CYS A 223 19.82 -27.29 -33.35
CA CYS A 223 18.70 -26.81 -34.15
C CYS A 223 19.14 -25.66 -35.05
N TRP A 224 19.90 -24.72 -34.50
CA TRP A 224 20.40 -23.60 -35.29
C TRP A 224 21.29 -24.10 -36.43
N ALA A 225 22.21 -25.02 -36.12
CA ALA A 225 23.11 -25.55 -37.14
C ALA A 225 22.35 -26.31 -38.21
N GLU A 226 21.43 -27.19 -37.79
CA GLU A 226 20.62 -27.91 -38.76
C GLU A 226 19.78 -26.97 -39.61
N HIS A 227 19.31 -25.87 -39.02
CA HIS A 227 18.44 -24.95 -39.74
C HIS A 227 19.17 -24.25 -40.87
N ILE A 228 20.29 -23.58 -40.55
CA ILE A 228 21.02 -22.83 -41.55
C ILE A 228 21.53 -23.71 -42.69
N ALA A 229 21.64 -25.02 -42.47
CA ALA A 229 22.06 -25.93 -43.55
C ALA A 229 20.99 -26.01 -44.65
N ASP A 230 19.72 -26.19 -44.26
CA ASP A 230 18.61 -26.22 -45.21
C ASP A 230 17.40 -25.59 -44.54
N PRO A 231 17.32 -24.26 -44.53
CA PRO A 231 16.28 -23.59 -43.74
C PRO A 231 14.87 -23.87 -44.21
N VAL A 232 14.67 -24.11 -45.51
CA VAL A 232 13.31 -24.32 -46.01
C VAL A 232 12.81 -25.70 -45.59
N ALA A 233 13.71 -26.66 -45.39
CA ALA A 233 13.33 -28.01 -45.00
C ALA A 233 13.61 -28.32 -43.55
N ASN A 234 14.47 -27.55 -42.89
CA ASN A 234 14.79 -27.75 -41.48
C ASN A 234 14.28 -26.57 -40.68
N ASN A 235 12.96 -26.52 -40.54
CA ASN A 235 12.27 -25.50 -39.76
C ASN A 235 11.21 -26.17 -38.90
N GLY A 236 10.45 -25.34 -38.19
CA GLY A 236 9.53 -25.85 -37.19
C GLY A 236 8.38 -26.64 -37.75
N PHE A 237 7.90 -26.29 -38.94
CA PHE A 237 6.71 -26.94 -39.48
C PHE A 237 6.91 -28.42 -39.76
N VAL A 238 8.16 -28.91 -39.74
CA VAL A 238 8.40 -30.35 -39.88
C VAL A 238 7.76 -31.13 -38.75
N TYR A 239 7.60 -30.50 -37.58
CA TYR A 239 7.09 -31.18 -36.40
C TYR A 239 5.70 -30.68 -36.01
N ALA A 240 4.98 -30.04 -36.92
CA ALA A 240 3.69 -29.45 -36.57
C ALA A 240 2.64 -30.51 -36.23
N THR A 241 2.83 -31.75 -36.65
CA THR A 241 1.88 -32.82 -36.38
C THR A 241 2.01 -33.38 -34.97
N LYS A 242 2.93 -32.87 -34.17
CA LYS A 242 3.10 -33.28 -32.77
C LYS A 242 2.69 -32.13 -31.85
N PHE A 243 2.04 -32.48 -30.75
CA PHE A 243 1.57 -31.49 -29.77
C PHE A 243 2.58 -31.43 -28.63
N PHE A 244 3.50 -30.47 -28.72
CA PHE A 244 4.56 -30.28 -27.72
C PHE A 244 5.29 -31.58 -27.42
N GLY A 245 5.57 -32.35 -28.46
CA GLY A 245 6.27 -33.61 -28.30
C GLY A 245 5.40 -34.83 -28.57
N ALA A 246 4.15 -34.78 -28.11
CA ALA A 246 3.24 -35.91 -28.25
C ALA A 246 2.72 -35.99 -29.68
N GLN A 247 2.83 -37.17 -30.29
CA GLN A 247 2.30 -37.40 -31.64
C GLN A 247 0.90 -37.97 -31.50
N ILE A 248 -0.05 -37.06 -31.30
CA ILE A 248 -1.45 -37.44 -31.20
C ILE A 248 -2.04 -37.44 -32.61
N PHE A 249 -3.20 -38.09 -32.75
CA PHE A 249 -3.91 -38.19 -34.02
C PHE A 249 -3.13 -38.96 -35.09
N VAL B 27 -0.91 -12.43 20.61
CA VAL B 27 -1.23 -13.15 19.39
C VAL B 27 -0.09 -13.00 18.37
N GLU B 28 0.23 -14.10 17.68
CA GLU B 28 1.26 -14.09 16.64
C GLU B 28 0.74 -14.57 15.30
N PHE B 29 -0.58 -14.64 15.13
CA PHE B 29 -1.18 -14.99 13.86
C PHE B 29 -2.20 -13.95 13.39
N TYR B 30 -2.28 -12.79 14.05
CA TYR B 30 -3.06 -11.66 13.59
C TYR B 30 -2.31 -10.38 13.93
N GLY B 31 -2.74 -9.28 13.33
CA GLY B 31 -2.21 -7.97 13.65
C GLY B 31 -0.79 -7.75 13.17
N PRO B 32 -0.19 -6.62 13.56
CA PRO B 32 1.12 -6.23 13.00
C PRO B 32 2.30 -7.06 13.44
N ASP B 33 2.20 -7.81 14.55
CA ASP B 33 3.31 -8.65 15.01
C ASP B 33 3.06 -10.13 14.76
N ARG B 34 2.34 -10.44 13.68
CA ARG B 34 1.98 -11.81 13.37
C ARG B 34 3.12 -12.51 12.64
N ALA B 35 2.95 -13.81 12.42
CA ALA B 35 3.95 -14.59 11.68
C ALA B 35 3.85 -14.27 10.19
N LEU B 36 5.01 -14.13 9.55
CA LEU B 36 5.07 -13.80 8.13
C LEU B 36 5.74 -14.91 7.33
N TRP B 37 5.56 -14.84 6.01
CA TRP B 37 5.94 -15.92 5.11
C TRP B 37 7.42 -15.97 4.77
N LEU B 38 8.25 -15.08 5.31
CA LEU B 38 9.70 -15.16 5.10
C LEU B 38 10.47 -15.09 6.41
N GLY B 39 9.78 -15.30 7.53
CA GLY B 39 10.41 -15.23 8.83
C GLY B 39 11.06 -13.89 9.05
N PRO B 40 12.31 -13.89 9.50
CA PRO B 40 13.00 -12.62 9.77
C PRO B 40 13.25 -11.78 8.53
N TYR B 41 13.32 -12.41 7.36
CA TYR B 41 13.56 -11.70 6.11
C TYR B 41 12.28 -11.15 5.51
N SER B 42 11.27 -10.87 6.34
CA SER B 42 9.95 -10.50 5.85
C SER B 42 9.75 -9.00 5.68
N GLU B 43 10.25 -8.20 6.64
CA GLU B 43 10.06 -6.75 6.72
C GLU B 43 9.79 -6.06 5.39
N GLY B 44 10.52 -6.41 4.34
CA GLY B 44 10.39 -5.77 3.05
C GLY B 44 9.57 -6.54 2.04
N ALA B 45 8.85 -7.58 2.46
CA ALA B 45 8.11 -8.45 1.55
C ALA B 45 6.71 -8.72 2.08
N VAL B 46 6.05 -7.68 2.61
CA VAL B 46 4.67 -7.78 3.06
C VAL B 46 3.87 -6.62 2.46
N PRO B 47 2.87 -6.87 1.63
CA PRO B 47 2.14 -5.77 1.00
C PRO B 47 1.31 -5.01 2.01
N SER B 48 1.06 -3.72 1.71
CA SER B 48 0.36 -2.84 2.63
C SER B 48 -1.06 -3.32 2.89
N TYR B 49 -1.67 -4.02 1.93
CA TYR B 49 -3.05 -4.43 2.10
C TYR B 49 -3.20 -5.72 2.90
N LEU B 50 -2.10 -6.41 3.20
CA LEU B 50 -2.16 -7.58 4.08
C LEU B 50 -1.84 -7.07 5.46
N THR B 51 -2.87 -6.74 6.22
CA THR B 51 -2.71 -6.01 7.46
C THR B 51 -2.79 -6.90 8.69
N GLY B 52 -3.03 -8.21 8.53
CA GLY B 52 -3.20 -9.08 9.67
C GLY B 52 -4.64 -9.35 10.06
N GLU B 53 -5.60 -8.96 9.23
CA GLU B 53 -7.01 -9.04 9.59
C GLU B 53 -7.59 -10.44 9.43
N PHE B 54 -7.23 -11.17 8.34
CA PHE B 54 -7.91 -12.43 8.05
C PHE B 54 -7.03 -13.62 8.38
N PRO B 55 -7.62 -14.79 8.65
CA PRO B 55 -6.81 -15.95 9.04
C PRO B 55 -5.85 -16.35 7.94
N GLY B 56 -4.65 -16.78 8.35
CA GLY B 56 -3.62 -17.22 7.43
C GLY B 56 -2.80 -16.12 6.83
N ASP B 57 -2.99 -14.87 7.26
CA ASP B 57 -2.24 -13.76 6.67
C ASP B 57 -0.77 -13.78 7.09
N TYR B 58 0.05 -14.49 6.32
CA TYR B 58 1.49 -14.45 6.50
C TYR B 58 2.14 -13.34 5.68
N GLY B 59 1.35 -12.42 5.15
CA GLY B 59 1.91 -11.36 4.33
C GLY B 59 2.40 -11.81 2.97
N TRP B 60 1.92 -12.94 2.45
CA TRP B 60 2.37 -13.47 1.17
C TRP B 60 1.35 -13.12 0.09
N ASP B 61 1.66 -12.13 -0.74
CA ASP B 61 0.99 -11.93 -2.02
C ASP B 61 1.99 -11.27 -2.97
N SER B 62 3.11 -11.97 -3.20
CA SER B 62 4.20 -11.41 -4.00
C SER B 62 3.77 -11.12 -5.44
N ALA B 63 2.82 -11.88 -5.98
CA ALA B 63 2.34 -11.62 -7.34
C ALA B 63 1.29 -10.52 -7.38
N GLY B 64 1.00 -9.89 -6.24
CA GLY B 64 0.04 -8.82 -6.17
C GLY B 64 -1.32 -9.20 -6.74
N LEU B 65 -1.70 -10.47 -6.55
CA LEU B 65 -2.97 -10.97 -7.05
C LEU B 65 -4.15 -10.59 -6.17
N SER B 66 -3.91 -10.09 -4.95
CA SER B 66 -5.00 -9.68 -4.08
C SER B 66 -4.92 -8.20 -3.71
N ALA B 67 -4.23 -7.39 -4.53
CA ALA B 67 -4.13 -5.96 -4.25
C ALA B 67 -5.50 -5.30 -4.24
N ASP B 68 -6.40 -5.76 -5.09
CA ASP B 68 -7.76 -5.25 -5.05
C ASP B 68 -8.49 -5.84 -3.85
N PRO B 69 -9.11 -5.01 -3.01
CA PRO B 69 -9.81 -5.55 -1.83
C PRO B 69 -10.94 -6.50 -2.18
N GLU B 70 -11.66 -6.26 -3.28
CA GLU B 70 -12.73 -7.17 -3.66
C GLU B 70 -12.19 -8.48 -4.20
N THR B 71 -11.16 -8.44 -5.05
CA THR B 71 -10.53 -9.68 -5.48
C THR B 71 -9.95 -10.44 -4.29
N PHE B 72 -9.31 -9.72 -3.37
CA PHE B 72 -8.78 -10.36 -2.17
C PHE B 72 -9.90 -11.09 -1.43
N ALA B 73 -11.08 -10.49 -1.40
CA ALA B 73 -12.23 -11.15 -0.77
C ALA B 73 -12.57 -12.43 -1.50
N ALA B 74 -12.57 -12.40 -2.83
CA ALA B 74 -12.87 -13.62 -3.58
C ALA B 74 -11.81 -14.69 -3.36
N ASN B 75 -10.53 -14.30 -3.41
CA ASN B 75 -9.46 -15.29 -3.27
C ASN B 75 -9.45 -15.95 -1.90
N ARG B 76 -9.84 -15.22 -0.85
CA ARG B 76 -9.95 -15.87 0.47
C ARG B 76 -11.04 -16.93 0.45
N GLU B 77 -12.13 -16.67 -0.27
CA GLU B 77 -13.20 -17.67 -0.40
C GLU B 77 -12.74 -18.85 -1.24
N LEU B 78 -12.07 -18.58 -2.37
CA LEU B 78 -11.50 -19.64 -3.17
C LEU B 78 -10.52 -20.49 -2.36
N GLU B 79 -9.61 -19.83 -1.64
CA GLU B 79 -8.57 -20.55 -0.89
C GLU B 79 -9.18 -21.48 0.15
N LEU B 80 -10.09 -20.95 0.97
CA LEU B 80 -10.62 -21.75 2.07
C LEU B 80 -11.52 -22.86 1.55
N ILE B 81 -12.36 -22.56 0.55
CA ILE B 81 -13.19 -23.61 -0.05
C ILE B 81 -12.31 -24.71 -0.62
N HIS B 82 -11.20 -24.34 -1.26
CA HIS B 82 -10.22 -25.33 -1.69
C HIS B 82 -9.67 -26.11 -0.50
N ALA B 83 -9.25 -25.40 0.54
CA ALA B 83 -8.63 -26.06 1.69
C ALA B 83 -9.57 -27.09 2.31
N ARG B 84 -10.87 -26.81 2.31
CA ARG B 84 -11.81 -27.78 2.88
C ARG B 84 -11.93 -29.02 2.01
N TRP B 85 -11.91 -28.85 0.68
CA TRP B 85 -11.90 -30.01 -0.19
C TRP B 85 -10.60 -30.78 -0.06
N ALA B 86 -9.48 -30.09 0.14
CA ALA B 86 -8.20 -30.79 0.27
C ALA B 86 -8.16 -31.62 1.54
N MET B 87 -8.67 -31.07 2.65
CA MET B 87 -8.69 -31.82 3.91
C MET B 87 -9.48 -33.12 3.77
N LEU B 88 -10.67 -33.05 3.18
CA LEU B 88 -11.40 -34.28 2.86
C LEU B 88 -10.64 -35.13 1.86
N GLY B 89 -9.90 -34.50 0.96
CA GLY B 89 -9.22 -35.26 -0.08
C GLY B 89 -8.10 -36.12 0.47
N THR B 90 -7.24 -35.53 1.32
CA THR B 90 -6.10 -36.29 1.84
C THR B 90 -6.56 -37.51 2.63
N VAL B 91 -7.59 -37.35 3.47
CA VAL B 91 -8.13 -38.48 4.19
C VAL B 91 -8.85 -39.41 3.22
N GLY B 92 -9.57 -38.84 2.25
CA GLY B 92 -10.28 -39.68 1.30
C GLY B 92 -9.36 -40.49 0.42
N CYS B 93 -8.18 -39.94 0.08
CA CYS B 93 -7.24 -40.68 -0.75
C CYS B 93 -6.47 -41.73 0.04
N LEU B 94 -6.15 -41.44 1.29
CA LEU B 94 -5.29 -42.34 2.06
C LEU B 94 -6.06 -43.47 2.71
N THR B 95 -7.34 -43.27 3.06
CA THR B 95 -8.05 -44.26 3.87
C THR B 95 -8.17 -45.61 3.18
N PRO B 96 -8.76 -45.72 1.98
CA PRO B 96 -8.86 -47.07 1.38
C PRO B 96 -7.52 -47.71 1.07
N GLU B 97 -6.50 -46.91 0.71
CA GLU B 97 -5.19 -47.51 0.47
C GLU B 97 -4.54 -47.95 1.77
N ALA B 98 -4.64 -47.13 2.82
CA ALA B 98 -4.12 -47.54 4.12
C ALA B 98 -4.92 -48.71 4.68
N LEU B 99 -6.22 -48.76 4.39
CA LEU B 99 -7.04 -49.88 4.85
C LEU B 99 -6.67 -51.17 4.14
N GLU B 100 -6.34 -51.08 2.85
CA GLU B 100 -5.98 -52.28 2.10
C GLU B 100 -4.59 -52.78 2.51
N LYS B 101 -3.63 -51.87 2.71
CA LYS B 101 -2.25 -52.28 2.91
C LYS B 101 -1.96 -52.69 4.34
N TYR B 102 -2.67 -52.13 5.33
CA TYR B 102 -2.41 -52.46 6.72
C TYR B 102 -3.62 -53.04 7.45
N GLY B 103 -4.82 -52.93 6.91
CA GLY B 103 -6.01 -53.50 7.52
C GLY B 103 -6.63 -54.67 6.78
N GLY B 104 -5.97 -55.23 5.78
CA GLY B 104 -6.47 -56.41 5.09
C GLY B 104 -7.81 -56.26 4.40
N VAL B 105 -8.24 -55.04 4.06
CA VAL B 105 -9.50 -54.86 3.35
C VAL B 105 -9.24 -55.06 1.85
N GLU B 106 -10.23 -55.61 1.15
CA GLU B 106 -10.07 -55.95 -0.26
C GLU B 106 -11.03 -55.08 -1.10
N PHE B 107 -10.51 -53.94 -1.55
CA PHE B 107 -11.23 -53.08 -2.48
C PHE B 107 -11.01 -53.55 -3.91
N GLY B 108 -11.91 -53.13 -4.80
CA GLY B 108 -11.68 -53.31 -6.23
C GLY B 108 -10.49 -52.49 -6.70
N GLU B 109 -10.48 -51.21 -6.35
CA GLU B 109 -9.33 -50.32 -6.59
C GLU B 109 -9.18 -49.43 -5.37
N ALA B 110 -8.11 -49.66 -4.60
CA ALA B 110 -7.89 -48.93 -3.36
C ALA B 110 -7.02 -47.68 -3.53
N VAL B 111 -6.35 -47.52 -4.66
CA VAL B 111 -5.56 -46.33 -4.92
C VAL B 111 -6.46 -45.24 -5.48
N TRP B 112 -6.26 -44.01 -5.02
CA TRP B 112 -7.23 -42.95 -5.29
C TRP B 112 -7.38 -42.71 -6.78
N PHE B 113 -6.27 -42.60 -7.51
CA PHE B 113 -6.40 -42.25 -8.92
C PHE B 113 -6.89 -43.42 -9.75
N LYS B 114 -6.92 -44.63 -9.21
CA LYS B 114 -7.56 -45.77 -9.86
C LYS B 114 -8.93 -46.08 -9.29
N ALA B 115 -9.35 -45.38 -8.24
CA ALA B 115 -10.62 -45.70 -7.60
C ALA B 115 -11.80 -45.43 -8.53
N GLY B 116 -11.71 -44.40 -9.36
CA GLY B 116 -12.81 -44.10 -10.27
C GLY B 116 -13.06 -45.19 -11.28
N SER B 117 -12.03 -45.94 -11.65
CA SER B 117 -12.17 -46.93 -12.71
C SER B 117 -12.93 -48.16 -12.26
N GLN B 118 -13.08 -48.37 -10.94
CA GLN B 118 -13.72 -49.58 -10.46
C GLN B 118 -15.17 -49.68 -10.91
N ILE B 119 -15.80 -48.55 -11.23
CA ILE B 119 -17.18 -48.57 -11.70
C ILE B 119 -17.30 -49.29 -13.03
N PHE B 120 -16.23 -49.35 -13.82
CA PHE B 120 -16.23 -50.08 -15.07
C PHE B 120 -15.82 -51.53 -14.92
N ALA B 121 -15.34 -51.92 -13.75
CA ALA B 121 -14.93 -53.30 -13.51
C ALA B 121 -16.14 -54.19 -13.24
N GLU B 122 -15.91 -55.50 -13.30
CA GLU B 122 -16.95 -56.45 -12.98
C GLU B 122 -17.26 -56.38 -11.48
N GLY B 123 -18.55 -56.39 -11.15
CA GLY B 123 -18.97 -56.20 -9.79
C GLY B 123 -19.20 -54.76 -9.42
N GLY B 124 -18.59 -53.81 -10.13
CA GLY B 124 -18.88 -52.41 -9.92
C GLY B 124 -18.15 -51.85 -8.71
N LEU B 125 -18.74 -50.80 -8.13
CA LEU B 125 -18.14 -50.08 -7.02
C LEU B 125 -18.74 -50.64 -5.73
N ASP B 126 -18.06 -51.62 -5.14
CA ASP B 126 -18.47 -52.18 -3.85
C ASP B 126 -17.78 -51.40 -2.74
N TYR B 127 -18.56 -50.75 -1.90
CA TYR B 127 -18.01 -49.99 -0.80
C TYR B 127 -17.32 -50.93 0.18
N LEU B 128 -16.07 -50.62 0.54
CA LEU B 128 -15.25 -51.45 1.41
C LEU B 128 -15.03 -52.85 0.83
N GLY B 129 -15.28 -53.03 -0.46
CA GLY B 129 -15.22 -54.32 -1.09
C GLY B 129 -16.43 -55.19 -0.88
N ASN B 130 -17.29 -54.84 0.07
CA ASN B 130 -18.50 -55.59 0.36
C ASN B 130 -19.51 -55.42 -0.76
N PRO B 131 -19.96 -56.50 -1.41
CA PRO B 131 -20.95 -56.35 -2.49
C PRO B 131 -22.30 -55.89 -2.01
N SER B 132 -22.57 -55.92 -0.71
CA SER B 132 -23.83 -55.45 -0.17
C SER B 132 -23.84 -53.95 0.13
N LEU B 133 -22.70 -53.28 0.01
CA LEU B 133 -22.57 -51.86 0.30
C LEU B 133 -22.46 -51.09 -1.01
N VAL B 134 -23.36 -50.12 -1.21
CA VAL B 134 -23.40 -49.30 -2.40
C VAL B 134 -23.55 -50.19 -3.63
N HIS B 135 -22.45 -50.82 -4.05
CA HIS B 135 -22.47 -51.77 -5.17
C HIS B 135 -22.95 -51.08 -6.44
N ALA B 136 -22.39 -49.91 -6.71
CA ALA B 136 -22.82 -49.09 -7.84
C ALA B 136 -22.35 -49.68 -9.16
N GLN B 137 -23.23 -49.65 -10.17
CA GLN B 137 -22.94 -50.22 -11.47
C GLN B 137 -22.94 -49.23 -12.62
N SER B 138 -23.46 -48.01 -12.43
CA SER B 138 -23.64 -47.05 -13.51
C SER B 138 -22.95 -45.75 -13.16
N ILE B 139 -21.93 -45.38 -13.95
CA ILE B 139 -21.28 -44.08 -13.74
C ILE B 139 -22.23 -42.94 -14.11
N LEU B 140 -23.13 -43.17 -15.08
CA LEU B 140 -24.06 -42.12 -15.47
C LEU B 140 -25.00 -41.77 -14.33
N ALA B 141 -25.34 -42.76 -13.49
CA ALA B 141 -26.19 -42.48 -12.32
C ALA B 141 -25.39 -41.74 -11.24
N ILE B 142 -24.15 -42.15 -11.02
CA ILE B 142 -23.29 -41.43 -10.07
C ILE B 142 -23.13 -39.98 -10.51
N CYS B 143 -22.89 -39.76 -11.81
CA CYS B 143 -22.62 -38.41 -12.30
C CYS B 143 -23.81 -37.47 -12.09
N TRP B 144 -24.96 -37.82 -12.66
CA TRP B 144 -26.07 -36.88 -12.64
C TRP B 144 -26.79 -36.83 -11.29
N THR B 145 -26.50 -37.77 -10.39
CA THR B 145 -26.93 -37.59 -8.99
C THR B 145 -26.07 -36.53 -8.31
N GLN B 146 -24.76 -36.57 -8.52
CA GLN B 146 -23.87 -35.57 -7.94
C GLN B 146 -24.18 -34.18 -8.47
N VAL B 147 -24.56 -34.08 -9.74
CA VAL B 147 -24.91 -32.78 -10.32
C VAL B 147 -26.06 -32.16 -9.54
N VAL B 148 -27.12 -32.93 -9.31
CA VAL B 148 -28.29 -32.40 -8.61
C VAL B 148 -27.95 -32.11 -7.15
N LEU B 149 -27.35 -33.10 -6.47
CA LEU B 149 -27.06 -32.92 -5.04
C LEU B 149 -26.07 -31.80 -4.80
N MET B 150 -24.91 -31.85 -5.48
CA MET B 150 -23.93 -30.78 -5.29
C MET B 150 -24.41 -29.47 -5.87
N GLY B 151 -25.14 -29.51 -7.00
CA GLY B 151 -25.67 -28.28 -7.57
C GLY B 151 -26.54 -27.51 -6.59
N LEU B 152 -27.45 -28.22 -5.90
CA LEU B 152 -28.27 -27.57 -4.89
C LEU B 152 -27.45 -27.20 -3.66
N ALA B 153 -26.56 -28.10 -3.22
CA ALA B 153 -25.78 -27.82 -2.02
C ALA B 153 -24.91 -26.59 -2.21
N GLU B 154 -24.27 -26.45 -3.37
CA GLU B 154 -23.50 -25.24 -3.64
C GLU B 154 -24.43 -24.04 -3.80
N GLY B 155 -25.62 -24.25 -4.36
CA GLY B 155 -26.58 -23.16 -4.42
C GLY B 155 -27.02 -22.70 -3.05
N TYR B 156 -27.22 -23.65 -2.13
CA TYR B 156 -27.54 -23.31 -0.76
C TYR B 156 -26.38 -22.58 -0.08
N ARG B 157 -25.16 -22.82 -0.54
CA ARG B 157 -24.01 -22.20 0.10
C ARG B 157 -23.96 -20.71 -0.20
N CYS B 158 -24.32 -20.32 -1.42
CA CYS B 158 -24.22 -18.92 -1.80
C CYS B 158 -25.44 -18.12 -1.36
N SER B 159 -26.63 -18.73 -1.36
CA SER B 159 -27.86 -17.97 -1.16
C SER B 159 -28.77 -18.54 -0.09
N GLY B 160 -28.32 -19.54 0.66
CA GLY B 160 -29.12 -20.11 1.73
C GLY B 160 -30.08 -21.16 1.23
N GLY B 161 -30.67 -21.87 2.18
CA GLY B 161 -31.59 -22.93 1.85
C GLY B 161 -32.15 -23.62 3.07
N PRO B 162 -32.27 -24.94 3.00
CA PRO B 162 -32.92 -25.69 4.08
C PRO B 162 -32.26 -25.54 5.44
N LEU B 163 -30.93 -25.49 5.50
CA LEU B 163 -30.20 -25.47 6.76
C LEU B 163 -29.84 -24.06 7.22
N GLY B 164 -30.53 -23.04 6.73
CA GLY B 164 -30.34 -21.68 7.20
C GLY B 164 -29.98 -20.73 6.09
N GLU B 165 -29.74 -19.49 6.49
CA GLU B 165 -29.34 -18.42 5.57
C GLU B 165 -27.83 -18.34 5.46
N ALA B 166 -27.36 -17.97 4.28
CA ALA B 166 -25.92 -17.87 4.00
C ALA B 166 -25.41 -16.52 4.54
N THR B 167 -25.31 -16.47 5.87
CA THR B 167 -24.91 -15.23 6.53
C THR B 167 -23.47 -14.85 6.23
N ASP B 168 -22.61 -15.84 5.97
CA ASP B 168 -21.19 -15.61 5.74
C ASP B 168 -20.69 -16.61 4.70
N PRO B 169 -19.93 -16.16 3.69
CA PRO B 169 -19.52 -17.08 2.63
C PRO B 169 -18.62 -18.21 3.10
N LEU B 170 -18.04 -18.10 4.29
CA LEU B 170 -17.13 -19.10 4.80
C LEU B 170 -17.50 -19.60 6.18
N TYR B 171 -18.03 -18.75 7.04
CA TYR B 171 -18.30 -19.10 8.44
C TYR B 171 -19.76 -18.79 8.78
N PRO B 172 -20.70 -19.60 8.27
CA PRO B 172 -22.11 -19.37 8.61
C PRO B 172 -22.44 -19.84 10.03
N GLY B 173 -21.88 -20.99 10.41
CA GLY B 173 -21.95 -21.50 11.77
C GLY B 173 -23.31 -21.57 12.42
N GLU B 174 -24.35 -21.79 11.63
CA GLU B 174 -25.68 -22.01 12.20
C GLU B 174 -25.86 -23.49 12.44
N ALA B 175 -26.45 -24.18 11.46
CA ALA B 175 -26.47 -25.63 11.50
C ALA B 175 -25.08 -26.21 11.35
N PHE B 176 -24.13 -25.43 10.84
CA PHE B 176 -22.77 -25.90 10.57
C PHE B 176 -21.81 -25.61 11.73
N ASP B 177 -22.32 -25.16 12.87
CA ASP B 177 -21.59 -25.16 14.13
C ASP B 177 -22.49 -25.74 15.21
N PRO B 178 -22.83 -27.02 15.10
CA PRO B 178 -23.76 -27.60 16.09
C PRO B 178 -23.17 -27.68 17.49
N MET B 179 -21.87 -27.94 17.61
CA MET B 179 -21.23 -27.98 18.91
C MET B 179 -20.82 -26.60 19.41
N GLY B 180 -21.17 -25.55 18.69
CA GLY B 180 -20.93 -24.19 19.14
C GLY B 180 -19.49 -23.87 19.48
N MET B 181 -18.54 -24.45 18.74
CA MET B 181 -17.13 -24.18 19.00
C MET B 181 -16.71 -22.78 18.60
N ALA B 182 -17.53 -22.06 17.84
CA ALA B 182 -17.22 -20.71 17.41
C ALA B 182 -17.95 -19.65 18.21
N ASP B 183 -18.45 -20.00 19.39
CA ASP B 183 -19.20 -19.04 20.19
C ASP B 183 -18.29 -18.04 20.89
N ASP B 184 -17.08 -18.46 21.28
CA ASP B 184 -16.13 -17.53 21.88
C ASP B 184 -15.38 -16.78 20.79
N PRO B 185 -15.48 -15.45 20.72
CA PRO B 185 -14.78 -14.72 19.67
C PRO B 185 -13.27 -14.94 19.67
N GLU B 186 -12.66 -15.17 20.84
CA GLU B 186 -11.21 -15.32 20.92
C GLU B 186 -10.76 -16.69 20.40
N THR B 187 -11.39 -17.77 20.88
CA THR B 187 -11.02 -19.09 20.38
C THR B 187 -11.47 -19.29 18.93
N PHE B 188 -12.55 -18.63 18.53
CA PHE B 188 -12.97 -18.63 17.13
C PHE B 188 -11.84 -18.13 16.24
N ALA B 189 -11.20 -17.02 16.63
CA ALA B 189 -10.09 -16.48 15.86
C ALA B 189 -8.94 -17.48 15.78
N GLU B 190 -8.68 -18.20 16.87
CA GLU B 190 -7.61 -19.17 16.88
C GLU B 190 -7.98 -20.40 16.09
N LEU B 191 -9.27 -20.75 16.07
CA LEU B 191 -9.69 -21.90 15.25
C LEU B 191 -9.63 -21.57 13.76
N LYS B 192 -10.01 -20.36 13.37
CA LYS B 192 -9.86 -19.94 11.98
C LYS B 192 -8.42 -20.09 11.54
N THR B 193 -7.47 -19.73 12.39
CA THR B 193 -6.06 -19.91 12.06
C THR B 193 -5.73 -21.37 11.85
N LYS B 194 -6.11 -22.23 12.79
CA LYS B 194 -5.81 -23.66 12.67
C LYS B 194 -6.42 -24.24 11.41
N GLU B 195 -7.62 -23.78 11.05
CA GLU B 195 -8.30 -24.30 9.87
C GLU B 195 -7.53 -23.97 8.60
N ILE B 196 -7.12 -22.71 8.44
CA ILE B 196 -6.51 -22.35 7.17
C ILE B 196 -5.10 -22.93 7.05
N LYS B 197 -4.41 -23.09 8.18
CA LYS B 197 -3.06 -23.66 8.12
C LYS B 197 -3.13 -25.16 7.80
N ASN B 198 -4.04 -25.89 8.45
CA ASN B 198 -4.24 -27.30 8.12
C ASN B 198 -4.69 -27.48 6.67
N GLY B 199 -5.44 -26.51 6.13
CA GLY B 199 -5.93 -26.65 4.77
C GLY B 199 -4.83 -26.44 3.75
N ARG B 200 -4.03 -25.40 3.93
CA ARG B 200 -2.90 -25.17 3.06
C ARG B 200 -1.95 -26.35 3.10
N LEU B 201 -1.80 -26.97 4.27
CA LEU B 201 -1.04 -28.20 4.35
C LEU B 201 -1.72 -29.32 3.55
N ALA B 202 -3.05 -29.37 3.59
CA ALA B 202 -3.77 -30.39 2.83
C ALA B 202 -3.71 -30.12 1.34
N MET B 203 -3.90 -28.86 0.93
CA MET B 203 -3.75 -28.50 -0.48
C MET B 203 -2.33 -28.81 -0.95
N PHE B 204 -1.33 -28.42 -0.16
CA PHE B 204 0.06 -28.73 -0.50
C PHE B 204 0.28 -30.23 -0.60
N ALA B 205 -0.40 -31.02 0.24
CA ALA B 205 -0.27 -32.46 0.17
C ALA B 205 -1.00 -33.04 -1.05
N MET B 206 -2.20 -32.55 -1.35
CA MET B 206 -2.92 -33.04 -2.52
C MET B 206 -2.14 -32.77 -3.80
N PHE B 207 -1.44 -31.63 -3.86
CA PHE B 207 -0.54 -31.38 -4.98
C PHE B 207 0.57 -32.43 -4.99
N GLY B 208 1.03 -32.84 -3.81
CA GLY B 208 1.96 -33.96 -3.76
C GLY B 208 1.38 -35.23 -4.34
N PHE B 209 0.15 -35.58 -3.95
CA PHE B 209 -0.51 -36.75 -4.52
C PHE B 209 -0.51 -36.68 -6.04
N PHE B 210 -0.85 -35.51 -6.57
CA PHE B 210 -0.99 -35.36 -8.02
C PHE B 210 0.33 -35.62 -8.73
N VAL B 211 1.41 -34.95 -8.30
CA VAL B 211 2.67 -35.10 -8.99
C VAL B 211 3.29 -36.48 -8.71
N GLN B 212 3.15 -36.98 -7.47
CA GLN B 212 3.69 -38.31 -7.17
C GLN B 212 3.05 -39.38 -8.04
N SER B 213 1.75 -39.25 -8.30
CA SER B 213 1.08 -40.26 -9.10
C SER B 213 1.51 -40.20 -10.55
N LEU B 214 1.62 -38.99 -11.11
CA LEU B 214 2.12 -38.86 -12.47
C LEU B 214 3.55 -39.37 -12.58
N GLN B 215 4.39 -39.04 -11.59
CA GLN B 215 5.81 -39.33 -11.69
C GLN B 215 6.12 -40.78 -11.36
N THR B 216 5.67 -41.28 -10.21
CA THR B 216 6.02 -42.64 -9.80
C THR B 216 5.02 -43.68 -10.28
N GLY B 217 3.76 -43.31 -10.43
CA GLY B 217 2.74 -44.27 -10.79
C GLY B 217 2.21 -45.11 -9.65
N LYS B 218 2.59 -44.81 -8.41
CA LYS B 218 2.16 -45.58 -7.26
C LYS B 218 1.32 -44.71 -6.33
N GLY B 219 0.65 -45.36 -5.39
CA GLY B 219 -0.20 -44.66 -4.44
C GLY B 219 0.60 -43.98 -3.36
N PRO B 220 -0.02 -43.00 -2.68
CA PRO B 220 0.71 -42.27 -1.63
C PRO B 220 1.20 -43.16 -0.51
N VAL B 221 0.38 -44.12 -0.06
CA VAL B 221 0.80 -45.01 1.02
C VAL B 221 2.02 -45.83 0.59
N GLU B 222 1.96 -46.39 -0.63
CA GLU B 222 3.08 -47.20 -1.11
C GLU B 222 4.33 -46.36 -1.27
N CYS B 223 4.20 -45.13 -1.76
CA CYS B 223 5.34 -44.24 -1.84
C CYS B 223 5.93 -43.97 -0.46
N TRP B 224 5.07 -43.70 0.53
CA TRP B 224 5.55 -43.45 1.88
C TRP B 224 6.28 -44.65 2.44
N ALA B 225 5.71 -45.85 2.27
CA ALA B 225 6.34 -47.05 2.77
C ALA B 225 7.66 -47.31 2.07
N GLU B 226 7.66 -47.21 0.74
CA GLU B 226 8.89 -47.43 -0.03
C GLU B 226 9.98 -46.44 0.36
N HIS B 227 9.60 -45.21 0.68
CA HIS B 227 10.62 -44.18 0.95
C HIS B 227 11.36 -44.47 2.25
N ILE B 228 10.62 -44.65 3.35
CA ILE B 228 11.25 -44.86 4.65
C ILE B 228 12.11 -46.13 4.66
N ALA B 229 11.88 -47.05 3.71
CA ALA B 229 12.70 -48.25 3.61
C ALA B 229 14.12 -47.90 3.18
N ASP B 230 14.26 -47.06 2.16
CA ASP B 230 15.57 -46.60 1.68
C ASP B 230 15.43 -45.17 1.20
N PRO B 231 15.45 -44.21 2.14
CA PRO B 231 15.18 -42.82 1.74
C PRO B 231 16.22 -42.23 0.81
N VAL B 232 17.47 -42.68 0.89
CA VAL B 232 18.50 -42.12 0.02
C VAL B 232 18.33 -42.62 -1.41
N ALA B 233 17.76 -43.82 -1.59
CA ALA B 233 17.60 -44.40 -2.92
C ALA B 233 16.16 -44.36 -3.43
N ASN B 234 15.18 -44.19 -2.57
CA ASN B 234 13.78 -44.15 -2.97
C ASN B 234 13.21 -42.76 -2.70
N ASN B 235 13.64 -41.81 -3.53
CA ASN B 235 13.15 -40.44 -3.44
C ASN B 235 12.78 -39.93 -4.83
N GLY B 236 12.42 -38.65 -4.93
CA GLY B 236 11.88 -38.14 -6.17
C GLY B 236 12.87 -38.11 -7.31
N PHE B 237 14.15 -37.87 -7.03
CA PHE B 237 15.12 -37.69 -8.10
C PHE B 237 15.32 -38.94 -8.94
N VAL B 238 14.82 -40.10 -8.48
CA VAL B 238 14.88 -41.30 -9.31
C VAL B 238 14.07 -41.11 -10.59
N TYR B 239 13.04 -40.26 -10.55
CA TYR B 239 12.14 -40.07 -11.69
C TYR B 239 12.29 -38.69 -12.33
N ALA B 240 13.40 -38.00 -12.07
CA ALA B 240 13.54 -36.64 -12.57
C ALA B 240 13.62 -36.58 -14.09
N THR B 241 13.96 -37.68 -14.75
CA THR B 241 14.09 -37.71 -16.19
C THR B 241 12.76 -37.77 -16.92
N LYS B 242 11.64 -37.83 -16.18
CA LYS B 242 10.33 -37.82 -16.80
C LYS B 242 9.66 -36.49 -16.51
N PHE B 243 8.93 -35.98 -17.50
CA PHE B 243 8.22 -34.72 -17.37
C PHE B 243 6.77 -35.05 -17.03
N PHE B 244 6.46 -34.98 -15.73
CA PHE B 244 5.11 -35.24 -15.21
C PHE B 244 4.57 -36.56 -15.73
N GLY B 245 5.43 -37.57 -15.80
CA GLY B 245 5.04 -38.88 -16.25
C GLY B 245 5.63 -39.21 -17.61
N ALA B 246 5.64 -38.23 -18.50
CA ALA B 246 6.12 -38.44 -19.86
C ALA B 246 7.63 -38.55 -19.90
N GLN B 247 8.13 -39.62 -20.50
CA GLN B 247 9.58 -39.83 -20.63
C GLN B 247 10.01 -39.22 -21.96
N ILE B 248 10.19 -37.90 -21.94
CA ILE B 248 10.66 -37.18 -23.10
C ILE B 248 12.18 -37.12 -23.05
N PHE B 249 12.79 -36.82 -24.20
CA PHE B 249 14.24 -36.69 -24.34
C PHE B 249 14.98 -38.00 -24.07
N GLU C 28 -34.97 -8.75 -19.18
CA GLU C 28 -34.50 -9.63 -18.11
C GLU C 28 -33.06 -10.06 -18.34
N PHE C 29 -32.35 -9.33 -19.21
CA PHE C 29 -30.93 -9.56 -19.44
C PHE C 29 -30.11 -8.30 -19.24
N TYR C 30 -30.72 -7.25 -18.69
CA TYR C 30 -30.03 -6.03 -18.30
C TYR C 30 -30.64 -5.53 -17.00
N GLY C 31 -29.97 -4.57 -16.38
CA GLY C 31 -30.53 -3.90 -15.22
C GLY C 31 -30.62 -4.78 -14.00
N PRO C 32 -31.27 -4.28 -12.95
CA PRO C 32 -31.28 -5.01 -11.67
C PRO C 32 -32.15 -6.25 -11.68
N ASP C 33 -33.07 -6.38 -12.64
CA ASP C 33 -33.96 -7.53 -12.70
C ASP C 33 -33.57 -8.48 -13.82
N ARG C 34 -32.29 -8.56 -14.12
CA ARG C 34 -31.83 -9.40 -15.22
C ARG C 34 -31.65 -10.84 -14.73
N ALA C 35 -31.39 -11.73 -15.70
CA ALA C 35 -31.12 -13.13 -15.39
C ALA C 35 -29.70 -13.28 -14.86
N LEU C 36 -29.54 -14.14 -13.86
CA LEU C 36 -28.26 -14.36 -13.21
C LEU C 36 -27.82 -15.79 -13.42
N TRP C 37 -26.54 -16.04 -13.12
CA TRP C 37 -25.87 -17.29 -13.45
C TRP C 37 -26.17 -18.41 -12.46
N LEU C 38 -27.01 -18.19 -11.47
CA LEU C 38 -27.41 -19.27 -10.55
C LEU C 38 -28.91 -19.32 -10.35
N GLY C 39 -29.69 -18.64 -11.20
CA GLY C 39 -31.13 -18.64 -11.08
C GLY C 39 -31.57 -18.11 -9.73
N PRO C 40 -32.42 -18.87 -9.05
CA PRO C 40 -32.91 -18.41 -7.73
C PRO C 40 -31.81 -18.37 -6.68
N TYR C 41 -30.78 -19.19 -6.82
CA TYR C 41 -29.69 -19.22 -5.85
C TYR C 41 -28.63 -18.17 -6.12
N SER C 42 -29.00 -17.07 -6.79
CA SER C 42 -28.08 -16.02 -7.16
C SER C 42 -28.06 -14.86 -6.16
N GLU C 43 -29.00 -14.84 -5.22
CA GLU C 43 -29.19 -13.73 -4.27
C GLU C 43 -27.95 -13.45 -3.43
N GLY C 44 -26.91 -14.26 -3.53
CA GLY C 44 -25.75 -14.10 -2.68
C GLY C 44 -24.46 -14.38 -3.43
N ALA C 45 -24.56 -14.44 -4.76
CA ALA C 45 -23.43 -14.79 -5.61
C ALA C 45 -23.35 -13.84 -6.82
N VAL C 46 -23.60 -12.55 -6.61
CA VAL C 46 -23.43 -11.55 -7.65
C VAL C 46 -22.63 -10.38 -7.08
N PRO C 47 -21.43 -10.10 -7.58
CA PRO C 47 -20.61 -9.02 -7.01
C PRO C 47 -21.19 -7.64 -7.30
N SER C 48 -20.79 -6.68 -6.46
CA SER C 48 -21.34 -5.34 -6.52
C SER C 48 -21.07 -4.65 -7.85
N TYR C 49 -19.96 -4.98 -8.50
CA TYR C 49 -19.60 -4.28 -9.72
C TYR C 49 -20.28 -4.83 -10.96
N LEU C 50 -20.96 -5.97 -10.86
CA LEU C 50 -21.74 -6.53 -11.98
C LEU C 50 -23.18 -6.07 -11.77
N THR C 51 -23.53 -4.95 -12.41
CA THR C 51 -24.79 -4.27 -12.14
C THR C 51 -25.85 -4.45 -13.22
N GLY C 52 -25.54 -5.14 -14.31
CA GLY C 52 -26.49 -5.27 -15.40
C GLY C 52 -26.27 -4.33 -16.56
N GLU C 53 -25.13 -3.65 -16.62
CA GLU C 53 -24.88 -2.65 -17.64
C GLU C 53 -24.43 -3.27 -18.97
N PHE C 54 -23.57 -4.30 -18.92
CA PHE C 54 -22.94 -4.81 -20.14
C PHE C 54 -23.57 -6.12 -20.61
N PRO C 55 -23.47 -6.43 -21.90
CA PRO C 55 -24.07 -7.66 -22.42
C PRO C 55 -23.44 -8.89 -21.80
N GLY C 56 -24.26 -9.90 -21.55
CA GLY C 56 -23.77 -11.13 -20.96
C GLY C 56 -23.63 -11.10 -19.46
N ASP C 57 -24.07 -10.02 -18.81
CA ASP C 57 -23.96 -9.89 -17.36
C ASP C 57 -24.93 -10.82 -16.65
N TYR C 58 -24.50 -12.06 -16.39
CA TYR C 58 -25.23 -12.96 -15.53
C TYR C 58 -24.79 -12.85 -14.08
N GLY C 59 -24.01 -11.82 -13.75
CA GLY C 59 -23.54 -11.66 -12.39
C GLY C 59 -22.48 -12.67 -11.97
N TRP C 60 -21.80 -13.28 -12.94
CA TRP C 60 -20.82 -14.33 -12.66
C TRP C 60 -19.41 -13.72 -12.66
N ASP C 61 -18.84 -13.52 -11.49
CA ASP C 61 -17.39 -13.31 -11.40
C ASP C 61 -16.90 -13.79 -10.04
N SER C 62 -17.09 -15.09 -9.76
CA SER C 62 -16.77 -15.61 -8.44
C SER C 62 -15.30 -15.45 -8.10
N ALA C 63 -14.42 -15.47 -9.09
CA ALA C 63 -12.99 -15.33 -8.82
C ALA C 63 -12.55 -13.88 -8.67
N GLY C 64 -13.47 -12.92 -8.71
CA GLY C 64 -13.13 -11.53 -8.58
C GLY C 64 -12.07 -11.05 -9.55
N LEU C 65 -12.06 -11.60 -10.76
CA LEU C 65 -11.07 -11.20 -11.75
C LEU C 65 -11.40 -9.90 -12.46
N SER C 66 -12.64 -9.41 -12.35
CA SER C 66 -13.07 -8.20 -13.03
C SER C 66 -13.53 -7.11 -12.06
N ALA C 67 -13.03 -7.15 -10.82
CA ALA C 67 -13.40 -6.12 -9.86
C ALA C 67 -12.93 -4.74 -10.31
N ASP C 68 -11.77 -4.67 -10.94
CA ASP C 68 -11.28 -3.39 -11.45
C ASP C 68 -12.04 -2.99 -12.71
N PRO C 69 -12.61 -1.78 -12.76
CA PRO C 69 -13.38 -1.38 -13.94
C PRO C 69 -12.57 -1.38 -15.23
N GLU C 70 -11.27 -1.07 -15.17
CA GLU C 70 -10.47 -1.09 -16.39
C GLU C 70 -10.20 -2.52 -16.85
N THR C 71 -9.85 -3.40 -15.92
CA THR C 71 -9.67 -4.80 -16.29
C THR C 71 -10.98 -5.41 -16.78
N PHE C 72 -12.09 -5.11 -16.09
CA PHE C 72 -13.38 -5.61 -16.54
C PHE C 72 -13.64 -5.21 -17.99
N ALA C 73 -13.24 -3.99 -18.36
CA ALA C 73 -13.35 -3.60 -19.76
C ALA C 73 -12.47 -4.48 -20.63
N ALA C 74 -11.25 -4.79 -20.17
CA ALA C 74 -10.38 -5.64 -20.98
C ALA C 74 -10.95 -7.04 -21.14
N ASN C 75 -11.48 -7.62 -20.06
CA ASN C 75 -12.02 -8.98 -20.14
C ASN C 75 -13.25 -9.04 -21.04
N ARG C 76 -14.06 -7.98 -21.07
CA ARG C 76 -15.18 -7.95 -21.99
C ARG C 76 -14.68 -7.92 -23.43
N GLU C 77 -13.56 -7.24 -23.68
CA GLU C 77 -12.98 -7.25 -25.02
C GLU C 77 -12.35 -8.60 -25.35
N LEU C 78 -11.61 -9.18 -24.39
CA LEU C 78 -11.06 -10.51 -24.60
C LEU C 78 -12.17 -11.52 -24.88
N GLU C 79 -13.24 -11.47 -24.07
CA GLU C 79 -14.30 -12.48 -24.18
C GLU C 79 -14.97 -12.43 -25.54
N LEU C 80 -15.40 -11.25 -25.98
CA LEU C 80 -16.17 -11.18 -27.21
C LEU C 80 -15.32 -11.52 -28.42
N ILE C 81 -14.08 -11.00 -28.47
CA ILE C 81 -13.18 -11.33 -29.57
C ILE C 81 -12.96 -12.83 -29.64
N HIS C 82 -12.82 -13.49 -28.49
CA HIS C 82 -12.78 -14.95 -28.47
C HIS C 82 -14.07 -15.53 -29.01
N ALA C 83 -15.20 -15.03 -28.52
CA ALA C 83 -16.50 -15.56 -28.90
C ALA C 83 -16.71 -15.48 -30.41
N ARG C 84 -16.21 -14.41 -31.04
CA ARG C 84 -16.36 -14.30 -32.49
C ARG C 84 -15.51 -15.33 -33.22
N TRP C 85 -14.30 -15.60 -32.73
CA TRP C 85 -13.48 -16.64 -33.33
C TRP C 85 -14.08 -18.02 -33.12
N ALA C 86 -14.69 -18.27 -31.96
CA ALA C 86 -15.29 -19.59 -31.73
C ALA C 86 -16.50 -19.80 -32.62
N MET C 87 -17.31 -18.76 -32.81
CA MET C 87 -18.48 -18.86 -33.68
C MET C 87 -18.08 -19.26 -35.09
N LEU C 88 -17.05 -18.61 -35.64
CA LEU C 88 -16.50 -19.05 -36.91
C LEU C 88 -15.88 -20.43 -36.80
N GLY C 89 -15.31 -20.75 -35.63
CA GLY C 89 -14.59 -22.01 -35.50
C GLY C 89 -15.51 -23.23 -35.54
N THR C 90 -16.62 -23.17 -34.80
CA THR C 90 -17.52 -24.33 -34.76
C THR C 90 -18.06 -24.65 -36.14
N VAL C 91 -18.45 -23.62 -36.90
CA VAL C 91 -18.90 -23.86 -38.26
C VAL C 91 -17.74 -24.29 -39.14
N GLY C 92 -16.56 -23.67 -38.94
CA GLY C 92 -15.42 -24.01 -39.75
C GLY C 92 -14.91 -25.41 -39.50
N CYS C 93 -15.02 -25.89 -38.26
CA CYS C 93 -14.56 -27.24 -37.94
C CYS C 93 -15.59 -28.29 -38.36
N LEU C 94 -16.88 -27.97 -38.28
CA LEU C 94 -17.89 -28.97 -38.59
C LEU C 94 -18.15 -29.09 -40.08
N THR C 95 -17.95 -28.00 -40.85
CA THR C 95 -18.37 -28.00 -42.25
C THR C 95 -17.63 -29.03 -43.09
N PRO C 96 -16.29 -29.03 -43.18
CA PRO C 96 -15.63 -30.02 -44.04
C PRO C 96 -15.89 -31.45 -43.58
N GLU C 97 -16.01 -31.69 -42.28
CA GLU C 97 -16.30 -33.04 -41.80
C GLU C 97 -17.72 -33.44 -42.15
N ALA C 98 -18.67 -32.51 -42.01
CA ALA C 98 -20.03 -32.81 -42.43
C ALA C 98 -20.13 -32.96 -43.94
N LEU C 99 -19.33 -32.20 -44.70
CA LEU C 99 -19.35 -32.34 -46.15
C LEU C 99 -18.72 -33.66 -46.58
N GLU C 100 -17.69 -34.13 -45.88
CA GLU C 100 -17.08 -35.39 -46.26
C GLU C 100 -18.00 -36.55 -45.89
N LYS C 101 -18.62 -36.50 -44.71
CA LYS C 101 -19.36 -37.65 -44.21
C LYS C 101 -20.77 -37.72 -44.78
N TYR C 102 -21.38 -36.58 -45.12
CA TYR C 102 -22.74 -36.57 -45.63
C TYR C 102 -22.90 -35.98 -47.03
N GLY C 103 -21.89 -35.27 -47.55
CA GLY C 103 -21.94 -34.74 -48.89
C GLY C 103 -21.03 -35.42 -49.88
N GLY C 104 -20.43 -36.56 -49.54
CA GLY C 104 -19.59 -37.28 -50.48
C GLY C 104 -18.40 -36.51 -50.99
N VAL C 105 -17.96 -35.49 -50.27
CA VAL C 105 -16.80 -34.70 -50.66
C VAL C 105 -15.53 -35.39 -50.19
N GLU C 106 -14.46 -35.25 -50.98
CA GLU C 106 -13.19 -35.92 -50.71
C GLU C 106 -12.13 -34.85 -50.40
N PHE C 107 -11.98 -34.53 -49.13
CA PHE C 107 -10.92 -33.66 -48.67
C PHE C 107 -9.65 -34.48 -48.44
N GLY C 108 -8.51 -33.79 -48.43
CA GLY C 108 -7.29 -34.44 -48.01
C GLY C 108 -7.36 -34.88 -46.56
N GLU C 109 -7.74 -33.94 -45.69
CA GLU C 109 -8.04 -34.23 -44.29
C GLU C 109 -9.21 -33.35 -43.89
N ALA C 110 -10.38 -33.97 -43.71
CA ALA C 110 -11.59 -33.24 -43.45
C ALA C 110 -11.87 -33.04 -41.97
N VAL C 111 -11.13 -33.70 -41.10
CA VAL C 111 -11.30 -33.53 -39.67
C VAL C 111 -10.51 -32.30 -39.24
N TRP C 112 -11.10 -31.49 -38.36
CA TRP C 112 -10.50 -30.19 -38.09
C TRP C 112 -9.11 -30.35 -37.49
N PHE C 113 -8.94 -31.26 -36.54
CA PHE C 113 -7.64 -31.34 -35.87
C PHE C 113 -6.58 -31.98 -36.74
N LYS C 114 -6.97 -32.63 -37.83
CA LYS C 114 -6.04 -33.11 -38.85
C LYS C 114 -6.04 -32.26 -40.10
N ALA C 115 -6.91 -31.25 -40.18
CA ALA C 115 -7.04 -30.48 -41.40
C ALA C 115 -5.79 -29.68 -41.72
N GLY C 116 -5.08 -29.21 -40.70
CA GLY C 116 -3.86 -28.46 -40.97
C GLY C 116 -2.78 -29.29 -41.61
N SER C 117 -2.78 -30.60 -41.36
CA SER C 117 -1.68 -31.45 -41.82
C SER C 117 -1.70 -31.70 -43.31
N GLN C 118 -2.84 -31.50 -43.98
CA GLN C 118 -2.95 -31.80 -45.41
C GLN C 118 -2.12 -30.87 -46.28
N ILE C 119 -1.37 -29.93 -45.69
CA ILE C 119 -0.42 -29.14 -46.45
C ILE C 119 0.88 -29.90 -46.71
N PHE C 120 1.16 -30.94 -45.93
CA PHE C 120 2.39 -31.71 -46.09
C PHE C 120 2.26 -32.90 -47.02
N ALA C 121 1.05 -33.20 -47.49
CA ALA C 121 0.87 -34.33 -48.39
C ALA C 121 1.26 -33.95 -49.81
N GLU C 122 1.41 -34.97 -50.66
CA GLU C 122 1.65 -34.71 -52.07
C GLU C 122 0.41 -34.12 -52.69
N GLY C 123 0.60 -33.11 -53.54
CA GLY C 123 -0.51 -32.36 -54.07
C GLY C 123 -0.92 -31.17 -53.23
N GLY C 124 -0.58 -31.19 -51.94
CA GLY C 124 -0.82 -30.03 -51.09
C GLY C 124 -2.26 -29.95 -50.61
N LEU C 125 -2.67 -28.71 -50.29
CA LEU C 125 -4.00 -28.44 -49.76
C LEU C 125 -4.88 -28.00 -50.93
N ASP C 126 -5.61 -28.96 -51.49
CA ASP C 126 -6.59 -28.66 -52.53
C ASP C 126 -7.93 -28.37 -51.86
N TYR C 127 -8.45 -27.17 -52.08
CA TYR C 127 -9.71 -26.77 -51.46
C TYR C 127 -10.84 -27.66 -51.96
N LEU C 128 -11.61 -28.21 -51.03
CA LEU C 128 -12.69 -29.15 -51.31
C LEU C 128 -12.19 -30.40 -52.04
N GLY C 129 -10.88 -30.65 -52.00
CA GLY C 129 -10.29 -31.72 -52.77
C GLY C 129 -10.06 -31.38 -54.22
N ASN C 130 -10.68 -30.31 -54.72
CA ASN C 130 -10.50 -29.91 -56.11
C ASN C 130 -9.10 -29.31 -56.29
N PRO C 131 -8.26 -29.90 -57.15
CA PRO C 131 -6.89 -29.37 -57.34
C PRO C 131 -6.85 -28.01 -58.01
N SER C 132 -7.95 -27.53 -58.59
CA SER C 132 -8.00 -26.22 -59.20
C SER C 132 -8.33 -25.11 -58.21
N LEU C 133 -8.69 -25.46 -56.98
CA LEU C 133 -9.10 -24.50 -55.96
C LEU C 133 -7.98 -24.36 -54.94
N VAL C 134 -7.52 -23.13 -54.72
CA VAL C 134 -6.43 -22.83 -53.79
C VAL C 134 -5.20 -23.62 -54.20
N HIS C 135 -5.14 -24.89 -53.82
CA HIS C 135 -4.04 -25.79 -54.18
C HIS C 135 -2.71 -25.28 -53.62
N ALA C 136 -2.72 -24.92 -52.35
CA ALA C 136 -1.51 -24.37 -51.73
C ALA C 136 -0.50 -25.48 -51.49
N GLN C 137 0.78 -25.16 -51.75
CA GLN C 137 1.84 -26.14 -51.64
C GLN C 137 2.90 -25.79 -50.61
N SER C 138 2.94 -24.56 -50.10
CA SER C 138 3.98 -24.11 -49.19
C SER C 138 3.34 -23.57 -47.91
N ILE C 139 3.64 -24.21 -46.78
CA ILE C 139 3.13 -23.73 -45.51
C ILE C 139 3.77 -22.38 -45.16
N LEU C 140 5.00 -22.14 -45.61
CA LEU C 140 5.66 -20.86 -45.33
C LEU C 140 4.94 -19.70 -46.01
N ALA C 141 4.31 -19.94 -47.16
CA ALA C 141 3.54 -18.89 -47.80
C ALA C 141 2.23 -18.66 -47.06
N ILE C 142 1.54 -19.74 -46.69
CA ILE C 142 0.31 -19.60 -45.91
C ILE C 142 0.59 -18.88 -44.61
N CYS C 143 1.69 -19.23 -43.94
CA CYS C 143 2.00 -18.63 -42.64
C CYS C 143 2.26 -17.14 -42.77
N TRP C 144 3.25 -16.75 -43.58
CA TRP C 144 3.67 -15.36 -43.60
C TRP C 144 2.75 -14.46 -44.40
N THR C 145 1.86 -15.02 -45.21
CA THR C 145 0.79 -14.21 -45.77
C THR C 145 -0.22 -13.86 -44.68
N GLN C 146 -0.55 -14.83 -43.81
CA GLN C 146 -1.45 -14.57 -42.71
C GLN C 146 -0.86 -13.55 -41.73
N VAL C 147 0.46 -13.58 -41.53
CA VAL C 147 1.08 -12.63 -40.61
C VAL C 147 0.85 -11.20 -41.08
N VAL C 148 1.10 -10.94 -42.36
CA VAL C 148 0.94 -9.58 -42.87
C VAL C 148 -0.53 -9.18 -42.85
N LEU C 149 -1.40 -10.04 -43.38
CA LEU C 149 -2.82 -9.70 -43.48
C LEU C 149 -3.43 -9.53 -42.10
N MET C 150 -3.27 -10.52 -41.22
CA MET C 150 -3.83 -10.41 -39.87
C MET C 150 -3.10 -9.34 -39.07
N GLY C 151 -1.78 -9.19 -39.28
CA GLY C 151 -1.07 -8.12 -38.60
C GLY C 151 -1.64 -6.76 -38.92
N LEU C 152 -1.89 -6.49 -40.20
CA LEU C 152 -2.50 -5.23 -40.58
C LEU C 152 -3.96 -5.18 -40.14
N ALA C 153 -4.72 -6.26 -40.34
CA ALA C 153 -6.13 -6.27 -39.99
C ALA C 153 -6.35 -6.05 -38.49
N GLU C 154 -5.56 -6.72 -37.65
CA GLU C 154 -5.68 -6.48 -36.21
C GLU C 154 -5.18 -5.09 -35.84
N GLY C 155 -4.17 -4.59 -36.54
CA GLY C 155 -3.72 -3.23 -36.30
C GLY C 155 -4.81 -2.21 -36.59
N TYR C 156 -5.57 -2.44 -37.67
CA TYR C 156 -6.71 -1.59 -38.00
C TYR C 156 -7.82 -1.70 -36.96
N ARG C 157 -7.90 -2.81 -36.23
CA ARG C 157 -8.98 -2.98 -35.27
C ARG C 157 -8.80 -2.09 -34.05
N CYS C 158 -7.56 -1.90 -33.59
CA CYS C 158 -7.30 -1.11 -32.41
C CYS C 158 -7.20 0.39 -32.68
N SER C 159 -6.69 0.78 -33.86
CA SER C 159 -6.41 2.18 -34.13
C SER C 159 -7.04 2.69 -35.43
N GLY C 160 -7.88 1.90 -36.08
CA GLY C 160 -8.51 2.32 -37.32
C GLY C 160 -7.63 2.10 -38.53
N GLY C 161 -8.24 2.25 -39.70
CA GLY C 161 -7.54 2.07 -40.94
C GLY C 161 -8.40 2.28 -42.17
N PRO C 162 -8.21 1.45 -43.20
CA PRO C 162 -8.92 1.67 -44.47
C PRO C 162 -10.43 1.64 -44.36
N LEU C 163 -11.01 0.75 -43.56
CA LEU C 163 -12.45 0.58 -43.50
C LEU C 163 -13.11 1.38 -42.38
N GLY C 164 -12.48 2.45 -41.91
CA GLY C 164 -13.08 3.37 -40.98
C GLY C 164 -12.28 3.54 -39.71
N GLU C 165 -12.81 4.37 -38.83
CA GLU C 165 -12.19 4.66 -37.54
C GLU C 165 -12.73 3.73 -36.46
N ALA C 166 -11.86 3.39 -35.50
CA ALA C 166 -12.20 2.46 -34.43
C ALA C 166 -12.98 3.21 -33.33
N THR C 167 -14.25 3.50 -33.64
CA THR C 167 -15.08 4.25 -32.71
C THR C 167 -15.38 3.47 -31.44
N ASP C 168 -15.43 2.13 -31.53
CA ASP C 168 -15.74 1.27 -30.41
C ASP C 168 -14.93 -0.01 -30.54
N PRO C 169 -14.30 -0.49 -29.47
CA PRO C 169 -13.41 -1.66 -29.59
C PRO C 169 -14.12 -2.94 -29.98
N LEU C 170 -15.45 -3.01 -29.85
CA LEU C 170 -16.17 -4.24 -30.16
C LEU C 170 -17.28 -4.00 -31.18
N TYR C 171 -17.90 -2.82 -31.13
CA TYR C 171 -19.06 -2.51 -31.97
C TYR C 171 -18.80 -1.22 -32.76
N PRO C 172 -17.94 -1.27 -33.77
CA PRO C 172 -17.72 -0.06 -34.57
C PRO C 172 -18.87 0.23 -35.52
N GLY C 173 -19.46 -0.80 -36.11
CA GLY C 173 -20.65 -0.69 -36.92
C GLY C 173 -20.64 0.34 -38.04
N GLU C 174 -19.45 0.60 -38.60
CA GLU C 174 -19.38 1.47 -39.76
C GLU C 174 -19.47 0.61 -41.01
N ALA C 175 -18.33 0.22 -41.57
CA ALA C 175 -18.33 -0.75 -42.65
C ALA C 175 -18.76 -2.14 -42.16
N PHE C 176 -18.72 -2.39 -40.86
CA PHE C 176 -19.02 -3.70 -40.31
C PHE C 176 -20.48 -3.83 -39.88
N ASP C 177 -21.32 -2.84 -40.19
CA ASP C 177 -22.77 -2.97 -40.10
C ASP C 177 -23.38 -2.44 -41.40
N PRO C 178 -23.14 -3.11 -42.52
CA PRO C 178 -23.66 -2.59 -43.79
C PRO C 178 -25.17 -2.59 -43.87
N MET C 179 -25.81 -3.62 -43.32
CA MET C 179 -27.27 -3.70 -43.32
C MET C 179 -27.91 -2.92 -42.19
N GLY C 180 -27.12 -2.18 -41.43
CA GLY C 180 -27.65 -1.31 -40.39
C GLY C 180 -28.52 -2.02 -39.38
N MET C 181 -28.20 -3.27 -39.05
CA MET C 181 -28.99 -4.02 -38.09
C MET C 181 -28.82 -3.51 -36.66
N ALA C 182 -27.81 -2.68 -36.41
CA ALA C 182 -27.58 -2.10 -35.10
C ALA C 182 -28.00 -0.64 -35.01
N ASP C 183 -28.85 -0.18 -35.94
CA ASP C 183 -29.27 1.21 -35.95
C ASP C 183 -30.29 1.52 -34.88
N ASP C 184 -31.14 0.58 -34.54
CA ASP C 184 -32.14 0.79 -33.50
C ASP C 184 -31.52 0.59 -32.13
N PRO C 185 -31.49 1.62 -31.27
CA PRO C 185 -30.85 1.46 -29.95
C PRO C 185 -31.44 0.36 -29.09
N GLU C 186 -32.74 0.09 -29.22
CA GLU C 186 -33.37 -0.91 -28.36
C GLU C 186 -33.04 -2.33 -28.84
N THR C 187 -33.18 -2.58 -30.14
CA THR C 187 -32.83 -3.90 -30.66
C THR C 187 -31.31 -4.11 -30.64
N PHE C 188 -30.54 -3.03 -30.73
CA PHE C 188 -29.09 -3.13 -30.58
C PHE C 188 -28.74 -3.75 -29.24
N ALA C 189 -29.40 -3.31 -28.17
CA ALA C 189 -29.13 -3.85 -26.85
C ALA C 189 -29.47 -5.34 -26.78
N GLU C 190 -30.55 -5.75 -27.46
CA GLU C 190 -30.91 -7.16 -27.46
C GLU C 190 -30.02 -7.98 -28.37
N LEU C 191 -29.55 -7.40 -29.50
CA LEU C 191 -28.66 -8.13 -30.38
C LEU C 191 -27.30 -8.36 -29.73
N LYS C 192 -26.82 -7.38 -28.96
CA LYS C 192 -25.60 -7.59 -28.18
C LYS C 192 -25.72 -8.81 -27.28
N THR C 193 -26.88 -9.00 -26.66
CA THR C 193 -27.11 -10.18 -25.84
C THR C 193 -27.05 -11.44 -26.68
N LYS C 194 -27.78 -11.47 -27.79
CA LYS C 194 -27.79 -12.64 -28.66
C LYS C 194 -26.39 -12.98 -29.14
N GLU C 195 -25.58 -11.96 -29.42
CA GLU C 195 -24.23 -12.21 -29.90
C GLU C 195 -23.38 -12.89 -28.83
N ILE C 196 -23.41 -12.35 -27.61
CA ILE C 196 -22.52 -12.88 -26.58
C ILE C 196 -23.01 -14.23 -26.06
N LYS C 197 -24.32 -14.48 -26.09
CA LYS C 197 -24.81 -15.77 -25.61
C LYS C 197 -24.52 -16.87 -26.62
N ASN C 198 -24.75 -16.61 -27.91
CA ASN C 198 -24.36 -17.57 -28.93
C ASN C 198 -22.85 -17.78 -28.94
N GLY C 199 -22.09 -16.72 -28.60
CA GLY C 199 -20.64 -16.84 -28.62
C GLY C 199 -20.12 -17.68 -27.48
N ARG C 200 -20.68 -17.50 -26.28
CA ARG C 200 -20.31 -18.35 -25.15
C ARG C 200 -20.66 -19.81 -25.41
N LEU C 201 -21.77 -20.06 -26.11
CA LEU C 201 -22.09 -21.42 -26.51
C LEU C 201 -21.06 -21.95 -27.50
N ALA C 202 -20.59 -21.09 -28.41
CA ALA C 202 -19.57 -21.52 -29.38
C ALA C 202 -18.24 -21.79 -28.68
N MET C 203 -17.85 -20.88 -27.77
CA MET C 203 -16.65 -21.12 -26.98
C MET C 203 -16.75 -22.41 -26.18
N PHE C 204 -17.90 -22.61 -25.53
CA PHE C 204 -18.11 -23.84 -24.78
C PHE C 204 -18.00 -25.07 -25.68
N ALA C 205 -18.48 -24.95 -26.93
CA ALA C 205 -18.40 -26.08 -27.85
C ALA C 205 -16.98 -26.30 -28.36
N MET C 206 -16.26 -25.21 -28.67
CA MET C 206 -14.88 -25.37 -29.12
C MET C 206 -14.03 -26.05 -28.05
N PHE C 207 -14.26 -25.72 -26.78
CA PHE C 207 -13.62 -26.47 -25.71
C PHE C 207 -14.06 -27.92 -25.73
N GLY C 208 -15.31 -28.18 -26.09
CA GLY C 208 -15.73 -29.56 -26.31
C GLY C 208 -14.92 -30.23 -27.40
N PHE C 209 -14.78 -29.57 -28.55
CA PHE C 209 -13.97 -30.16 -29.63
C PHE C 209 -12.59 -30.54 -29.12
N PHE C 210 -11.95 -29.65 -28.37
CA PHE C 210 -10.57 -29.85 -27.97
C PHE C 210 -10.41 -31.11 -27.13
N VAL C 211 -11.21 -31.22 -26.06
CA VAL C 211 -11.08 -32.38 -25.17
C VAL C 211 -11.64 -33.63 -25.84
N GLN C 212 -12.72 -33.48 -26.62
CA GLN C 212 -13.28 -34.62 -27.33
C GLN C 212 -12.26 -35.24 -28.28
N SER C 213 -11.47 -34.39 -28.97
CA SER C 213 -10.49 -34.90 -29.92
C SER C 213 -9.32 -35.56 -29.21
N LEU C 214 -8.84 -34.97 -28.12
CA LEU C 214 -7.79 -35.61 -27.34
C LEU C 214 -8.27 -36.94 -26.78
N GLN C 215 -9.52 -36.99 -26.34
CA GLN C 215 -10.01 -38.16 -25.63
C GLN C 215 -10.40 -39.28 -26.59
N THR C 216 -11.22 -38.97 -27.60
CA THR C 216 -11.71 -39.99 -28.52
C THR C 216 -10.82 -40.18 -29.74
N GLY C 217 -10.12 -39.14 -30.17
CA GLY C 217 -9.33 -39.22 -31.38
C GLY C 217 -10.13 -39.05 -32.65
N LYS C 218 -11.41 -38.72 -32.56
CA LYS C 218 -12.29 -38.58 -33.71
C LYS C 218 -12.81 -37.15 -33.80
N GLY C 219 -13.39 -36.83 -34.96
CA GLY C 219 -13.95 -35.53 -35.21
C GLY C 219 -15.30 -35.34 -34.56
N PRO C 220 -15.73 -34.09 -34.41
CA PRO C 220 -17.01 -33.84 -33.73
C PRO C 220 -18.21 -34.47 -34.42
N VAL C 221 -18.27 -34.43 -35.75
CA VAL C 221 -19.41 -35.03 -36.44
C VAL C 221 -19.43 -36.53 -36.18
N GLU C 222 -18.28 -37.18 -36.30
CA GLU C 222 -18.20 -38.63 -36.05
C GLU C 222 -18.53 -38.95 -34.60
N CYS C 223 -18.04 -38.11 -33.67
CA CYS C 223 -18.40 -38.29 -32.26
C CYS C 223 -19.91 -38.19 -32.06
N TRP C 224 -20.51 -37.18 -32.65
CA TRP C 224 -21.93 -37.05 -32.49
C TRP C 224 -22.64 -38.25 -33.06
N ALA C 225 -22.31 -38.64 -34.29
CA ALA C 225 -23.00 -39.74 -34.94
C ALA C 225 -22.90 -41.02 -34.11
N GLU C 226 -21.69 -41.33 -33.62
CA GLU C 226 -21.52 -42.52 -32.80
C GLU C 226 -22.37 -42.42 -31.54
N HIS C 227 -22.51 -41.23 -30.98
CA HIS C 227 -23.23 -41.09 -29.73
C HIS C 227 -24.71 -41.35 -29.91
N ILE C 228 -25.35 -40.64 -30.85
CA ILE C 228 -26.79 -40.78 -31.03
C ILE C 228 -27.17 -42.20 -31.43
N ALA C 229 -26.22 -42.98 -31.95
CA ALA C 229 -26.50 -44.38 -32.30
C ALA C 229 -26.72 -45.22 -31.06
N ASP C 230 -25.85 -45.09 -30.06
CA ASP C 230 -25.97 -45.80 -28.79
C ASP C 230 -25.50 -44.87 -27.68
N PRO C 231 -26.36 -43.97 -27.22
CA PRO C 231 -25.92 -42.95 -26.25
C PRO C 231 -25.48 -43.52 -24.91
N VAL C 232 -26.05 -44.66 -24.50
CA VAL C 232 -25.69 -45.23 -23.21
C VAL C 232 -24.29 -45.83 -23.26
N ALA C 233 -23.85 -46.29 -24.44
CA ALA C 233 -22.55 -46.90 -24.60
C ALA C 233 -21.53 -46.02 -25.30
N ASN C 234 -21.97 -45.00 -26.03
CA ASN C 234 -21.07 -44.13 -26.77
C ASN C 234 -21.13 -42.72 -26.18
N ASN C 235 -20.55 -42.58 -24.99
CA ASN C 235 -20.48 -41.30 -24.31
C ASN C 235 -19.05 -41.09 -23.83
N GLY C 236 -18.85 -39.99 -23.09
CA GLY C 236 -17.49 -39.61 -22.73
C GLY C 236 -16.82 -40.57 -21.77
N PHE C 237 -17.60 -41.18 -20.87
CA PHE C 237 -17.01 -42.01 -19.82
C PHE C 237 -16.33 -43.26 -20.37
N VAL C 238 -16.53 -43.59 -21.65
CA VAL C 238 -15.80 -44.70 -22.26
C VAL C 238 -14.31 -44.42 -22.25
N TYR C 239 -13.92 -43.14 -22.28
CA TYR C 239 -12.51 -42.75 -22.37
C TYR C 239 -12.01 -42.13 -21.08
N ALA C 240 -12.69 -42.39 -19.97
CA ALA C 240 -12.36 -41.73 -18.70
C ALA C 240 -11.01 -42.16 -18.14
N THR C 241 -10.48 -43.31 -18.55
CA THR C 241 -9.21 -43.80 -18.02
C THR C 241 -8.00 -43.10 -18.64
N LYS C 242 -8.21 -42.16 -19.56
CA LYS C 242 -7.13 -41.42 -20.19
C LYS C 242 -7.15 -39.98 -19.71
N PHE C 243 -5.96 -39.41 -19.53
CA PHE C 243 -5.81 -38.02 -19.10
C PHE C 243 -5.56 -37.17 -20.34
N PHE C 244 -6.63 -36.57 -20.87
CA PHE C 244 -6.59 -35.72 -22.06
C PHE C 244 -5.86 -36.43 -23.21
N GLY C 245 -6.14 -37.71 -23.37
CA GLY C 245 -5.55 -38.47 -24.45
C GLY C 245 -4.55 -39.49 -23.93
N ALA C 246 -3.76 -39.08 -22.94
CA ALA C 246 -2.70 -39.93 -22.44
C ALA C 246 -3.27 -41.09 -21.64
N GLN C 247 -2.86 -42.31 -21.99
CA GLN C 247 -3.32 -43.51 -21.29
C GLN C 247 -2.35 -43.82 -20.16
N ILE C 248 -2.51 -43.10 -19.07
CA ILE C 248 -1.70 -43.32 -17.88
C ILE C 248 -2.41 -44.34 -17.00
N PHE C 249 -1.64 -44.94 -16.08
CA PHE C 249 -2.17 -45.90 -15.11
C PHE C 249 -2.73 -47.14 -15.78
N VAL D 27 24.84 14.73 -14.01
CA VAL D 27 23.76 15.36 -13.26
C VAL D 27 24.08 15.36 -11.77
N GLU D 28 23.75 16.47 -11.11
CA GLU D 28 24.04 16.69 -9.70
C GLU D 28 22.78 16.92 -8.87
N PHE D 29 21.60 16.55 -9.39
CA PHE D 29 20.36 16.65 -8.63
C PHE D 29 19.58 15.34 -8.54
N TYR D 30 20.13 14.24 -9.01
CA TYR D 30 19.54 12.92 -8.81
C TYR D 30 20.65 11.91 -8.62
N GLY D 31 20.28 10.73 -8.14
CA GLY D 31 21.22 9.64 -8.03
C GLY D 31 22.25 9.85 -6.94
N PRO D 32 23.25 8.97 -6.89
CA PRO D 32 24.21 9.02 -5.77
C PRO D 32 25.15 10.21 -5.79
N ASP D 33 25.31 10.89 -6.92
CA ASP D 33 26.22 12.03 -7.02
C ASP D 33 25.49 13.35 -7.04
N ARG D 34 24.33 13.41 -6.39
CA ARG D 34 23.50 14.60 -6.39
C ARG D 34 23.97 15.57 -5.31
N ALA D 35 23.37 16.77 -5.33
CA ALA D 35 23.64 17.79 -4.33
C ALA D 35 22.94 17.43 -3.02
N LEU D 36 23.63 17.67 -1.91
CA LEU D 36 23.08 17.34 -0.60
C LEU D 36 22.92 18.60 0.25
N TRP D 37 22.13 18.46 1.32
CA TRP D 37 21.67 19.59 2.12
C TRP D 37 22.71 20.12 3.08
N LEU D 38 23.93 19.58 3.09
CA LEU D 38 24.98 20.11 3.94
C LEU D 38 26.29 20.32 3.19
N GLY D 39 26.25 20.31 1.86
CA GLY D 39 27.44 20.49 1.05
C GLY D 39 28.49 19.43 1.32
N PRO D 40 29.73 19.87 1.59
CA PRO D 40 30.79 18.89 1.86
C PRO D 40 30.57 18.15 3.18
N TYR D 41 29.84 18.76 4.11
CA TYR D 41 29.52 18.19 5.42
C TYR D 41 28.29 17.32 5.39
N SER D 42 27.97 16.72 4.23
CA SER D 42 26.73 15.98 4.03
C SER D 42 26.86 14.50 4.34
N GLU D 43 27.95 13.86 3.91
CA GLU D 43 28.08 12.41 4.08
C GLU D 43 27.97 12.05 5.55
N GLY D 44 27.25 10.97 5.81
CA GLY D 44 26.92 10.58 7.18
C GLY D 44 25.71 11.29 7.74
N ALA D 45 25.00 12.06 6.91
CA ALA D 45 23.79 12.77 7.32
C ALA D 45 22.76 12.67 6.21
N VAL D 46 22.69 11.50 5.57
CA VAL D 46 21.73 11.21 4.53
C VAL D 46 21.11 9.85 4.83
N PRO D 47 19.81 9.76 5.06
CA PRO D 47 19.21 8.47 5.40
C PRO D 47 19.25 7.49 4.22
N SER D 48 19.16 6.21 4.56
CA SER D 48 19.28 5.16 3.56
C SER D 48 18.18 5.22 2.52
N TYR D 49 17.01 5.76 2.87
CA TYR D 49 15.87 5.77 1.95
C TYR D 49 15.87 6.95 1.00
N LEU D 50 16.77 7.92 1.15
CA LEU D 50 16.86 9.04 0.21
C LEU D 50 17.96 8.69 -0.78
N THR D 51 17.57 8.10 -1.91
CA THR D 51 18.50 7.52 -2.87
C THR D 51 18.73 8.36 -4.12
N GLY D 52 18.08 9.52 -4.27
CA GLY D 52 18.23 10.28 -5.49
C GLY D 52 17.11 10.17 -6.51
N GLU D 53 16.12 9.30 -6.28
CA GLU D 53 15.11 9.08 -7.31
C GLU D 53 14.09 10.23 -7.40
N PHE D 54 13.72 10.86 -6.29
CA PHE D 54 12.63 11.82 -6.37
C PHE D 54 13.14 13.24 -6.40
N PRO D 55 12.37 14.17 -6.98
CA PRO D 55 12.84 15.56 -7.08
C PRO D 55 13.04 16.20 -5.71
N GLY D 56 14.09 17.02 -5.59
CA GLY D 56 14.36 17.75 -4.37
C GLY D 56 15.08 16.96 -3.30
N ASP D 57 15.51 15.73 -3.59
CA ASP D 57 16.19 14.89 -2.62
C ASP D 57 17.58 15.42 -2.29
N TYR D 58 17.68 16.33 -1.32
CA TYR D 58 18.98 16.76 -0.80
C TYR D 58 19.43 15.91 0.38
N GLY D 59 18.78 14.78 0.63
CA GLY D 59 19.14 13.93 1.75
C GLY D 59 18.76 14.45 3.12
N TRP D 60 17.78 15.33 3.21
CA TRP D 60 17.38 15.94 4.47
C TRP D 60 16.16 15.20 5.03
N ASP D 61 16.37 14.36 6.03
CA ASP D 61 15.28 13.88 6.87
C ASP D 61 15.81 13.58 8.26
N SER D 62 16.33 14.61 8.93
CA SER D 62 16.96 14.43 10.24
C SER D 62 15.98 13.89 11.27
N ALA D 63 14.71 14.25 11.17
CA ALA D 63 13.69 13.76 12.09
C ALA D 63 13.14 12.40 11.69
N GLY D 64 13.66 11.79 10.62
CA GLY D 64 13.16 10.51 10.18
C GLY D 64 11.68 10.49 9.91
N LEU D 65 11.11 11.58 9.42
CA LEU D 65 9.67 11.64 9.19
C LEU D 65 9.24 10.95 7.91
N SER D 66 10.16 10.62 7.01
CA SER D 66 9.80 9.97 5.75
C SER D 66 10.49 8.62 5.58
N ALA D 67 10.86 7.97 6.68
CA ALA D 67 11.49 6.65 6.58
C ALA D 67 10.54 5.65 5.94
N ASP D 68 9.27 5.72 6.27
CA ASP D 68 8.30 4.82 5.66
C ASP D 68 8.02 5.22 4.22
N PRO D 69 8.16 4.29 3.26
CA PRO D 69 7.97 4.67 1.84
C PRO D 69 6.60 5.22 1.53
N GLU D 70 5.55 4.73 2.18
CA GLU D 70 4.22 5.26 1.90
C GLU D 70 4.04 6.65 2.48
N THR D 71 4.48 6.85 3.74
CA THR D 71 4.47 8.19 4.32
C THR D 71 5.38 9.11 3.53
N PHE D 72 6.53 8.59 3.08
CA PHE D 72 7.42 9.37 2.22
C PHE D 72 6.68 9.82 0.96
N ALA D 73 5.84 8.96 0.40
CA ALA D 73 5.04 9.36 -0.76
C ALA D 73 4.06 10.47 -0.38
N ALA D 74 3.39 10.32 0.77
CA ALA D 74 2.43 11.34 1.18
C ALA D 74 3.12 12.66 1.41
N ASN D 75 4.31 12.64 2.02
CA ASN D 75 5.02 13.90 2.27
C ASN D 75 5.49 14.55 0.97
N ARG D 76 5.86 13.76 -0.04
CA ARG D 76 6.22 14.35 -1.33
C ARG D 76 5.02 15.04 -1.97
N GLU D 77 3.84 14.44 -1.83
CA GLU D 77 2.64 15.06 -2.37
C GLU D 77 2.23 16.29 -1.56
N LEU D 78 2.30 16.19 -0.23
CA LEU D 78 2.06 17.37 0.61
C LEU D 78 2.99 18.50 0.24
N GLU D 79 4.28 18.20 0.10
CA GLU D 79 5.27 19.24 -0.17
C GLU D 79 4.97 19.97 -1.48
N LEU D 80 4.78 19.22 -2.57
CA LEU D 80 4.62 19.89 -3.86
C LEU D 80 3.31 20.66 -3.93
N ILE D 81 2.21 20.10 -3.42
CA ILE D 81 0.95 20.84 -3.41
C ILE D 81 1.10 22.13 -2.63
N HIS D 82 1.81 22.08 -1.49
CA HIS D 82 2.13 23.31 -0.77
C HIS D 82 2.94 24.25 -1.64
N ALA D 83 3.97 23.72 -2.31
CA ALA D 83 4.84 24.57 -3.12
C ALA D 83 4.05 25.30 -4.20
N ARG D 84 3.04 24.63 -4.77
CA ARG D 84 2.23 25.29 -5.80
C ARG D 84 1.34 26.36 -5.20
N TRP D 85 0.78 26.12 -4.02
CA TRP D 85 0.01 27.17 -3.35
C TRP D 85 0.88 28.33 -2.93
N ALA D 86 2.11 28.05 -2.48
CA ALA D 86 2.99 29.14 -2.05
C ALA D 86 3.43 30.00 -3.23
N MET D 87 3.73 29.39 -4.37
CA MET D 87 4.12 30.14 -5.56
C MET D 87 3.00 31.09 -5.99
N LEU D 88 1.77 30.59 -6.03
CA LEU D 88 0.64 31.48 -6.28
C LEU D 88 0.51 32.50 -5.17
N GLY D 89 0.82 32.10 -3.93
CA GLY D 89 0.64 33.00 -2.81
C GLY D 89 1.60 34.17 -2.83
N THR D 90 2.88 33.91 -3.14
CA THR D 90 3.85 35.01 -3.13
C THR D 90 3.48 36.04 -4.20
N VAL D 91 3.10 35.59 -5.39
CA VAL D 91 2.71 36.52 -6.45
C VAL D 91 1.38 37.19 -6.11
N GLY D 92 0.44 36.42 -5.54
CA GLY D 92 -0.85 36.98 -5.18
C GLY D 92 -0.80 37.99 -4.06
N CYS D 93 0.13 37.82 -3.11
CA CYS D 93 0.24 38.76 -2.00
C CYS D 93 0.97 40.04 -2.40
N LEU D 94 1.96 39.92 -3.29
CA LEU D 94 2.79 41.08 -3.60
C LEU D 94 2.17 41.99 -4.67
N THR D 95 1.32 41.45 -5.54
CA THR D 95 0.84 42.24 -6.67
C THR D 95 0.04 43.46 -6.23
N PRO D 96 -1.04 43.36 -5.45
CA PRO D 96 -1.79 44.57 -5.10
C PRO D 96 -0.98 45.58 -4.29
N GLU D 97 -0.08 45.13 -3.43
CA GLU D 97 0.74 46.09 -2.69
C GLU D 97 1.75 46.76 -3.61
N ALA D 98 2.37 45.99 -4.51
CA ALA D 98 3.26 46.59 -5.49
C ALA D 98 2.51 47.46 -6.48
N LEU D 99 1.28 47.08 -6.83
CA LEU D 99 0.48 47.91 -7.72
C LEU D 99 0.05 49.20 -7.03
N GLU D 100 -0.24 49.14 -5.73
CA GLU D 100 -0.66 50.35 -5.03
C GLU D 100 0.52 51.27 -4.78
N LYS D 101 1.66 50.72 -4.35
CA LYS D 101 2.77 51.57 -3.93
C LYS D 101 3.62 52.02 -5.11
N TYR D 102 3.69 51.23 -6.19
CA TYR D 102 4.52 51.58 -7.33
C TYR D 102 3.76 51.78 -8.64
N GLY D 103 2.51 51.34 -8.71
CA GLY D 103 1.68 51.59 -9.89
C GLY D 103 0.51 52.53 -9.67
N GLY D 104 0.44 53.20 -8.52
CA GLY D 104 -0.62 54.16 -8.27
C GLY D 104 -2.02 53.60 -8.31
N VAL D 105 -2.19 52.30 -8.09
CA VAL D 105 -3.52 51.69 -8.06
C VAL D 105 -4.11 51.85 -6.67
N GLU D 106 -5.43 52.03 -6.62
CA GLU D 106 -6.14 52.29 -5.38
C GLU D 106 -7.05 51.10 -5.07
N PHE D 107 -6.52 50.15 -4.30
CA PHE D 107 -7.31 49.05 -3.79
C PHE D 107 -8.00 49.44 -2.49
N GLY D 108 -9.06 48.71 -2.16
CA GLY D 108 -9.68 48.89 -0.85
C GLY D 108 -8.73 48.56 0.27
N GLU D 109 -8.09 47.39 0.18
CA GLU D 109 -7.01 47.01 1.08
C GLU D 109 -5.98 46.27 0.24
N ALA D 110 -4.83 46.91 -0.01
CA ALA D 110 -3.85 46.36 -0.92
C ALA D 110 -2.80 45.49 -0.23
N VAL D 111 -2.74 45.51 1.09
CA VAL D 111 -1.81 44.65 1.81
C VAL D 111 -2.46 43.28 2.00
N TRP D 112 -1.67 42.22 1.81
CA TRP D 112 -2.25 40.88 1.73
C TRP D 112 -2.96 40.49 3.01
N PHE D 113 -2.35 40.76 4.17
CA PHE D 113 -2.96 40.29 5.42
C PHE D 113 -4.16 41.12 5.84
N LYS D 114 -4.40 42.26 5.22
CA LYS D 114 -5.61 43.03 5.41
C LYS D 114 -6.60 42.90 4.26
N ALA D 115 -6.24 42.17 3.21
CA ALA D 115 -7.09 42.09 2.02
C ALA D 115 -8.42 41.40 2.29
N GLY D 116 -8.44 40.40 3.18
CA GLY D 116 -9.68 39.71 3.47
C GLY D 116 -10.73 40.60 4.12
N SER D 117 -10.28 41.63 4.85
CA SER D 117 -11.20 42.46 5.63
C SER D 117 -12.04 43.40 4.78
N GLN D 118 -11.65 43.66 3.53
CA GLN D 118 -12.40 44.59 2.71
C GLN D 118 -13.79 44.10 2.36
N ILE D 119 -14.08 42.81 2.54
CA ILE D 119 -15.45 42.34 2.34
C ILE D 119 -16.45 43.01 3.26
N PHE D 120 -16.00 43.50 4.41
CA PHE D 120 -16.88 44.07 5.42
C PHE D 120 -17.07 45.57 5.27
N ALA D 121 -16.36 46.20 4.35
CA ALA D 121 -16.50 47.63 4.17
C ALA D 121 -17.76 47.95 3.34
N GLU D 122 -18.16 49.22 3.37
CA GLU D 122 -19.28 49.64 2.55
C GLU D 122 -18.87 49.61 1.10
N GLY D 123 -19.75 49.10 0.24
CA GLY D 123 -19.42 48.90 -1.15
C GLY D 123 -18.81 47.55 -1.44
N GLY D 124 -18.21 46.91 -0.44
CA GLY D 124 -17.71 45.56 -0.62
C GLY D 124 -16.35 45.50 -1.28
N LEU D 125 -16.10 44.36 -1.93
CA LEU D 125 -14.80 44.05 -2.52
C LEU D 125 -14.81 44.42 -4.00
N ASP D 126 -14.28 45.61 -4.31
CA ASP D 126 -14.10 46.06 -5.68
C ASP D 126 -12.73 45.62 -6.19
N TYR D 127 -12.71 44.81 -7.25
CA TYR D 127 -11.46 44.32 -7.81
C TYR D 127 -10.65 45.49 -8.40
N LEU D 128 -9.38 45.58 -8.01
CA LEU D 128 -8.49 46.67 -8.42
C LEU D 128 -9.00 48.05 -8.01
N GLY D 129 -9.93 48.10 -7.05
CA GLY D 129 -10.57 49.35 -6.69
C GLY D 129 -11.68 49.77 -7.62
N ASN D 130 -11.78 49.14 -8.78
CA ASN D 130 -12.85 49.44 -9.73
C ASN D 130 -14.17 48.92 -9.19
N PRO D 131 -15.17 49.77 -8.95
CA PRO D 131 -16.45 49.28 -8.43
C PRO D 131 -17.24 48.43 -9.41
N SER D 132 -16.86 48.41 -10.69
CA SER D 132 -17.55 47.61 -11.69
C SER D 132 -17.06 46.18 -11.78
N LEU D 133 -15.98 45.83 -11.07
CA LEU D 133 -15.41 44.49 -11.13
C LEU D 133 -15.75 43.73 -9.86
N VAL D 134 -16.40 42.58 -10.03
CA VAL D 134 -16.85 41.72 -8.93
C VAL D 134 -17.81 42.47 -8.01
N HIS D 135 -17.28 43.38 -7.20
CA HIS D 135 -18.10 44.21 -6.33
C HIS D 135 -18.90 43.34 -5.35
N ALA D 136 -18.20 42.38 -4.74
CA ALA D 136 -18.86 41.42 -3.87
C ALA D 136 -19.27 42.08 -2.56
N GLN D 137 -20.46 41.72 -2.07
CA GLN D 137 -21.02 42.31 -0.87
C GLN D 137 -21.23 41.32 0.26
N SER D 138 -21.17 40.02 -0.01
CA SER D 138 -21.46 39.00 0.99
C SER D 138 -20.26 38.06 1.09
N ILE D 139 -19.62 38.05 2.26
CA ILE D 139 -18.52 37.11 2.47
C ILE D 139 -19.04 35.68 2.49
N LEU D 140 -20.30 35.49 2.92
CA LEU D 140 -20.88 34.15 2.92
C LEU D 140 -21.05 33.61 1.51
N ALA D 141 -21.31 34.47 0.54
CA ALA D 141 -21.41 34.02 -0.85
C ALA D 141 -20.04 33.67 -1.41
N ILE D 142 -19.04 34.51 -1.15
CA ILE D 142 -17.67 34.19 -1.56
C ILE D 142 -17.23 32.87 -0.94
N CYS D 143 -17.53 32.69 0.34
CA CYS D 143 -17.08 31.51 1.08
C CYS D 143 -17.66 30.23 0.49
N TRP D 144 -18.99 30.16 0.38
CA TRP D 144 -19.61 28.90 0.01
C TRP D 144 -19.55 28.60 -1.49
N THR D 145 -19.15 29.56 -2.31
CA THR D 145 -18.80 29.22 -3.69
C THR D 145 -17.47 28.50 -3.73
N GLN D 146 -16.49 28.97 -2.95
CA GLN D 146 -15.19 28.32 -2.90
C GLN D 146 -15.31 26.89 -2.40
N VAL D 147 -16.21 26.64 -1.46
CA VAL D 147 -16.41 25.28 -0.95
C VAL D 147 -16.83 24.36 -2.09
N VAL D 148 -17.82 24.78 -2.88
CA VAL D 148 -18.32 23.93 -3.97
C VAL D 148 -17.27 23.80 -5.06
N LEU D 149 -16.69 24.93 -5.49
CA LEU D 149 -15.71 24.89 -6.57
C LEU D 149 -14.46 24.11 -6.17
N MET D 150 -13.84 24.49 -5.04
CA MET D 150 -12.62 23.80 -4.63
C MET D 150 -12.90 22.37 -4.21
N GLY D 151 -14.07 22.12 -3.61
CA GLY D 151 -14.42 20.74 -3.29
C GLY D 151 -14.42 19.84 -4.52
N LEU D 152 -14.98 20.32 -5.62
CA LEU D 152 -14.97 19.55 -6.85
C LEU D 152 -13.58 19.48 -7.45
N ALA D 153 -12.87 20.63 -7.49
CA ALA D 153 -11.54 20.66 -8.08
C ALA D 153 -10.59 19.72 -7.35
N GLU D 154 -10.63 19.74 -6.02
CA GLU D 154 -9.80 18.80 -5.27
C GLU D 154 -10.29 17.37 -5.45
N GLY D 155 -11.60 17.18 -5.61
CA GLY D 155 -12.11 15.86 -5.91
C GLY D 155 -11.63 15.35 -7.25
N TYR D 156 -11.60 16.22 -8.27
CA TYR D 156 -11.08 15.85 -9.58
C TYR D 156 -9.58 15.56 -9.54
N ARG D 157 -8.86 16.13 -8.57
CA ARG D 157 -7.43 15.90 -8.49
C ARG D 157 -7.10 14.48 -8.05
N CYS D 158 -7.88 13.94 -7.11
CA CYS D 158 -7.58 12.61 -6.57
C CYS D 158 -8.16 11.50 -7.43
N SER D 159 -9.29 11.75 -8.09
CA SER D 159 -10.01 10.67 -8.77
C SER D 159 -10.34 10.99 -10.22
N GLY D 160 -9.85 12.09 -10.75
CA GLY D 160 -10.13 12.46 -12.12
C GLY D 160 -11.48 13.13 -12.26
N GLY D 161 -11.70 13.70 -13.43
CA GLY D 161 -12.94 14.38 -13.70
C GLY D 161 -13.01 14.95 -15.09
N PRO D 162 -13.62 16.13 -15.22
CA PRO D 162 -13.87 16.68 -16.56
C PRO D 162 -12.62 16.85 -17.40
N LEU D 163 -11.50 17.25 -16.79
CA LEU D 163 -10.28 17.54 -17.52
C LEU D 163 -9.33 16.35 -17.61
N GLY D 164 -9.85 15.13 -17.44
CA GLY D 164 -9.08 13.92 -17.65
C GLY D 164 -9.06 13.02 -16.43
N GLU D 165 -8.34 11.91 -16.57
CA GLU D 165 -8.18 10.95 -15.49
C GLU D 165 -6.93 11.27 -14.68
N ALA D 166 -7.02 11.03 -13.36
CA ALA D 166 -5.93 11.38 -12.45
C ALA D 166 -4.85 10.30 -12.51
N THR D 167 -4.11 10.34 -13.61
CA THR D 167 -3.07 9.33 -13.85
C THR D 167 -1.93 9.45 -12.86
N ASP D 168 -1.67 10.65 -12.33
CA ASP D 168 -0.58 10.84 -11.38
C ASP D 168 -0.96 11.89 -10.36
N PRO D 169 -0.68 11.67 -9.07
CA PRO D 169 -1.12 12.63 -8.03
C PRO D 169 -0.47 13.99 -8.14
N LEU D 170 0.65 14.11 -8.83
CA LEU D 170 1.34 15.40 -8.90
C LEU D 170 1.59 15.84 -10.33
N TYR D 171 1.84 14.90 -11.24
CA TYR D 171 2.19 15.21 -12.63
C TYR D 171 1.22 14.51 -13.57
N PRO D 172 -0.02 15.00 -13.67
CA PRO D 172 -0.97 14.36 -14.62
C PRO D 172 -0.67 14.68 -16.07
N GLY D 173 -0.27 15.92 -16.38
CA GLY D 173 0.18 16.30 -17.70
C GLY D 173 -0.72 15.97 -18.88
N GLU D 174 -2.03 15.95 -18.67
CA GLU D 174 -2.93 15.82 -19.81
C GLU D 174 -3.36 17.21 -20.24
N ALA D 175 -4.53 17.64 -19.76
CA ALA D 175 -4.94 19.03 -19.93
C ALA D 175 -4.04 19.97 -19.13
N PHE D 176 -3.29 19.44 -18.17
CA PHE D 176 -2.43 20.24 -17.30
C PHE D 176 -1.01 20.34 -17.83
N ASP D 177 -0.76 19.85 -19.04
CA ASP D 177 0.43 20.17 -19.82
C ASP D 177 -0.01 20.47 -21.25
N PRO D 178 -0.79 21.54 -21.45
CA PRO D 178 -1.29 21.80 -22.80
C PRO D 178 -0.20 22.12 -23.79
N MET D 179 0.85 22.81 -23.35
CA MET D 179 1.97 23.13 -24.23
C MET D 179 3.00 22.01 -24.32
N GLY D 180 2.72 20.85 -23.71
CA GLY D 180 3.59 19.71 -23.86
C GLY D 180 5.03 19.95 -23.47
N MET D 181 5.26 20.80 -22.46
CA MET D 181 6.62 21.08 -22.03
C MET D 181 7.26 19.90 -21.32
N ALA D 182 6.48 18.91 -20.90
CA ALA D 182 7.00 17.74 -20.21
C ALA D 182 7.06 16.51 -21.11
N ASP D 183 7.05 16.71 -22.43
CA ASP D 183 7.06 15.56 -23.34
C ASP D 183 8.44 14.93 -23.43
N ASP D 184 9.51 15.72 -23.31
CA ASP D 184 10.87 15.17 -23.36
C ASP D 184 11.24 14.61 -21.99
N PRO D 185 11.52 13.31 -21.89
CA PRO D 185 11.85 12.73 -20.58
C PRO D 185 13.05 13.36 -19.89
N GLU D 186 14.04 13.84 -20.65
CA GLU D 186 15.25 14.37 -20.02
C GLU D 186 15.01 15.73 -19.40
N THR D 187 14.39 16.64 -20.15
CA THR D 187 14.07 17.95 -19.58
C THR D 187 12.98 17.83 -18.53
N PHE D 188 12.13 16.81 -18.63
CA PHE D 188 11.11 16.57 -17.61
C PHE D 188 11.75 16.42 -16.23
N ALA D 189 12.84 15.64 -16.13
CA ALA D 189 13.50 15.45 -14.84
C ALA D 189 14.05 16.76 -14.28
N GLU D 190 14.59 17.61 -15.16
CA GLU D 190 15.12 18.90 -14.69
C GLU D 190 13.99 19.87 -14.36
N LEU D 191 12.87 19.81 -15.08
CA LEU D 191 11.75 20.69 -14.77
C LEU D 191 11.14 20.35 -13.42
N LYS D 192 11.04 19.07 -13.09
CA LYS D 192 10.62 18.68 -11.75
C LYS D 192 11.53 19.29 -10.70
N THR D 193 12.84 19.27 -10.96
CA THR D 193 13.80 19.89 -10.04
C THR D 193 13.54 21.39 -9.93
N LYS D 194 13.41 22.08 -11.07
CA LYS D 194 13.13 23.50 -11.03
C LYS D 194 11.84 23.79 -10.28
N GLU D 195 10.84 22.92 -10.43
CA GLU D 195 9.55 23.14 -9.78
C GLU D 195 9.71 23.08 -8.26
N ILE D 196 10.36 22.03 -7.75
CA ILE D 196 10.39 21.85 -6.31
C ILE D 196 11.33 22.85 -5.63
N LYS D 197 12.40 23.28 -6.32
CA LYS D 197 13.30 24.25 -5.70
C LYS D 197 12.65 25.63 -5.62
N ASN D 198 11.98 26.05 -6.70
CA ASN D 198 11.24 27.31 -6.65
C ASN D 198 10.14 27.27 -5.61
N GLY D 199 9.55 26.08 -5.39
CA GLY D 199 8.46 25.98 -4.44
C GLY D 199 8.91 26.05 -3.00
N ARG D 200 9.99 25.33 -2.67
CA ARG D 200 10.55 25.43 -1.34
C ARG D 200 10.99 26.85 -1.05
N LEU D 201 11.52 27.54 -2.06
CA LEU D 201 11.84 28.96 -1.92
C LEU D 201 10.58 29.78 -1.71
N ALA D 202 9.49 29.43 -2.40
CA ALA D 202 8.24 30.18 -2.23
C ALA D 202 7.62 29.90 -0.87
N MET D 203 7.57 28.64 -0.46
CA MET D 203 7.09 28.31 0.89
C MET D 203 7.91 29.02 1.94
N PHE D 204 9.24 28.97 1.78
CA PHE D 204 10.14 29.69 2.69
C PHE D 204 9.83 31.18 2.69
N ALA D 205 9.46 31.73 1.52
CA ALA D 205 9.12 33.16 1.47
C ALA D 205 7.77 33.42 2.12
N MET D 206 6.79 32.55 1.88
CA MET D 206 5.49 32.72 2.52
C MET D 206 5.59 32.66 4.03
N PHE D 207 6.49 31.81 4.54
CA PHE D 207 6.77 31.83 5.97
C PHE D 207 7.34 33.19 6.36
N GLY D 208 8.15 33.77 5.48
CA GLY D 208 8.61 35.13 5.73
C GLY D 208 7.47 36.12 5.82
N PHE D 209 6.56 36.09 4.85
CA PHE D 209 5.40 37.01 4.89
C PHE D 209 4.68 36.89 6.23
N PHE D 210 4.44 35.66 6.68
CA PHE D 210 3.64 35.46 7.89
C PHE D 210 4.31 36.07 9.11
N VAL D 211 5.59 35.75 9.34
CA VAL D 211 6.27 36.27 10.52
C VAL D 211 6.59 37.77 10.36
N GLN D 212 6.95 38.21 9.15
CA GLN D 212 7.19 39.65 8.95
C GLN D 212 5.94 40.45 9.28
N SER D 213 4.77 39.93 8.93
CA SER D 213 3.53 40.64 9.17
C SER D 213 3.19 40.68 10.66
N LEU D 214 3.36 39.55 11.36
CA LEU D 214 3.11 39.54 12.80
C LEU D 214 4.06 40.48 13.53
N GLN D 215 5.33 40.50 13.13
CA GLN D 215 6.33 41.25 13.87
C GLN D 215 6.29 42.73 13.55
N THR D 216 6.32 43.09 12.27
CA THR D 216 6.40 44.49 11.89
C THR D 216 5.03 45.14 11.73
N GLY D 217 4.01 44.38 11.36
CA GLY D 217 2.71 44.96 11.12
C GLY D 217 2.55 45.62 9.77
N LYS D 218 3.56 45.54 8.91
CA LYS D 218 3.53 46.18 7.61
C LYS D 218 3.58 45.12 6.51
N GLY D 219 3.32 45.54 5.28
CA GLY D 219 3.30 44.64 4.15
C GLY D 219 4.69 44.27 3.68
N PRO D 220 4.79 43.16 2.94
CA PRO D 220 6.11 42.72 2.46
C PRO D 220 6.82 43.73 1.59
N VAL D 221 6.08 44.41 0.69
CA VAL D 221 6.71 45.41 -0.16
C VAL D 221 7.23 46.57 0.69
N GLU D 222 6.39 47.06 1.60
CA GLU D 222 6.80 48.20 2.42
C GLU D 222 7.99 47.84 3.31
N CYS D 223 7.98 46.62 3.87
CA CYS D 223 9.15 46.15 4.61
C CYS D 223 10.38 46.12 3.70
N TRP D 224 10.21 45.63 2.47
CA TRP D 224 11.31 45.58 1.53
C TRP D 224 11.85 46.99 1.27
N ALA D 225 10.96 47.95 1.06
CA ALA D 225 11.38 49.32 0.81
C ALA D 225 12.07 49.91 2.04
N GLU D 226 11.47 49.73 3.22
CA GLU D 226 12.06 50.29 4.44
C GLU D 226 13.44 49.71 4.72
N HIS D 227 13.65 48.42 4.40
CA HIS D 227 14.92 47.79 4.73
C HIS D 227 16.06 48.34 3.86
N ILE D 228 15.88 48.32 2.55
CA ILE D 228 16.93 48.79 1.65
C ILE D 228 17.25 50.26 1.88
N ALA D 229 16.35 51.01 2.52
CA ALA D 229 16.63 52.40 2.84
C ALA D 229 17.72 52.51 3.91
N ASP D 230 17.61 51.72 4.97
CA ASP D 230 18.62 51.69 6.03
C ASP D 230 18.71 50.27 6.58
N PRO D 231 19.44 49.40 5.89
CA PRO D 231 19.45 47.98 6.28
C PRO D 231 19.99 47.73 7.67
N VAL D 232 20.91 48.58 8.15
CA VAL D 232 21.47 48.36 9.48
C VAL D 232 20.46 48.73 10.55
N ALA D 233 19.55 49.67 10.26
CA ALA D 233 18.58 50.12 11.23
C ALA D 233 17.18 49.59 10.99
N ASN D 234 16.87 49.15 9.78
CA ASN D 234 15.55 48.64 9.43
C ASN D 234 15.68 47.15 9.09
N ASN D 235 15.89 46.33 10.11
CA ASN D 235 15.96 44.88 9.95
C ASN D 235 15.13 44.25 11.07
N GLY D 236 15.18 42.91 11.14
CA GLY D 236 14.28 42.19 12.03
C GLY D 236 14.53 42.42 13.51
N PHE D 237 15.80 42.60 13.90
CA PHE D 237 16.12 42.70 15.32
C PHE D 237 15.51 43.94 15.98
N VAL D 238 15.00 44.88 15.19
CA VAL D 238 14.31 46.04 15.76
C VAL D 238 13.06 45.61 16.52
N TYR D 239 12.45 44.49 16.13
CA TYR D 239 11.23 44.02 16.75
C TYR D 239 11.45 42.75 17.56
N ALA D 240 12.70 42.47 17.93
CA ALA D 240 13.01 41.20 18.59
C ALA D 240 12.40 41.08 19.97
N THR D 241 11.99 42.20 20.58
CA THR D 241 11.41 42.19 21.91
C THR D 241 9.95 41.75 21.93
N LYS D 242 9.36 41.43 20.78
CA LYS D 242 8.00 40.93 20.70
C LYS D 242 8.00 39.47 20.28
N PHE D 243 7.09 38.69 20.88
CA PHE D 243 6.96 37.27 20.56
C PHE D 243 5.82 37.16 19.56
N PHE D 244 6.19 37.12 18.28
CA PHE D 244 5.24 37.00 17.18
C PHE D 244 4.09 38.01 17.31
N GLY D 245 4.44 39.22 17.72
CA GLY D 245 3.47 40.29 17.89
C GLY D 245 3.23 40.72 19.33
N ALA D 246 3.17 39.76 20.26
CA ALA D 246 2.87 40.07 21.66
C ALA D 246 4.10 40.65 22.35
N GLN D 247 3.96 41.83 22.95
CA GLN D 247 5.04 42.46 23.71
C GLN D 247 4.87 42.16 25.19
N ILE D 248 5.28 40.95 25.58
CA ILE D 248 5.26 40.55 26.98
C ILE D 248 6.64 40.87 27.57
N PHE D 249 6.74 40.86 28.90
CA PHE D 249 7.97 41.17 29.64
C PHE D 249 8.37 42.64 29.50
N VAL E 27 21.09 -5.36 35.70
CA VAL E 27 20.80 -3.95 35.51
C VAL E 27 19.29 -3.73 35.44
N GLU E 28 18.81 -2.66 36.07
CA GLU E 28 17.39 -2.33 36.08
C GLU E 28 17.06 -1.14 35.20
N PHE E 29 17.96 -0.76 34.30
CA PHE E 29 17.69 0.28 33.30
C PHE E 29 17.96 -0.22 31.88
N TYR E 30 18.21 -1.51 31.71
CA TYR E 30 18.32 -2.14 30.40
C TYR E 30 17.70 -3.52 30.48
N GLY E 31 17.48 -4.12 29.31
CA GLY E 31 17.01 -5.48 29.25
C GLY E 31 15.56 -5.60 29.69
N PRO E 32 15.07 -6.83 29.81
CA PRO E 32 13.65 -7.04 30.09
C PRO E 32 13.24 -6.66 31.51
N ASP E 33 14.18 -6.52 32.45
CA ASP E 33 13.85 -6.20 33.84
C ASP E 33 14.17 -4.76 34.20
N ARG E 34 14.06 -3.85 33.24
CA ARG E 34 14.37 -2.46 33.48
C ARG E 34 13.17 -1.74 34.09
N ALA E 35 13.40 -0.49 34.49
CA ALA E 35 12.34 0.36 35.01
C ALA E 35 11.47 0.90 33.89
N LEU E 36 10.17 0.96 34.12
CA LEU E 36 9.22 1.40 33.10
C LEU E 36 8.51 2.68 33.55
N TRP E 37 7.86 3.32 32.57
CA TRP E 37 7.30 4.66 32.75
C TRP E 37 5.97 4.67 33.47
N LEU E 38 5.46 3.53 33.93
CA LEU E 38 4.26 3.51 34.75
C LEU E 38 4.45 2.67 36.00
N GLY E 39 5.69 2.34 36.35
CA GLY E 39 5.97 1.55 37.53
C GLY E 39 5.27 0.20 37.45
N PRO E 40 4.54 -0.15 38.51
CA PRO E 40 3.84 -1.44 38.52
C PRO E 40 2.71 -1.52 37.52
N TYR E 41 2.11 -0.39 37.13
CA TYR E 41 1.00 -0.38 36.19
C TYR E 41 1.45 -0.37 34.74
N SER E 42 2.65 -0.86 34.44
CA SER E 42 3.15 -0.81 33.07
C SER E 42 2.75 -2.12 32.40
N GLU E 43 3.68 -3.08 32.32
CA GLU E 43 3.48 -4.36 31.64
C GLU E 43 2.76 -4.21 30.30
N GLY E 44 1.48 -3.82 30.35
CA GLY E 44 0.62 -3.67 29.22
C GLY E 44 0.73 -2.34 28.49
N ALA E 45 1.75 -1.54 28.81
CA ALA E 45 1.91 -0.23 28.21
C ALA E 45 3.37 -0.01 27.81
N VAL E 46 4.01 -1.04 27.25
CA VAL E 46 5.37 -0.94 26.73
C VAL E 46 5.40 -1.55 25.33
N PRO E 47 5.73 -0.78 24.29
CA PRO E 47 5.71 -1.31 22.93
C PRO E 47 6.82 -2.34 22.68
N SER E 48 6.57 -3.19 21.68
CA SER E 48 7.48 -4.29 21.38
C SER E 48 8.85 -3.82 20.90
N TYR E 49 8.93 -2.66 20.27
CA TYR E 49 10.20 -2.20 19.71
C TYR E 49 11.09 -1.51 20.72
N LEU E 50 10.59 -1.21 21.92
CA LEU E 50 11.40 -0.66 23.01
C LEU E 50 11.78 -1.85 23.88
N THR E 51 12.97 -2.39 23.64
CA THR E 51 13.37 -3.66 24.25
C THR E 51 14.35 -3.50 25.40
N GLY E 52 14.76 -2.28 25.72
CA GLY E 52 15.77 -2.09 26.74
C GLY E 52 17.18 -1.90 26.22
N GLU E 53 17.34 -1.71 24.91
CA GLU E 53 18.68 -1.62 24.33
C GLU E 53 19.31 -0.24 24.51
N PHE E 54 18.50 0.83 24.39
CA PHE E 54 19.12 2.15 24.37
C PHE E 54 18.89 2.87 25.69
N PRO E 55 19.76 3.83 26.04
CA PRO E 55 19.60 4.54 27.31
C PRO E 55 18.29 5.31 27.34
N GLY E 56 17.67 5.35 28.52
CA GLY E 56 16.42 6.06 28.71
C GLY E 56 15.19 5.30 28.33
N ASP E 57 15.32 4.01 27.98
CA ASP E 57 14.20 3.18 27.57
C ASP E 57 13.30 2.84 28.76
N TYR E 58 12.34 3.71 29.07
CA TYR E 58 11.31 3.41 30.05
C TYR E 58 10.07 2.79 29.41
N GLY E 59 10.15 2.38 28.15
CA GLY E 59 9.02 1.80 27.45
C GLY E 59 7.92 2.78 27.11
N TRP E 60 8.22 4.07 27.06
CA TRP E 60 7.23 5.11 26.80
C TRP E 60 7.31 5.51 25.33
N ASP E 61 6.35 5.03 24.54
CA ASP E 61 6.07 5.58 23.21
C ASP E 61 4.59 5.38 22.91
N SER E 62 3.74 5.98 23.74
CA SER E 62 2.30 5.75 23.62
C SER E 62 1.75 6.20 22.27
N ALA E 63 2.31 7.24 21.67
CA ALA E 63 1.86 7.66 20.36
C ALA E 63 2.49 6.87 19.22
N GLY E 64 3.30 5.87 19.53
CA GLY E 64 3.95 5.07 18.50
C GLY E 64 4.74 5.88 17.51
N LEU E 65 5.39 6.95 17.96
CA LEU E 65 6.15 7.78 17.04
C LEU E 65 7.51 7.20 16.67
N SER E 66 7.99 6.21 17.43
CA SER E 66 9.29 5.60 17.19
C SER E 66 9.18 4.10 16.90
N ALA E 67 8.03 3.66 16.37
CA ALA E 67 7.90 2.26 16.01
C ALA E 67 8.89 1.88 14.91
N ASP E 68 9.10 2.77 13.94
CA ASP E 68 10.07 2.50 12.88
C ASP E 68 11.49 2.63 13.42
N PRO E 69 12.34 1.63 13.22
CA PRO E 69 13.70 1.67 13.78
C PRO E 69 14.54 2.85 13.28
N GLU E 70 14.35 3.30 12.04
CA GLU E 70 15.13 4.44 11.57
C GLU E 70 14.65 5.73 12.20
N THR E 71 13.33 5.92 12.31
CA THR E 71 12.81 7.09 13.00
C THR E 71 13.20 7.06 14.47
N PHE E 72 13.10 5.90 15.12
CA PHE E 72 13.53 5.80 16.51
C PHE E 72 14.99 6.24 16.64
N ALA E 73 15.82 5.89 15.66
CA ALA E 73 17.19 6.38 15.67
C ALA E 73 17.21 7.90 15.55
N ALA E 74 16.35 8.45 14.69
CA ALA E 74 16.29 9.91 14.55
C ALA E 74 15.82 10.56 15.84
N ASN E 75 14.80 9.98 16.48
CA ASN E 75 14.28 10.56 17.72
C ASN E 75 15.29 10.47 18.85
N ARG E 76 16.10 9.41 18.91
CA ARG E 76 17.14 9.34 19.93
C ARG E 76 18.17 10.44 19.75
N GLU E 77 18.51 10.75 18.50
CA GLU E 77 19.44 11.85 18.27
C GLU E 77 18.79 13.20 18.55
N LEU E 78 17.54 13.37 18.11
CA LEU E 78 16.80 14.59 18.42
C LEU E 78 16.70 14.78 19.92
N GLU E 79 16.35 13.72 20.66
CA GLU E 79 16.14 13.84 22.10
C GLU E 79 17.41 14.23 22.84
N LEU E 80 18.50 13.48 22.63
CA LEU E 80 19.70 13.68 23.44
C LEU E 80 20.37 15.02 23.14
N ILE E 81 20.47 15.39 21.86
CA ILE E 81 21.06 16.69 21.53
C ILE E 81 20.26 17.81 22.16
N HIS E 82 18.94 17.67 22.21
CA HIS E 82 18.12 18.60 22.97
C HIS E 82 18.54 18.61 24.44
N ALA E 83 18.74 17.42 25.02
CA ALA E 83 19.11 17.33 26.42
C ALA E 83 20.40 18.09 26.70
N ARG E 84 21.36 18.06 25.77
CA ARG E 84 22.61 18.78 26.00
C ARG E 84 22.37 20.29 25.98
N TRP E 85 21.53 20.76 25.06
CA TRP E 85 21.19 22.17 25.04
C TRP E 85 20.39 22.55 26.28
N ALA E 86 19.52 21.65 26.74
CA ALA E 86 18.74 21.92 27.94
C ALA E 86 19.63 21.95 29.18
N MET E 87 20.59 21.05 29.26
CA MET E 87 21.51 21.03 30.39
C MET E 87 22.28 22.34 30.48
N LEU E 88 22.84 22.80 29.36
CA LEU E 88 23.48 24.11 29.34
C LEU E 88 22.48 25.22 29.60
N GLY E 89 21.24 25.06 29.13
CA GLY E 89 20.27 26.13 29.25
C GLY E 89 19.87 26.43 30.68
N THR E 90 19.61 25.38 31.47
CA THR E 90 19.16 25.60 32.84
C THR E 90 20.23 26.33 33.65
N VAL E 91 21.50 25.94 33.49
CA VAL E 91 22.57 26.64 34.21
C VAL E 91 22.76 28.05 33.64
N GLY E 92 22.70 28.17 32.31
CA GLY E 92 22.88 29.48 31.70
C GLY E 92 21.77 30.46 32.02
N CYS E 93 20.55 29.95 32.19
CA CYS E 93 19.42 30.82 32.52
C CYS E 93 19.44 31.23 33.98
N LEU E 94 19.89 30.36 34.88
CA LEU E 94 19.86 30.61 36.31
C LEU E 94 21.06 31.40 36.81
N THR E 95 22.22 31.27 36.13
CA THR E 95 23.45 31.84 36.66
C THR E 95 23.40 33.36 36.78
N PRO E 96 23.14 34.13 35.73
CA PRO E 96 23.16 35.60 35.90
C PRO E 96 22.10 36.10 36.86
N GLU E 97 20.96 35.44 36.93
CA GLU E 97 19.94 35.85 37.89
C GLU E 97 20.35 35.51 39.31
N ALA E 98 20.91 34.32 39.52
CA ALA E 98 21.42 33.97 40.84
C ALA E 98 22.64 34.81 41.20
N LEU E 99 23.47 35.16 40.21
CA LEU E 99 24.63 36.00 40.49
C LEU E 99 24.21 37.42 40.84
N GLU E 100 23.16 37.93 40.19
CA GLU E 100 22.72 39.30 40.48
C GLU E 100 22.00 39.37 41.82
N LYS E 101 21.14 38.40 42.12
CA LYS E 101 20.28 38.50 43.29
C LYS E 101 20.99 38.10 44.57
N TYR E 102 21.95 37.19 44.49
CA TYR E 102 22.63 36.69 45.69
C TYR E 102 24.13 36.96 45.71
N GLY E 103 24.74 37.30 44.57
CA GLY E 103 26.15 37.60 44.51
C GLY E 103 26.51 39.04 44.24
N GLY E 104 25.55 39.97 44.34
CA GLY E 104 25.84 41.39 44.19
C GLY E 104 26.44 41.79 42.86
N VAL E 105 26.26 40.99 41.83
CA VAL E 105 26.75 41.31 40.49
C VAL E 105 25.70 42.17 39.80
N GLU E 106 26.17 43.10 38.96
CA GLU E 106 25.29 44.07 38.30
C GLU E 106 25.29 43.80 36.80
N PHE E 107 24.35 42.96 36.36
CA PHE E 107 24.14 42.75 34.93
C PHE E 107 23.22 43.82 34.37
N GLY E 108 23.26 43.97 33.04
CA GLY E 108 22.26 44.81 32.38
C GLY E 108 20.86 44.24 32.51
N GLU E 109 20.70 42.95 32.16
CA GLU E 109 19.46 42.20 32.34
C GLU E 109 19.82 40.79 32.76
N ALA E 110 19.58 40.46 34.03
CA ALA E 110 20.01 39.17 34.56
C ALA E 110 18.96 38.07 34.41
N VAL E 111 17.73 38.40 34.02
CA VAL E 111 16.71 37.40 33.81
C VAL E 111 16.86 36.83 32.40
N TRP E 112 16.70 35.51 32.28
CA TRP E 112 17.07 34.83 31.05
C TRP E 112 16.27 35.36 29.86
N PHE E 113 14.96 35.52 30.03
CA PHE E 113 14.15 35.93 28.88
C PHE E 113 14.32 37.40 28.55
N LYS E 114 14.96 38.17 29.42
CA LYS E 114 15.33 39.55 29.11
C LYS E 114 16.81 39.71 28.80
N ALA E 115 17.59 38.63 28.92
CA ALA E 115 19.04 38.75 28.75
C ALA E 115 19.42 39.15 27.33
N GLY E 116 18.65 38.70 26.34
CA GLY E 116 18.94 39.06 24.96
C GLY E 116 18.82 40.54 24.68
N SER E 117 18.02 41.25 25.48
CA SER E 117 17.73 42.66 25.19
C SER E 117 18.92 43.58 25.45
N GLN E 118 19.92 43.15 26.24
CA GLN E 118 21.05 44.01 26.58
C GLN E 118 21.94 44.36 25.40
N ILE E 119 21.40 44.34 24.17
CA ILE E 119 22.15 44.72 23.00
C ILE E 119 21.61 45.99 22.35
N PHE E 120 20.35 46.35 22.62
CA PHE E 120 19.76 47.57 22.09
C PHE E 120 19.87 48.74 23.06
N ALA E 121 20.35 48.50 24.28
CA ALA E 121 20.54 49.55 25.27
C ALA E 121 21.87 50.27 25.02
N GLU E 122 22.02 51.42 25.69
CA GLU E 122 23.27 52.15 25.62
C GLU E 122 24.35 51.40 26.38
N GLY E 123 25.55 51.33 25.79
CA GLY E 123 26.63 50.57 26.36
C GLY E 123 26.69 49.13 25.91
N GLY E 124 25.58 48.55 25.50
CA GLY E 124 25.60 47.22 24.95
C GLY E 124 25.62 46.13 26.01
N LEU E 125 26.15 44.97 25.62
CA LEU E 125 26.17 43.77 26.46
C LEU E 125 27.53 43.68 27.15
N ASP E 126 27.59 44.16 28.39
CA ASP E 126 28.79 44.02 29.22
C ASP E 126 28.70 42.73 30.01
N TYR E 127 29.65 41.82 29.78
CA TYR E 127 29.66 40.54 30.49
C TYR E 127 29.92 40.79 31.97
N LEU E 128 29.08 40.21 32.83
CA LEU E 128 29.17 40.36 34.28
C LEU E 128 29.06 41.82 34.72
N GLY E 129 28.57 42.70 33.85
CA GLY E 129 28.47 44.11 34.12
C GLY E 129 29.75 44.90 33.97
N ASN E 130 30.91 44.26 33.93
CA ASN E 130 32.16 44.98 33.74
C ASN E 130 32.24 45.47 32.30
N PRO E 131 32.36 46.78 32.06
CA PRO E 131 32.43 47.28 30.68
C PRO E 131 33.68 46.84 29.92
N SER E 132 34.68 46.29 30.60
CA SER E 132 35.86 45.82 29.89
C SER E 132 35.70 44.41 29.34
N LEU E 133 34.59 43.74 29.67
CA LEU E 133 34.35 42.36 29.26
C LEU E 133 33.35 42.34 28.11
N VAL E 134 33.74 41.74 27.00
CA VAL E 134 32.91 41.63 25.80
C VAL E 134 32.46 43.00 25.32
N HIS E 135 31.45 43.58 25.98
CA HIS E 135 30.96 44.92 25.65
C HIS E 135 30.46 44.98 24.21
N ALA E 136 29.66 43.99 23.83
CA ALA E 136 29.17 43.89 22.45
C ALA E 136 28.11 44.95 22.17
N GLN E 137 28.19 45.54 20.98
CA GLN E 137 27.29 46.63 20.60
C GLN E 137 26.41 46.33 19.40
N SER E 138 26.69 45.27 18.63
CA SER E 138 25.96 44.98 17.40
C SER E 138 25.37 43.58 17.47
N ILE E 139 24.03 43.50 17.44
CA ILE E 139 23.39 42.20 17.39
C ILE E 139 23.66 41.52 16.05
N LEU E 140 23.85 42.30 14.98
CA LEU E 140 24.14 41.73 13.69
C LEU E 140 25.50 41.03 13.68
N ALA E 141 26.46 41.54 14.46
CA ALA E 141 27.76 40.90 14.57
C ALA E 141 27.67 39.62 15.40
N ILE E 142 26.97 39.69 16.54
CA ILE E 142 26.75 38.49 17.35
C ILE E 142 26.03 37.43 16.52
N CYS E 143 25.01 37.85 15.77
CA CYS E 143 24.18 36.92 15.01
C CYS E 143 24.99 36.18 13.97
N TRP E 144 25.67 36.90 13.09
CA TRP E 144 26.36 36.25 11.97
C TRP E 144 27.69 35.65 12.37
N THR E 145 28.22 35.98 13.55
CA THR E 145 29.34 35.20 14.07
C THR E 145 28.90 33.82 14.51
N GLN E 146 27.74 33.74 15.16
CA GLN E 146 27.20 32.45 15.57
C GLN E 146 26.84 31.59 14.37
N VAL E 147 26.36 32.21 13.28
CA VAL E 147 26.01 31.46 12.08
C VAL E 147 27.21 30.71 11.54
N VAL E 148 28.35 31.40 11.43
CA VAL E 148 29.55 30.77 10.88
C VAL E 148 30.08 29.71 11.85
N LEU E 149 30.21 30.07 13.13
CA LEU E 149 30.75 29.14 14.10
C LEU E 149 29.85 27.91 14.26
N MET E 150 28.56 28.14 14.55
CA MET E 150 27.66 27.00 14.74
C MET E 150 27.41 26.25 13.43
N GLY E 151 27.38 26.96 12.30
CA GLY E 151 27.23 26.29 11.02
C GLY E 151 28.31 25.26 10.79
N LEU E 152 29.57 25.64 11.04
CA LEU E 152 30.67 24.70 10.90
C LEU E 152 30.65 23.66 12.02
N ALA E 153 30.37 24.10 13.25
CA ALA E 153 30.37 23.17 14.38
C ALA E 153 29.35 22.06 14.20
N GLU E 154 28.14 22.42 13.76
CA GLU E 154 27.14 21.39 13.47
C GLU E 154 27.51 20.58 12.23
N GLY E 155 28.16 21.23 11.26
CA GLY E 155 28.65 20.51 10.10
C GLY E 155 29.69 19.47 10.46
N TYR E 156 30.58 19.80 11.40
CA TYR E 156 31.55 18.83 11.88
C TYR E 156 30.89 17.68 12.62
N ARG E 157 29.71 17.90 13.19
CA ARG E 157 29.05 16.85 13.96
C ARG E 157 28.55 15.75 13.04
N CYS E 158 28.06 16.09 11.85
CA CYS E 158 27.49 15.09 10.95
C CYS E 158 28.55 14.39 10.12
N SER E 159 29.63 15.09 9.74
CA SER E 159 30.60 14.55 8.80
C SER E 159 32.05 14.64 9.28
N GLY E 160 32.30 15.06 10.51
CA GLY E 160 33.65 15.15 11.02
C GLY E 160 34.31 16.47 10.63
N GLY E 161 35.48 16.69 11.22
CA GLY E 161 36.25 17.89 10.97
C GLY E 161 37.55 17.94 11.75
N PRO E 162 37.90 19.14 12.24
CA PRO E 162 39.19 19.28 12.94
C PRO E 162 39.31 18.39 14.16
N LEU E 163 38.22 18.17 14.91
CA LEU E 163 38.32 17.44 16.17
C LEU E 163 38.04 15.95 16.01
N GLY E 164 38.11 15.43 14.79
CA GLY E 164 38.00 14.01 14.55
C GLY E 164 36.87 13.69 13.59
N GLU E 165 36.72 12.40 13.31
CA GLU E 165 35.64 11.94 12.45
C GLU E 165 34.44 11.52 13.29
N ALA E 166 33.24 11.72 12.73
CA ALA E 166 31.98 11.47 13.43
C ALA E 166 31.65 9.97 13.40
N THR E 167 32.37 9.22 14.23
CA THR E 167 32.20 7.77 14.27
C THR E 167 30.84 7.36 14.83
N ASP E 168 30.26 8.17 15.71
CA ASP E 168 28.98 7.87 16.33
C ASP E 168 28.22 9.17 16.46
N PRO E 169 26.93 9.19 16.10
CA PRO E 169 26.18 10.46 16.08
C PRO E 169 25.97 11.10 17.44
N LEU E 170 26.12 10.34 18.53
CA LEU E 170 25.85 10.89 19.85
C LEU E 170 27.03 10.68 20.80
N TYR E 171 27.75 9.57 20.65
CA TYR E 171 28.83 9.20 21.57
C TYR E 171 30.12 8.96 20.80
N PRO E 172 30.75 10.02 20.27
CA PRO E 172 32.02 9.85 19.55
C PRO E 172 33.19 9.64 20.51
N GLY E 173 33.20 10.39 21.62
CA GLY E 173 34.15 10.23 22.69
C GLY E 173 35.63 10.21 22.32
N GLU E 174 36.00 10.93 21.26
CA GLU E 174 37.42 11.06 20.93
C GLU E 174 37.98 12.29 21.60
N ALA E 175 38.00 13.42 20.88
CA ALA E 175 38.34 14.69 21.51
C ALA E 175 37.27 15.12 22.51
N PHE E 176 36.09 14.55 22.44
CA PHE E 176 34.98 14.91 23.31
C PHE E 176 34.88 14.01 24.53
N ASP E 177 35.86 13.12 24.73
CA ASP E 177 36.05 12.41 25.99
C ASP E 177 37.53 12.49 26.35
N PRO E 178 38.03 13.70 26.65
CA PRO E 178 39.47 13.82 26.94
C PRO E 178 39.89 13.08 28.19
N MET E 179 39.04 13.06 29.22
CA MET E 179 39.35 12.32 30.44
C MET E 179 38.97 10.85 30.36
N GLY E 180 38.53 10.37 29.19
CA GLY E 180 38.29 8.96 28.98
C GLY E 180 37.34 8.30 29.97
N MET E 181 36.30 9.03 30.41
CA MET E 181 35.35 8.48 31.36
C MET E 181 34.45 7.40 30.77
N ALA E 182 34.41 7.25 29.45
CA ALA E 182 33.55 6.27 28.80
C ALA E 182 34.32 5.04 28.32
N ASP E 183 35.51 4.78 28.86
CA ASP E 183 36.33 3.67 28.38
C ASP E 183 35.85 2.32 28.88
N ASP E 184 35.29 2.23 30.08
CA ASP E 184 34.79 0.96 30.59
C ASP E 184 33.40 0.69 30.03
N PRO E 185 33.19 -0.40 29.29
CA PRO E 185 31.87 -0.65 28.69
C PRO E 185 30.72 -0.73 29.68
N GLU E 186 30.96 -1.23 30.90
CA GLU E 186 29.86 -1.39 31.84
C GLU E 186 29.46 -0.05 32.45
N THR E 187 30.43 0.73 32.90
CA THR E 187 30.11 2.06 33.42
C THR E 187 29.66 2.99 32.29
N PHE E 188 30.11 2.73 31.07
CA PHE E 188 29.62 3.48 29.91
C PHE E 188 28.11 3.38 29.81
N ALA E 189 27.57 2.16 29.94
CA ALA E 189 26.13 1.96 29.86
C ALA E 189 25.40 2.71 30.96
N GLU E 190 25.98 2.76 32.17
CA GLU E 190 25.35 3.48 33.25
C GLU E 190 25.50 4.99 33.09
N LEU E 191 26.62 5.44 32.52
CA LEU E 191 26.80 6.87 32.29
C LEU E 191 25.84 7.38 31.23
N LYS E 192 25.60 6.59 30.18
CA LYS E 192 24.57 6.94 29.21
C LYS E 192 23.23 7.14 29.91
N THR E 193 22.90 6.26 30.85
CA THR E 193 21.65 6.39 31.60
C THR E 193 21.63 7.69 32.41
N LYS E 194 22.69 7.95 33.17
CA LYS E 194 22.74 9.18 33.95
C LYS E 194 22.61 10.41 33.05
N GLU E 195 23.20 10.35 31.85
CA GLU E 195 23.15 11.48 30.94
C GLU E 195 21.73 11.76 30.47
N ILE E 196 21.01 10.75 30.02
CA ILE E 196 19.70 11.00 29.44
C ILE E 196 18.69 11.34 30.52
N LYS E 197 18.88 10.83 31.74
CA LYS E 197 17.94 11.17 32.81
C LYS E 197 18.14 12.61 33.26
N ASN E 198 19.40 13.05 33.40
CA ASN E 198 19.66 14.46 33.69
C ASN E 198 19.17 15.35 32.57
N GLY E 199 19.21 14.87 31.32
CA GLY E 199 18.79 15.69 30.20
C GLY E 199 17.29 15.85 30.11
N ARG E 200 16.55 14.75 30.30
CA ARG E 200 15.09 14.84 30.33
C ARG E 200 14.62 15.76 31.44
N LEU E 201 15.30 15.74 32.58
CA LEU E 201 14.99 16.68 33.65
C LEU E 201 15.28 18.12 33.24
N ALA E 202 16.38 18.34 32.50
CA ALA E 202 16.72 19.69 32.08
C ALA E 202 15.73 20.21 31.04
N MET E 203 15.36 19.38 30.07
CA MET E 203 14.33 19.77 29.11
C MET E 203 13.01 20.07 29.84
N PHE E 204 12.62 19.19 30.76
CA PHE E 204 11.40 19.41 31.52
C PHE E 204 11.48 20.71 32.33
N ALA E 205 12.67 21.03 32.86
CA ALA E 205 12.83 22.27 33.61
C ALA E 205 12.86 23.48 32.68
N MET E 206 13.52 23.36 31.53
CA MET E 206 13.51 24.46 30.57
C MET E 206 12.09 24.76 30.11
N PHE E 207 11.28 23.72 29.91
CA PHE E 207 9.86 23.94 29.66
C PHE E 207 9.18 24.61 30.84
N GLY E 208 9.61 24.26 32.05
CA GLY E 208 9.15 24.99 33.23
C GLY E 208 9.50 26.47 33.13
N PHE E 209 10.75 26.78 32.81
CA PHE E 209 11.16 28.17 32.63
C PHE E 209 10.26 28.89 31.64
N PHE E 210 9.98 28.25 30.50
CA PHE E 210 9.23 28.90 29.43
C PHE E 210 7.84 29.29 29.88
N VAL E 211 7.08 28.33 30.43
CA VAL E 211 5.71 28.63 30.84
C VAL E 211 5.70 29.50 32.11
N GLN E 212 6.65 29.25 33.01
CA GLN E 212 6.74 30.06 34.22
C GLN E 212 6.96 31.53 33.88
N SER E 213 7.76 31.81 32.85
CA SER E 213 8.02 33.20 32.46
C SER E 213 6.80 33.83 31.80
N LEU E 214 6.12 33.08 30.93
CA LEU E 214 4.89 33.57 30.33
C LEU E 214 3.83 33.85 31.39
N GLN E 215 3.72 32.97 32.38
CA GLN E 215 2.62 33.06 33.34
C GLN E 215 2.90 34.10 34.43
N THR E 216 4.07 34.02 35.07
CA THR E 216 4.36 34.93 36.17
C THR E 216 5.03 36.22 35.71
N GLY E 217 5.79 36.18 34.62
CA GLY E 217 6.53 37.35 34.21
C GLY E 217 7.79 37.59 34.99
N LYS E 218 8.18 36.65 35.84
CA LYS E 218 9.34 36.76 36.71
C LYS E 218 10.35 35.69 36.34
N GLY E 219 11.56 35.83 36.87
CA GLY E 219 12.61 34.87 36.61
C GLY E 219 12.43 33.62 37.43
N PRO E 220 13.06 32.52 36.99
CA PRO E 220 12.91 31.25 37.72
C PRO E 220 13.37 31.33 39.16
N VAL E 221 14.49 32.00 39.41
CA VAL E 221 14.97 32.17 40.78
C VAL E 221 13.98 32.97 41.60
N GLU E 222 13.49 34.08 41.04
CA GLU E 222 12.55 34.92 41.77
C GLU E 222 11.26 34.17 42.05
N CYS E 223 10.78 33.37 41.10
CA CYS E 223 9.64 32.51 41.35
C CYS E 223 9.92 31.56 42.50
N TRP E 224 11.09 30.93 42.45
CA TRP E 224 11.50 29.98 43.48
C TRP E 224 11.59 30.67 44.84
N ALA E 225 12.18 31.85 44.88
CA ALA E 225 12.28 32.59 46.14
C ALA E 225 10.90 33.01 46.63
N GLU E 226 10.07 33.54 45.74
CA GLU E 226 8.72 33.92 46.11
C GLU E 226 7.91 32.72 46.59
N HIS E 227 8.12 31.57 45.97
CA HIS E 227 7.31 30.39 46.31
C HIS E 227 7.63 29.89 47.70
N ILE E 228 8.90 29.61 47.99
CA ILE E 228 9.28 29.07 49.28
C ILE E 228 8.94 30.02 50.42
N ALA E 229 8.75 31.31 50.13
CA ALA E 229 8.35 32.26 51.16
C ALA E 229 6.94 31.98 51.64
N ASP E 230 6.02 31.73 50.70
CA ASP E 230 4.63 31.38 51.04
C ASP E 230 4.13 30.38 50.01
N PRO E 231 4.47 29.11 50.17
CA PRO E 231 4.16 28.13 49.12
C PRO E 231 2.68 27.92 48.89
N VAL E 232 1.84 28.10 49.92
CA VAL E 232 0.42 27.91 49.73
C VAL E 232 -0.19 29.07 48.96
N ALA E 233 0.40 30.27 49.07
CA ALA E 233 -0.13 31.45 48.41
C ALA E 233 0.66 31.88 47.18
N ASN E 234 1.91 31.45 47.04
CA ASN E 234 2.74 31.83 45.91
C ASN E 234 3.04 30.61 45.06
N ASN E 235 2.02 30.15 44.35
CA ASN E 235 2.16 29.01 43.44
C ASN E 235 1.50 29.31 42.10
N GLY E 236 1.44 28.33 41.21
CA GLY E 236 1.02 28.59 39.84
C GLY E 236 -0.43 29.01 39.71
N PHE E 237 -1.32 28.47 40.54
CA PHE E 237 -2.74 28.73 40.39
C PHE E 237 -3.12 30.18 40.61
N VAL E 238 -2.21 31.00 41.12
CA VAL E 238 -2.47 32.43 41.21
C VAL E 238 -2.66 33.03 39.81
N TYR E 239 -2.04 32.40 38.81
CA TYR E 239 -2.04 32.92 37.45
C TYR E 239 -2.83 32.04 36.49
N ALA E 240 -3.71 31.18 37.01
CA ALA E 240 -4.42 30.24 36.16
C ALA E 240 -5.42 30.90 35.22
N THR E 241 -5.85 32.13 35.52
CA THR E 241 -6.85 32.78 34.68
C THR E 241 -6.28 33.35 33.39
N LYS E 242 -4.98 33.25 33.16
CA LYS E 242 -4.38 33.70 31.91
C LYS E 242 -3.86 32.51 31.12
N PHE E 243 -4.00 32.60 29.80
CA PHE E 243 -3.59 31.54 28.88
C PHE E 243 -2.18 31.85 28.38
N PHE E 244 -1.18 31.23 29.00
CA PHE E 244 0.22 31.42 28.64
C PHE E 244 0.59 32.89 28.61
N GLY E 245 0.08 33.65 29.57
CA GLY E 245 0.39 35.05 29.68
C GLY E 245 -0.76 35.97 29.35
N ALA E 246 -1.53 35.63 28.33
CA ALA E 246 -2.62 36.48 27.86
C ALA E 246 -3.78 36.43 28.82
N GLN E 247 -4.24 37.60 29.29
CA GLN E 247 -5.38 37.65 30.21
C GLN E 247 -6.65 37.84 29.38
N ILE E 248 -7.09 36.74 28.78
CA ILE E 248 -8.34 36.72 28.02
C ILE E 248 -9.45 36.31 28.97
N PHE E 249 -10.70 36.56 28.58
CA PHE E 249 -11.88 36.26 29.40
C PHE E 249 -11.85 37.11 30.67
N VAL F 27 -22.79 -4.53 4.40
CA VAL F 27 -22.37 -3.47 5.31
C VAL F 27 -21.78 -2.30 4.50
N GLU F 28 -21.87 -1.09 5.05
CA GLU F 28 -21.35 0.09 4.36
C GLU F 28 -20.43 0.92 5.24
N PHE F 29 -19.97 0.38 6.36
CA PHE F 29 -18.98 1.03 7.21
C PHE F 29 -17.80 0.12 7.50
N TYR F 30 -17.71 -1.03 6.82
CA TYR F 30 -16.56 -1.91 6.92
C TYR F 30 -16.31 -2.52 5.55
N GLY F 31 -15.14 -3.16 5.41
CA GLY F 31 -14.84 -3.91 4.22
C GLY F 31 -14.64 -3.02 3.01
N PRO F 32 -14.50 -3.64 1.83
CA PRO F 32 -14.15 -2.86 0.63
C PRO F 32 -15.27 -1.98 0.09
N ASP F 33 -16.53 -2.18 0.46
CA ASP F 33 -17.62 -1.37 -0.07
C ASP F 33 -18.14 -0.36 0.95
N ARG F 34 -17.25 0.08 1.84
CA ARG F 34 -17.64 0.98 2.91
C ARG F 34 -17.68 2.42 2.42
N ALA F 35 -18.17 3.29 3.28
CA ALA F 35 -18.20 4.72 2.98
C ALA F 35 -16.82 5.32 3.16
N LEU F 36 -16.44 6.21 2.24
CA LEU F 36 -15.12 6.84 2.24
C LEU F 36 -15.25 8.35 2.39
N TRP F 37 -14.11 8.99 2.69
CA TRP F 37 -14.06 10.39 3.11
C TRP F 37 -14.13 11.39 1.96
N LEU F 38 -14.28 10.96 0.72
CA LEU F 38 -14.49 11.91 -0.38
C LEU F 38 -15.69 11.54 -1.24
N GLY F 39 -16.56 10.66 -0.75
CA GLY F 39 -17.73 10.24 -1.49
C GLY F 39 -17.36 9.59 -2.81
N PRO F 40 -17.97 10.06 -3.89
CA PRO F 40 -17.68 9.47 -5.21
C PRO F 40 -16.26 9.72 -5.67
N TYR F 41 -15.62 10.79 -5.18
CA TYR F 41 -14.25 11.15 -5.53
C TYR F 41 -13.21 10.45 -4.66
N SER F 42 -13.53 9.29 -4.10
CA SER F 42 -12.66 8.63 -3.13
C SER F 42 -11.74 7.55 -3.71
N GLU F 43 -11.98 7.09 -4.95
CA GLU F 43 -11.23 5.93 -5.45
C GLU F 43 -9.73 6.14 -5.38
N GLY F 44 -9.25 7.32 -5.74
CA GLY F 44 -7.83 7.57 -5.76
C GLY F 44 -7.25 8.11 -4.48
N ALA F 45 -8.01 8.09 -3.38
CA ALA F 45 -7.58 8.73 -2.15
C ALA F 45 -7.83 7.86 -0.93
N VAL F 46 -7.59 6.55 -1.05
CA VAL F 46 -7.70 5.62 0.07
C VAL F 46 -6.44 4.78 0.14
N PRO F 47 -5.65 4.86 1.22
CA PRO F 47 -4.39 4.12 1.27
C PRO F 47 -4.61 2.62 1.37
N SER F 48 -3.61 1.87 0.88
CA SER F 48 -3.71 0.41 0.86
C SER F 48 -3.80 -0.17 2.26
N TYR F 49 -3.28 0.55 3.27
CA TYR F 49 -3.32 0.00 4.61
C TYR F 49 -4.63 0.29 5.33
N LEU F 50 -5.49 1.13 4.77
CA LEU F 50 -6.83 1.34 5.34
C LEU F 50 -7.79 0.42 4.60
N THR F 51 -7.98 -0.76 5.16
CA THR F 51 -8.68 -1.86 4.52
C THR F 51 -10.10 -2.03 5.05
N GLY F 52 -10.54 -1.13 5.92
CA GLY F 52 -11.80 -1.31 6.62
C GLY F 52 -11.45 -1.79 8.01
N GLU F 53 -11.72 -3.04 8.29
CA GLU F 53 -11.48 -3.70 9.57
C GLU F 53 -11.79 -2.91 10.84
N PHE F 54 -11.29 -1.63 10.95
CA PHE F 54 -11.50 -0.98 12.23
C PHE F 54 -12.61 0.06 12.12
N PRO F 55 -13.30 0.34 13.22
CA PRO F 55 -14.38 1.33 13.19
C PRO F 55 -13.83 2.70 12.82
N GLY F 56 -14.63 3.45 12.05
CA GLY F 56 -14.25 4.78 11.63
C GLY F 56 -13.35 4.86 10.42
N ASP F 57 -13.07 3.72 9.78
CA ASP F 57 -12.20 3.73 8.59
C ASP F 57 -12.91 4.30 7.38
N TYR F 58 -12.86 5.63 7.21
CA TYR F 58 -13.32 6.26 5.99
C TYR F 58 -12.22 6.40 4.96
N GLY F 59 -11.10 5.72 5.15
CA GLY F 59 -10.00 5.79 4.20
C GLY F 59 -9.24 7.10 4.18
N TRP F 60 -9.29 7.87 5.27
CA TRP F 60 -8.61 9.15 5.36
C TRP F 60 -7.29 8.97 6.12
N ASP F 61 -6.18 9.00 5.39
CA ASP F 61 -4.88 9.24 6.01
C ASP F 61 -3.97 9.89 4.98
N SER F 62 -4.42 11.05 4.47
CA SER F 62 -3.69 11.71 3.39
C SER F 62 -2.27 12.07 3.78
N ALA F 63 -2.04 12.37 5.06
CA ALA F 63 -0.69 12.69 5.54
C ALA F 63 0.16 11.45 5.79
N GLY F 64 -0.36 10.26 5.50
CA GLY F 64 0.40 9.06 5.74
C GLY F 64 0.90 8.92 7.15
N LEU F 65 0.10 9.37 8.13
CA LEU F 65 0.51 9.26 9.53
C LEU F 65 0.28 7.87 10.11
N SER F 66 -0.47 6.99 9.44
CA SER F 66 -0.72 5.65 9.97
C SER F 66 -0.25 4.54 9.03
N ALA F 67 0.69 4.84 8.13
CA ALA F 67 1.19 3.81 7.22
C ALA F 67 1.87 2.68 8.00
N ASP F 68 2.57 3.01 9.07
CA ASP F 68 3.15 1.94 9.87
C ASP F 68 2.05 1.26 10.68
N PRO F 69 1.93 -0.06 10.60
CA PRO F 69 0.84 -0.74 11.32
C PRO F 69 0.84 -0.53 12.82
N GLU F 70 2.01 -0.43 13.45
CA GLU F 70 2.04 -0.24 14.90
C GLU F 70 1.62 1.17 15.28
N THR F 71 2.10 2.18 14.54
CA THR F 71 1.66 3.54 14.79
C THR F 71 0.16 3.66 14.60
N PHE F 72 -0.37 3.02 13.55
CA PHE F 72 -1.80 3.05 13.30
C PHE F 72 -2.57 2.51 14.51
N ALA F 73 -2.04 1.48 15.16
CA ALA F 73 -2.71 0.96 16.35
C ALA F 73 -2.75 2.00 17.45
N ALA F 74 -1.64 2.71 17.67
CA ALA F 74 -1.63 3.74 18.71
C ALA F 74 -2.58 4.87 18.36
N ASN F 75 -2.60 5.28 17.09
CA ASN F 75 -3.45 6.39 16.67
C ASN F 75 -4.93 6.06 16.82
N ARG F 76 -5.30 4.79 16.65
CA ARG F 76 -6.68 4.41 16.91
C ARG F 76 -6.99 4.53 18.39
N GLU F 77 -6.01 4.21 19.25
CA GLU F 77 -6.21 4.35 20.69
C GLU F 77 -6.25 5.82 21.10
N LEU F 78 -5.35 6.64 20.55
CA LEU F 78 -5.39 8.08 20.82
C LEU F 78 -6.74 8.68 20.42
N GLU F 79 -7.22 8.36 19.22
CA GLU F 79 -8.44 8.96 18.71
C GLU F 79 -9.65 8.63 19.57
N LEU F 80 -9.87 7.35 19.84
CA LEU F 80 -11.09 6.97 20.55
C LEU F 80 -11.06 7.45 21.99
N ILE F 81 -9.91 7.36 22.65
CA ILE F 81 -9.79 7.91 24.00
C ILE F 81 -10.10 9.40 23.98
N HIS F 82 -9.61 10.11 22.96
CA HIS F 82 -10.00 11.51 22.77
C HIS F 82 -11.50 11.63 22.58
N ALA F 83 -12.05 10.81 21.68
CA ALA F 83 -13.47 10.89 21.35
C ALA F 83 -14.35 10.68 22.58
N ARG F 84 -13.92 9.81 23.50
CA ARG F 84 -14.70 9.61 24.72
C ARG F 84 -14.59 10.81 25.64
N TRP F 85 -13.40 11.40 25.75
CA TRP F 85 -13.24 12.63 26.53
C TRP F 85 -13.99 13.79 25.90
N ALA F 86 -14.01 13.86 24.57
CA ALA F 86 -14.71 14.96 23.92
C ALA F 86 -16.22 14.82 24.14
N MET F 87 -16.73 13.59 24.09
CA MET F 87 -18.14 13.34 24.33
C MET F 87 -18.57 13.84 25.70
N LEU F 88 -17.80 13.51 26.75
CA LEU F 88 -18.08 14.09 28.06
C LEU F 88 -17.91 15.59 28.05
N GLY F 89 -16.96 16.10 27.26
CA GLY F 89 -16.67 17.52 27.27
C GLY F 89 -17.83 18.35 26.72
N THR F 90 -18.39 17.92 25.59
CA THR F 90 -19.47 18.69 24.96
C THR F 90 -20.65 18.78 25.92
N VAL F 91 -21.01 17.68 26.56
CA VAL F 91 -22.11 17.72 27.53
C VAL F 91 -21.71 18.47 28.79
N GLY F 92 -20.49 18.23 29.28
CA GLY F 92 -20.07 18.86 30.52
C GLY F 92 -19.97 20.36 30.39
N CYS F 93 -19.58 20.84 29.21
CA CYS F 93 -19.48 22.29 29.02
C CYS F 93 -20.84 22.93 28.80
N LEU F 94 -21.77 22.21 28.17
CA LEU F 94 -23.05 22.82 27.81
C LEU F 94 -24.06 22.79 28.96
N THR F 95 -23.96 21.80 29.86
CA THR F 95 -25.00 21.62 30.86
C THR F 95 -25.13 22.82 31.80
N PRO F 96 -24.08 23.25 32.51
CA PRO F 96 -24.28 24.39 33.44
C PRO F 96 -24.67 25.68 32.75
N GLU F 97 -24.20 25.93 31.53
CA GLU F 97 -24.61 27.15 30.85
C GLU F 97 -26.07 27.07 30.42
N ALA F 98 -26.50 25.90 29.93
CA ALA F 98 -27.91 25.71 29.61
C ALA F 98 -28.78 25.72 30.86
N LEU F 99 -28.26 25.18 31.97
CA LEU F 99 -29.02 25.20 33.21
C LEU F 99 -29.17 26.62 33.74
N GLU F 100 -28.14 27.44 33.57
CA GLU F 100 -28.23 28.82 34.03
C GLU F 100 -29.16 29.63 33.14
N LYS F 101 -29.06 29.44 31.82
CA LYS F 101 -29.78 30.29 30.89
C LYS F 101 -31.22 29.83 30.67
N TYR F 102 -31.50 28.53 30.78
CA TYR F 102 -32.85 28.04 30.51
C TYR F 102 -33.50 27.33 31.69
N GLY F 103 -32.74 26.93 32.71
CA GLY F 103 -33.31 26.28 33.88
C GLY F 103 -33.29 27.10 35.15
N GLY F 104 -33.01 28.40 35.08
CA GLY F 104 -33.04 29.25 36.26
C GLY F 104 -32.08 28.85 37.35
N VAL F 105 -31.03 28.10 37.02
CA VAL F 105 -30.03 27.69 38.00
C VAL F 105 -29.01 28.82 38.13
N GLU F 106 -28.48 28.99 39.33
CA GLU F 106 -27.54 30.08 39.62
C GLU F 106 -26.18 29.45 39.96
N PHE F 107 -25.35 29.28 38.95
CA PHE F 107 -23.99 28.84 39.19
C PHE F 107 -23.12 30.04 39.52
N GLY F 108 -21.99 29.78 40.17
CA GLY F 108 -21.00 30.84 40.36
C GLY F 108 -20.44 31.32 39.04
N GLU F 109 -19.98 30.38 38.21
CA GLU F 109 -19.54 30.65 36.85
C GLU F 109 -19.98 29.46 35.99
N ALA F 110 -21.00 29.66 35.17
CA ALA F 110 -21.63 28.57 34.43
C ALA F 110 -21.05 28.34 33.04
N VAL F 111 -20.21 29.23 32.55
CA VAL F 111 -19.57 29.05 31.25
C VAL F 111 -18.32 28.22 31.41
N TRP F 112 -18.09 27.29 30.48
CA TRP F 112 -17.07 26.27 30.67
C TRP F 112 -15.68 26.89 30.82
N PHE F 113 -15.33 27.85 29.97
CA PHE F 113 -13.98 28.41 30.01
C PHE F 113 -13.77 29.36 31.17
N LYS F 114 -14.83 29.78 31.85
CA LYS F 114 -14.69 30.52 33.09
C LYS F 114 -14.98 29.66 34.32
N ALA F 115 -15.41 28.42 34.12
CA ALA F 115 -15.81 27.61 35.26
C ALA F 115 -14.65 27.30 36.19
N GLY F 116 -13.44 27.12 35.65
CA GLY F 116 -12.32 26.80 36.52
C GLY F 116 -12.01 27.90 37.51
N SER F 117 -12.31 29.15 37.16
CA SER F 117 -11.94 30.28 38.00
C SER F 117 -12.84 30.43 39.22
N GLN F 118 -14.03 29.81 39.22
CA GLN F 118 -14.95 30.00 40.33
C GLN F 118 -14.44 29.38 41.63
N ILE F 119 -13.35 28.63 41.58
CA ILE F 119 -12.74 28.12 42.81
C ILE F 119 -12.10 29.25 43.60
N PHE F 120 -11.71 30.34 42.93
CA PHE F 120 -11.05 31.46 43.60
C PHE F 120 -12.02 32.50 44.14
N ALA F 121 -13.31 32.39 43.85
CA ALA F 121 -14.28 33.34 44.36
C ALA F 121 -14.68 32.99 45.79
N GLU F 122 -15.38 33.93 46.43
CA GLU F 122 -15.88 33.68 47.78
C GLU F 122 -16.99 32.65 47.75
N GLY F 123 -16.99 31.75 48.73
CA GLY F 123 -17.93 30.66 48.78
C GLY F 123 -17.45 29.39 48.09
N GLY F 124 -16.53 29.50 47.15
CA GLY F 124 -15.94 28.33 46.54
C GLY F 124 -16.81 27.76 45.43
N LEU F 125 -16.60 26.47 45.18
CA LEU F 125 -17.28 25.77 44.08
C LEU F 125 -18.47 25.01 44.63
N ASP F 126 -19.65 25.65 44.55
CA ASP F 126 -20.91 25.02 44.92
C ASP F 126 -21.52 24.34 43.71
N TYR F 127 -21.72 23.03 43.80
CA TYR F 127 -22.33 22.30 42.70
C TYR F 127 -23.77 22.77 42.53
N LEU F 128 -24.14 23.13 41.30
CA LEU F 128 -25.45 23.67 40.97
C LEU F 128 -25.77 24.95 41.75
N GLY F 129 -24.76 25.60 42.32
CA GLY F 129 -24.96 26.78 43.13
C GLY F 129 -25.42 26.52 44.56
N ASN F 130 -25.89 25.32 44.86
CA ASN F 130 -26.32 24.98 46.21
C ASN F 130 -25.10 24.89 47.12
N PRO F 131 -25.02 25.69 48.18
CA PRO F 131 -23.83 25.66 49.04
C PRO F 131 -23.61 24.36 49.79
N SER F 132 -24.60 23.47 49.84
CA SER F 132 -24.46 22.19 50.50
C SER F 132 -23.88 21.12 49.60
N LEU F 133 -23.67 21.41 48.32
CA LEU F 133 -23.18 20.43 47.35
C LEU F 133 -21.71 20.70 47.06
N VAL F 134 -20.87 19.68 47.30
CA VAL F 134 -19.43 19.75 47.10
C VAL F 134 -18.86 20.89 47.95
N HIS F 135 -19.04 22.13 47.49
CA HIS F 135 -18.59 23.31 48.22
C HIS F 135 -17.08 23.31 48.42
N ALA F 136 -16.36 22.99 47.35
CA ALA F 136 -14.91 22.86 47.42
C ALA F 136 -14.25 24.23 47.52
N GLN F 137 -13.23 24.32 48.37
CA GLN F 137 -12.54 25.58 48.64
C GLN F 137 -11.06 25.60 48.27
N SER F 138 -10.45 24.45 48.00
CA SER F 138 -9.01 24.36 47.79
C SER F 138 -8.71 23.77 46.43
N ILE F 139 -8.07 24.56 45.55
CA ILE F 139 -7.68 24.06 44.24
C ILE F 139 -6.57 23.03 44.36
N LEU F 140 -5.69 23.18 45.35
CA LEU F 140 -4.63 22.19 45.55
C LEU F 140 -5.21 20.85 45.98
N ALA F 141 -6.33 20.86 46.70
CA ALA F 141 -6.99 19.61 47.08
C ALA F 141 -7.68 18.98 45.88
N ILE F 142 -8.37 19.78 45.07
CA ILE F 142 -8.95 19.28 43.83
C ILE F 142 -7.86 18.71 42.92
N CYS F 143 -6.76 19.43 42.79
CA CYS F 143 -5.70 19.04 41.86
C CYS F 143 -5.08 17.71 42.25
N TRP F 144 -4.55 17.61 43.48
CA TRP F 144 -3.76 16.44 43.85
C TRP F 144 -4.61 15.22 44.23
N THR F 145 -5.91 15.39 44.46
CA THR F 145 -6.77 14.20 44.49
C THR F 145 -6.96 13.65 43.09
N GLN F 146 -7.13 14.54 42.11
CA GLN F 146 -7.28 14.11 40.73
C GLN F 146 -6.03 13.38 40.24
N VAL F 147 -4.85 13.85 40.66
CA VAL F 147 -3.62 13.20 40.25
C VAL F 147 -3.62 11.75 40.74
N VAL F 148 -3.96 11.55 42.01
CA VAL F 148 -3.99 10.19 42.57
C VAL F 148 -5.12 9.38 41.93
N LEU F 149 -6.33 9.95 41.89
CA LEU F 149 -7.47 9.20 41.35
C LEU F 149 -7.29 8.91 39.87
N MET F 150 -7.04 9.95 39.05
CA MET F 150 -6.87 9.73 37.62
C MET F 150 -5.59 8.97 37.30
N GLY F 151 -4.52 9.20 38.06
CA GLY F 151 -3.31 8.44 37.86
C GLY F 151 -3.52 6.94 38.00
N LEU F 152 -4.26 6.54 39.03
CA LEU F 152 -4.55 5.12 39.21
C LEU F 152 -5.53 4.62 38.14
N ALA F 153 -6.58 5.40 37.84
CA ALA F 153 -7.57 4.96 36.88
C ALA F 153 -6.94 4.73 35.51
N GLU F 154 -6.07 5.65 35.08
CA GLU F 154 -5.36 5.46 33.82
C GLU F 154 -4.34 4.32 33.92
N GLY F 155 -3.74 4.15 35.10
CA GLY F 155 -2.87 3.00 35.29
C GLY F 155 -3.62 1.69 35.18
N TYR F 156 -4.83 1.64 35.74
CA TYR F 156 -5.66 0.45 35.61
C TYR F 156 -6.08 0.20 34.18
N ARG F 157 -6.12 1.25 33.36
CA ARG F 157 -6.57 1.10 31.98
C ARG F 157 -5.54 0.34 31.16
N CYS F 158 -4.26 0.59 31.42
CA CYS F 158 -3.19 -0.02 30.61
C CYS F 158 -2.81 -1.42 31.09
N SER F 159 -2.88 -1.68 32.40
CA SER F 159 -2.35 -2.93 32.95
C SER F 159 -3.35 -3.67 33.83
N GLY F 160 -4.61 -3.24 33.87
CA GLY F 160 -5.62 -3.89 34.68
C GLY F 160 -5.59 -3.44 36.12
N GLY F 161 -6.64 -3.81 36.85
CA GLY F 161 -6.77 -3.41 38.23
C GLY F 161 -8.02 -3.93 38.89
N PRO F 162 -8.64 -3.10 39.74
CA PRO F 162 -9.79 -3.58 40.52
C PRO F 162 -10.97 -4.05 39.71
N LEU F 163 -11.29 -3.40 38.58
CA LEU F 163 -12.47 -3.74 37.81
C LEU F 163 -12.18 -4.68 36.64
N GLY F 164 -11.09 -5.42 36.70
CA GLY F 164 -10.80 -6.44 35.70
C GLY F 164 -9.46 -6.22 35.02
N GLU F 165 -9.19 -7.11 34.07
CA GLU F 165 -7.96 -7.07 33.30
C GLU F 165 -8.15 -6.24 32.03
N ALA F 166 -7.07 -5.60 31.61
CA ALA F 166 -7.09 -4.75 30.41
C ALA F 166 -6.99 -5.63 29.17
N THR F 167 -8.11 -6.30 28.86
CA THR F 167 -8.14 -7.23 27.74
C THR F 167 -7.97 -6.53 26.40
N ASP F 168 -8.44 -5.29 26.29
CA ASP F 168 -8.39 -4.57 25.06
C ASP F 168 -8.14 -3.11 25.42
N PRO F 169 -7.26 -2.42 24.69
CA PRO F 169 -6.94 -1.03 25.06
C PRO F 169 -8.14 -0.11 24.97
N LEU F 170 -9.19 -0.52 24.26
CA LEU F 170 -10.36 0.32 24.07
C LEU F 170 -11.65 -0.36 24.48
N TYR F 171 -11.76 -1.66 24.30
CA TYR F 171 -13.01 -2.38 24.55
C TYR F 171 -12.76 -3.54 25.51
N PRO F 172 -12.54 -3.24 26.80
CA PRO F 172 -12.35 -4.35 27.75
C PRO F 172 -13.64 -5.07 28.05
N GLY F 173 -14.75 -4.34 28.15
CA GLY F 173 -16.07 -4.91 28.32
C GLY F 173 -16.24 -5.91 29.44
N GLU F 174 -15.47 -5.74 30.51
CA GLU F 174 -15.68 -6.58 31.68
C GLU F 174 -16.65 -5.87 32.60
N ALA F 175 -16.13 -5.14 33.58
CA ALA F 175 -16.98 -4.27 34.38
C ALA F 175 -17.52 -3.10 33.57
N PHE F 176 -16.90 -2.79 32.44
CA PHE F 176 -17.26 -1.63 31.63
C PHE F 176 -18.28 -1.95 30.55
N ASP F 177 -18.82 -3.16 30.54
CA ASP F 177 -20.02 -3.50 29.78
C ASP F 177 -20.95 -4.29 30.70
N PRO F 178 -21.45 -3.67 31.77
CA PRO F 178 -22.31 -4.41 32.69
C PRO F 178 -23.63 -4.82 32.07
N MET F 179 -24.20 -3.99 31.19
CA MET F 179 -25.45 -4.31 30.51
C MET F 179 -25.26 -5.18 29.28
N GLY F 180 -24.04 -5.64 29.02
CA GLY F 180 -23.82 -6.60 27.95
C GLY F 180 -24.34 -6.16 26.59
N MET F 181 -24.24 -4.86 26.28
CA MET F 181 -24.71 -4.40 24.98
C MET F 181 -23.80 -4.84 23.85
N ALA F 182 -22.60 -5.32 24.15
CA ALA F 182 -21.64 -5.78 23.15
C ALA F 182 -21.55 -7.30 23.08
N ASP F 183 -22.56 -8.02 23.58
CA ASP F 183 -22.49 -9.47 23.60
C ASP F 183 -22.69 -10.05 22.21
N ASP F 184 -23.51 -9.39 21.38
CA ASP F 184 -23.70 -9.85 20.00
C ASP F 184 -22.55 -9.34 19.15
N PRO F 185 -21.77 -10.22 18.51
CA PRO F 185 -20.64 -9.73 17.70
C PRO F 185 -21.05 -8.77 16.61
N GLU F 186 -22.25 -8.94 16.05
CA GLU F 186 -22.68 -8.11 14.93
C GLU F 186 -23.08 -6.71 15.38
N THR F 187 -23.88 -6.60 16.45
CA THR F 187 -24.25 -5.28 16.96
C THR F 187 -23.05 -4.59 17.62
N PHE F 188 -22.10 -5.36 18.15
CA PHE F 188 -20.87 -4.77 18.65
C PHE F 188 -20.17 -3.96 17.56
N ALA F 189 -20.10 -4.51 16.35
CA ALA F 189 -19.45 -3.81 15.25
C ALA F 189 -20.20 -2.53 14.91
N GLU F 190 -21.54 -2.53 15.00
CA GLU F 190 -22.27 -1.31 14.68
C GLU F 190 -22.16 -0.29 15.80
N LEU F 191 -22.09 -0.74 17.05
CA LEU F 191 -21.94 0.20 18.16
C LEU F 191 -20.57 0.85 18.15
N LYS F 192 -19.53 0.08 17.81
CA LYS F 192 -18.20 0.66 17.63
C LYS F 192 -18.23 1.77 16.59
N THR F 193 -18.94 1.55 15.48
CA THR F 193 -19.06 2.56 14.45
C THR F 193 -19.74 3.82 14.99
N LYS F 194 -20.90 3.65 15.61
CA LYS F 194 -21.62 4.81 16.14
C LYS F 194 -20.79 5.55 17.17
N GLU F 195 -20.01 4.82 17.99
CA GLU F 195 -19.21 5.45 19.02
C GLU F 195 -18.18 6.38 18.42
N ILE F 196 -17.43 5.89 17.43
CA ILE F 196 -16.33 6.70 16.91
C ILE F 196 -16.88 7.85 16.06
N LYS F 197 -18.05 7.67 15.45
CA LYS F 197 -18.63 8.77 14.70
C LYS F 197 -19.17 9.84 15.62
N ASN F 198 -19.88 9.45 16.67
CA ASN F 198 -20.33 10.46 17.64
C ASN F 198 -19.15 11.13 18.32
N GLY F 199 -18.04 10.41 18.51
CA GLY F 199 -16.91 11.00 19.19
C GLY F 199 -16.17 12.00 18.33
N ARG F 200 -15.91 11.63 17.07
CA ARG F 200 -15.30 12.58 16.15
C ARG F 200 -16.17 13.81 16.01
N LEU F 201 -17.49 13.62 16.04
CA LEU F 201 -18.38 14.77 16.06
C LEU F 201 -18.18 15.58 17.32
N ALA F 202 -17.95 14.91 18.45
CA ALA F 202 -17.69 15.62 19.69
C ALA F 202 -16.32 16.29 19.66
N MET F 203 -15.29 15.59 19.18
CA MET F 203 -13.99 16.23 19.03
C MET F 203 -14.09 17.44 18.12
N PHE F 204 -14.78 17.29 16.99
CA PHE F 204 -14.99 18.41 16.08
C PHE F 204 -15.71 19.56 16.77
N ALA F 205 -16.66 19.24 17.66
CA ALA F 205 -17.39 20.28 18.35
C ALA F 205 -16.53 20.96 19.41
N MET F 206 -15.73 20.18 20.15
CA MET F 206 -14.87 20.77 21.18
C MET F 206 -13.86 21.73 20.57
N PHE F 207 -13.36 21.42 19.37
CA PHE F 207 -12.52 22.38 18.67
C PHE F 207 -13.31 23.65 18.36
N GLY F 208 -14.60 23.48 18.06
CA GLY F 208 -15.46 24.64 17.92
C GLY F 208 -15.54 25.48 19.18
N PHE F 209 -15.79 24.82 20.33
CA PHE F 209 -15.81 25.55 21.60
C PHE F 209 -14.55 26.37 21.76
N PHE F 210 -13.39 25.77 21.48
CA PHE F 210 -12.12 26.43 21.74
C PHE F 210 -11.98 27.69 20.90
N VAL F 211 -12.18 27.58 19.58
CA VAL F 211 -12.01 28.76 18.74
C VAL F 211 -13.17 29.74 18.93
N GLN F 212 -14.40 29.23 19.11
CA GLN F 212 -15.54 30.09 19.36
C GLN F 212 -15.34 30.94 20.60
N SER F 213 -14.75 30.36 21.66
CA SER F 213 -14.50 31.11 22.88
C SER F 213 -13.37 32.10 22.67
N LEU F 214 -12.30 31.68 21.99
CA LEU F 214 -11.22 32.60 21.69
C LEU F 214 -11.71 33.75 20.83
N GLN F 215 -12.55 33.45 19.84
CA GLN F 215 -12.93 34.46 18.86
C GLN F 215 -14.03 35.37 19.37
N THR F 216 -15.13 34.82 19.88
CA THR F 216 -16.25 35.65 20.31
C THR F 216 -16.16 36.07 21.76
N GLY F 217 -15.53 35.27 22.62
CA GLY F 217 -15.50 35.58 24.02
C GLY F 217 -16.75 35.21 24.78
N LYS F 218 -17.68 34.50 24.15
CA LYS F 218 -18.94 34.10 24.77
C LYS F 218 -19.02 32.59 24.86
N GLY F 219 -19.99 32.09 25.62
CA GLY F 219 -20.18 30.68 25.79
C GLY F 219 -20.88 30.02 24.61
N PRO F 220 -20.72 28.70 24.49
CA PRO F 220 -21.34 27.99 23.36
C PRO F 220 -22.85 28.14 23.30
N VAL F 221 -23.53 28.05 24.44
CA VAL F 221 -24.97 28.28 24.45
C VAL F 221 -25.26 29.72 24.06
N GLU F 222 -24.50 30.67 24.62
CA GLU F 222 -24.72 32.08 24.30
C GLU F 222 -24.46 32.37 22.82
N CYS F 223 -23.40 31.76 22.26
CA CYS F 223 -23.14 31.89 20.84
C CYS F 223 -24.29 31.31 20.01
N TRP F 224 -24.76 30.13 20.37
CA TRP F 224 -25.85 29.49 19.64
C TRP F 224 -27.10 30.36 19.65
N ALA F 225 -27.46 30.88 20.83
CA ALA F 225 -28.67 31.70 20.93
C ALA F 225 -28.53 32.98 20.11
N GLU F 226 -27.38 33.64 20.21
CA GLU F 226 -27.17 34.85 19.42
C GLU F 226 -27.22 34.55 17.92
N HIS F 227 -26.75 33.37 17.50
CA HIS F 227 -26.69 33.10 16.07
C HIS F 227 -28.09 32.93 15.49
N ILE F 228 -28.89 32.04 16.07
CA ILE F 228 -30.22 31.79 15.52
C ILE F 228 -31.09 33.04 15.55
N ALA F 229 -30.75 34.02 16.39
CA ALA F 229 -31.49 35.27 16.43
C ALA F 229 -31.30 36.07 15.15
N ASP F 230 -30.07 36.17 14.68
CA ASP F 230 -29.77 36.86 13.42
C ASP F 230 -28.59 36.16 12.76
N PRO F 231 -28.85 35.06 12.05
CA PRO F 231 -27.75 34.25 11.51
C PRO F 231 -26.88 34.98 10.49
N VAL F 232 -27.46 35.91 9.74
CA VAL F 232 -26.67 36.64 8.75
C VAL F 232 -25.73 37.63 9.41
N ALA F 233 -26.09 38.12 10.60
CA ALA F 233 -25.28 39.11 11.28
C ALA F 233 -24.48 38.55 12.46
N ASN F 234 -24.84 37.38 12.98
CA ASN F 234 -24.15 36.77 14.11
C ASN F 234 -23.51 35.47 13.66
N ASN F 235 -22.42 35.58 12.89
CA ASN F 235 -21.67 34.41 12.47
C ASN F 235 -20.19 34.67 12.67
N GLY F 236 -19.35 33.73 12.23
CA GLY F 236 -17.93 33.80 12.52
C GLY F 236 -17.23 34.97 11.86
N PHE F 237 -17.67 35.35 10.65
CA PHE F 237 -16.98 36.40 9.91
C PHE F 237 -17.08 37.76 10.57
N VAL F 238 -17.97 37.92 11.55
CA VAL F 238 -18.02 39.17 12.31
C VAL F 238 -16.73 39.36 13.07
N TYR F 239 -16.06 38.26 13.41
CA TYR F 239 -14.83 38.30 14.20
C TYR F 239 -13.61 37.85 13.39
N ALA F 240 -13.72 37.87 12.06
CA ALA F 240 -12.65 37.35 11.21
C ALA F 240 -11.39 38.20 11.28
N THR F 241 -11.50 39.45 11.74
CA THR F 241 -10.34 40.33 11.82
C THR F 241 -9.45 40.04 13.02
N LYS F 242 -9.78 39.06 13.85
CA LYS F 242 -8.97 38.70 15.00
C LYS F 242 -8.33 37.34 14.78
N PHE F 243 -7.09 37.18 15.24
CA PHE F 243 -6.36 35.92 15.11
C PHE F 243 -6.49 35.16 16.42
N PHE F 244 -7.46 34.24 16.47
CA PHE F 244 -7.71 33.41 17.67
C PHE F 244 -7.83 34.25 18.93
N GLY F 245 -8.53 35.38 18.82
CA GLY F 245 -8.74 36.25 19.96
C GLY F 245 -7.98 37.56 19.84
N ALA F 246 -6.74 37.48 19.36
CA ALA F 246 -5.89 38.66 19.25
C ALA F 246 -6.29 39.51 18.04
N GLN F 247 -6.56 40.79 18.28
CA GLN F 247 -6.88 41.76 17.23
C GLN F 247 -5.58 42.46 16.86
N ILE F 248 -4.81 41.83 15.99
CA ILE F 248 -3.53 42.34 15.53
C ILE F 248 -3.78 43.27 14.35
N PHE F 249 -2.77 44.06 13.99
CA PHE F 249 -2.80 45.07 12.91
C PHE F 249 -3.70 46.25 13.29
O1 0IE G . 18.01 -22.27 -18.11
C7 0IE G . 13.07 -18.02 -17.73
C6 0IE G . 14.23 -18.80 -17.98
C5 0IE G . 15.21 -19.33 -17.12
C4 0IE G . 16.22 -20.23 -17.44
C3 0IE G . 17.17 -20.77 -16.65
C2 0IE G . 17.94 -21.87 -16.96
C10 0IE G . 10.06 -16.90 -19.74
C11 0IE G . 9.00 -16.06 -19.77
C12 0IE G . 8.11 -15.79 -20.78
C13 0IE G . 6.96 -15.01 -20.61
C14 0IE G . 6.18 -14.32 -21.49
C15 0IE G . 5.25 -13.37 -21.13
C16 0IE G . 4.48 -12.49 -21.88
C17 0IE G . 3.61 -11.56 -21.35
C18 0IE G . 2.57 -10.95 -21.92
C19 0IE G . 1.49 -10.16 -21.22
C20 0IE G . 17.37 -20.15 -15.30
C21 0IE G . 13.02 -17.19 -16.55
C22 0IE G . 8.38 -16.36 -22.09
C23 0IE G . 4.61 -12.54 -23.33
C24 0IE G . 0.12 -10.82 -21.34
C25 0IE G . -0.97 -9.84 -20.91
C26 0IE G . -0.96 -8.61 -21.80
C27 0IE G . 0.41 -8.03 -21.88
C28 0IE G . 1.51 -8.71 -21.64
C30 0IE G . 18.71 -22.60 -15.92
C31 0IE G . 19.38 -23.84 -16.46
C32 0IE G . 18.76 -25.18 -16.11
C33 0IE G . 19.65 -26.35 -16.52
C34 0IE G . 20.23 -26.21 -17.91
C35 0IE G . 21.03 -24.93 -17.99
C36 0IE G . 20.46 -23.77 -17.23
C37 0IE G . 21.23 -22.49 -17.45
C38 0IE G . 17.42 -25.31 -16.85
C39 0IE G . 18.47 -25.29 -14.61
C41 0IE G . 2.85 -8.06 -21.66
C43 0IE G . 0.07 -12.05 -20.44
C44 0IE G . -0.13 -11.30 -22.77
C8 0IE G . 11.98 -18.00 -18.59
C9 0IE G . 11.05 -17.02 -18.79
O29 0IE G . 18.50 -19.37 -15.30
O40 0IE G . 21.06 -27.33 -18.21
O42 0IE G . -1.93 -7.65 -21.37
O1 0IE H . 5.17 -25.77 -35.55
C7 0IE H . 5.18 -18.92 -36.98
C6 0IE H . 4.65 -20.14 -36.59
C5 0IE H . 5.29 -21.19 -36.00
C4 0IE H . 4.73 -22.38 -35.57
C3 0IE H . 5.06 -23.61 -35.93
C2 0IE H . 4.58 -24.73 -35.35
C10 0IE H . 4.89 -15.14 -37.04
C11 0IE H . 5.62 -13.98 -36.85
C12 0IE H . 5.15 -12.68 -36.64
C13 0IE H . 5.96 -11.54 -36.75
C14 0IE H . 5.66 -10.18 -36.75
C15 0IE H . 6.60 -9.17 -36.64
C16 0IE H . 6.44 -7.77 -36.63
C17 0IE H . 7.51 -6.91 -36.96
C18 0IE H . 7.94 -5.77 -36.41
C19 0IE H . 8.96 -4.82 -36.97
C20 0IE H . 6.03 -23.78 -37.05
C21 0IE H . 6.49 -18.93 -37.64
C22 0IE H . 3.75 -12.49 -36.25
C23 0IE H . 5.12 -7.24 -36.28
C24 0IE H . 10.02 -4.43 -35.95
C25 0IE H . 10.77 -3.16 -36.37
C26 0IE H . 9.81 -2.00 -36.54
C27 0IE H . 8.70 -2.41 -37.46
C28 0IE H . 8.22 -3.64 -37.54
C30 0IE H . 3.31 -24.71 -34.53
C31 0IE H . 3.06 -25.63 -33.36
C32 0IE H . 3.78 -25.36 -32.05
C33 0IE H . 3.84 -26.57 -31.12
C34 0IE H . 2.54 -27.33 -31.02
C35 0IE H . 2.07 -27.71 -32.41
C36 0IE H . 2.18 -26.61 -33.43
C37 0IE H . 1.19 -26.73 -34.55
C38 0IE H . 3.08 -24.22 -31.31
C39 0IE H . 5.23 -24.88 -32.31
C41 0IE H . 6.92 -3.95 -38.21
C43 0IE H . 11.04 -5.57 -35.83
C44 0IE H . 9.38 -4.21 -34.57
C8 0IE H . 4.57 -17.68 -36.78
C9 0IE H . 5.19 -16.46 -36.66
O29 0IE H . 7.31 -23.85 -36.53
O40 0IE H . 2.74 -28.51 -30.24
O42 0IE H . 10.45 -0.80 -37.01
C1 NEX I . 27.12 -14.61 10.06
C2 NEX I . 26.21 -13.66 10.84
C3 NEX I . 26.92 -12.37 11.20
C4 NEX I . 27.32 -11.65 9.93
C5 NEX I . 28.30 -12.47 9.10
C6 NEX I . 27.75 -13.86 8.90
C7 NEX I . 27.81 -14.40 7.77
C8 NEX I . 27.89 -14.94 6.63
C9 NEX I . 26.84 -15.23 5.63
C10 NEX I . 27.19 -15.77 4.46
C11 NEX I . 26.20 -16.08 3.44
C12 NEX I . 26.56 -16.82 2.39
C13 NEX I . 25.40 -16.97 1.50
C14 NEX I . 26.02 -17.32 0.35
C15 NEX I . 25.24 -17.56 -0.86
C16 NEX I . 26.28 -15.78 9.54
C17 NEX I . 28.22 -15.17 10.96
C18 NEX I . 28.55 -11.79 7.77
C19 NEX I . 25.40 -14.94 5.94
C20 NEX I . 23.91 -16.84 1.53
O3 NEX I . 26.04 -11.54 11.96
O4 NEX I . 29.56 -12.55 9.81
C21 NEX I . 27.07 -19.70 -12.50
C22 NEX I . 27.50 -20.58 -13.65
C23 NEX I . 28.44 -21.65 -13.16
C24 NEX I . 27.60 -22.65 -12.38
C25 NEX I . 26.74 -22.02 -11.29
C26 NEX I . 26.68 -20.48 -11.23
C27 NEX I . 25.35 -20.00 -10.69
C28 NEX I . 25.02 -19.37 -9.57
C29 NEX I . 23.78 -18.87 -8.95
C30 NEX I . 23.79 -18.43 -7.67
C31 NEX I . 25.02 -18.42 -6.90
C32 NEX I . 24.43 -18.08 -5.76
C33 NEX I . 25.23 -17.90 -4.53
C34 NEX I . 24.65 -18.01 -3.32
C35 NEX I . 25.49 -17.80 -2.15
C36 NEX I . 25.90 -18.83 -12.97
C37 NEX I . 28.21 -18.75 -12.15
C38 NEX I . 25.34 -22.64 -11.34
C39 NEX I . 22.50 -18.85 -9.72
C40 NEX I . 26.68 -17.55 -4.63
O23 NEX I . 29.04 -22.33 -14.27
O24 NEX I . 27.16 -21.27 -10.15
C1B LMU J . 19.96 -13.16 10.96
C2B LMU J . 19.44 -14.57 11.00
C3B LMU J . 18.03 -14.52 11.52
C4B LMU J . 17.74 -13.11 12.00
C5B LMU J . 17.85 -12.14 10.82
C6B LMU J . 17.83 -10.70 11.29
O1B LMU J . 21.27 -13.11 10.41
O2B LMU J . 19.47 -15.14 9.70
O3B LMU J . 17.87 -15.44 12.61
O4' LMU J . 16.44 -13.04 12.58
O5B LMU J . 19.08 -12.39 10.15
O6B LMU J . 16.79 -10.51 12.25
C1' LMU J . 22.06 -9.49 9.32
C2' LMU J . 23.08 -9.89 10.36
C3' LMU J . 22.62 -11.20 10.97
C4' LMU J . 21.57 -11.78 10.04
C5' LMU J . 22.07 -11.73 8.60
C6' LMU J . 21.13 -12.47 7.68
O1' LMU J . 22.28 -8.13 8.96
O2' LMU J . 24.37 -10.07 9.77
O3' LMU J . 22.05 -10.95 12.25
O5' LMU J . 22.16 -10.36 8.20
O6' LMU J . 21.28 -13.89 7.89
C1 LMU J . 22.98 -7.96 7.73
C2 LMU J . 23.20 -6.47 7.51
C3 LMU J . 24.66 -6.17 7.20
C4 LMU J . 25.35 -5.54 8.40
C5 LMU J . 25.66 -6.58 9.46
C6 LMU J . 25.01 -6.21 10.79
C7 LMU J . 24.28 -4.87 10.70
C8 LMU J . 24.92 -3.82 11.60
C9 LMU J . 25.46 -4.46 12.89
C10 LMU J . 24.40 -4.48 13.98
C11 LMU J . 23.46 -3.29 13.88
C12 LMU J . 22.03 -3.69 14.18
MG CHL K . 5.11 -4.63 -32.21
CHA CHL K . 5.26 -7.18 -29.68
CHB CHL K . 2.40 -6.60 -33.55
CHC CHL K . 4.87 -2.37 -34.98
CHD CHL K . 7.86 -2.91 -30.95
NA CHL K . 3.96 -6.60 -31.68
C1A CHL K . 4.15 -7.36 -30.68
C2A CHL K . 3.22 -8.55 -30.56
C3A CHL K . 2.51 -8.39 -31.90
C4A CHL K . 2.98 -7.08 -32.45
CMA CHL K . 2.88 -9.50 -32.88
CAA CHL K . 2.43 -9.37 -29.55
CBA CHL K . 0.94 -9.24 -29.77
CGA CHL K . 0.46 -10.60 -30.20
O1A CHL K . 0.89 -11.61 -29.64
O2A CHL K . -0.52 -10.78 -31.26
NB CHL K . 3.87 -4.49 -33.93
C1B CHL K . 2.90 -5.37 -34.23
C2B CHL K . 2.23 -4.96 -35.51
C3B CHL K . 2.94 -3.73 -35.93
C4B CHL K . 3.96 -3.54 -34.86
CMB CHL K . 1.10 -5.64 -36.22
CAB CHL K . 2.48 -3.10 -37.19
CBB CHL K . 3.31 -3.02 -38.22
NC CHL K . 6.17 -2.95 -32.84
C1C CHL K . 5.91 -2.23 -33.94
C2C CHL K . 6.88 -1.11 -34.08
C3C CHL K . 7.76 -1.26 -32.91
C4C CHL K . 7.23 -2.43 -32.20
CMC CHL K . 7.03 -0.04 -35.09
OMC CHL K . 8.04 0.00 -35.77
CAC CHL K . 8.93 -0.39 -32.52
CBC CHL K . 8.39 0.68 -31.61
ND CHL K . 6.26 -4.89 -30.75
C1D CHL K . 7.30 -4.14 -30.37
C2D CHL K . 7.91 -4.72 -29.16
C3D CHL K . 7.10 -5.93 -28.89
C4D CHL K . 6.12 -5.98 -29.89
CMD CHL K . 9.01 -4.57 -28.14
CAD CHL K . 6.92 -7.10 -27.98
OBD CHL K . 7.41 -7.67 -26.94
CBD CHL K . 5.75 -7.85 -28.46
CGD CHL K . 6.10 -9.30 -28.64
O1D CHL K . 7.13 -9.63 -29.19
O2D CHL K . 5.21 -10.32 -28.13
CED CHL K . 5.36 -11.68 -28.53
C1 CHL K . -0.27 -11.85 -32.15
C2 CHL K . -1.32 -12.91 -32.03
C3 CHL K . -1.31 -13.98 -32.84
C4 CHL K . -2.37 -15.02 -32.68
C5 CHL K . -0.28 -14.18 -33.91
C6 CHL K . -0.29 -15.63 -34.34
C7 CHL K . -0.23 -15.86 -35.84
C8 CHL K . 0.58 -17.12 -36.17
C9 CHL K . 0.88 -17.22 -37.65
C10 CHL K . -0.17 -18.36 -35.71
C11 CHL K . 0.72 -19.60 -35.71
C12 CHL K . -0.09 -20.82 -36.12
C13 CHL K . 0.26 -22.04 -35.30
C14 CHL K . 0.38 -23.25 -36.20
C15 CHL K . -0.81 -22.26 -34.24
C16 CHL K . -0.38 -23.30 -33.23
C17 CHL K . -1.47 -24.37 -33.07
C18 CHL K . -1.76 -24.69 -31.62
C19 CHL K . -1.85 -26.19 -31.42
C20 CHL K . -0.73 -24.10 -30.70
MG CHL L . 6.22 -8.14 -20.09
CHA CHL L . 4.63 -4.96 -20.22
CHB CHL L . 4.92 -8.40 -16.82
CHC CHL L . 7.38 -11.53 -19.97
CHD CHL L . 7.32 -7.87 -23.46
NA CHL L . 5.03 -6.85 -18.71
C1A CHL L . 4.51 -5.70 -18.93
C2A CHL L . 3.69 -5.10 -17.81
C3A CHL L . 4.14 -6.10 -16.73
C4A CHL L . 4.75 -7.24 -17.47
CMA CHL L . 5.15 -5.46 -15.80
CAA CHL L . 2.18 -5.16 -17.99
CBA CHL L . 1.70 -6.47 -18.63
CGA CHL L . 1.27 -7.44 -17.54
O1A CHL L . 0.30 -7.21 -16.84
O2A CHL L . 2.02 -8.65 -17.29
NB CHL L . 6.18 -9.67 -18.67
C1B CHL L . 5.60 -9.54 -17.47
C2B CHL L . 5.73 -10.83 -16.70
C3B CHL L . 6.45 -11.74 -17.61
C4B CHL L . 6.68 -10.91 -18.83
CMB CHL L . 5.25 -11.13 -15.32
CAB CHL L . 6.68 -13.11 -17.08
CBB CHL L . 7.64 -13.39 -16.22
NC CHL L . 7.17 -9.46 -21.44
C1C CHL L . 7.54 -10.72 -21.20
C2C CHL L . 8.18 -11.34 -22.40
C3C CHL L . 8.16 -10.25 -23.41
C4C CHL L . 7.50 -9.13 -22.70
CMC CHL L . 8.85 -12.34 -23.25
OMC CHL L . 9.26 -13.39 -22.78
CAC CHL L . 8.64 -10.23 -24.83
CBC CHL L . 7.49 -10.58 -25.74
ND CHL L . 6.06 -6.82 -21.52
C1D CHL L . 6.54 -6.83 -22.77
C2D CHL L . 6.16 -5.58 -23.47
C3D CHL L . 5.40 -4.82 -22.44
C4D CHL L . 5.37 -5.63 -21.30
CMD CHL L . 6.58 -5.34 -24.89
CAD CHL L . 4.64 -3.56 -22.15
OBD CHL L . 4.30 -2.46 -22.72
CBD CHL L . 4.18 -3.66 -20.75
CGD CHL L . 4.83 -2.58 -19.96
O1D CHL L . 4.29 -1.49 -19.82
O2D CHL L . 6.12 -2.83 -19.33
CED CHL L . 6.69 -1.87 -18.43
C1 CHL L . 1.47 -9.79 -16.67
C2 CHL L . 2.04 -10.98 -17.39
C3 CHL L . 1.95 -12.19 -16.84
C4 CHL L . 1.28 -12.34 -15.53
C5 CHL L . 2.54 -13.36 -17.57
C6 CHL L . 1.63 -14.57 -17.33
C7 CHL L . 2.17 -15.80 -18.03
C8 CHL L . 1.40 -16.05 -19.30
C9 CHL L . -0.05 -15.68 -19.09
C10 CHL L . 1.52 -17.51 -19.69
C11 CHL L . 2.14 -17.61 -21.07
C12 CHL L . 1.62 -16.53 -21.99
C13 CHL L . 2.62 -16.20 -23.09
C14 CHL L . 2.15 -14.96 -23.84
C15 CHL L . 2.74 -17.36 -24.05
C16 CHL L . 3.39 -16.89 -25.34
C17 CHL L . 4.91 -16.89 -25.21
C18 CHL L . 5.60 -16.13 -26.33
MG CLA M . 7.42 -18.13 -14.11
CHA CLA M . 5.80 -16.74 -11.36
CHB CLA M . 4.86 -17.20 -16.09
CHC CLA M . 9.09 -19.52 -16.79
CHD CLA M . 10.06 -19.13 -11.97
NA CLA M . 5.61 -17.16 -13.74
C1A CLA M . 5.11 -16.63 -12.53
C2A CLA M . 3.72 -16.03 -12.72
C3A CLA M . 3.43 -16.27 -14.22
C4A CLA M . 4.71 -16.93 -14.75
CMA CLA M . 2.27 -17.21 -14.40
CAA CLA M . 3.58 -14.56 -12.33
CBA CLA M . 2.12 -14.12 -12.36
CGA CLA M . 1.22 -15.08 -11.60
O1A CLA M . 1.52 -15.83 -10.67
O2A CLA M . -0.08 -15.04 -12.04
NB CLA M . 7.05 -18.33 -16.07
C1B CLA M . 5.96 -17.82 -16.71
C2B CLA M . 6.08 -18.06 -18.17
C3B CLA M . 7.27 -18.73 -18.37
C4B CLA M . 7.90 -18.92 -17.03
CMB CLA M . 5.08 -17.65 -19.14
CAB CLA M . 7.85 -19.23 -19.58
CBB CLA M . 7.94 -20.52 -19.88
NC CLA M . 9.24 -19.12 -14.34
C1C CLA M . 9.74 -19.62 -15.52
C2C CLA M . 11.03 -20.26 -15.29
C3C CLA M . 11.30 -20.12 -13.93
C4C CLA M . 10.19 -19.42 -13.34
CMC CLA M . 11.86 -20.90 -16.31
CAC CLA M . 12.48 -20.58 -13.20
CBC CLA M . 13.59 -19.56 -13.36
ND CLA M . 7.87 -18.02 -12.14
C1D CLA M . 8.98 -18.50 -11.40
C2D CLA M . 8.80 -18.16 -9.98
C3D CLA M . 7.61 -17.45 -9.90
C4D CLA M . 7.07 -17.40 -11.27
CMD CLA M . 9.77 -18.52 -8.93
CAD CLA M . 6.66 -16.77 -9.05
OBD CLA M . 6.72 -16.60 -7.83
CBD CLA M . 5.49 -16.27 -9.95
CGD CLA M . 4.15 -16.74 -9.45
O1D CLA M . 3.47 -16.23 -8.57
O2D CLA M . 3.68 -17.87 -10.04
CED CLA M . 2.84 -18.70 -9.24
C1 CLA M . -1.01 -16.05 -11.57
C2 CLA M . -0.56 -17.36 -12.09
C3 CLA M . -1.35 -18.15 -12.83
C4 CLA M . -2.75 -17.76 -13.15
C5 CLA M . -0.84 -19.47 -13.31
C6 CLA M . -0.84 -19.66 -14.82
C7 CLA M . -1.00 -21.13 -15.16
C8 CLA M . 0.25 -21.94 -14.82
C9 CLA M . 1.40 -21.45 -15.67
C10 CLA M . 0.04 -23.42 -15.04
C11 CLA M . -0.04 -24.19 -13.74
C12 CLA M . 1.32 -24.63 -13.26
C13 CLA M . 1.24 -26.07 -12.75
C14 CLA M . 0.33 -26.17 -11.55
C15 CLA M . 2.63 -26.66 -12.48
C16 CLA M . 3.31 -26.02 -11.27
C17 CLA M . 4.82 -25.95 -11.46
C18 CLA M . 5.59 -26.93 -10.58
C19 CLA M . 7.08 -26.64 -10.62
C20 CLA M . 5.11 -26.87 -9.16
MG CLA N . 26.17 -23.29 -16.16
CHA CLA N . 27.70 -26.41 -15.88
CHB CLA N . 23.58 -24.39 -14.24
CHC CLA N . 24.90 -20.10 -16.14
CHD CLA N . 28.92 -22.17 -18.09
NA CLA N . 25.71 -25.12 -15.27
C1A CLA N . 26.49 -26.30 -15.23
C2A CLA N . 25.77 -27.37 -14.42
C3A CLA N . 24.34 -26.82 -14.28
C4A CLA N . 24.55 -25.32 -14.59
CMA CLA N . 23.37 -27.48 -15.23
CAA CLA N . 26.30 -27.34 -13.00
CBA CLA N . 27.61 -28.06 -12.77
CGA CLA N . 28.41 -27.37 -11.69
O1A CLA N . 29.36 -27.82 -11.05
O2A CLA N . 28.01 -26.09 -11.44
NB CLA N . 24.51 -22.43 -15.41
C1B CLA N . 23.65 -23.02 -14.54
C2B CLA N . 22.77 -22.00 -13.93
C3B CLA N . 23.12 -20.79 -14.46
C4B CLA N . 24.23 -21.04 -15.42
CMB CLA N . 21.74 -22.35 -12.95
CAB CLA N . 22.60 -19.46 -14.22
CBB CLA N . 21.33 -19.17 -13.91
NC CLA N . 26.77 -21.49 -17.03
C1C CLA N . 26.07 -20.31 -16.91
C2C CLA N . 26.77 -19.25 -17.64
C3C CLA N . 27.92 -19.82 -18.17
C4C CLA N . 27.92 -21.23 -17.78
CMC CLA N . 26.30 -17.87 -17.73
CAC CLA N . 28.95 -19.16 -18.98
CBC CLA N . 30.06 -18.58 -18.14
ND CLA N . 27.89 -24.06 -16.91
C1D CLA N . 28.92 -23.49 -17.69
C2D CLA N . 29.95 -24.54 -17.95
C3D CLA N . 29.53 -25.66 -17.28
C4D CLA N . 28.24 -25.32 -16.64
CMD CLA N . 31.17 -24.33 -18.74
CAD CLA N . 29.83 -27.05 -16.96
OBD CLA N . 30.77 -27.75 -17.30
CBD CLA N . 28.67 -27.56 -16.04
CGD CLA N . 28.05 -28.81 -16.61
O1D CLA N . 27.73 -29.84 -16.01
O2D CLA N . 27.84 -28.75 -17.95
CED CLA N . 26.99 -29.75 -18.54
C1 CLA N . 28.62 -25.44 -10.30
C2 CLA N . 29.84 -24.70 -10.74
C3 CLA N . 30.43 -23.74 -10.02
C4 CLA N . 29.94 -23.31 -8.68
C5 CLA N . 31.65 -23.04 -10.53
MG CHL O . 33.60 -31.34 -4.89
CHA CHL O . 36.24 -29.09 -5.60
CHB CHL O . 36.09 -33.89 -5.22
CHC CHL O . 31.08 -33.84 -4.37
CHD CHL O . 31.12 -28.84 -4.99
NA CHL O . 35.86 -31.46 -5.26
C1A CHL O . 36.68 -30.50 -5.42
C2A CHL O . 38.14 -30.86 -5.43
C3A CHL O . 37.94 -32.35 -5.61
C4A CHL O . 36.50 -32.63 -5.34
CMA CHL O . 38.26 -32.80 -7.03
CAA CHL O . 39.18 -30.59 -4.34
CBA CHL O . 39.87 -29.25 -4.51
NB CHL O . 33.58 -33.45 -4.80
C1B CHL O . 34.68 -34.22 -4.97
C2B CHL O . 34.31 -35.65 -4.85
C3B CHL O . 32.85 -35.66 -4.60
C4B CHL O . 32.49 -34.22 -4.59
CMB CHL O . 35.21 -36.84 -4.96
CAB CHL O . 32.18 -36.97 -4.44
CBB CHL O . 31.38 -37.18 -3.41
NC CHL O . 31.46 -31.33 -4.71
C1C CHL O . 30.69 -32.42 -4.52
C2C CHL O . 29.25 -32.06 -4.44
C3C CHL O . 29.25 -30.58 -4.62
C4C CHL O . 30.69 -30.25 -4.78
CMC CHL O . 28.05 -32.90 -4.24
OMC CHL O . 28.01 -34.03 -4.71
CAC CHL O . 28.07 -29.64 -4.64
CBC CHL O . 27.68 -29.28 -3.22
ND CHL O . 33.59 -29.48 -5.20
C1D CHL O . 32.56 -28.62 -5.21
C2D CHL O . 33.07 -27.26 -5.51
C3D CHL O . 34.54 -27.45 -5.67
C4D CHL O . 34.79 -28.80 -5.46
CMD CHL O . 32.66 -25.82 -5.70
CAD CHL O . 35.84 -26.76 -5.94
OBD CHL O . 36.00 -25.50 -6.18
CBD CHL O . 36.88 -27.80 -5.91
CGD CHL O . 37.53 -27.90 -7.26
O1D CHL O . 37.06 -28.62 -8.13
O2D CHL O . 38.72 -27.13 -7.58
CED CHL O . 39.56 -27.56 -8.64
MG CHL P . 23.40 -25.72 -9.43
CHA CHL P . 26.22 -25.26 -7.42
CHB CHL P . 22.31 -22.55 -8.22
CHC CHL P . 20.50 -25.94 -11.58
CHD CHL P . 24.34 -28.97 -10.50
NA CHL P . 24.17 -24.11 -8.06
C1A CHL P . 25.28 -24.11 -7.43
C2A CHL P . 25.48 -22.94 -6.55
C3A CHL P . 24.23 -22.17 -6.80
C4A CHL P . 23.50 -22.99 -7.78
CMA CHL P . 23.40 -22.13 -5.56
CAA CHL P . 26.71 -22.15 -6.92
CBA CHL P . 26.95 -21.23 -5.75
CGA CHL P . 28.39 -21.18 -5.26
O1A CHL P . 29.27 -20.79 -5.99
O2A CHL P . 28.71 -21.55 -3.90
NB CHL P . 21.73 -24.48 -9.82
C1B CHL P . 21.51 -23.30 -9.23
C2B CHL P . 20.25 -22.69 -9.74
C3B CHL P . 19.73 -23.68 -10.72
C4B CHL P . 20.73 -24.78 -10.70
CMB CHL P . 19.64 -21.39 -9.36
CAB CHL P . 18.49 -23.55 -11.49
CBB CHL P . 18.37 -22.53 -12.29
NC CHL P . 22.57 -27.22 -10.81
C1C CHL P . 21.44 -27.08 -11.52
C2C CHL P . 21.18 -28.29 -12.36
C3C CHL P . 22.31 -29.19 -12.04
C4C CHL P . 23.10 -28.42 -11.07
CMC CHL P . 19.97 -28.33 -13.23
OMC CHL P . 19.71 -29.33 -13.87
CAC CHL P . 22.60 -30.56 -12.56
CBC CHL P . 21.96 -31.52 -11.60
ND CHL P . 24.81 -26.83 -9.10
C1D CHL P . 25.07 -28.07 -9.58
C2D CHL P . 26.35 -28.53 -9.02
C3D CHL P . 26.82 -27.41 -8.16
C4D CHL P . 25.84 -26.42 -8.26
CMD CHL P . 27.23 -29.73 -9.09
CAD CHL P . 27.89 -26.95 -7.24
OBD CHL P . 29.01 -27.21 -6.67
CBD CHL P . 27.49 -25.62 -6.82
CGD CHL P . 27.24 -25.68 -5.37
O1D CHL P . 26.15 -25.75 -4.91
O2D CHL P . 28.33 -25.67 -4.48
CED CHL P . 28.00 -25.70 -3.11
C1 CHL P . 29.69 -20.79 -3.19
C2 CHL P . 29.43 -20.82 -1.71
C3 CHL P . 29.43 -19.68 -0.99
C4 CHL P . 29.70 -18.38 -1.65
C5 CHL P . 29.17 -19.72 0.49
MG CHL Q . 16.17 -29.73 -13.77
CHA CHL Q . 15.79 -32.76 -15.52
CHB CHL Q . 14.17 -28.30 -16.38
CHC CHL Q . 16.34 -26.51 -12.14
CHD CHL Q . 18.16 -31.09 -11.24
NA CHL Q . 15.13 -30.42 -15.68
C1A CHL Q . 15.07 -31.61 -16.14
C2A CHL Q . 14.15 -31.83 -17.33
C3A CHL Q . 13.90 -30.36 -17.62
C4A CHL Q . 14.44 -29.60 -16.46
CMA CHL Q . 14.59 -29.91 -18.90
CAA CHL Q . 12.82 -32.47 -16.93
CBA CHL Q . 12.38 -33.55 -17.91
CGA CHL Q . 11.66 -32.93 -19.10
O1A CHL Q . 11.25 -33.64 -20.00
O2A CHL Q . 11.45 -31.49 -19.19
NB CHL Q . 15.41 -27.80 -14.17
C1B CHL Q . 14.66 -27.50 -15.25
C2B CHL Q . 14.29 -26.07 -15.24
C3B CHL Q . 14.92 -25.52 -14.01
C4B CHL Q . 15.59 -26.70 -13.41
CMB CHL Q . 13.48 -25.36 -16.28
CAB CHL Q . 14.72 -24.09 -13.71
CBB CHL Q . 15.60 -23.20 -14.15
NC CHL Q . 17.10 -28.95 -11.99
C1C CHL Q . 17.02 -27.69 -11.55
C2C CHL Q . 17.79 -27.52 -10.28
C3C CHL Q . 18.34 -28.86 -9.99
C4C CHL Q . 17.83 -29.66 -11.13
CMC CHL Q . 18.02 -26.34 -9.41
OMC CHL Q . 17.23 -25.41 -9.41
CAC CHL Q . 19.21 -29.30 -8.84
CBC CHL Q . 18.34 -29.79 -7.70
ND CHL Q . 16.81 -31.39 -13.41
C1D CHL Q . 17.58 -31.81 -12.40
C2D CHL Q . 17.84 -33.26 -12.55
C3D CHL Q . 17.13 -33.63 -13.79
C4D CHL Q . 16.53 -32.47 -14.26
CMD CHL Q . 18.71 -33.80 -11.43
CAD CHL Q . 16.80 -34.76 -14.71
OBD CHL Q . 17.52 -35.42 -13.88
CBD CHL Q . 15.97 -34.20 -15.79
CGD CHL Q . 16.70 -34.45 -17.09
O1D CHL Q . 17.70 -33.82 -17.38
O2D CHL Q . 16.22 -35.46 -18.00
CED CHL Q . 16.45 -35.34 -19.39
C1 CHL Q . 10.57 -30.95 -20.17
C2 CHL Q . 10.45 -29.52 -19.70
C3 CHL Q . 10.92 -28.50 -20.43
C4 CHL Q . 11.55 -28.76 -21.75
C5 CHL Q . 10.79 -27.09 -19.91
C6 CHL Q . 9.46 -26.88 -19.19
C7 CHL Q . 9.70 -26.65 -17.70
C8 CHL Q . 8.97 -25.41 -17.19
C9 CHL Q . 9.13 -24.25 -18.14
C10 CHL Q . 9.51 -25.05 -15.81
C11 CHL Q . 9.24 -23.59 -15.48
C12 CHL Q . 9.13 -23.41 -13.98
C13 CHL Q . 10.40 -23.84 -13.26
C15 CHL Q . 10.09 -24.20 -11.81
C16 CHL Q . 10.90 -23.37 -10.83
MG CHL R . 21.48 -10.78 -4.27
CHA CHL R . 20.52 -11.19 -7.64
CHB CHL R . 23.67 -13.55 -4.86
CHC CHL R . 22.81 -10.40 -0.95
CHD CHL R . 19.62 -7.80 -3.85
NA CHL R . 21.93 -12.24 -5.96
C1A CHL R . 21.44 -12.24 -7.12
C2A CHL R . 21.87 -13.37 -8.03
C3A CHL R . 22.67 -14.16 -7.01
C4A CHL R . 22.78 -13.25 -5.83
CMA CHL R . 21.94 -15.44 -6.61
CAA CHL R . 22.78 -12.92 -9.16
CBA CHL R . 23.90 -12.01 -8.67
CGA CHL R . 23.88 -10.75 -9.48
O1A CHL R . 22.83 -10.14 -9.64
O2A CHL R . 25.08 -10.24 -10.11
NB CHL R . 22.94 -11.76 -3.14
C1B CHL R . 23.66 -12.80 -3.58
C2B CHL R . 24.60 -13.26 -2.53
C3B CHL R . 24.36 -12.35 -1.39
C4B CHL R . 23.29 -11.44 -1.87
CMB CHL R . 25.58 -14.40 -2.63
CAB CHL R . 25.16 -12.53 -0.16
CBB CHL R . 24.95 -13.58 0.61
NC CHL R . 21.25 -9.34 -2.66
C1C CHL R . 21.87 -9.39 -1.48
C2C CHL R . 21.50 -8.23 -0.63
C3C CHL R . 20.56 -7.46 -1.46
C4C CHL R . 20.48 -8.25 -2.72
CMC CHL R . 21.85 -7.77 0.73
OMC CHL R . 22.62 -8.43 1.40
CAC CHL R . 19.87 -6.17 -1.11
CBC CHL R . 20.83 -5.04 -1.39
ND CHL R . 20.36 -9.73 -5.36
C1D CHL R . 19.70 -8.61 -5.09
C2D CHL R . 18.95 -8.18 -6.30
C3D CHL R . 19.28 -9.21 -7.32
C4D CHL R . 20.14 -10.11 -6.69
CMD CHL R . 18.19 -6.90 -6.03
CAD CHL R . 19.06 -9.65 -8.72
OBD CHL R . 18.29 -8.93 -9.46
CBD CHL R . 19.84 -10.89 -8.92
CGD CHL R . 19.00 -12.03 -9.40
O1D CHL R . 18.43 -12.79 -8.64
O2D CHL R . 18.86 -12.22 -10.84
CED CHL R . 18.50 -13.51 -11.35
C1 CHL R . 25.11 -8.88 -10.54
C2 CHL R . 25.98 -8.13 -9.57
C3 CHL R . 27.26 -7.90 -9.86
C4 CHL R . 27.85 -8.36 -11.15
C5 CHL R . 28.11 -7.15 -8.86
C6 CHL R . 28.82 -8.20 -8.01
C7 CHL R . 28.25 -8.23 -6.61
C8 CHL R . 27.69 -9.60 -6.25
C9 CHL R . 28.43 -10.19 -5.06
C10 CHL R . 27.78 -10.54 -7.46
MG CHL S . 13.23 -17.10 -6.01
CHA CHL S . 10.62 -14.85 -6.97
CHB CHL S . 11.95 -16.59 -2.69
CHC CHL S . 15.02 -19.96 -4.98
CHD CHL S . 14.16 -17.61 -9.40
NA CHL S . 11.57 -15.85 -4.96
C1A CHL S . 10.70 -15.09 -5.50
C2A CHL S . 9.67 -14.46 -4.58
C3A CHL S . 10.31 -14.88 -3.26
C4A CHL S . 11.37 -15.85 -3.65
CMA CHL S . 10.95 -13.69 -2.56
CAA CHL S . 8.31 -15.13 -4.76
CBA CHL S . 8.46 -16.60 -5.10
CGA CHL S . 7.11 -17.28 -5.07
O1A CHL S . 6.10 -16.64 -4.85
O2A CHL S . 7.01 -18.71 -5.30
NB CHL S . 13.45 -18.07 -4.23
C1B CHL S . 12.86 -17.69 -3.08
C2B CHL S . 13.23 -18.63 -1.99
C3B CHL S . 14.12 -19.62 -2.62
C4B CHL S . 14.19 -19.18 -4.04
CMB CHL S . 12.80 -18.56 -0.56
CAB CHL S . 14.61 -20.66 -1.68
CBB CHL S . 15.70 -21.34 -1.96
NC CHL S . 14.36 -18.50 -7.00
C1C CHL S . 14.98 -19.55 -6.41
C2C CHL S . 15.71 -20.37 -7.41
C3C CHL S . 15.45 -19.68 -8.69
C4C CHL S . 14.60 -18.52 -8.31
CMC CHL S . 16.53 -21.59 -7.32
OMC CHL S . 17.07 -21.87 -6.26
CAC CHL S . 15.93 -20.05 -10.08
CBC CHL S . 15.06 -21.17 -10.57
ND CHL S . 12.62 -16.44 -7.78
C1D CHL S . 13.07 -16.71 -9.01
C2D CHL S . 12.28 -15.97 -10.02
C3D CHL S . 11.30 -15.22 -9.19
C4D CHL S . 11.56 -15.56 -7.87
CMD CHL S . 12.38 -15.92 -11.52
CAD CHL S . 10.16 -14.27 -9.22
OBD CHL S . 9.65 -13.75 -10.28
CBD CHL S . 9.74 -14.06 -7.83
CGD CHL S . 9.79 -12.63 -7.44
O1D CHL S . 10.74 -12.21 -6.83
O2D CHL S . 8.71 -11.74 -7.79
CED CHL S . 8.33 -10.66 -6.95
C1 CHL S . 5.89 -19.21 -6.05
C2 CHL S . 6.32 -19.76 -7.38
C3 CHL S . 6.39 -21.08 -7.53
C4 CHL S . 6.04 -21.98 -6.39
C5 CHL S . 6.80 -21.68 -8.85
C6 CHL S . 6.04 -20.98 -9.97
C7 CHL S . 5.79 -21.93 -11.12
C8 CHL S . 5.78 -21.21 -12.45
C9 CHL S . 4.65 -20.21 -12.50
C10 CHL S . 5.63 -22.23 -13.55
C11 CHL S . 5.80 -21.59 -14.91
C12 CHL S . 4.77 -22.15 -15.87
C13 CHL S . 5.15 -21.93 -17.33
C14 CHL S . 4.19 -20.98 -18.00
C15 CHL S . 5.12 -23.26 -18.04
C16 CHL S . 5.40 -23.10 -19.52
C17 CHL S . 5.92 -24.41 -20.10
C18 CHL S . 6.57 -24.24 -21.46
C19 CHL S . 7.38 -25.48 -21.79
C20 CHL S . 5.55 -23.97 -22.54
MG CLA T . 21.57 -5.65 -14.68
CHA CLA T . 22.09 -3.34 -12.22
CHB CLA T . 21.70 -3.18 -16.99
CHC CLA T . 21.66 -8.00 -17.13
CHD CLA T . 21.52 -8.17 -12.27
NA CLA T . 21.77 -3.59 -14.59
C1A CLA T . 22.05 -2.82 -13.47
C2A CLA T . 22.16 -1.36 -13.84
C3A CLA T . 21.75 -1.32 -15.32
C4A CLA T . 21.75 -2.80 -15.68
CMA CLA T . 20.39 -0.71 -15.53
CAA CLA T . 23.60 -0.92 -13.71
CBA CLA T . 24.62 -1.94 -14.17
CGA CLA T . 24.83 -1.88 -15.64
O1A CLA T . 24.76 -0.92 -16.38
O2A CLA T . 25.09 -3.09 -16.21
NB CLA T . 21.68 -5.60 -16.67
C1B CLA T . 21.69 -4.50 -17.43
C2B CLA T . 21.68 -4.85 -18.86
C3B CLA T . 21.67 -6.21 -18.91
C4B CLA T . 21.67 -6.71 -17.51
CMB CLA T . 21.66 -3.86 -19.90
CAB CLA T . 21.66 -7.11 -20.02
CBB CLA T . 21.80 -6.76 -21.28
NC CLA T . 21.52 -7.71 -14.70
C1C CLA T . 21.57 -8.47 -15.81
C2C CLA T . 21.56 -9.85 -15.46
C3C CLA T . 21.53 -9.92 -14.09
C4C CLA T . 21.53 -8.56 -13.61
CMC CLA T . 21.57 -10.95 -16.39
CAC CLA T . 21.53 -11.15 -13.31
CBC CLA T . 22.79 -11.32 -12.53
ND CLA T . 21.57 -5.78 -12.69
C1D CLA T . 21.54 -6.87 -11.82
C2D CLA T . 21.58 -6.37 -10.45
C3D CLA T . 21.83 -5.03 -10.55
C4D CLA T . 21.83 -4.71 -11.97
CMD CLA T . 21.48 -7.19 -9.25
CAD CLA T . 22.00 -3.80 -9.83
OBD CLA T . 21.96 -3.58 -8.64
CBD CLA T . 22.31 -2.71 -10.89
CGD CLA T . 21.50 -1.50 -10.63
O1D CLA T . 20.62 -1.02 -11.34
O2D CLA T . 21.81 -0.86 -9.51
CED CLA T . 21.88 0.55 -9.64
C1 CLA T . 25.26 -3.03 -17.62
C2 CLA T . 25.54 -4.38 -18.15
C3 CLA T . 26.40 -4.56 -19.17
C4 CLA T . 27.05 -3.39 -19.79
C5 CLA T . 26.70 -5.88 -19.77
C6 CLA T . 27.58 -6.85 -19.01
C7 CLA T . 27.47 -8.18 -19.72
C8 CLA T . 28.58 -9.15 -19.41
C9 CLA T . 28.15 -10.54 -19.80
C10 CLA T . 28.96 -9.11 -17.95
MG CLA U . 16.05 -2.97 -31.79
CHA CLA U . 17.64 -1.47 -29.08
CHB CLA U . 16.22 -0.04 -33.49
CHC CLA U . 14.76 -4.57 -34.54
CHD CLA U . 16.03 -6.04 -30.00
NA CLA U . 16.76 -1.06 -31.31
C1A CLA U . 17.40 -0.64 -30.14
C2A CLA U . 17.75 0.84 -30.22
C3A CLA U . 17.09 1.30 -31.55
C4A CLA U . 16.65 -0.01 -32.18
CMA CLA U . 15.93 2.25 -31.33
CAA CLA U . 19.26 1.04 -30.26
CBA CLA U . 19.93 -0.01 -31.13
CGA CLA U . 21.40 0.26 -31.15
O1A CLA U . 22.01 1.19 -30.62
O2A CLA U . 22.09 -0.68 -31.87
NB CLA U . 15.49 -2.39 -33.63
C1B CLA U . 15.79 -1.19 -34.18
C2B CLA U . 15.60 -1.24 -35.65
C3B CLA U . 15.19 -2.51 -35.96
C4B CLA U . 15.10 -3.27 -34.68
CMB CLA U . 15.84 -0.10 -36.54
CAB CLA U . 14.88 -3.08 -37.24
CBB CLA U . 13.65 -3.24 -37.74
NC CLA U . 15.41 -4.93 -32.16
C1C CLA U . 14.88 -5.36 -33.35
C2C CLA U . 14.56 -6.78 -33.26
C3C CLA U . 14.97 -7.20 -31.99
C4C CLA U . 15.50 -6.03 -31.31
CMC CLA U . 13.97 -7.59 -34.32
CAC CLA U . 14.89 -8.55 -31.46
CBC CLA U . 16.12 -9.33 -31.84
ND CLA U . 16.59 -3.64 -29.95
C1D CLA U . 16.54 -4.93 -29.35
C2D CLA U . 17.13 -4.86 -28.00
C3D CLA U . 17.57 -3.55 -27.84
C4D CLA U . 17.22 -2.84 -29.09
CMD CLA U . 17.22 -5.99 -27.08
CAD CLA U . 18.23 -2.58 -26.96
OBD CLA U . 18.66 -2.71 -25.83
CBD CLA U . 18.31 -1.23 -27.75
CGD CLA U . 17.71 -0.07 -27.01
O1D CLA U . 16.67 0.52 -27.28
O2D CLA U . 18.43 0.39 -25.94
CED CLA U . 18.27 1.76 -25.57
C1 CLA U . 23.17 -1.33 -31.18
C2 CLA U . 23.25 -2.73 -31.66
C3 CLA U . 24.05 -3.62 -31.06
C4 CLA U . 24.89 -3.23 -29.89
C5 CLA U . 24.16 -5.04 -31.50
C6 CLA U . 23.97 -6.00 -30.34
C7 CLA U . 25.25 -6.73 -29.99
C8 CLA U . 25.22 -7.23 -28.55
C9 CLA U . 26.44 -6.78 -27.78
C10 CLA U . 25.10 -8.75 -28.50
C11 CLA U . 26.26 -9.48 -29.15
C12 CLA U . 26.27 -10.94 -28.74
C13 CLA U . 26.51 -11.88 -29.92
C14 CLA U . 25.69 -11.47 -31.13
C15 CLA U . 26.24 -13.32 -29.54
C16 CLA U . 24.76 -13.60 -29.33
C17 CLA U . 24.52 -14.88 -28.55
C18 CLA U . 23.08 -15.38 -28.67
MG CLA V . 22.80 -7.39 -26.19
CHA CLA V . 22.85 -3.90 -26.02
CHB CLA V . 24.85 -7.56 -23.48
CHC CLA V . 22.87 -10.80 -26.54
CHD CLA V . 20.72 -7.15 -29.05
NA CLA V . 23.66 -5.94 -24.95
C1A CLA V . 23.57 -4.54 -25.03
C2A CLA V . 24.40 -3.88 -23.92
C3A CLA V . 25.00 -5.07 -23.15
C4A CLA V . 24.47 -6.29 -23.89
CMA CLA V . 26.50 -5.03 -23.16
CAA CLA V . 23.54 -3.03 -23.00
CBA CLA V . 24.37 -2.18 -22.07
CGA CLA V . 25.30 -1.30 -22.86
O1A CLA V . 25.05 -0.53 -23.79
O2A CLA V . 26.60 -1.38 -22.43
NB CLA V . 23.65 -8.89 -25.17
C1B CLA V . 24.46 -8.76 -24.09
C2B CLA V . 24.94 -10.11 -23.64
C3B CLA V . 24.38 -11.02 -24.50
C4B CLA V . 23.56 -10.26 -25.50
CMB CLA V . 25.84 -10.30 -22.51
CAB CLA V . 24.51 -12.45 -24.54
CBB CLA V . 25.57 -13.12 -25.00
NC CLA V . 21.93 -8.72 -27.53
C1C CLA V . 22.10 -10.08 -27.50
C2C CLA V . 21.39 -10.70 -28.63
C3C CLA V . 20.75 -9.67 -29.31
C4C CLA V . 21.11 -8.43 -28.62
CMC CLA V . 21.36 -12.13 -28.92
CAC CLA V . 19.92 -9.76 -30.51
CBC CLA V . 20.69 -9.47 -31.79
ND CLA V . 21.93 -5.92 -27.29
C1D CLA V . 21.11 -5.97 -28.46
C2D CLA V . 20.79 -4.60 -28.89
C3D CLA V . 21.43 -3.76 -27.99
C4D CLA V . 22.13 -4.64 -27.03
CMD CLA V . 20.00 -4.27 -30.07
CAD CLA V . 21.73 -2.39 -27.63
OBD CLA V . 21.40 -1.34 -28.19
CBD CLA V . 22.62 -2.43 -26.35
CGD CLA V . 23.87 -1.61 -26.54
O1D CLA V . 24.00 -0.39 -26.40
O2D CLA V . 24.96 -2.33 -26.90
CED CLA V . 26.24 -1.68 -26.84
MG CLA W . 12.45 -21.09 -32.57
CHA CLA W . 13.06 -23.77 -34.67
CHB CLA W . 15.14 -19.45 -33.91
CHC CLA W . 11.66 -18.34 -30.66
CHD CLA W . 9.57 -22.75 -31.36
NA CLA W . 13.89 -21.58 -33.99
C1A CLA W . 13.96 -22.75 -34.78
C2A CLA W . 15.16 -22.71 -35.72
C3A CLA W . 15.89 -21.40 -35.33
C4A CLA W . 14.92 -20.75 -34.34
CMA CLA W . 17.24 -21.70 -34.72
CAA CLA W . 14.66 -22.68 -37.15
CBA CLA W . 13.72 -21.52 -37.44
CGA CLA W . 12.29 -21.91 -37.21
O1A CLA W . 11.66 -22.90 -37.62
O2A CLA W . 11.62 -21.00 -36.44
NB CLA W . 13.28 -19.28 -32.27
C1B CLA W . 14.31 -18.75 -33.01
C2B CLA W . 14.46 -17.30 -32.70
C3B CLA W . 13.48 -16.99 -31.78
C4B CLA W . 12.73 -18.25 -31.49
CMB CLA W . 15.47 -16.46 -33.33
CAB CLA W . 13.16 -15.74 -31.14
CBB CLA W . 14.05 -14.91 -30.61
NC CLA W . 10.92 -20.66 -31.21
C1C CLA W . 10.80 -19.48 -30.52
C2C CLA W . 9.63 -19.51 -29.66
C3C CLA W . 9.02 -20.76 -29.89
C4C CLA W . 9.84 -21.46 -30.86
CMC CLA W . 9.20 -18.43 -28.77
CAC CLA W . 7.79 -21.27 -29.27
CBC CLA W . 6.58 -20.90 -30.09
ND CLA W . 11.52 -22.87 -32.84
C1D CLA W . 10.35 -23.42 -32.28
C2D CLA W . 10.13 -24.78 -32.86
C3D CLA W . 11.14 -24.96 -33.79
C4D CLA W . 11.97 -23.73 -33.74
CMD CLA W . 9.03 -25.66 -32.50
CAD CLA W . 11.74 -25.85 -34.76
OBD CLA W . 11.45 -26.99 -35.10
CBD CLA W . 12.95 -25.09 -35.39
CGD CLA W . 14.20 -25.90 -35.27
O1D CLA W . 14.62 -26.46 -34.25
O2D CLA W . 14.90 -26.04 -36.44
CED CLA W . 15.11 -27.37 -36.92
C1 CLA W . 10.35 -21.43 -35.92
C2 CLA W . 9.69 -20.20 -35.43
C3 CLA W . 8.58 -20.25 -34.67
C4 CLA W . 7.98 -21.54 -34.27
C5 CLA W . 7.93 -19.00 -34.19
C6 CLA W . 8.94 -18.01 -33.65
C7 CLA W . 8.57 -16.59 -34.00
C8 CLA W . 9.79 -15.79 -34.42
C10 CLA W . 9.45 -14.86 -35.57
C11 CLA W . 10.69 -14.52 -36.39
MG CHL X . 15.34 -18.48 -40.69
CHA CHL X . 11.81 -18.52 -40.75
CHB CHL X . 15.08 -18.96 -44.20
CHC CHL X . 18.90 -18.17 -40.87
CHD CHL X . 15.51 -18.00 -37.17
NA CHL X . 13.67 -18.74 -42.27
C1A CHL X . 12.41 -18.68 -42.10
C2A CHL X . 11.55 -18.73 -43.33
C3A CHL X . 12.65 -19.13 -44.30
C4A CHL X . 13.92 -18.94 -43.55
CMA CHL X . 12.51 -20.59 -44.74
CAA CHL X . 10.91 -17.43 -43.81
NB CHL X . 16.69 -18.54 -42.18
C1B CHL X . 16.36 -18.74 -43.48
C2B CHL X . 17.58 -18.73 -44.31
C3B CHL X . 18.70 -18.51 -43.36
C4B CHL X . 18.03 -18.40 -42.04
CMB CHL X . 17.67 -18.91 -45.81
CAB CHL X . 20.07 -18.45 -43.91
CBB CHL X . 20.85 -17.44 -43.60
NC CHL X . 16.95 -18.14 -39.24
C1C CHL X . 18.25 -18.07 -39.54
C2C CHL X . 19.07 -17.82 -38.31
C3C CHL X . 18.08 -17.77 -37.23
C4C CHL X . 16.78 -17.99 -37.93
CMC CHL X . 20.54 -17.66 -38.15
OMC CHL X . 20.99 -17.04 -37.21
CAC CHL X . 18.29 -17.55 -35.75
CBC CHL X . 18.35 -16.06 -35.48
ND CHL X . 14.09 -18.30 -39.29
C1D CHL X . 14.27 -18.12 -37.99
C2D CHL X . 12.96 -18.04 -37.31
C3D CHL X . 11.98 -18.20 -38.42
C4D CHL X . 12.73 -18.35 -39.59
CMD CHL X . 12.56 -17.85 -35.86
CAD CHL X . 10.53 -18.26 -38.76
OBD CHL X . 9.58 -18.16 -37.89
CBD CHL X . 10.44 -18.46 -40.22
CGD CHL X . 9.72 -19.75 -40.50
O1D CHL X . 8.81 -19.78 -41.31
O2D CHL X . 10.10 -20.97 -39.83
CED CHL X . 9.15 -22.03 -39.64
O1 LHG Y . 11.36 2.42 -34.35
C1 LHG Y . 12.61 1.93 -34.83
C2 LHG Y . 12.83 0.54 -34.28
O2 LHG Y . 12.02 -0.40 -34.97
C3 LHG Y . 12.48 0.44 -32.80
O3 LHG Y . 12.74 -0.94 -32.54
P LHG Y . 12.68 -1.50 -31.02
O4 LHG Y . 14.07 -1.52 -30.48
O5 LHG Y . 11.41 -0.93 -30.48
O6 LHG Y . 12.44 -3.11 -31.39
C4 LHG Y . 12.40 -4.02 -30.32
C5 LHG Y . 12.07 -5.38 -30.93
C6 LHG Y . 12.33 -6.49 -29.94
O7 LHG Y . 10.67 -5.37 -31.20
C7 LHG Y . 10.31 -6.32 -32.11
O9 LHG Y . 11.05 -6.71 -33.00
C8 LHG Y . 9.01 -6.95 -31.74
C9 LHG Y . 9.04 -8.39 -32.20
C10 LHG Y . 7.69 -8.80 -32.73
O8 LHG Y . 11.91 -5.95 -28.67
C23 LHG Y . 12.70 -6.22 -27.57
O10 LHG Y . 13.55 -5.42 -27.24
C24 LHG Y . 12.52 -7.50 -26.76
C11 LHG Y . 7.91 -10.28 -32.98
C12 LHG Y . 6.60 -11.01 -32.94
C13 LHG Y . 6.86 -12.47 -32.64
C14 LHG Y . 5.74 -13.11 -31.84
C15 LHG Y . 5.02 -14.06 -32.78
C16 LHG Y . 4.37 -15.16 -31.97
C17 LHG Y . 3.81 -16.24 -32.90
C18 LHG Y . 3.41 -17.39 -31.99
C19 LHG Y . 3.30 -18.72 -32.73
C20 LHG Y . 2.59 -19.63 -31.73
C25 LHG Y . 11.08 -7.88 -26.46
C26 LHG Y . 10.33 -8.60 -27.58
C27 LHG Y . 11.38 -9.44 -28.26
C28 LHG Y . 10.88 -10.38 -29.32
C29 LHG Y . 12.06 -10.61 -30.27
C30 LHG Y . 11.83 -11.61 -31.37
C31 LHG Y . 12.41 -11.25 -32.72
C32 LHG Y . 12.61 -12.41 -33.70
C33 LHG Y . 12.65 -11.82 -35.10
C34 LHG Y . 11.42 -11.02 -35.51
C35 LHG Y . 11.49 -10.59 -36.96
C36 LHG Y . 12.33 -9.32 -37.05
C37 LHG Y . 13.24 -9.47 -38.24
C38 LHG Y . 14.27 -8.35 -38.38
MG MG Z . 13.10 3.16 -3.91
MG MG AA . 9.81 -9.08 -2.04
C28 0UR BA . 28.18 -4.80 -14.45
C29 0UR BA . 28.40 -3.47 -13.77
C30 0UR BA . 28.43 -3.71 -12.26
C31 0UR BA . 27.12 -4.33 -11.87
C32 0UR BA . 26.40 -5.08 -12.73
C34 0UR BA . 15.69 -18.56 -29.61
C37 0UR BA . 19.77 -18.39 -32.08
C38 0UR BA . 29.16 -5.83 -13.93
O40 0UR BA . 28.59 -2.46 -11.59
C43 0UR BA . 18.21 -14.11 -29.03
C1 0UR BA . 17.98 -18.62 -30.40
C2 0UR BA . 18.44 -16.72 -28.80
C3 0UR BA . 18.55 -15.36 -28.28
C4 0UR BA . 18.99 -15.21 -27.02
C5 0UR BA . 19.15 -13.88 -26.41
C6 0UR BA . 19.92 -13.81 -25.34
C10 0UR BA . 22.32 -11.79 -21.73
C11 0UR BA . 22.77 -10.67 -20.92
C12 0UR BA . 23.50 -10.86 -19.82
C13 0UR BA . 23.95 -9.70 -19.05
C14 0UR BA . 24.71 -9.76 -17.96
C15 0UR BA . 25.03 -8.50 -17.33
C16 0UR BA . 25.57 -8.35 -16.12
C17 0UR BA . 25.82 -6.98 -15.62
C18 0UR BA . 26.59 -6.71 -14.57
C19 0UR BA . 26.76 -5.26 -14.18
C20 0UR BA . 19.70 -11.25 -24.99
C21 0UR BA . 23.87 -12.25 -19.41
C22 0UR BA . 25.88 -9.53 -15.26
C23 0UR BA . 19.17 -19.31 -31.04
C24 0UR BA . 18.69 -20.58 -31.70
C25 0UR BA . 18.07 -21.47 -30.65
C26 0UR BA . 16.81 -20.81 -30.11
C27 0UR BA . 16.90 -19.30 -30.06
C33 0UR BA . 25.16 -5.74 -12.20
C35 0UR BA . 20.20 -19.65 -29.98
C36 0UR BA . 28.39 -4.63 -15.94
C41 0UR BA . 17.99 -17.12 -30.20
C45 0UR BA . 18.30 -13.73 -31.45
C46 0UR BA . 19.73 -13.78 -31.79
C47 0UR BA . 20.07 -13.38 -33.02
C48 0UR BA . 21.51 -13.38 -33.48
C49 0UR BA . 22.17 -14.72 -33.18
C50 0UR BA . 22.73 -15.33 -34.45
C51 0UR BA . 23.28 -16.73 -34.15
C7 0UR BA . 20.24 -12.58 -24.59
C8 0UR BA . 21.06 -12.69 -23.54
C9 0UR BA . 21.47 -11.57 -22.73
O39 0UR BA . 17.68 -22.71 -31.23
O42 0UR BA . 18.75 -17.60 -28.06
O44 0UR BA . 17.73 -14.41 -30.33
O57 0UR BA . 17.54 -13.10 -32.12
O1 0IE CA . -9.22 -36.07 -3.43
C7 0IE CA . -7.62 -29.95 -3.80
C6 0IE CA . -7.80 -31.32 -3.60
C5 0IE CA . -8.98 -32.05 -3.59
C4 0IE CA . -9.13 -33.41 -3.41
C3 0IE CA . -10.27 -34.13 -3.38
C2 0IE CA . -10.26 -35.49 -3.55
C10 0IE CA . -4.67 -27.59 -4.27
C11 0IE CA . -4.22 -26.29 -4.36
C12 0IE CA . -2.92 -25.81 -4.51
C13 0IE CA . -2.62 -24.48 -4.89
C14 0IE CA . -1.61 -23.66 -4.46
C15 0IE CA . -1.51 -22.31 -4.68
C16 0IE CA . -0.59 -21.39 -4.16
C17 0IE CA . -0.75 -20.00 -4.31
C18 0IE CA . 0.19 -19.05 -4.20
C19 0IE CA . 0.04 -17.59 -4.51
C20 0IE CA . -11.58 -33.43 -3.15
C21 0IE CA . -8.74 -29.04 -3.50
C22 0IE CA . -1.79 -26.72 -4.25
C23 0IE CA . 0.56 -21.94 -3.42
C24 0IE CA . 0.79 -17.18 -5.78
C25 0IE CA . 0.78 -15.65 -5.93
C26 0IE CA . 1.43 -14.97 -4.74
C27 0IE CA . 1.01 -15.56 -3.44
C28 0IE CA . 0.46 -16.76 -3.30
C30 0IE CA . -11.51 -36.26 -3.88
C31 0IE CA . -11.36 -37.65 -4.44
C32 0IE CA . -11.16 -38.83 -3.50
C33 0IE CA . -11.82 -40.08 -4.07
C34 0IE CA . -11.60 -40.39 -5.54
C35 0IE CA . -10.95 -39.23 -6.27
C36 0IE CA . -11.50 -37.94 -5.74
C37 0IE CA . -12.28 -37.11 -6.71
C38 0IE CA . -11.76 -38.47 -2.13
C39 0IE CA . -9.67 -39.15 -3.27
C41 0IE CA . 0.16 -17.37 -1.95
C43 0IE CA . 0.11 -17.81 -7.00
C44 0IE CA . 2.24 -17.67 -5.73
C8 0IE CA . -6.43 -29.40 -4.29
C9 0IE CA . -5.95 -28.11 -4.15
O29 0IE CA . -12.11 -33.86 -1.92
O40 0IE CA . -10.83 -41.58 -5.71
O42 0IE CA . 1.15 -13.56 -4.78
C28 0UR DA . 9.07 -32.99 -10.83
C29 0UR DA . 8.42 -32.89 -12.21
C30 0UR DA . 9.33 -33.56 -13.22
C31 0UR DA . 10.66 -32.87 -13.13
C32 0UR DA . 11.23 -32.66 -11.94
C34 0UR DA . 9.58 -24.40 8.98
C37 0UR DA . 13.08 -20.98 9.16
C38 0UR DA . 9.32 -34.44 -10.50
O40 0UR DA . 8.77 -33.51 -14.55
C43 0UR DA . 13.18 -22.33 4.67
C1 0UR DA . 11.31 -22.62 8.68
C2 0UR DA . 11.43 -23.41 6.18
C3 0UR DA . 12.22 -23.46 4.95
C4 0UR DA . 12.09 -24.48 4.04
C5 0UR DA . 12.98 -24.40 2.88
C6 0UR DA . 13.21 -24.90 1.65
C10 0UR DA . 13.21 -28.39 -1.69
C11 0UR DA . 12.85 -29.00 -2.99
C12 0UR DA . 13.10 -30.23 -3.45
C13 0UR DA . 12.66 -30.60 -4.82
C14 0UR DA . 12.91 -31.76 -5.45
C15 0UR DA . 12.42 -31.95 -6.83
C16 0UR DA . 12.18 -33.13 -7.42
C17 0UR DA . 11.69 -33.25 -8.82
C18 0UR DA . 10.98 -32.27 -9.38
C19 0UR DA . 10.37 -32.18 -10.79
C20 0UR DA . 12.00 -24.98 -0.57
C21 0UR DA . 13.81 -31.23 -2.58
C22 0UR DA . 12.41 -34.39 -6.66
C23 0UR DA . 12.49 -22.33 9.54
C24 0UR DA . 12.11 -22.33 11.02
C25 0UR DA . 10.76 -21.66 11.31
C26 0UR DA . 9.68 -22.39 10.52
C27 0UR DA . 10.25 -23.11 9.33
C33 0UR DA . 12.71 -32.87 -11.79
C35 0UR DA . 13.52 -23.40 9.24
C36 0UR DA . 8.13 -32.40 -9.78
C41 0UR DA . 11.41 -22.27 7.20
C45 0UR DA . 15.62 -21.85 4.50
C46 0UR DA . 16.03 -21.22 5.77
C47 0UR DA . 17.27 -20.77 5.87
C48 0UR DA . 17.72 -20.12 7.15
C49 0UR DA . 16.86 -20.63 8.30
C7 0UR DA . 12.70 -25.73 0.53
C8 0UR DA . 12.91 -27.05 0.34
C9 0UR DA . 12.39 -27.66 -0.91
O39 0UR DA . 10.45 -21.64 12.73
O42 0UR DA . 10.74 -24.34 6.42
O44 0UR DA . 14.51 -22.79 4.48
O57 0UR DA . 16.19 -21.61 3.47
C1 NEX EA . -39.18 -29.67 1.15
C2 NEX EA . -39.83 -28.54 0.36
C3 NEX EA . -39.93 -27.26 1.20
C4 NEX EA . -38.52 -26.79 1.53
C5 NEX EA . -37.77 -27.82 2.38
C6 NEX EA . -37.86 -29.18 1.72
C7 NEX EA . -36.82 -29.90 1.61
C8 NEX EA . -35.79 -30.63 1.52
C9 NEX EA . -34.62 -30.44 0.65
C10 NEX EA . -33.64 -31.35 0.59
C11 NEX EA . -32.49 -31.13 -0.28
C12 NEX EA . -31.37 -31.85 -0.16
C13 NEX EA . -30.06 -31.89 -0.83
C14 NEX EA . -29.12 -32.73 -0.37
C15 NEX EA . -27.81 -32.78 -1.00
C16 NEX EA . -38.97 -30.87 0.25
C17 NEX EA . -40.09 -30.10 2.31
C18 NEX EA . -36.32 -27.40 2.52
C19 NEX EA . -34.55 -29.20 -0.20
C20 NEX EA . -29.74 -31.00 -2.00
O3 NEX EA . -40.61 -26.25 0.46
O4 NEX EA . -38.37 -27.88 3.68
C21 NEX EA . -17.80 -38.88 2.46
C22 NEX EA . -16.90 -40.10 2.48
C23 NEX EA . -17.56 -41.34 1.91
C24 NEX EA . -17.76 -41.07 0.42
C25 NEX EA . -18.67 -39.88 0.16
C26 NEX EA . -18.66 -38.73 1.19
C27 NEX EA . -18.46 -37.38 0.52
C28 NEX EA . -19.56 -36.63 0.46
C29 NEX EA . -19.54 -35.30 -0.15
C30 NEX EA . -20.66 -34.57 -0.28
C31 NEX EA . -21.94 -35.08 0.22
C32 NEX EA . -22.90 -34.28 -0.20
C33 NEX EA . -24.31 -34.55 0.17
C34 NEX EA . -25.31 -33.82 -0.36
C35 NEX EA . -26.66 -33.34 -0.59
C36 NEX EA . -16.91 -37.67 2.65
C37 NEX EA . -18.75 -38.92 3.65
C38 NEX EA . -18.42 -39.39 -1.28
C39 NEX EA . -18.24 -34.75 -0.68
C40 NEX EA . -24.63 -35.64 1.15
O23 NEX EA . -16.70 -42.48 2.05
O24 NEX EA . -19.83 -39.47 0.87
C1B LMU FA . -36.73 -23.21 -3.07
C2B LMU FA . -36.09 -22.39 -1.96
C3B LMU FA . -35.97 -20.91 -2.33
C4B LMU FA . -37.06 -20.38 -3.28
C5B LMU FA . -37.55 -21.42 -4.27
C6B LMU FA . -36.49 -21.78 -5.31
O1B LMU FA . -37.10 -24.48 -2.58
O2B LMU FA . -36.87 -22.55 -0.77
O3B LMU FA . -34.70 -20.68 -2.94
O4' LMU FA . -38.18 -19.93 -2.50
O5B LMU FA . -37.91 -22.56 -3.53
O6B LMU FA . -36.96 -21.43 -6.61
C1' LMU FA . -36.09 -28.00 -4.41
C2' LMU FA . -36.02 -27.79 -2.91
C3' LMU FA . -35.65 -26.35 -2.63
C4' LMU FA . -36.57 -25.46 -3.44
C5' LMU FA . -37.70 -26.29 -4.04
C6' LMU FA . -38.70 -25.41 -4.76
O1' LMU FA . -36.34 -29.38 -4.67
O3' LMU FA . -34.30 -26.10 -3.00
O5' LMU FA . -37.16 -27.22 -4.97
O6' LMU FA . -39.51 -24.71 -3.80
C1 LMU FA . -35.73 -30.22 -3.70
C2 LMU FA . -35.20 -31.46 -4.40
C3 LMU FA . -34.42 -32.34 -3.44
C4 LMU FA . -33.85 -33.54 -4.18
C5 LMU FA . -32.68 -34.14 -3.43
C6 LMU FA . -33.11 -34.57 -2.04
C7 LMU FA . -32.03 -35.42 -1.38
C8 LMU FA . -32.12 -35.34 0.13
C9 LMU FA . -33.35 -36.07 0.63
C10 LMU FA . -34.04 -35.29 1.74
C11 LMU FA . -35.25 -34.56 1.20
C1B LMU GA . -40.91 -31.33 7.78
C2B LMU GA . -41.53 -32.27 6.75
C3B LMU GA . -41.67 -33.63 7.41
C4B LMU GA . -41.18 -33.52 8.84
C5B LMU GA . -41.97 -32.43 9.57
C6B LMU GA . -41.48 -32.28 11.01
O1B LMU GA . -40.70 -30.05 7.20
O2B LMU GA . -42.79 -31.77 6.33
O3B LMU GA . -40.90 -34.60 6.70
O4' LMU GA . -41.34 -34.78 9.52
O5B LMU GA . -41.82 -31.20 8.87
O6B LMU GA . -42.17 -33.22 11.84
C1' LMU GA . -38.16 -27.32 8.68
C2' LMU GA . -37.62 -28.72 8.80
C3' LMU GA . -38.71 -29.74 8.55
C4' LMU GA . -40.06 -29.15 8.11
C5' LMU GA . -40.01 -27.81 7.39
C6' LMU GA . -40.94 -26.83 8.07
O1' LMU GA . -37.12 -26.36 8.83
O2' LMU GA . -36.57 -28.88 7.82
O3' LMU GA . -38.88 -30.46 9.79
O5' LMU GA . -38.71 -27.24 7.38
O6' LMU GA . -40.80 -25.55 7.42
C1 LMU GA . -37.37 -25.18 8.09
C2 LMU GA . -36.03 -24.60 7.64
C3 LMU GA . -35.09 -24.46 8.82
C4 LMU GA . -34.09 -23.34 8.58
C5 LMU GA . -32.94 -23.43 9.58
C6 LMU GA . -32.53 -24.88 9.81
C7 LMU GA . -32.35 -25.15 11.29
C8 LMU GA . -30.96 -25.71 11.57
C9 LMU GA . -31.04 -27.19 11.94
C10 LMU GA . -29.90 -27.57 12.88
C11 LMU GA . -29.26 -28.89 12.47
C12 LMU GA . -28.03 -29.18 13.30
MG CHL HA . 8.38 -19.35 4.98
CHA CHL HA . 6.14 -20.50 2.44
CHB CHL HA . 10.78 -19.13 2.31
CHC CHL HA . 10.93 -18.68 7.39
CHD CHL HA . 5.96 -19.58 7.54
NA CHL HA . 8.44 -19.76 2.68
C1A CHL HA . 7.50 -20.19 1.93
C2A CHL HA . 7.84 -20.36 0.46
C3A CHL HA . 9.33 -20.06 0.58
C4A CHL HA . 9.56 -19.60 1.97
CMA CHL HA . 10.16 -21.31 0.28
CAA CHL HA . 7.15 -19.29 -0.38
CBA CHL HA . 8.05 -18.68 -1.45
CGA CHL HA . 8.34 -19.70 -2.51
O1A CHL HA . 7.44 -20.38 -3.00
O2A CHL HA . 9.72 -19.91 -2.93
NB CHL HA . 10.44 -18.97 4.88
C1B CHL HA . 11.15 -18.94 3.74
C2B CHL HA . 12.58 -18.64 4.04
C3B CHL HA . 12.64 -18.51 5.51
C4B CHL HA . 11.23 -18.74 5.94
CMB CHL HA . 13.73 -18.51 3.09
CAB CHL HA . 13.96 -18.21 6.10
CBB CHL HA . 14.05 -17.56 7.24
NC CHL HA . 8.43 -19.17 7.09
C1C CHL HA . 9.53 -18.91 7.82
C2C CHL HA . 9.20 -18.85 9.27
C3C CHL HA . 7.75 -19.12 9.32
C4C CHL HA . 7.37 -19.30 7.90
CMC CHL HA . 10.09 -18.60 10.42
OMC CHL HA . 11.07 -17.89 10.29
CAC CHL HA . 6.85 -19.19 10.54
CBC CHL HA . 6.67 -17.79 11.08
ND CHL HA . 6.58 -19.87 5.05
C1D CHL HA . 5.76 -19.92 6.11
C2D CHL HA . 4.42 -20.38 5.67
C3D CHL HA . 4.59 -20.61 4.22
C4D CHL HA . 5.91 -20.27 3.91
CMD CHL HA . 2.99 -20.75 5.88
CAD CHL HA . 3.89 -21.05 2.99
OBD CHL HA . 2.77 -21.47 2.52
CBD CHL HA . 4.86 -20.96 1.89
CGD CHL HA . 4.97 -22.29 1.21
O1D CHL HA . 5.25 -23.32 1.82
O2D CHL HA . 4.74 -22.36 -0.22
CED CHL HA . 5.46 -23.30 -1.02
C1 CHL HA . 10.04 -21.09 -3.65
C2 CHL HA . 10.48 -20.75 -5.05
C3 CHL HA . 11.52 -21.39 -5.58
C4 CHL HA . 11.96 -21.07 -6.96
C5 CHL HA . 12.26 -22.43 -4.77
C6 CHL HA . 12.52 -23.69 -5.60
C7 CHL HA . 13.99 -24.09 -5.56
C8 CHL HA . 14.17 -25.58 -5.90
C9 CHL HA . 15.64 -25.98 -5.77
C10 CHL HA . 13.69 -25.90 -7.31
C11 CHL HA . 13.80 -27.38 -7.62
C12 CHL HA . 14.34 -27.61 -9.03
C13 CHL HA . 13.59 -28.71 -9.77
C14 CHL HA . 14.19 -30.07 -9.48
C15 CHL HA . 13.62 -28.42 -11.26
C16 CHL HA . 12.24 -28.28 -11.85
C17 CHL HA . 12.17 -28.89 -13.24
C18 CHL HA . 10.94 -28.42 -13.98
C19 CHL HA . 10.82 -29.13 -15.32
C20 CHL HA . 9.69 -28.67 -13.16
MG CHL IA . -2.85 -19.01 -0.36
CHA CHL IA . -2.35 -15.82 1.13
CHB CHL IA . -5.46 -17.49 -2.16
CHC CHL IA . -3.49 -22.15 -2.01
CHD CHL IA . -0.26 -20.46 1.57
NA CHL IA . -3.76 -16.99 -0.51
C1A CHL IA . -3.40 -15.91 0.07
C2A CHL IA . -4.03 -14.64 -0.41
C3A CHL IA . -5.20 -15.29 -1.13
C4A CHL IA . -4.78 -16.72 -1.30
CMA CHL IA . -6.48 -15.19 -0.32
CAA CHL IA . -3.16 -13.77 -1.31
CBA CHL IA . -2.44 -14.55 -2.40
CGA CHL IA . -3.30 -14.72 -3.61
O1A CHL IA . -3.81 -13.77 -4.13
O2A CHL IA . -3.53 -16.04 -4.16
NB CHL IA . -4.20 -19.69 -1.80
C1B CHL IA . -5.14 -18.91 -2.35
C2B CHL IA . -5.93 -19.70 -3.33
C3B CHL IA . -5.37 -21.07 -3.31
C4B CHL IA . -4.28 -20.94 -2.30
CMB CHL IA . -7.08 -19.26 -4.19
CAB CHL IA . -6.05 -22.03 -4.21
CBB CHL IA . -5.46 -22.46 -5.31
NC CHL IA . -2.05 -20.89 -0.25
C1C CHL IA . -2.44 -21.96 -0.99
C2C CHL IA . -1.64 -23.16 -0.65
C3C CHL IA . -0.70 -22.68 0.38
C4C CHL IA . -1.03 -21.25 0.57
CMC CHL IA . -1.80 -24.50 -1.26
OMC CHL IA . -0.90 -25.34 -1.16
CAC CHL IA . 0.35 -23.50 1.06
CBC CHL IA . 1.61 -23.49 0.20
ND CHL IA . -1.57 -18.40 1.03
C1D CHL IA . -0.63 -19.04 1.72
C2D CHL IA . 0.04 -18.12 2.66
C3D CHL IA . -0.64 -16.82 2.44
C4D CHL IA . -1.60 -17.06 1.45
CMD CHL IA . 1.10 -18.88 3.41
CAD CHL IA . -0.74 -15.38 2.81
OBD CHL IA . -0.32 -14.39 3.54
CBD CHL IA . -1.81 -14.76 2.00
CGD CHL IA . -2.89 -14.24 2.88
O1D CHL IA . -3.18 -13.06 2.94
O2D CHL IA . -3.66 -15.17 3.71
CED CHL IA . -4.80 -14.67 4.40
C1 CHL IA . -4.03 -16.20 -5.49
C2 CHL IA . -3.79 -17.61 -5.95
C3 CHL IA . -4.36 -18.02 -7.06
C4 CHL IA . -5.22 -17.06 -7.82
C5 CHL IA . -4.17 -19.42 -7.57
C6 CHL IA . -2.68 -19.73 -7.50
C7 CHL IA . -2.40 -21.09 -8.09
C8 CHL IA . -1.70 -20.94 -9.42
C9 CHL IA . -2.69 -21.11 -10.56
C10 CHL IA . -0.61 -21.98 -9.56
C11 CHL IA . 0.29 -21.97 -8.34
C12 CHL IA . 0.87 -23.36 -8.21
C13 CHL IA . 1.89 -23.43 -7.08
C14 CHL IA . 2.46 -22.05 -6.75
C15 CHL IA . 3.01 -24.35 -7.50
C16 CHL IA . 3.83 -24.70 -6.26
C17 CHL IA . 3.49 -26.10 -5.75
C18 CHL IA . 3.30 -26.10 -4.24
C19 CHL IA . 1.82 -26.20 -3.89
MG CLA JA . -8.61 -25.17 -8.54
CHA CLA JA . -10.49 -22.36 -9.43
CHB CLA JA . -5.75 -23.37 -8.88
CHC CLA JA . -6.83 -27.98 -7.69
CHD CLA JA . -11.62 -27.01 -8.26
NA CLA JA . -8.22 -23.19 -9.08
C1A CLA JA . -9.12 -22.17 -9.41
C2A CLA JA . -8.38 -20.87 -9.75
C3A CLA JA . -6.90 -21.26 -9.64
C4A CLA JA . -6.93 -22.72 -9.17
CMA CLA JA . -6.21 -21.17 -10.97
CAA CLA JA . -8.71 -19.71 -8.84
CBA CLA JA . -8.14 -18.42 -9.41
CGA CLA JA . -8.59 -18.25 -10.84
O1A CLA JA . -9.53 -18.79 -11.42
O2A CLA JA . -7.81 -17.36 -11.55
NB CLA JA . -6.66 -25.60 -8.32
C1B CLA JA . -5.64 -24.71 -8.47
C2B CLA JA . -4.34 -25.40 -8.19
C3B CLA JA . -4.64 -26.71 -7.85
C4B CLA JA . -6.12 -26.85 -7.94
CMB CLA JA . -3.05 -24.74 -8.26
CAB CLA JA . -3.74 -27.78 -7.50
CBB CLA JA . -3.72 -29.00 -8.03
NC CLA JA . -9.14 -27.12 -8.06
C1C CLA JA . -8.25 -28.11 -7.75
C2C CLA JA . -8.95 -29.35 -7.49
C3C CLA JA . -10.31 -29.07 -7.62
C4C CLA JA . -10.42 -27.67 -7.99
CMC CLA JA . -8.30 -30.62 -7.14
CAC CLA JA . -11.42 -30.01 -7.41
CBC CLA JA . -11.78 -30.02 -5.95
ND CLA JA . -10.60 -24.83 -8.76
C1D CLA JA . -11.73 -25.68 -8.64
C2D CLA JA . -12.95 -24.91 -8.94
C3D CLA JA . -12.54 -23.63 -9.21
C4D CLA JA . -11.06 -23.64 -9.10
CMD CLA JA . -14.31 -25.45 -8.92
CAD CLA JA . -12.95 -22.29 -9.57
OBD CLA JA . -14.08 -21.85 -9.73
CBD CLA JA . -11.66 -21.44 -9.74
CGD CLA JA . -11.67 -20.86 -11.12
O1D CLA JA . -12.14 -19.77 -11.44
O2D CLA JA . -11.13 -21.64 -12.10
CED CLA JA . -11.16 -21.15 -13.46
C1 CLA JA . -7.92 -17.35 -12.99
C2 CLA JA . -7.48 -18.67 -13.47
C3 CLA JA . -6.61 -18.84 -14.49
C4 CLA JA . -6.03 -17.67 -15.18
C5 CLA JA . -6.24 -20.22 -14.90
C6 CLA JA . -4.79 -20.44 -15.28
C7 CLA JA . -4.61 -21.81 -15.91
C8 CLA JA . -4.96 -22.93 -14.95
C9 CLA JA . -3.73 -23.39 -14.19
C10 CLA JA . -5.57 -24.12 -15.67
C11 CLA JA . -6.46 -23.69 -16.81
C12 CLA JA . -7.43 -24.78 -17.19
C13 CLA JA . -6.83 -25.75 -18.19
C14 CLA JA . -6.60 -25.09 -19.53
C15 CLA JA . -7.69 -27.02 -18.35
C16 CLA JA . -8.94 -27.00 -17.48
C17 CLA JA . -9.12 -28.31 -16.75
C18 CLA JA . -10.59 -28.69 -16.60
C19 CLA JA . -10.80 -29.69 -15.49
C20 CLA JA . -11.45 -27.47 -16.36
MG CLA KA . -14.25 -41.88 0.25
CHA CLA KA . -14.89 -44.99 -1.10
CHB CLA KA . -14.97 -40.44 -2.75
CHC CLA KA . -13.76 -38.78 1.67
CHD CLA KA . -13.45 -43.43 3.33
NA CLA KA . -14.82 -42.62 -1.61
C1A CLA KA . -15.05 -43.95 -1.97
C2A CLA KA . -15.46 -44.06 -3.43
C3A CLA KA . -15.26 -42.63 -3.98
C4A CLA KA . -15.02 -41.82 -2.70
CMA CLA KA . -14.10 -42.57 -4.93
CAA CLA KA . -16.93 -44.48 -3.51
CBA CLA KA . -17.86 -43.46 -2.86
CGA CLA KA . -19.03 -44.14 -2.20
O1A CLA KA . -19.47 -45.27 -2.39
O2A CLA KA . -19.66 -43.36 -1.28
NB CLA KA . -14.24 -39.99 -0.44
C1B CLA KA . -14.76 -39.62 -1.65
C2B CLA KA . -15.07 -38.16 -1.65
C3B CLA KA . -14.73 -37.68 -0.41
C4B CLA KA . -14.18 -38.83 0.38
CMB CLA KA . -15.63 -37.49 -2.81
CAB CLA KA . -14.83 -36.35 0.14
CBB CLA KA . -14.57 -35.22 -0.54
NC CLA KA . -13.68 -41.24 2.16
C1C CLA KA . -13.53 -39.92 2.51
C2C CLA KA . -13.10 -39.83 3.90
C3C CLA KA . -13.05 -41.13 4.39
C4C CLA KA . -13.40 -42.02 3.28
CMC CLA KA . -12.83 -38.57 4.60
CAC CLA KA . -12.68 -41.56 5.74
CBC CLA KA . -13.90 -41.91 6.54
ND CLA KA . -14.24 -43.74 1.04
C1D CLA KA . -13.84 -44.26 2.30
C2D CLA KA . -13.93 -45.75 2.26
C3D CLA KA . -14.35 -46.08 0.99
C4D CLA KA . -14.50 -44.80 0.26
CMD CLA KA . -13.63 -46.63 3.38
CAD CLA KA . -14.70 -47.15 0.07
OBD CLA KA . -14.80 -48.36 0.25
CBD CLA KA . -14.99 -46.47 -1.32
CGD CLA KA . -13.99 -46.88 -2.36
O1D CLA KA . -14.19 -47.10 -3.56
O2D CLA KA . -12.71 -46.99 -1.90
CED CLA KA . -11.68 -47.24 -2.85
C1 CLA KA . -20.89 -43.89 -0.73
MG CHL LA . -27.11 -49.15 -4.71
CHA CHL LA . -27.57 -49.52 -1.19
CHB CHL LA . -27.98 -52.64 -4.83
CHC CHL LA . -26.55 -49.10 -8.22
CHD CHL LA . -25.78 -45.91 -4.41
NA CHL LA . -27.78 -50.81 -3.24
C1A CHL LA . -27.99 -50.71 -2.00
C2A CHL LA . -28.66 -51.88 -1.33
C3A CHL LA . -28.25 -52.87 -2.41
C4A CHL LA . -27.98 -52.06 -3.63
CMA CHL LA . -26.96 -53.60 -2.05
CAA CHL LA . -30.13 -52.07 -0.97
CBA CHL LA . -30.36 -52.03 0.52
NB CHL LA . -27.23 -50.57 -6.22
C1B CHL LA . -27.59 -51.86 -6.03
C2B CHL LA . -27.58 -52.58 -7.33
C3B CHL LA . -27.17 -51.56 -8.32
C4B CHL LA . -26.97 -50.33 -7.51
CMB CHL LA . -27.91 -54.02 -7.58
CAB CHL LA . -27.07 -51.99 -9.73
CBB CHL LA . -27.56 -51.22 -10.68
NC CHL LA . -26.30 -47.74 -6.08
C1C CHL LA . -26.17 -47.92 -7.41
C2C CHL LA . -25.56 -46.71 -8.06
C3C CHL LA . -25.34 -45.79 -6.93
C4C CHL LA . -25.84 -46.54 -5.75
CMC CHL LA . -25.29 -46.62 -9.51
OMC CHL LA . -24.76 -47.54 -10.12
CAC CHL LA . -24.75 -44.40 -6.93
CBC CHL LA . -25.87 -43.38 -7.06
ND CHL LA . -26.75 -47.98 -3.26
C1D CHL LA . -26.24 -46.75 -3.28
C2D CHL LA . -26.14 -46.23 -1.89
C3D CHL LA . -26.67 -47.34 -1.05
C4D CHL LA . -27.01 -48.36 -1.94
CMD CHL LA . -25.70 -45.02 -1.10
CAD CHL LA . -26.98 -47.79 0.34
OBD CHL LA . -26.82 -47.16 1.44
CBD CHL LA . -27.54 -49.15 0.23
CGD CHL LA . -26.65 -50.11 0.96
O1D CHL LA . -25.69 -50.62 0.40
O2D CHL LA . -26.88 -50.45 2.35
CED CHL LA . -26.32 -51.64 2.90
MG CHL MA . -19.12 -39.66 -5.46
CHA CHL MA . -22.04 -40.79 -3.80
CHB CHL MA . -19.92 -36.48 -4.07
CHC CHL MA . -16.00 -38.46 -6.74
CHD CHL MA . -18.39 -42.90 -6.76
NA CHL MA . -20.77 -38.74 -4.10
C1A CHL MA . -21.77 -39.34 -3.61
C2A CHL MA . -22.72 -38.50 -2.79
C3A CHL MA . -21.93 -37.20 -2.82
C4A CHL MA . -20.77 -37.47 -3.72
CMA CHL MA . -22.83 -36.10 -3.35
CAA CHL MA . -23.54 -38.60 -1.52
CBA CHL MA . -22.65 -38.94 -0.35
CGA CHL MA . -23.49 -38.97 0.90
O1A CHL MA . -24.57 -39.52 0.90
O2A CHL MA . -23.02 -38.30 2.12
NB CHL MA . -18.16 -37.86 -5.42
C1B CHL MA . -18.67 -36.76 -4.81
C2B CHL MA . -17.71 -35.64 -4.98
C3B CHL MA . -16.57 -36.20 -5.75
C4B CHL MA . -16.96 -37.61 -5.98
CMB CHL MA . -17.87 -34.23 -4.46
CAB CHL MA . -15.43 -35.28 -6.06
CBB CHL MA . -14.58 -34.91 -5.13
NC CHL MA . -17.46 -40.54 -6.57
C1C CHL MA . -16.36 -39.88 -6.97
C2C CHL MA . -15.44 -40.79 -7.72
C3C CHL MA . -16.15 -42.10 -7.71
C4C CHL MA . -17.40 -41.82 -6.97
CMC CHL MA . -14.20 -41.15 -8.46
OMC CHL MA . -13.41 -40.30 -8.81
CAC CHL MA . -15.72 -43.42 -8.31
CBC CHL MA . -16.34 -43.58 -9.68
ND CHL MA . -19.93 -41.40 -5.36
C1D CHL MA . -19.55 -42.57 -5.90
C2D CHL MA . -20.51 -43.63 -5.52
C3D CHL MA . -21.51 -42.91 -4.68
C4D CHL MA . -21.10 -41.58 -4.62
CMD CHL MA . -20.88 -45.08 -5.63
CAD CHL MA . -22.76 -43.07 -3.89
OBD CHL MA . -23.71 -43.80 -3.45
CBD CHL MA . -23.09 -41.73 -3.35
CGD CHL MA . -24.40 -41.27 -3.92
O1D CHL MA . -24.42 -40.42 -4.80
O2D CHL MA . -25.65 -41.83 -3.44
CED CHL MA . -26.86 -41.09 -3.58
C1 CHL MA . -23.56 -38.72 3.36
C2 CHL MA . -24.09 -39.19 4.70
C3 CHL MA . -23.82 -38.56 5.86
C4 CHL MA . -24.39 -39.09 7.14
C5 CHL MA . -22.93 -37.34 5.86
MG CHL NA . -12.28 -38.86 -11.22
CHA CHL NA . -10.56 -41.19 -13.30
CHB CHL NA . -9.04 -37.40 -10.74
CHC CHL NA . -13.85 -36.12 -9.53
CHD CHL NA . -15.38 -40.43 -11.62
NA CHL NA . -10.10 -39.22 -11.96
C1A CHL NA . -9.69 -40.11 -12.77
C2A CHL NA . -8.26 -39.99 -13.27
C3A CHL NA . -7.86 -38.86 -12.31
C4A CHL NA . -9.09 -38.44 -11.60
CMA CHL NA . -6.81 -39.35 -11.32
CAA CHL NA . -8.07 -39.54 -14.71
CBA CHL NA . -7.01 -40.38 -15.43
CGA CHL NA . -5.62 -39.85 -15.16
O1A CHL NA . -4.66 -40.35 -15.74
O2A CHL NA . -5.38 -38.77 -14.23
NB CHL NA . -11.59 -37.12 -10.32
C1B CHL NA . -10.29 -36.77 -10.26
C2B CHL NA . -10.16 -35.47 -9.54
C3B CHL NA . -11.55 -35.08 -9.19
C4B CHL NA . -12.38 -36.20 -9.73
CMB CHL NA . -8.91 -34.69 -9.22
CAB CHL NA . -11.69 -33.82 -8.45
CBB CHL NA . -11.64 -33.84 -7.14
NC CHL NA . -14.28 -38.37 -10.67
C1C CHL NA . -14.67 -37.26 -10.02
C2C CHL NA . -16.15 -37.26 -9.83
C3C CHL NA . -16.60 -38.53 -10.44
C4C CHL NA . -15.35 -39.14 -10.92
CMC CHL NA . -16.38 -35.98 -9.10
OMC CHL NA . -17.38 -35.31 -9.29
CAC CHL NA . -18.00 -39.11 -10.53
CBC CHL NA . -18.58 -38.83 -11.91
ND CHL NA . -12.86 -40.36 -12.17
C1D CHL NA . -14.10 -40.86 -12.24
C2D CHL NA . -14.09 -42.07 -13.09
C3D CHL NA . -12.68 -42.20 -13.52
C4D CHL NA . -12.00 -41.13 -12.93
CMD CHL NA . -15.13 -43.05 -13.55
CAD CHL NA . -11.72 -42.99 -14.33
OBD CHL NA . -12.18 -44.01 -14.95
CBD CHL NA . -10.40 -42.36 -14.21
CGD CHL NA . -9.43 -43.36 -13.66
O1D CHL NA . -9.76 -44.14 -12.78
O2D CHL NA . -8.08 -43.45 -14.22
CED CHL NA . -7.19 -44.46 -13.75
C1 CHL NA . -4.24 -37.92 -14.24
C2 CHL NA . -4.59 -36.75 -13.36
C3 CHL NA . -3.99 -36.60 -12.17
C4 CHL NA . -2.98 -37.61 -11.71
C5 CHL NA . -4.32 -35.43 -11.27
C6 CHL NA . -5.34 -34.51 -11.93
C7 CHL NA . -5.44 -33.19 -11.17
C8 CHL NA . -6.62 -32.38 -11.67
C9 CHL NA . -6.48 -32.14 -13.16
C10 CHL NA . -6.75 -31.06 -10.92
C11 CHL NA . -8.04 -30.35 -11.28
C12 CHL NA . -9.25 -31.22 -10.92
C13 CHL NA . -10.50 -30.70 -11.60
C14 CHL NA . -10.56 -29.19 -11.47
C15 CHL NA . -11.75 -31.31 -10.98
C16 CHL NA . -13.01 -30.57 -11.42
MG CHL OA . -23.51 -26.77 2.61
CHA CHL OA . -20.00 -27.22 2.71
CHB CHL OA . -23.67 -30.29 2.29
CHC CHL OA . -27.08 -26.55 2.85
CHD CHL OA . -23.28 -23.30 3.40
NA CHL OA . -22.07 -28.47 2.37
C1A CHL OA . -20.79 -28.44 2.41
C2A CHL OA . -20.08 -29.73 2.15
C3A CHL OA . -21.29 -30.56 1.80
C4A CHL OA . -22.46 -29.72 2.17
CMA CHL OA . -21.33 -30.88 0.30
CAA CHL OA . -19.36 -30.28 3.38
CBA CHL OA . -20.32 -30.50 4.55
CGA CHL OA . -19.82 -29.71 5.73
O1A CHL OA . -19.47 -28.56 5.58
O2A CHL OA . -19.73 -30.31 7.04
NB CHL OA . -25.05 -28.13 2.57
C1B CHL OA . -24.87 -29.46 2.44
C2B CHL OA . -26.19 -30.15 2.45
C3B CHL OA . -27.18 -29.06 2.62
C4B CHL OA . -26.36 -27.83 2.68
CMB CHL OA . -26.46 -31.61 2.34
CAB CHL OA . -28.61 -29.48 2.67
CBB CHL OA . -29.24 -29.81 1.55
NC CHL OA . -24.95 -25.17 3.05
C1C CHL OA . -26.28 -25.33 3.10
C2C CHL OA . -26.96 -24.05 3.43
C3C CHL OA . -25.85 -23.09 3.59
C4C CHL OA . -24.64 -23.91 3.33
CMC CHL OA . -28.36 -23.60 3.61
OMC CHL OA . -29.26 -24.41 3.50
CAC CHL OA . -25.92 -21.62 3.94
CBC CHL OA . -26.00 -21.50 5.44
ND CHL OA . -22.08 -25.53 2.97
C1D CHL OA . -22.14 -24.23 3.25
C2D CHL OA . -20.76 -23.71 3.43
C3D CHL OA . -19.90 -24.91 3.22
C4D CHL OA . -20.76 -25.96 2.95
CMD CHL OA . -19.80 -22.59 3.73
CAD CHL OA . -18.49 -25.41 3.17
OBD CHL OA . -17.44 -24.69 3.39
CBD CHL OA . -18.57 -26.86 2.88
CGD CHL OA . -17.77 -27.26 1.67
O1D CHL OA . -18.30 -27.42 0.59
O2D CHL OA . -16.35 -27.48 1.83
CED CHL OA . -15.67 -28.37 0.95
C1 CHL OA . -19.62 -29.46 8.16
C2 CHL OA . -21.01 -29.34 8.70
C3 CHL OA . -21.37 -29.99 9.82
C4 CHL OA . -20.40 -30.82 10.58
C5 CHL OA . -22.79 -29.85 10.29
C6 CHL OA . -23.59 -30.94 9.60
C7 CHL OA . -24.41 -30.41 8.45
C8 CHL OA . -24.11 -31.15 7.14
C9 CHL OA . -25.40 -31.53 6.41
C10 CHL OA . -23.28 -32.39 7.42
C11 CHL OA . -23.19 -33.25 6.16
MG CHL PA . -18.22 -26.13 -6.77
CHA CHL PA . -16.39 -23.15 -6.28
CHB CHL PA . -20.86 -24.04 -7.91
CHC CHL PA . -19.94 -29.07 -7.85
CHD CHL PA . -15.48 -28.14 -5.61
NA CHL PA . -18.59 -23.91 -7.04
C1A CHL PA . -17.77 -22.96 -6.85
C2A CHL PA . -18.23 -21.58 -7.28
C3A CHL PA . -19.70 -21.93 -7.48
C4A CHL PA . -19.75 -23.43 -7.48
CMA CHL PA . -20.56 -21.40 -6.34
CAA CHL PA . -17.62 -21.16 -8.60
CBA CHL PA . -17.49 -22.35 -9.56
CGA CHL PA . -16.90 -21.96 -10.89
O1A CHL PA . -16.78 -20.79 -11.22
O2A CHL PA . -16.48 -23.00 -11.81
NB CHL PA . -20.02 -26.49 -7.70
C1B CHL PA . -20.88 -25.52 -8.05
C2B CHL PA . -22.07 -26.12 -8.70
C3B CHL PA . -21.83 -27.58 -8.69
C4B CHL PA . -20.50 -27.70 -8.03
CMB CHL PA . -23.28 -25.39 -9.24
CAB CHL PA . -22.91 -28.40 -9.30
CBB CHL PA . -22.66 -29.60 -9.77
NC CHL PA . -17.80 -28.20 -6.74
C1C CHL PA . -18.61 -29.16 -7.21
C2C CHL PA . -17.99 -30.51 -7.02
C3C CHL PA . -16.70 -30.21 -6.37
C4C CHL PA . -16.68 -28.75 -6.24
CMC CHL PA . -18.94 -31.49 -7.58
OMC CHL PA . -19.07 -32.56 -7.01
CAC CHL PA . -15.61 -31.16 -5.95
CBC CHL PA . -14.79 -31.49 -7.17
ND CHL PA . -16.37 -25.82 -6.10
C1D CHL PA . -15.43 -26.67 -5.69
C2D CHL PA . -14.20 -25.93 -5.28
C3D CHL PA . -14.59 -24.51 -5.53
C4D CHL PA . -15.90 -24.53 -6.02
CMD CHL PA . -12.81 -26.15 -4.74
CAD CHL PA . -14.14 -23.11 -5.44
OBD CHL PA . -13.02 -22.64 -5.05
CBD CHL PA . -15.26 -22.27 -5.94
CGD CHL PA . -15.65 -21.27 -4.92
O1D CHL PA . -16.50 -21.55 -4.09
O2D CHL PA . -15.03 -19.96 -4.96
CED CHL PA . -15.87 -18.80 -5.00
C1 CHL PA . -15.46 -22.76 -12.76
C2 CHL PA . -14.30 -23.71 -12.58
C3 CHL PA . -14.26 -24.89 -13.20
C4 CHL PA . -15.41 -25.32 -14.07
C5 CHL PA . -13.10 -25.83 -13.03
C6 CHL PA . -11.82 -25.06 -12.66
C7 CHL PA . -10.60 -25.78 -13.17
C8 CHL PA . -9.39 -25.51 -12.30
C9 CHL PA . -8.89 -24.09 -12.51
C10 CHL PA . -8.28 -26.47 -12.64
C11 CHL PA . -7.03 -26.07 -11.90
C12 CHL PA . -5.78 -26.43 -12.70
C13 CHL PA . -4.79 -27.20 -11.84
C14 CHL PA . -3.56 -26.35 -11.57
C15 CHL PA . -4.40 -28.48 -12.56
C16 CHL PA . -2.97 -28.89 -12.25
C17 CHL PA . -2.93 -30.16 -11.40
C18 CHL PA . -1.83 -31.12 -11.83
C19 CHL PA . -2.25 -31.93 -13.04
C20 CHL PA . -0.50 -30.41 -12.08
MG CLA QA . -14.18 -26.09 9.50
CHA CLA QA . -16.69 -24.11 10.67
CHB CLA QA . -12.24 -25.17 12.11
CHC CLA QA . -11.97 -28.51 8.69
CHD CLA QA . -16.25 -27.07 6.87
NA CLA QA . -14.42 -24.78 11.06
C1A CLA QA . -15.57 -24.11 11.41
C2A CLA QA . -15.34 -23.32 12.66
C3A CLA QA . -13.84 -23.44 12.93
C4A CLA QA . -13.46 -24.56 11.99
CMA CLA QA . -13.11 -22.17 12.63
CAA CLA QA . -16.15 -24.02 13.73
CBA CLA QA . -16.08 -25.53 13.72
CGA CLA QA . -14.90 -26.01 14.50
O1A CLA QA . -14.42 -25.54 15.50
O2A CLA QA . -14.30 -27.10 13.97
NB CLA QA . -12.45 -26.71 10.25
C1B CLA QA . -11.81 -26.21 11.30
C2B CLA QA . -10.54 -26.90 11.53
C3B CLA QA . -10.46 -27.86 10.55
C4B CLA QA . -11.67 -27.74 9.74
CMB CLA QA . -9.64 -26.56 12.62
CAB CLA QA . -9.47 -28.84 10.29
CBB CLA QA . -8.17 -28.71 10.51
NC CLA QA . -14.09 -27.49 8.00
C1C CLA QA . -13.10 -28.39 7.86
C2C CLA QA . -13.36 -29.24 6.76
C3C CLA QA . -14.56 -28.86 6.24
C4C CLA QA . -15.04 -27.75 7.03
CMC CLA QA . -12.50 -30.31 6.28
CAC CLA QA . -15.17 -29.48 5.07
CBC CLA QA . -16.60 -29.87 5.28
ND CLA QA . -16.00 -25.59 8.77
C1D CLA QA . -16.72 -26.07 7.67
C2D CLA QA . -17.99 -25.33 7.60
C3D CLA QA . -18.05 -24.61 8.75
C4D CLA QA . -16.78 -24.81 9.45
CMD CLA QA . -19.00 -25.45 6.56
CAD CLA QA . -18.78 -23.62 9.51
OBD CLA QA . -19.78 -23.01 9.21
CBD CLA QA . -18.02 -23.43 10.85
CGD CLA QA . -17.89 -22.00 11.26
O1D CLA QA . -16.88 -21.34 11.32
O2D CLA QA . -19.04 -21.42 11.62
CED CLA QA . -18.95 -20.51 12.70
C1 CLA QA . -13.09 -27.54 14.61
C2 CLA QA . -12.69 -28.77 13.88
C3 CLA QA . -12.13 -29.84 14.46
C4 CLA QA . -11.86 -29.91 15.89
C5 CLA QA . -11.75 -31.03 13.67
C6 CLA QA . -12.78 -32.15 13.64
C7 CLA QA . -12.19 -33.36 12.95
C8 CLA QA . -13.10 -34.58 12.95
C9 CLA QA . -12.38 -35.75 12.31
C10 CLA QA . -14.38 -34.35 12.20
C11 CLA QA . -15.27 -35.57 12.29
C12 CLA QA . -16.62 -35.31 11.64
C13 CLA QA . -17.72 -36.16 12.25
MG CLA RA . 3.54 -25.57 13.04
CHA CLA RA . 0.44 -24.79 14.38
CHB CLA RA . 5.06 -24.28 15.81
CHC CLA RA . 6.58 -26.57 11.77
CHD CLA RA . 1.91 -27.07 10.28
NA CLA RA . 2.84 -24.63 14.77
C1A CLA RA . 1.51 -24.41 15.15
C2A CLA RA . 1.45 -23.71 16.51
C3A CLA RA . 2.93 -23.41 16.84
C4A CLA RA . 3.69 -24.16 15.75
CMA CLA RA . 3.23 -21.94 16.77
CAA CLA RA . 0.85 -24.63 17.57
CBA CLA RA . 1.36 -26.05 17.46
CGA CLA RA . 1.09 -26.80 18.73
O1A CLA RA . 0.82 -26.37 19.86
O2A CLA RA . 1.15 -28.15 18.57
NB CLA RA . 5.46 -25.42 13.67
C1B CLA RA . 5.86 -24.93 14.86
C2B CLA RA . 7.34 -25.14 15.02
C3B CLA RA . 7.77 -25.79 13.89
C4B CLA RA . 6.58 -25.97 13.00
CMB CLA RA . 8.07 -24.70 16.19
CAB CLA RA . 9.09 -26.20 13.53
CBB CLA RA . 10.12 -25.35 13.43
NC CLA RA . 4.13 -26.56 11.30
C1C CLA RA . 5.43 -26.83 10.97
C2C CLA RA . 5.49 -27.53 9.68
C3C CLA RA . 4.16 -27.72 9.28
C4C CLA RA . 3.31 -27.10 10.30
CMC CLA RA . 6.71 -27.96 9.01
CAC CLA RA . 3.69 -28.38 8.06
CBC CLA RA . 3.68 -29.89 8.23
ND CLA RA . 1.64 -25.78 12.36
C1D CLA RA . 1.12 -26.46 11.23
C2D CLA RA . -0.36 -26.42 11.28
C3D CLA RA . -0.67 -25.77 12.48
C4D CLA RA . 0.61 -25.43 13.12
CMD CLA RA . -1.23 -26.99 10.25
CAD CLA RA . -1.74 -25.32 13.36
OBD CLA RA . -2.96 -25.43 13.24
CBD CLA RA . -1.06 -24.69 14.62
CGD CLA RA . -1.50 -23.28 14.86
O1D CLA RA . -0.92 -22.23 14.53
O2D CLA RA . -2.69 -23.15 15.51
CED CLA RA . -2.84 -22.09 16.47
C1 CLA RA . -0.10 -28.85 18.53
C2 CLA RA . 0.04 -29.89 17.48
C3 CLA RA . -0.45 -31.13 17.62
C4 CLA RA . -1.18 -31.54 18.85
C5 CLA RA . -0.29 -32.16 16.56
C6 CLA RA . -1.64 -32.51 15.97
C7 CLA RA . -1.49 -33.55 14.90
C8 CLA RA . -2.82 -34.06 14.37
C9 CLA RA . -3.96 -33.81 15.35
C10 CLA RA . -2.70 -35.56 14.05
C11 CLA RA . -1.58 -35.76 13.05
C12 CLA RA . -1.05 -37.17 13.07
C13 CLA RA . -2.11 -38.15 12.60
C14 CLA RA . -1.56 -39.56 12.55
C15 CLA RA . -2.69 -37.76 11.25
C16 CLA RA . -1.74 -38.12 10.13
C17 CLA RA . -2.41 -37.99 8.78
C18 CLA RA . -1.41 -37.85 7.66
C19 CLA RA . -0.63 -39.14 7.48
C20 CLA RA . -2.14 -37.49 6.38
MG CLA SA . -3.92 -31.37 12.35
CHA CLA SA . -4.25 -29.09 14.96
CHB CLA SA . -7.22 -32.18 12.64
CHC CLA SA . -3.48 -33.80 9.95
CHD CLA SA . -0.47 -30.58 12.17
NA CLA SA . -5.47 -30.68 13.57
C1A CLA SA . -5.42 -29.73 14.61
C2A CLA SA . -6.79 -29.55 15.26
C3A CLA SA . -7.71 -30.51 14.46
C4A CLA SA . -6.75 -31.17 13.47
CMA CLA SA . -8.37 -31.53 15.34
CAA CLA SA . -7.29 -28.12 15.11
CBA CLA SA . -8.61 -27.92 15.84
CGA CLA SA . -8.44 -28.17 17.32
O1A CLA SA . -7.57 -27.73 18.08
O2A CLA SA . -9.39 -29.00 17.83
NB CLA SA . -5.13 -32.69 11.42
C1B CLA SA . -6.44 -32.89 11.71
C2B CLA SA . -6.97 -34.01 10.89
C3B CLA SA . -5.92 -34.48 10.12
C4B CLA SA . -4.73 -33.65 10.46
CMB CLA SA . -8.36 -34.48 10.98
CAB CLA SA . -5.84 -35.55 9.19
CBB CLA SA . -6.30 -36.79 9.40
NC CLA SA . -2.28 -32.02 11.24
C1C CLA SA . -2.32 -33.04 10.31
C2C CLA SA . -0.98 -33.26 9.78
C3C CLA SA . -0.13 -32.34 10.38
C4C CLA SA . -0.96 -31.57 11.30
CMC CLA SA . -0.63 -34.28 8.78
CAC CLA SA . 1.31 -32.18 10.19
CBC CLA SA . 2.14 -32.84 11.27
ND CLA SA . -2.63 -30.12 13.25
C1D CLA SA . -1.23 -29.92 13.09
C2D CLA SA . -0.77 -28.91 14.07
C3D CLA SA . -1.88 -28.56 14.82
C4D CLA SA . -3.01 -29.34 14.27
CMD CLA SA . 0.62 -28.47 14.20
CAD CLA SA . -2.39 -27.77 15.92
OBD CLA SA . -1.82 -27.00 16.68
CBD CLA SA . -3.92 -28.07 16.03
CGD CLA SA . -4.27 -28.47 17.43
O1D CLA SA . -4.54 -27.73 18.39
O2D CLA SA . -4.24 -29.82 17.65
CED CLA SA . -4.67 -30.26 18.93
MG CLA TA . 6.38 -35.56 -2.21
CHA CLA TA . 8.10 -38.38 -3.27
CHB CLA TA . 6.54 -36.68 1.01
CHC CLA TA . 4.86 -32.66 -1.18
CHD CLA TA . 6.37 -34.38 -5.55
NA CLA TA . 7.15 -37.28 -1.32
C1A CLA TA . 7.84 -38.33 -1.93
C2A CLA TA . 8.25 -39.38 -0.90
C3A CLA TA . 7.55 -38.91 0.40
C4A CLA TA . 7.04 -37.53 0.03
CMA CLA TA . 6.42 -39.83 0.79
CAA CLA TA . 9.77 -39.35 -0.75
CBA CLA TA . 10.33 -37.97 -0.42
CGA CLA TA . 10.67 -37.18 -1.64
O1A CLA TA . 11.24 -37.53 -2.67
O2A CLA TA . 10.26 -35.89 -1.55
NB CLA TA . 5.76 -34.83 -0.44
C1B CLA TA . 6.03 -35.39 0.77
C2B CLA TA . 5.73 -34.42 1.85
C3B CLA TA . 5.25 -33.29 1.25
C4B CLA TA . 5.24 -33.54 -0.22
CMB CLA TA . 5.93 -34.73 3.27
CAB CLA TA . 4.78 -32.06 1.83
CBB CLA TA . 3.75 -31.94 2.67
NC CLA TA . 5.68 -33.85 -3.20
C1C CLA TA . 5.06 -32.81 -2.58
C2C CLA TA . 4.69 -31.81 -3.56
C3C CLA TA . 5.16 -32.26 -4.79
C4C CLA TA . 5.79 -33.55 -4.56
CMC CLA TA . 3.99 -30.56 -3.26
CAC CLA TA . 5.04 -31.56 -6.09
CBC CLA TA . 6.13 -30.52 -6.27
ND CLA TA . 7.00 -36.20 -4.03
C1D CLA TA . 6.94 -35.61 -5.32
C2D CLA TA . 7.57 -36.54 -6.29
C3D CLA TA . 8.04 -37.61 -5.56
C4D CLA TA . 7.67 -37.35 -4.16
CMD CLA TA . 7.67 -36.29 -7.72
CAD CLA TA . 8.70 -38.91 -5.59
OBD CLA TA . 9.11 -39.58 -6.55
CBD CLA TA . 8.83 -39.40 -4.13
CGD CLA TA . 8.31 -40.81 -3.96
O1D CLA TA . 7.23 -41.27 -4.31
O2D CLA TA . 9.18 -41.66 -3.32
CED CLA TA . 8.81 -43.02 -3.25
C1 CLA TA . 10.30 -35.09 -2.76
C2 CLA TA . 10.07 -33.70 -2.33
C3 CLA TA . 9.82 -32.70 -3.19
C4 CLA TA . 9.75 -32.93 -4.65
C5 CLA TA . 9.58 -31.30 -2.71
C6 CLA TA . 8.89 -31.25 -1.36
C7 CLA TA . 9.48 -30.18 -0.47
C8 CLA TA . 9.28 -30.49 1.01
C9 CLA TA . 7.85 -30.20 1.41
C10 CLA TA . 10.29 -29.75 1.90
C11 CLA TA . 9.66 -29.05 3.09
C12 CLA TA . 10.43 -29.29 4.37
C13 CLA TA . 10.81 -27.99 5.05
C14 CLA TA . 12.32 -27.86 5.14
C15 CLA TA . 10.17 -27.85 6.43
C16 CLA TA . 11.02 -28.51 7.51
C17 CLA TA . 10.17 -29.07 8.62
C18 CLA TA . 10.86 -28.97 9.98
C19 CLA TA . 10.14 -29.79 11.03
C20 CLA TA . 12.31 -29.40 9.88
MG CHL UA . 12.16 -37.99 4.00
CHA CHL UA . 13.65 -35.74 1.67
CHB CHL UA . 15.53 -38.98 4.68
CHC CHL UA . 10.89 -40.27 6.44
CHD CHL UA . 8.91 -36.70 3.52
NA CHL UA . 14.30 -37.53 3.19
C1A CHL UA . 14.63 -36.67 2.31
C2A CHL UA . 16.11 -36.57 1.99
C3A CHL UA . 16.55 -37.80 2.78
C4A CHL UA . 15.38 -38.14 3.63
CMA CHL UA . 16.86 -38.97 1.85
CAA CHL UA . 16.45 -35.31 2.76
CBA CHL UA . 17.94 -34.96 2.69
CGA CHL UA . 18.15 -33.63 3.41
O1A CHL UA . 19.27 -33.17 3.56
O2A CHL UA . 17.01 -32.89 3.92
NB CHL UA . 13.01 -39.33 5.28
C1B CHL UA . 14.34 -39.53 5.37
C2B CHL UA . 14.61 -40.58 6.40
C3B CHL UA . 13.28 -40.96 6.92
C4B CHL UA . 12.34 -40.11 6.13
CMB CHL UA . 15.95 -41.11 6.83
CAB CHL UA . 13.23 -42.00 7.98
CBB CHL UA . 12.93 -43.23 7.65
NC CHL UA . 10.21 -38.42 4.84
C1C CHL UA . 9.95 -39.35 5.77
C2C CHL UA . 8.51 -39.37 6.13
C3C CHL UA . 7.91 -38.33 5.27
C4C CHL UA . 9.07 -37.79 4.51
CMC CHL UA . 8.18 -40.38 7.16
OMC CHL UA . 7.03 -40.52 7.54
CAC CHL UA . 6.46 -37.91 5.20
CBC CHL UA . 6.19 -36.87 6.28
ND CHL UA . 11.42 -36.61 2.93
C1D CHL UA . 10.13 -36.23 2.84
C2D CHL UA . 10.05 -35.11 1.87
C3D CHL UA . 11.45 -34.92 1.40
C4D CHL UA . 12.22 -35.86 2.08
CMD CHL UA . 9.18 -34.10 1.15
CAD CHL UA . 12.33 -34.12 0.50
OBD CHL UA . 12.68 -33.23 -0.36
CBD CHL UA . 13.70 -34.64 0.68
CGD CHL UA . 14.30 -35.09 -0.62
O1D CHL UA . 15.48 -34.91 -0.85
O2D CHL UA . 13.50 -35.75 -1.63
CED CHL UA . 13.99 -35.84 -2.96
C1 CHL UA . 17.19 -31.56 4.43
O1 LHG VA . 7.07 -19.33 14.83
C1 LHG VA . 7.78 -20.56 14.94
C2 LHG VA . 7.01 -21.63 14.20
O2 LHG VA . 7.67 -21.97 13.00
C3 LHG VA . 5.60 -21.23 13.81
O3 LHG VA . 5.48 -21.90 12.55
P LHG VA . 4.09 -21.85 11.71
O4 LHG VA . 3.15 -22.82 12.35
O5 LHG VA . 3.95 -20.43 11.28
O6 LHG VA . 4.64 -22.74 10.43
C4 LHG VA . 3.80 -23.74 9.96
C5 LHG VA . 4.35 -24.17 8.60
C6 LHG VA . 3.38 -23.82 7.51
O7 LHG VA . 5.51 -23.44 8.34
C7 LHG VA . 6.36 -24.16 7.57
O9 LHG VA . 6.21 -25.35 7.38
C8 LHG VA . 7.15 -23.27 6.69
C9 LHG VA . 6.59 -23.32 5.31
C10 LHG VA . 7.10 -24.53 4.59
O8 LHG VA . 2.32 -24.78 7.66
C23 LHG VA . 1.04 -24.29 7.50
O10 LHG VA . 0.66 -23.40 8.22
C24 LHG VA . 0.39 -24.44 6.14
C11 LHG VA . 8.52 -24.13 4.31
C12 LHG VA . 8.78 -24.23 2.84
C13 LHG VA . 8.31 -25.58 2.36
C14 LHG VA . 7.62 -25.48 1.03
C15 LHG VA . 8.74 -25.33 0.00
C16 LHG VA . 8.26 -25.86 -1.32
C17 LHG VA . 9.24 -25.44 -2.42
C18 LHG VA . 8.76 -26.19 -3.63
C19 LHG VA . 9.85 -26.43 -4.66
C20 LHG VA . 9.07 -26.64 -5.94
C21 LHG VA . 9.93 -27.33 -6.95
C22 LHG VA . 10.03 -28.80 -6.57
C25 LHG VA . 1.07 -23.69 5.02
C26 LHG VA . 1.60 -24.55 3.90
C27 LHG VA . 2.55 -25.51 4.55
C28 LHG VA . 3.00 -26.62 3.63
C29 LHG VA . 4.04 -27.42 4.38
C30 LHG VA . 5.39 -27.54 3.71
C31 LHG VA . 6.34 -28.52 4.35
C32 LHG VA . 5.68 -29.73 5.00
C33 LHG VA . 6.80 -30.61 5.51
C34 LHG VA . 6.44 -32.09 5.70
C35 LHG VA . 7.24 -32.71 6.83
N BET WA . 6.74 -3.44 -1.62
CA BET WA . 7.85 -2.46 -1.62
C BET WA . 9.02 -2.87 -0.75
O BET WA . 9.17 -2.28 0.34
OXT BET WA . 9.96 -3.48 -1.30
C1 BET WA . 5.48 -2.69 -1.54
C2 BET WA . 6.82 -4.35 -0.47
C3 BET WA . 6.78 -4.23 -2.86
N BET XA . 8.41 -13.53 12.54
CA BET XA . 7.83 -12.42 13.34
C BET XA . 7.67 -11.09 12.63
O BET XA . 6.55 -10.57 12.69
OXT BET XA . 8.68 -10.34 12.55
C1 BET XA . 9.52 -13.04 11.73
C2 BET XA . 7.42 -14.14 11.66
C3 BET XA . 8.95 -14.57 13.43
C1 LMG YA . -30.93 -55.88 -8.85
O1 LMG YA . -30.03 -56.95 -9.08
C2 LMG YA . -31.98 -55.90 -9.99
O2 LMG YA . -31.73 -54.76 -10.75
C3 LMG YA . -33.39 -55.77 -9.34
O3 LMG YA . -33.66 -57.02 -8.77
C4 LMG YA . -33.38 -54.68 -8.22
O4 LMG YA . -34.61 -54.68 -7.58
C5 LMG YA . -32.27 -55.05 -7.18
O5 LMG YA . -32.19 -54.67 -4.86
C6 LMG YA . -32.92 -55.38 -5.83
O6 LMG YA . -31.54 -56.17 -7.61
C7 LMG YA . -30.62 -58.23 -9.24
C8 LMG YA . -29.93 -58.86 -10.49
C9 LMG YA . -28.77 -57.95 -10.97
O7 LMG YA . -29.35 -60.09 -10.10
C10 LMG YA . -30.09 -61.23 -10.20
O9 LMG YA . -30.61 -61.71 -9.20
C11 LMG YA . -30.00 -61.86 -11.56
C12 LMG YA . -30.49 -63.30 -11.51
C13 LMG YA . -29.48 -64.25 -10.88
C14 LMG YA . -30.05 -65.66 -11.01
C15 LMG YA . -28.97 -66.67 -10.69
C16 LMG YA . -28.76 -67.58 -11.88
O8 LMG YA . -27.73 -58.06 -10.02
C28 LMG YA . -26.77 -57.10 -10.05
O10 LMG YA . -26.93 -56.11 -10.78
C29 LMG YA . -25.55 -57.40 -9.25
C30 LMG YA . -24.32 -57.56 -10.14
C31 LMG YA . -23.23 -58.22 -9.33
O1 LHG ZA . -11.67 0.67 -5.45
C1 LHG ZA . -10.86 -0.42 -5.84
C2 LHG ZA . -11.72 -1.38 -6.65
O2 LHG ZA . -12.04 -2.48 -5.82
C3 LHG ZA . -10.94 -1.86 -7.84
O3 LHG ZA . -9.62 -2.22 -7.46
P LHG ZA . -8.39 -1.38 -8.00
O4 LHG ZA . -7.31 -2.36 -8.34
O5 LHG ZA . -8.91 -0.42 -9.04
O6 LHG ZA . -7.89 -0.53 -6.73
C4 LHG ZA . -6.83 -0.98 -5.89
C5 LHG ZA . -6.58 -0.01 -4.73
C6 LHG ZA . -6.20 1.33 -5.33
O7 LHG ZA . -7.74 0.03 -3.90
C7 LHG ZA . -7.75 0.88 -2.71
O9 LHG ZA . -8.55 1.78 -2.69
C8 LHG ZA . -6.82 0.65 -1.55
C9 LHG ZA . -7.52 0.29 -0.25
C10 LHG ZA . -6.95 -0.96 0.41
O8 LHG ZA . -4.78 1.40 -5.36
C23 LHG ZA . -4.10 1.89 -4.18
O10 LHG ZA . -4.20 1.27 -3.16
C24 LHG ZA . -3.28 3.17 -4.17
C25 LHG ZA . -2.59 3.33 -2.83
C26 LHG ZA . -2.78 4.70 -2.20
C27 LHG ZA . -3.31 5.73 -3.18
C28 LHG ZA . -2.45 6.99 -3.27
C29 LHG ZA . -1.11 6.86 -2.57
C30 LHG ZA . -0.86 8.03 -1.62
C31 LHG ZA . 0.51 8.05 -0.98
C32 LHG ZA . 0.79 6.89 -0.04
C28 0UR AB . -17.14 -29.92 14.37
C29 0UR AB . -17.94 -29.02 15.32
C30 0UR AB . -19.31 -28.77 14.71
C31 0UR AB . -19.04 -28.05 13.40
C32 0UR AB . -18.02 -28.41 12.60
C34 0UR AB . 2.55 -35.15 1.30
C37 0UR AB . 2.70 -38.62 4.50
C38 0UR AB . -17.93 -31.18 14.05
O40 0UR AB . -20.20 -28.00 15.55
C43 0UR AB . 0.42 -33.88 5.91
C1 0UR AB . 2.02 -36.98 2.81
C2 0UR AB . 0.34 -35.47 3.82
C3 0UR AB . -0.31 -34.61 4.82
C4 0UR AB . -1.64 -34.47 4.77
C5 0UR AB . -2.34 -33.64 5.74
C6 0UR AB . -3.66 -33.57 5.65
C10 0UR AB . -7.95 -32.89 7.68
C11 0UR AB . -8.93 -32.26 8.56
C12 0UR AB . -10.25 -32.48 8.42
C13 0UR AB . -11.19 -31.80 9.35
C14 0UR AB . -12.49 -32.06 9.48
C15 0UR AB . -13.21 -31.25 10.47
C16 0UR AB . -14.54 -31.13 10.57
C17 0UR AB . -15.09 -30.23 11.62
C18 0UR AB . -16.38 -30.18 11.99
C19 0UR AB . -16.83 -29.20 13.08
C20 0UR AB . -3.89 -31.68 7.37
C21 0UR AB . -10.74 -33.37 7.33
C22 0UR AB . -15.45 -31.85 9.64
C23 0UR AB . 2.01 -38.45 3.18
C24 0UR AB . 2.74 -39.26 2.11
C25 0UR AB . 2.12 -39.01 0.75
C26 0UR AB . 2.35 -37.54 0.38
C27 0UR AB . 2.28 -36.60 1.56
C33 0UR AB . -18.07 -27.98 11.16
C35 0UR AB . 0.57 -38.94 3.28
C36 0UR AB . -15.85 -30.34 15.06
C41 0UR AB . 1.76 -35.94 3.87
C45 0UR AB . 2.73 -33.94 6.67
C46 0UR AB . 2.50 -34.97 7.69
C47 0UR AB . 3.56 -35.39 8.36
C48 0UR AB . 3.43 -36.46 9.41
C49 0UR AB . 3.77 -37.81 8.79
C50 0UR AB . 2.51 -38.67 8.62
C51 0UR AB . 2.87 -40.11 8.30
C7 0UR AB . -4.50 -32.78 6.57
C8 0UR AB . -5.80 -33.08 6.67
C9 0UR AB . -6.73 -32.39 7.56
O39 0UR AB . 2.72 -39.85 -0.23
O42 0UR AB . -0.33 -35.82 2.90
O44 0UR AB . 1.77 -33.61 5.65
O57 0UR AB . 3.78 -33.35 6.67
O1 0IE BB . -11.29 -23.62 -35.11
C7 0IE BB . -11.92 -20.65 -29.57
C6 0IE BB . -11.89 -21.42 -30.75
C5 0IE BB . -11.64 -21.02 -32.06
C4 0IE BB . -11.57 -21.80 -33.22
C3 0IE BB . -10.91 -21.55 -34.36
C2 0IE BB . -10.75 -22.55 -35.29
C10 0IE BB . -12.75 -21.03 -25.84
C11 0IE BB . -12.67 -20.46 -24.57
C12 0IE BB . -13.21 -20.92 -23.36
C13 0IE BB . -13.12 -20.22 -22.14
C14 0IE BB . -13.84 -20.37 -20.98
C15 0IE BB . -13.70 -19.64 -19.81
C16 0IE BB . -14.63 -19.41 -18.78
C17 0IE BB . -14.49 -18.34 -17.85
C18 0IE BB . -14.92 -18.29 -16.58
C19 0IE BB . -14.58 -17.26 -15.54
C20 0IE BB . -10.35 -20.17 -34.63
C21 0IE BB . -11.69 -19.20 -29.68
C22 0IE BB . -13.90 -22.23 -23.35
C23 0IE BB . -15.79 -20.32 -18.69
C24 0IE BB . -13.75 -17.83 -14.40
C25 0IE BB . -13.69 -16.83 -13.23
C26 0IE BB . -15.09 -16.58 -12.68
C27 0IE BB . -16.06 -16.29 -13.79
C28 0IE BB . -15.84 -16.55 -15.06
C30 0IE BB . -9.93 -22.36 -36.55
C31 0IE BB . -9.78 -23.63 -37.34
C32 0IE BB . -8.43 -24.32 -37.27
C33 0IE BB . -8.23 -25.27 -38.45
C34 0IE BB . -9.41 -26.20 -38.67
C35 0IE BB . -10.67 -25.40 -38.88
C36 0IE BB . -10.77 -24.12 -38.08
C37 0IE BB . -12.11 -23.45 -38.23
C38 0IE BB . -8.35 -25.12 -35.95
C39 0IE BB . -7.28 -23.30 -37.26
C41 0IE BB . -16.80 -16.15 -16.15
C43 0IE BB . -12.32 -18.11 -14.88
C44 0IE BB . -14.35 -19.16 -13.92
C8 0IE BB . -12.14 -21.19 -28.29
C9 0IE BB . -12.37 -20.54 -27.09
O29 0IE BB . -11.32 -19.36 -35.24
O40 0IE BB . -9.16 -27.03 -39.81
O42 0IE BB . -15.07 -15.50 -11.72
O1 0IE CB . -14.49 -38.66 -18.40
C7 0IE CB . -20.16 -34.73 -16.69
C6 0IE CB . -18.95 -35.40 -16.45
C5 0IE CB . -17.96 -35.77 -17.35
C4 0IE CB . -16.84 -36.53 -17.16
C3 0IE CB . -16.23 -37.35 -18.06
C2 0IE CB . -14.91 -37.63 -17.93
C10 0IE CB . -22.42 -31.99 -15.33
C11 0IE CB . -23.66 -31.38 -15.46
C12 0IE CB . -24.06 -30.09 -15.04
C13 0IE CB . -25.17 -29.42 -15.59
C14 0IE CB . -25.93 -28.41 -15.04
C15 0IE CB . -27.04 -27.81 -15.62
C16 0IE CB . -27.92 -26.86 -15.07
C17 0IE CB . -29.20 -26.62 -15.60
C18 0IE CB . -29.82 -25.44 -15.74
C19 0IE CB . -31.16 -25.20 -16.38
C20 0IE CB . -17.04 -37.94 -19.17
C21 0IE CB . -21.02 -35.22 -17.79
C22 0IE CB . -23.28 -29.43 -13.97
C23 0IE CB . -27.45 -26.09 -13.89
C24 0IE CB . -31.06 -24.26 -17.58
C25 0IE CB . -32.42 -23.68 -17.99
C26 0IE CB . -33.09 -22.99 -16.80
C27 0IE CB . -33.11 -23.90 -15.61
C28 0IE CB . -32.14 -24.74 -15.32
C30 0IE CB . -13.97 -36.68 -17.23
C31 0IE CB . -12.56 -36.64 -17.75
C32 0IE CB . -12.24 -35.57 -18.81
C33 0IE CB . -10.87 -35.81 -19.45
C34 0IE CB . -9.78 -36.13 -18.46
C35 0IE CB . -10.15 -37.36 -17.66
C36 0IE CB . -11.60 -37.45 -17.28
C37 0IE CB . -11.90 -38.55 -16.29
C38 0IE CB . -12.23 -34.19 -18.14
C39 0IE CB . -13.32 -35.57 -19.90
C41 0IE CB . -31.96 -25.32 -13.94
C43 0IE CB . -30.47 -25.03 -18.77
C44 0IE CB . -30.11 -23.09 -17.24
C8 0IE CB . -20.60 -33.62 -15.95
C9 0IE CB . -21.71 -32.83 -16.17
O29 0IE CB . -16.41 -37.66 -20.40
O40 0IE CB . -8.55 -36.35 -19.13
O42 0IE CB . -34.42 -22.57 -17.14
C1 NEX DB . -2.03 1.69 -49.44
C2 NEX DB . -1.86 2.94 -48.57
C3 NEX DB . -2.80 4.04 -49.02
C4 NEX DB . -4.24 3.57 -48.79
C5 NEX DB . -4.56 2.38 -49.67
C6 NEX DB . -3.49 1.30 -49.50
C7 NEX DB . -3.83 0.10 -49.39
C8 NEX DB . -4.17 -1.11 -49.31
C9 NEX DB . -4.24 -2.06 -48.18
C10 NEX DB . -4.73 -3.29 -48.38
C11 NEX DB . -4.81 -4.23 -47.28
C12 NEX DB . -5.25 -5.47 -47.48
C13 NEX DB . -5.18 -6.10 -46.15
C14 NEX DB . -5.91 -7.22 -46.26
C15 NEX DB . -6.08 -8.09 -45.11
C16 NEX DB . -1.20 0.55 -48.87
C17 NEX DB . -1.55 1.99 -50.86
C18 NEX DB . -5.93 1.81 -49.28
C19 NEX DB . -3.77 -1.64 -46.82
C20 NEX DB . -4.53 -5.75 -44.86
O3 NEX DB . -2.55 5.21 -48.25
O4 NEX DB . -4.60 2.78 -51.04
C21 NEX DB . -13.05 -18.30 -44.40
C22 NEX DB . -13.29 -19.78 -44.60
C23 NEX DB . -12.66 -20.21 -45.90
C24 NEX DB . -11.15 -20.24 -45.70
C25 NEX DB . -10.59 -19.00 -44.97
C26 NEX DB . -11.59 -17.89 -44.63
C27 NEX DB . -11.05 -17.01 -43.51
C28 NEX DB . -10.48 -15.88 -43.11
C29 NEX DB . -9.96 -15.01 -42.04
C30 NEX DB . -9.45 -13.81 -42.31
C31 NEX DB . -9.40 -13.31 -43.69
C32 NEX DB . -8.70 -12.25 -43.33
C33 NEX DB . -8.31 -11.25 -44.35
C34 NEX DB . -7.41 -10.31 -44.06
C35 NEX DB . -6.74 -9.15 -44.67
C36 NEX DB . -13.48 -17.92 -42.99
C37 NEX DB . -13.90 -17.52 -45.38
C38 NEX DB . -9.79 -19.46 -43.75
C39 NEX DB . -10.00 -15.49 -40.62
C40 NEX DB . -8.93 -11.29 -45.71
O23 NEX DB . -13.11 -21.52 -46.28
O24 NEX DB . -10.45 -17.67 -45.46
O1 LHG EB . -7.16 5.98 -38.88
C1 LHG EB . -6.54 7.26 -38.80
C2 LHG EB . -6.45 7.69 -37.34
O2 LHG EB . -7.70 8.17 -36.89
C3 LHG EB . -5.46 8.80 -37.08
O3 LHG EB . -4.31 8.04 -36.72
P LHG EB . -3.26 7.54 -37.84
O4 LHG EB . -3.10 6.07 -37.67
O5 LHG EB . -3.55 8.41 -39.02
O6 LHG EB . -1.89 8.13 -37.10
C4 LHG EB . -0.86 8.70 -37.86
C5 LHG EB . -0.13 7.49 -38.47
C6 LHG EB . -0.58 7.19 -39.90
O7 LHG EB . 1.25 7.83 -38.52
C7 LHG EB . 1.93 7.55 -37.38
O9 LHG EB . 1.41 7.10 -36.36
C8 LHG EB . 3.40 7.64 -37.62
C9 LHG EB . 4.14 7.50 -36.31
C10 LHG EB . 5.57 7.94 -36.50
O8 LHG EB . 0.63 6.91 -40.61
C23 LHG EB . 0.84 5.61 -41.00
O10 LHG EB . -0.13 4.90 -41.24
C24 LHG EB . 2.17 4.95 -40.69
C25 LHG EB . 2.64 3.92 -41.70
C26 LHG EB . 3.94 4.26 -42.44
MG CHL FB . -26.54 -21.52 -14.19
CHA CHL FB . -23.29 -21.41 -15.72
CHB CHL FB . -25.03 -23.77 -11.88
CHC CHL FB . -29.74 -22.01 -12.72
CHD CHL FB . -27.94 -19.41 -16.67
NA CHL FB . -24.45 -22.44 -13.83
C1A CHL FB . -23.38 -22.23 -14.48
C2A CHL FB . -22.26 -23.06 -14.03
C3A CHL FB . -22.83 -23.66 -12.79
C4A CHL FB . -24.23 -23.28 -12.83
CMA CHL FB . -22.83 -25.16 -12.81
CAA CHL FB . -21.04 -22.25 -13.68
CBA CHL FB . -19.84 -23.14 -13.71
CGA CHL FB . -19.66 -23.70 -12.35
O1A CHL FB . -20.24 -23.28 -11.44
O2A CHL FB . -18.75 -24.76 -12.11
NB CHL FB . -27.26 -22.65 -12.61
C1B CHL FB . -26.47 -23.46 -11.85
C2B CHL FB . -27.31 -24.12 -10.80
C3B CHL FB . -28.69 -23.61 -11.04
C4B CHL FB . -28.53 -22.70 -12.19
CMB CHL FB . -26.89 -25.09 -9.74
CAB CHL FB . -29.72 -24.13 -10.11
CBB CHL FB . -31.00 -23.92 -10.35
NC CHL FB . -28.48 -20.85 -14.62
C1C CHL FB . -29.58 -21.16 -13.91
C2C CHL FB . -30.78 -20.51 -14.49
C3C CHL FB . -30.26 -19.75 -15.65
C4C CHL FB . -28.80 -20.02 -15.63
CMC CHL FB . -32.19 -20.59 -14.02
OMC CHL FB . -32.62 -21.65 -13.59
CAC CHL FB . -31.01 -18.89 -16.61
CBC CHL FB . -30.96 -17.47 -16.09
ND CHL FB . -25.87 -20.60 -15.79
C1D CHL FB . -26.52 -19.82 -16.65
C2D CHL FB . -25.58 -19.36 -17.70
C3D CHL FB . -24.29 -19.99 -17.32
C4D CHL FB . -24.52 -20.73 -16.16
CMD CHL FB . -25.57 -18.52 -18.92
CAD CHL FB . -22.85 -20.15 -17.70
OBD CHL FB . -22.24 -19.63 -18.71
CBD CHL FB . -22.23 -21.02 -16.68
CGD CHL FB . -21.66 -22.22 -17.39
O1D CHL FB . -22.38 -23.07 -17.86
O2D CHL FB . -20.22 -22.34 -17.52
CED CHL FB . -19.63 -23.62 -17.73
C1 CHL FB . -18.92 -25.62 -11.02
C2 CHL FB . -19.46 -26.90 -11.52
C3 CHL FB . -18.81 -28.01 -11.30
C4 CHL FB . -17.52 -28.01 -10.56
C5 CHL FB . -19.37 -29.30 -11.80
C6 CHL FB . -18.54 -30.38 -11.17
C7 CHL FB . -19.30 -31.67 -11.04
C8 CHL FB . -19.10 -32.57 -12.24
C9 CHL FB . -20.44 -33.11 -12.70
C10 CHL FB . -18.15 -33.72 -11.91
C11 CHL FB . -17.29 -34.06 -13.12
C12 CHL FB . -15.93 -34.59 -12.67
C13 CHL FB . -15.14 -35.26 -13.76
C14 CHL FB . -15.06 -36.75 -13.55
C15 CHL FB . -13.73 -34.70 -13.76
C16 CHL FB . -12.68 -35.52 -13.03
C17 CHL FB . -11.43 -35.65 -13.88
C18 CHL FB . -10.42 -34.54 -13.75
C19 CHL FB . -9.02 -35.02 -13.76
C20 CHL FB . -10.49 -33.70 -14.97
MG CHL GB . -17.24 -15.12 -19.49
CHA CHL GB . -18.78 -12.87 -17.30
CHB CHL GB . -14.59 -12.81 -19.65
CHC CHL GB . -15.51 -17.38 -21.68
CHD CHL GB . -20.04 -17.34 -19.45
NA CHL GB . -16.74 -13.16 -18.60
C1A CHL GB . -17.41 -12.49 -17.75
C2A CHL GB . -16.76 -11.27 -17.15
C3A CHL GB . -15.66 -11.16 -18.21
C4A CHL GB . -15.64 -12.49 -18.89
CMA CHL GB . -15.97 -10.07 -19.23
CAA CHL GB . -16.20 -11.38 -15.74
CBA CHL GB . -15.49 -12.71 -15.50
CGA CHL GB . -14.01 -12.51 -15.77
O1A CHL GB . -13.35 -11.70 -15.15
O2A CHL GB . -13.38 -13.28 -16.82
NB CHL GB . -15.42 -15.10 -20.48
C1B CHL GB . -14.54 -14.09 -20.39
C2B CHL GB . -13.34 -14.39 -21.21
C3B CHL GB . -13.60 -15.72 -21.81
C4B CHL GB . -14.95 -16.08 -21.27
CMB CHL GB . -12.13 -13.49 -21.38
CAB CHL GB . -12.59 -16.32 -22.71
CBB CHL GB . -11.32 -16.51 -22.36
NC CHL GB . -17.70 -17.02 -20.41
C1C CHL GB . -16.87 -17.72 -21.21
C2C CHL GB . -17.51 -19.00 -21.65
C3C CHL GB . -18.85 -18.98 -21.00
C4C CHL GB . -18.84 -17.70 -20.24
CMC CHL GB . -16.79 -19.93 -22.55
OMC CHL GB . -17.15 -21.08 -22.67
CAC CHL GB . -19.93 -20.02 -21.08
CBC CHL GB . -19.41 -21.31 -20.47
ND CHL GB . -18.98 -15.18 -18.64
C1D CHL GB . -19.96 -16.07 -18.71
C2D CHL GB . -21.10 -15.62 -17.86
C3D CHL GB . -20.62 -14.33 -17.28
C4D CHL GB . -19.35 -14.13 -17.81
CMD CHL GB . -22.21 -16.63 -17.93
CAD CHL GB . -20.94 -13.17 -16.40
OBD CHL GB . -22.05 -13.03 -15.76
CBD CHL GB . -19.78 -12.26 -16.42
CGD CHL GB . -20.16 -10.94 -17.03
O1D CHL GB . -20.51 -9.99 -16.35
O2D CHL GB . -20.08 -10.78 -18.47
CED CHL GB . -20.43 -9.53 -19.06
C1 CHL GB . -11.96 -13.40 -16.83
C2 CHL GB . -11.59 -14.84 -16.60
C3 CHL GB . -10.66 -15.38 -17.38
C4 CHL GB . -10.03 -14.52 -18.44
C5 CHL GB . -10.23 -16.80 -17.19
C6 CHL GB . -9.62 -17.35 -18.46
C7 CHL GB . -10.02 -18.79 -18.65
C8 CHL GB . -9.13 -19.71 -17.83
C9 CHL GB . -7.66 -19.51 -18.15
C10 CHL GB . -9.49 -21.14 -18.13
C11 CHL GB . -10.55 -21.60 -17.16
C12 CHL GB . -10.96 -23.00 -17.56
C13 CHL GB . -12.48 -23.08 -17.57
C14 CHL GB . -12.98 -23.30 -16.15
C15 CHL GB . -12.84 -24.19 -18.54
C16 CHL GB . -13.91 -25.12 -17.98
C17 CHL GB . -15.29 -24.47 -18.13
C18 CHL GB . -16.18 -25.10 -19.19
C19 CHL GB . -15.68 -24.84 -20.60
C20 CHL GB . -16.34 -26.60 -18.96
MG CLA HB . -7.25 -17.66 -25.29
CHA CLA HB . -5.73 -14.76 -24.09
CHB CLA HB . -8.17 -18.51 -22.13
CHC CLA HB . -8.65 -20.55 -26.53
CHD CLA HB . -6.23 -16.78 -28.57
NA CLA HB . -7.00 -16.75 -23.43
C1A CLA HB . -6.33 -15.54 -23.13
C2A CLA HB . -6.38 -15.26 -21.62
C3A CLA HB . -7.10 -16.50 -21.05
C4A CLA HB . -7.48 -17.31 -22.28
CMA CLA HB . -6.13 -17.34 -20.25
CAA CLA HB . -7.09 -13.97 -21.26
CBA CLA HB . -6.89 -13.55 -19.80
CGA CLA HB . -5.42 -13.51 -19.46
O1A CLA HB . -4.47 -13.25 -20.18
O2A CLA HB . -5.14 -13.85 -18.16
NB CLA HB . -8.28 -19.20 -24.49
C1B CLA HB . -8.54 -19.39 -23.17
C2B CLA HB . -9.21 -20.71 -22.97
C3B CLA HB . -9.33 -21.28 -24.21
C4B CLA HB . -8.72 -20.34 -25.19
CMB CLA HB . -9.62 -21.24 -21.67
CAB CLA HB . -9.89 -22.55 -24.63
CBB CLA HB . -9.46 -23.73 -24.21
NC CLA HB . -7.43 -18.49 -27.19
C1C CLA HB . -8.05 -19.68 -27.48
C2C CLA HB . -7.98 -19.96 -28.91
C3C CLA HB . -7.30 -18.89 -29.49
C4C CLA HB . -6.95 -17.98 -28.41
CMC CLA HB . -8.54 -21.15 -29.54
CAC CLA HB . -6.99 -18.70 -30.92
CBC CLA HB . -8.22 -18.35 -31.71
ND CLA HB . -6.23 -16.17 -26.19
C1D CLA HB . -5.88 -15.93 -27.54
C2D CLA HB . -5.11 -14.66 -27.63
C3D CLA HB . -5.03 -14.18 -26.34
C4D CLA HB . -5.73 -15.15 -25.47
CMD CLA HB . -4.62 -14.09 -28.88
CAD CLA HB . -4.55 -13.12 -25.49
OBD CLA HB . -3.96 -12.08 -25.80
CBD CLA HB . -4.93 -13.47 -24.02
CGD CLA HB . -3.68 -13.55 -23.19
O1D CLA HB . -3.15 -12.66 -22.53
O2D CLA HB . -3.02 -14.75 -23.17
CED CLA HB . -1.69 -14.73 -22.63
C1 CLA HB . -3.74 -14.04 -17.91
C2 CLA HB . -3.45 -15.49 -18.06
C3 CLA HB . -2.69 -16.15 -17.18
C4 CLA HB . -2.09 -15.45 -16.01
C5 CLA HB . -2.40 -17.61 -17.30
C6 CLA HB . -2.84 -18.23 -18.61
C7 CLA HB . -1.83 -19.28 -19.04
C8 CLA HB . -2.40 -20.36 -19.95
C9 CLA HB . -3.78 -20.76 -19.48
C10 CLA HB . -1.52 -21.60 -19.93
C11 CLA HB . -0.05 -21.26 -20.12
C12 CLA HB . 0.24 -20.81 -21.54
C13 CLA HB . 1.35 -21.65 -22.15
C14 CLA HB . 2.61 -21.55 -21.31
C15 CLA HB . 1.61 -21.24 -23.59
C16 CLA HB . 0.58 -21.86 -24.54
C17 CLA HB . 0.36 -21.01 -25.78
C18 CLA HB . 1.45 -21.20 -26.82
C19 CLA HB . 0.84 -21.70 -28.11
C20 CLA HB . 2.21 -19.91 -27.06
MG CLA IB . -12.56 -23.45 -43.42
CHA CLA IB . -10.97 -25.42 -45.77
CHB CLA IB . -9.54 -22.74 -41.98
CHC CLA IB . -14.12 -21.22 -41.32
CHD CLA IB . -15.66 -24.12 -44.99
NA CLA IB . -10.60 -24.04 -43.79
C1A CLA IB . -10.13 -24.86 -44.84
C2A CLA IB . -8.62 -25.03 -44.76
C3A CLA IB . -8.25 -24.37 -43.41
C4A CLA IB . -9.54 -23.65 -43.02
CMA CLA IB . -7.83 -25.37 -42.37
CAA CLA IB . -7.99 -24.28 -45.92
CBA CLA IB . -8.68 -22.95 -46.18
CGA CLA IB . -8.20 -22.32 -47.45
O1A CLA IB . -7.63 -22.85 -48.40
O2A CLA IB . -8.46 -20.98 -47.52
NB CLA IB . -11.96 -22.28 -41.88
C1B CLA IB . -10.66 -22.03 -41.55
C2B CLA IB . -10.59 -20.87 -40.63
C3B CLA IB . -11.88 -20.42 -40.43
C4B CLA IB . -12.77 -21.31 -41.24
CMB CLA IB . -9.31 -20.38 -40.12
CAB CLA IB . -12.43 -19.34 -39.67
CBB CLA IB . -11.75 -18.36 -39.05
NC CLA IB . -14.54 -22.86 -43.16
C1C CLA IB . -14.96 -21.95 -42.21
C2C CLA IB . -16.40 -21.78 -42.28
C3C CLA IB . -16.84 -22.55 -43.36
C4C CLA IB . -15.66 -23.22 -43.91
CMC CLA IB . -17.18 -20.91 -41.39
CAC CLA IB . -18.22 -22.71 -43.83
CBC CLA IB . -18.64 -21.58 -44.76
ND CLA IB . -13.24 -24.55 -44.96
C1D CLA IB . -14.54 -24.74 -45.50
C2D CLA IB . -14.45 -25.67 -46.66
C3D CLA IB . -13.09 -25.96 -46.81
C4D CLA IB . -12.39 -25.23 -45.73
CMD CLA IB . -15.59 -26.12 -47.44
CAD CLA IB . -12.08 -26.69 -47.56
OBD CLA IB . -12.21 -27.45 -48.50
CBD CLA IB . -10.71 -26.35 -46.93
CGD CLA IB . -10.03 -27.60 -46.45
O1D CLA IB . -8.85 -27.94 -46.61
O2D CLA IB . -10.88 -28.42 -45.77
CED CLA IB . -10.39 -29.09 -44.61
C1 CLA IB . -9.08 -20.52 -48.73
MG CHL JB . -2.79 -20.88 -55.34
CHA CHL JB . -5.86 -19.98 -56.96
CHB CHL JB . -2.17 -22.70 -58.38
CHC CHL JB . 0.28 -21.93 -53.95
CHD CHL JB . -3.71 -19.31 -52.33
NA CHL JB . -3.84 -21.26 -57.40
C1A CHL JB . -4.93 -20.77 -57.82
C2A CHL JB . -5.27 -21.04 -59.27
C3A CHL JB . -4.33 -22.23 -59.42
C4A CHL JB . -3.35 -22.07 -58.32
CMA CHL JB . -5.07 -23.55 -59.23
CAA CHL JB . -5.08 -20.04 -60.42
NB CHL JB . -1.26 -22.07 -56.00
C1B CHL JB . -1.24 -22.66 -57.21
C2B CHL JB . 0.01 -23.43 -57.36
C3B CHL JB . 0.75 -23.23 -56.10
C4B CHL JB . -0.15 -22.35 -55.31
CMB CHL JB . 0.45 -24.25 -58.55
CAB CHL JB . 2.07 -23.91 -56.02
CBB CHL JB . 3.15 -23.32 -56.50
NC CHL JB . -1.87 -20.66 -53.46
C1C CHL JB . -0.67 -21.16 -53.13
C2C CHL JB . -0.34 -20.82 -51.71
C3C CHL JB . -1.52 -20.04 -51.23
C4C CHL JB . -2.42 -20.01 -52.42
CMC CHL JB . 0.86 -21.16 -50.91
OMC CHL JB . 1.26 -22.31 -50.89
CAC CHL JB . -1.76 -19.43 -49.87
CBC CHL JB . -1.18 -18.04 -49.81
ND CHL JB . -4.34 -19.89 -54.73
C1D CHL JB . -4.57 -19.33 -53.54
C2D CHL JB . -5.90 -18.67 -53.55
C3D CHL JB . -6.43 -18.94 -54.92
C4D CHL JB . -5.43 -19.67 -55.58
CMD CHL JB . -6.61 -17.91 -52.45
CAD CHL JB . -7.56 -18.73 -55.86
OBD CHL JB . -8.37 -18.06 -55.13
CBD CHL JB . -7.20 -19.38 -57.13
CGD CHL JB . -8.18 -20.49 -57.41
O1D CHL JB . -7.98 -21.62 -56.99
O2D CHL JB . -9.39 -20.22 -58.17
CED CHL JB . -10.05 -21.28 -58.87
MG CHL KB . -5.73 -19.82 -43.44
CHA CHL KB . -5.81 -18.12 -46.52
CHB CHL KB . -6.55 -16.67 -42.01
CHC CHL KB . -5.66 -21.39 -40.23
CHD CHL KB . -4.74 -22.91 -44.92
NA CHL KB . -6.16 -17.68 -44.17
C1A CHL KB . -6.18 -17.26 -45.37
C2A CHL KB . -6.71 -15.89 -45.51
C3A CHL KB . -6.61 -15.42 -44.11
C4A CHL KB . -6.43 -16.68 -43.34
CMA CHL KB . -5.40 -14.53 -43.93
CAA CHL KB . -8.16 -15.94 -45.93
CBA CHL KB . -8.42 -15.48 -47.36
CGA CHL KB . -7.30 -14.58 -47.81
NB CHL KB . -6.03 -19.18 -41.54
C1B CHL KB . -6.35 -17.91 -41.22
C2B CHL KB . -6.49 -17.80 -39.75
C3B CHL KB . -6.24 -19.16 -39.22
C4B CHL KB . -5.96 -19.96 -40.44
CMB CHL KB . -6.82 -16.57 -38.95
CAB CHL KB . -6.31 -19.35 -37.76
CBB CHL KB . -7.43 -19.76 -37.20
NC CHL KB . -5.28 -21.83 -42.69
C1C CHL KB . -5.31 -22.21 -41.41
C2C CHL KB . -4.94 -23.65 -41.26
C3C CHL KB . -4.68 -24.09 -42.65
C4C CHL KB . -4.92 -22.86 -43.46
CMC CHL KB . -4.87 -24.43 -40.00
OMC CHL KB . -4.23 -25.47 -39.95
CAC CHL KB . -4.25 -25.44 -43.14
CBC CHL KB . -2.75 -25.44 -43.22
ND CHL KB . -5.36 -20.43 -45.19
C1D CHL KB . -4.99 -21.64 -45.63
C2D CHL KB . -4.82 -21.59 -47.11
C3D CHL KB . -5.15 -20.19 -47.45
C4D CHL KB . -5.47 -19.54 -46.26
CMD CHL KB . -4.44 -22.54 -48.20
CAD CHL KB . -5.27 -19.20 -48.56
OBD CHL KB . -5.04 -19.53 -49.76
CBD CHL KB . -5.68 -17.93 -47.97
CGD CHL KB . -4.57 -16.96 -48.17
O1D CHL KB . -3.87 -16.57 -47.27
O2D CHL KB . -4.32 -16.46 -49.49
CED CHL KB . -3.63 -15.23 -49.59
MG CHL LB . -2.84 -25.66 -36.74
CHA CHL LB . -1.74 -29.02 -36.68
CHB CHL LB . -4.63 -26.60 -33.73
CHC CHL LB . -3.74 -22.24 -36.28
CHD CHL LB . -1.22 -24.85 -39.70
NA CHL LB . -3.13 -27.57 -35.36
C1A CHL LB . -2.57 -28.70 -35.49
C2A CHL LB . -2.76 -29.70 -34.37
C3A CHL LB . -3.87 -28.93 -33.67
C4A CHL LB . -3.91 -27.57 -34.29
CMA CHL LB . -5.22 -29.60 -33.87
CAA CHL LB . -1.66 -30.00 -33.35
CBA CHL LB . -1.52 -31.49 -33.03
CGA CHL LB . -2.39 -31.89 -31.86
O1A CHL LB . -2.09 -32.84 -31.17
O2A CHL LB . -3.62 -31.17 -31.55
NB CHL LB . -3.95 -24.62 -35.32
C1B CHL LB . -4.54 -25.21 -34.25
C2B CHL LB . -5.24 -24.17 -33.45
C3B CHL LB . -5.00 -22.90 -34.17
C4B CHL LB . -4.17 -23.30 -35.34
CMB CHL LB . -6.03 -24.37 -32.19
CAB CHL LB . -5.61 -21.69 -33.58
CBB CHL LB . -6.77 -21.23 -34.01
NC CHL LB . -2.53 -23.86 -37.83
C1C CHL LB . -2.97 -22.64 -37.46
C2C CHL LB . -2.56 -21.60 -38.47
C3C CHL LB . -1.81 -22.36 -39.50
C4C CHL LB . -1.85 -23.74 -38.98
CMC CHL LB . -2.77 -20.15 -38.58
OMC CHL LB . -3.24 -19.53 -37.63
CAC CHL LB . -1.16 -21.85 -40.77
CBC CHL LB . 0.27 -21.41 -40.55
ND CHL LB . -1.80 -26.58 -37.87
C1D CHL LB . -1.23 -26.15 -39.00
C2D CHL LB . -0.45 -27.27 -39.61
C3D CHL LB . -0.66 -28.39 -38.67
C4D CHL LB . -1.48 -27.93 -37.64
CMD CHL LB . 0.30 -27.10 -40.89
CAD CHL LB . -0.33 -29.82 -38.42
OBD CHL LB . 0.38 -30.61 -39.14
CBD CHL LB . -1.02 -30.20 -37.17
CGD CHL LB . -1.98 -31.29 -37.49
O1D CHL LB . -3.01 -31.05 -38.11
O2D CHL LB . -1.71 -32.65 -37.08
CED CHL LB . -2.79 -33.56 -36.85
C1 CHL LB . -4.03 -30.87 -30.21
C2 CHL LB . -4.24 -29.37 -30.10
C3 CHL LB . -5.29 -28.76 -29.51
C4 CHL LB . -6.39 -29.57 -28.90
C5 CHL LB . -5.36 -27.26 -29.52
C6 CHL LB . -5.25 -26.57 -28.17
C7 CHL LB . -4.31 -25.36 -28.24
C8 CHL LB . -4.92 -24.03 -27.84
C9 CHL LB . -6.21 -23.76 -28.59
C10 CHL LB . -3.92 -22.90 -28.08
C11 CHL LB . -4.46 -21.67 -28.80
C12 CHL LB . -3.64 -21.35 -30.05
C13 CHL LB . -3.17 -19.91 -30.14
C14 CHL LB . -2.52 -19.62 -31.48
C15 CHL LB . -2.20 -19.64 -29.01
MG CHL MB . -11.36 -5.67 -38.97
CHA CHL MB . -12.88 -8.34 -37.20
CHB CHL MB . -10.68 -8.13 -41.47
CHC CHL MB . -10.16 -3.05 -41.15
CHD CHL MB . -12.30 -3.22 -36.61
NA CHL MB . -11.65 -7.94 -39.25
C1A CHL MB . -12.24 -8.74 -38.47
C2A CHL MB . -12.31 -10.19 -38.91
C3A CHL MB . -11.44 -10.04 -40.15
C4A CHL MB . -11.22 -8.58 -40.32
CMA CHL MB . -10.10 -10.75 -39.98
CAA CHL MB . -13.71 -10.70 -39.25
CBA CHL MB . -14.40 -9.87 -40.34
CGA CHL MB . -15.83 -9.54 -39.98
O1A CHL MB . -16.11 -9.03 -38.92
O2A CHL MB . -16.90 -9.83 -40.92
NB CHL MB . -10.59 -5.60 -40.90
C1B CHL MB . -10.42 -6.69 -41.67
C2B CHL MB . -9.86 -6.29 -42.98
C3B CHL MB . -9.70 -4.82 -42.91
C4B CHL MB . -10.20 -4.48 -41.54
CMB CHL MB . -9.53 -7.19 -44.14
CAB CHL MB . -9.15 -4.14 -44.10
CBB CHL MB . -7.86 -4.19 -44.39
NC CHL MB . -11.24 -3.47 -38.89
C1C CHL MB . -10.75 -2.68 -39.84
C2C CHL MB . -10.83 -1.24 -39.45
C3C CHL MB . -11.46 -1.28 -38.11
C4C CHL MB . -11.67 -2.72 -37.86
CMC CHL MB . -10.25 -0.51 -40.60
OMC CHL MB . -10.56 0.65 -40.82
CAC CHL MB . -11.80 -0.10 -37.21
CBC CHL MB . -13.19 0.40 -37.57
ND CHL MB . -12.30 -5.69 -37.36
C1D CHL MB . -12.60 -4.67 -36.55
C2D CHL MB . -13.37 -5.21 -35.39
C3D CHL MB . -13.48 -6.66 -35.66
C4D CHL MB . -12.83 -6.89 -36.86
CMD CHL MB . -13.96 -4.55 -34.17
CAD CHL MB . -14.02 -7.96 -35.15
OBD CHL MB . -14.68 -8.09 -34.05
CBD CHL MB . -13.64 -9.00 -36.13
CGD CHL MB . -12.85 -10.12 -35.51
O1D CHL MB . -11.64 -10.18 -35.61
O2D CHL MB . -13.55 -11.16 -34.76
CED CHL MB . -12.96 -12.46 -34.64
C1 CHL MB . -18.12 -9.12 -40.84
C2 CHL MB . -17.98 -7.89 -41.70
C3 CHL MB . -18.78 -7.64 -42.75
C4 CHL MB . -19.89 -8.57 -43.12
C5 CHL MB . -18.54 -6.39 -43.55
C6 CHL MB . -17.41 -6.67 -44.54
C7 CHL MB . -16.09 -6.07 -44.07
C8 CHL MB . -14.95 -7.08 -44.16
C9 CHL MB . -14.01 -6.79 -45.31
C10 CHL MB . -15.50 -8.49 -44.29
MG CHL NB . -5.04 -11.29 -32.50
CHA CHL NB . -6.25 -10.30 -29.32
CHB CHL NB . -2.83 -8.53 -32.22
CHC CHL NB . -3.34 -12.47 -35.43
CHD CHL NB . -7.15 -14.20 -32.59
NA CHL NB . -4.66 -9.60 -31.03
C1A CHL NB . -5.20 -9.41 -29.89
C2A CHL NB . -4.65 -8.26 -29.07
C3A CHL NB . -3.79 -7.64 -30.16
C4A CHL NB . -3.75 -8.66 -31.25
CMA CHL NB . -4.38 -6.35 -30.70
CAA CHL NB . -3.75 -8.80 -27.95
CBA CHL NB . -2.89 -9.98 -28.41
CGA CHL NB . -2.00 -10.47 -27.31
O1A CHL NB . -2.04 -9.94 -26.20
O2A CHL NB . -1.08 -11.58 -27.56
NB CHL NB . -3.42 -10.65 -33.60
C1B CHL NB . -2.72 -9.55 -33.30
C2B CHL NB . -1.62 -9.36 -34.29
C3B CHL NB . -1.75 -10.49 -35.22
C4B CHL NB . -2.92 -11.24 -34.70
CMB CHL NB . -0.60 -8.25 -34.32
CAB CHL NB . -0.75 -10.53 -36.32
CBB CHL NB . 0.05 -11.56 -36.48
NC CHL NB . -5.22 -13.03 -33.79
C1C CHL NB . -4.45 -13.28 -34.85
C2C CHL NB . -4.83 -14.56 -35.50
C3C CHL NB . -5.95 -15.07 -34.67
C4C CHL NB . -6.10 -14.03 -33.62
CMC CHL NB . -4.49 -15.45 -36.64
OMC CHL NB . -3.76 -15.05 -37.53
CAC CHL NB . -6.75 -16.32 -34.84
CBC CHL NB . -5.94 -17.46 -34.25
ND CHL NB . -6.37 -12.12 -31.32
C1D CHL NB . -7.11 -13.23 -31.47
C2D CHL NB . -7.97 -13.40 -30.27
C3D CHL NB . -7.63 -12.24 -29.42
C4D CHL NB . -6.66 -11.50 -30.10
CMD CHL NB . -9.00 -14.38 -29.80
CAD CHL NB . -7.91 -11.55 -28.12
OBD CHL NB . -8.70 -11.82 -27.15
CBD CHL NB . -7.04 -10.36 -28.08
CGD CHL NB . -7.84 -9.12 -27.91
O1D CHL NB . -8.19 -8.50 -28.90
O2D CHL NB . -8.18 -8.65 -26.58
CED CHL NB . -8.15 -7.26 -26.28
C1 CHL NB . -0.72 -12.47 -26.50
C2 CHL NB . -1.47 -13.77 -26.57
C3 CHL NB . -0.83 -14.92 -26.87
C4 CHL NB . 0.63 -14.89 -27.18
C5 CHL NB . -1.56 -16.25 -26.94
C6 CHL NB . -2.25 -16.66 -25.66
C7 CHL NB . -2.51 -18.16 -25.70
C8 CHL NB . -3.61 -18.64 -24.76
C9 CHL NB . -3.11 -18.70 -23.33
C10 CHL NB . -4.10 -20.00 -25.21
C11 CHL NB . -4.88 -20.71 -24.11
C12 CHL NB . -5.06 -22.19 -24.40
C13 CHL NB . -5.94 -22.85 -23.36
C14 CHL NB . -5.93 -22.02 -22.09
C15 CHL NB . -5.50 -24.27 -23.00
C16 CHL NB . -5.56 -25.29 -24.14
C17 CHL NB . -6.98 -25.66 -24.56
C18 CHL NB . -7.44 -27.07 -24.19
C19 CHL NB . -6.66 -28.14 -24.94
C20 CHL NB . -7.34 -27.32 -22.69
MG CLA OB . -21.52 -9.70 -34.72
CHA CLA OB . -21.71 -6.27 -35.17
CHB CLA OB . -24.68 -9.70 -33.47
CHC CLA OB . -21.49 -13.15 -34.81
CHD CLA OB . -18.23 -9.64 -36.00
NA CLA OB . -22.91 -8.21 -34.31
C1A CLA OB . -22.82 -6.85 -34.62
C2A CLA OB . -24.07 -6.10 -34.16
C3A CLA OB . -24.84 -7.17 -33.34
C4A CLA OB . -24.13 -8.46 -33.72
CMA CLA OB . -24.79 -6.90 -31.86
CAA CLA OB . -24.87 -5.66 -35.36
CBA CLA OB . -24.83 -6.69 -36.48
CGA CLA OB . -25.95 -7.68 -36.33
O1A CLA OB . -27.14 -7.44 -36.06
O2A CLA OB . -25.58 -8.98 -36.51
NB CLA OB . -22.82 -11.15 -34.20
C1B CLA OB . -24.09 -10.95 -33.78
C2B CLA OB . -24.81 -12.24 -33.68
C3B CLA OB . -23.92 -13.23 -34.06
C4B CLA OB . -22.64 -12.54 -34.39
CMB CLA OB . -26.20 -12.32 -33.24
CAB CLA OB . -24.08 -14.66 -34.16
CBB CLA OB . -24.98 -15.42 -33.53
NC CLA OB . -20.08 -11.13 -35.22
C1C CLA OB . -20.27 -12.48 -35.18
C2C CLA OB . -19.08 -13.18 -35.65
C3C CLA OB . -18.16 -12.20 -35.99
C4C CLA OB . -18.79 -10.90 -35.73
CMC CLA OB . -18.94 -14.63 -35.74
CAC CLA OB . -16.80 -12.41 -36.52
CBC CLA OB . -16.79 -12.25 -38.03
ND CLA OB . -20.16 -8.31 -35.27
C1D CLA OB . -18.85 -8.42 -35.81
C2D CLA OB . -18.34 -7.07 -36.13
C3D CLA OB . -19.41 -6.21 -35.95
C4D CLA OB . -20.51 -7.02 -35.43
CMD CLA OB . -16.99 -6.78 -36.63
CAD CLA OB . -19.87 -4.82 -35.95
OBD CLA OB . -19.24 -3.80 -36.17
CBD CLA OB . -21.38 -4.85 -35.58
CGD CLA OB . -21.77 -3.84 -34.53
O1D CLA OB . -21.76 -3.98 -33.31
O2D CLA OB . -22.19 -2.63 -35.01
CED CLA OB . -22.34 -1.60 -34.05
C1 CLA OB . -26.57 -9.80 -37.18
C2 CLA OB . -26.10 -11.21 -37.18
C3 CLA OB . -26.85 -12.20 -37.68
C4 CLA OB . -28.18 -11.97 -38.27
C5 CLA OB . -26.37 -13.62 -37.68
C6 CLA OB . -26.60 -14.32 -39.01
C7 CLA OB . -25.74 -15.56 -39.13
C8 CLA OB . -25.01 -15.64 -40.46
MG CLA PB . -31.86 -20.24 -23.93
CHA CLA PB . -31.91 -17.30 -25.77
CHB CLA PB . -34.99 -19.56 -22.79
CHC CLA PB . -31.88 -23.27 -22.31
CHD CLA PB . -28.67 -20.97 -25.28
NA CLA PB . -33.19 -18.65 -24.21
C1A CLA PB . -33.04 -17.52 -25.02
C2A CLA PB . -34.27 -16.61 -24.95
C3A CLA PB . -35.09 -17.24 -23.81
C4A CLA PB . -34.40 -18.59 -23.58
CMA CLA PB . -35.05 -16.40 -22.57
CAA CLA PB . -35.07 -16.65 -26.25
CBA CLA PB . -34.90 -17.97 -26.97
CGA CLA PB . -36.16 -18.41 -27.66
O1A CLA PB . -37.32 -17.99 -27.53
O2A CLA PB . -35.94 -19.41 -28.56
NB CLA PB . -33.16 -21.20 -22.72
C1B CLA PB . -34.44 -20.81 -22.48
C2B CLA PB . -35.18 -21.90 -21.80
C3B CLA PB . -34.32 -22.96 -21.66
C4B CLA PB . -33.00 -22.51 -22.23
CMB CLA PB . -36.59 -21.78 -21.42
CAB CLA PB . -34.49 -24.28 -21.08
CBB CLA PB . -35.32 -24.59 -20.08
NC CLA PB . -30.48 -21.79 -23.76
C1C CLA PB . -30.69 -22.92 -23.02
C2C CLA PB . -29.53 -23.81 -23.12
C3C CLA PB . -28.65 -23.18 -24.00
C4C CLA PB . -29.25 -21.91 -24.40
CMC CLA PB . -29.41 -25.10 -22.45
CAC CLA PB . -27.35 -23.69 -24.45
CBC CLA PB . -27.54 -24.45 -25.73
ND CLA PB . -30.52 -19.35 -25.15
C1D CLA PB . -29.25 -19.77 -25.64
C2D CLA PB . -28.73 -18.73 -26.56
C3D CLA PB . -29.70 -17.74 -26.64
C4D CLA PB . -30.80 -18.20 -25.75
CMD CLA PB . -27.43 -18.80 -27.23
CAD CLA PB . -30.10 -16.47 -27.22
OBD CLA PB . -29.51 -15.70 -27.98
CBD CLA PB . -31.54 -16.16 -26.71
CGD CLA PB . -31.62 -14.83 -26.02
O1D CLA PB . -31.74 -14.63 -24.81
O2D CLA PB . -31.56 -13.77 -26.86
CED CLA PB . -31.83 -12.48 -26.30
C1 CLA PB . -35.23 -19.06 -29.76
C2 CLA PB . -34.76 -20.31 -30.39
C3 CLA PB . -34.24 -20.33 -31.63
C4 CLA PB . -34.09 -19.11 -32.43
C5 CLA PB . -33.76 -21.60 -32.25
C6 CLA PB . -32.29 -21.49 -32.60
C7 CLA PB . -31.96 -22.24 -33.88
C8 CLA PB . -30.75 -21.62 -34.58
C9 CLA PB . -31.10 -20.22 -35.06
C10 CLA PB . -30.28 -22.49 -35.74
C11 CLA PB . -29.16 -21.83 -36.50
C12 CLA PB . -28.00 -22.78 -36.73
C13 CLA PB . -28.11 -23.50 -38.08
C14 CLA PB . -27.66 -24.94 -37.92
C15 CLA PB . -27.31 -22.77 -39.15
C16 CLA PB . -26.92 -23.66 -40.32
C17 CLA PB . -25.43 -23.73 -40.54
C18 CLA PB . -24.94 -22.78 -41.62
C19 CLA PB . -24.03 -21.71 -41.05
C20 CLA PB . -24.22 -23.55 -42.71
MG CLA QB . -28.12 -19.38 -32.95
CHA CLA QB . -30.36 -16.85 -32.12
CHB CLA QB . -27.15 -17.63 -35.69
CHC CLA QB . -26.05 -22.00 -33.78
CHD CLA QB . -29.29 -21.24 -30.16
NA CLA QB . -28.65 -17.52 -33.73
C1A CLA QB . -29.60 -16.60 -33.24
C2A CLA QB . -29.69 -15.37 -34.14
C3A CLA QB . -28.64 -15.65 -35.24
C4A CLA QB . -28.08 -17.02 -34.88
CMA CLA QB . -29.26 -15.66 -36.63
CAA CLA QB . -29.36 -14.08 -33.40
CBA CLA QB . -29.60 -12.87 -34.28
CGA CLA QB . -31.06 -12.68 -34.52
O1A CLA QB . -31.95 -12.31 -33.73
O2A CLA QB . -31.43 -12.93 -35.82
NB CLA QB . -26.80 -19.71 -34.42
C1B CLA QB . -26.56 -18.90 -35.48
C2B CLA QB . -25.62 -19.55 -36.43
C3B CLA QB . -25.32 -20.78 -35.88
C4B CLA QB . -26.06 -20.91 -34.60
CMB CLA QB . -25.20 -18.92 -37.68
CAB CLA QB . -24.47 -21.86 -36.35
CBB CLA QB . -24.27 -22.20 -37.62
NC CLA QB . -27.72 -21.24 -32.09
C1C CLA QB . -26.82 -22.16 -32.60
C2C CLA QB . -26.82 -23.36 -31.76
C3C CLA QB . -27.74 -23.13 -30.75
C4C CLA QB . -28.29 -21.80 -30.96
CMC CLA QB . -26.02 -24.54 -32.00
CAC CLA QB . -28.15 -24.04 -29.66
CBC CLA QB . -29.30 -24.92 -30.07
ND CLA QB . -29.47 -19.16 -31.46
C1D CLA QB . -29.85 -19.99 -30.38
C2D CLA QB . -30.93 -19.35 -29.61
C3D CLA QB . -31.16 -18.13 -30.22
C4D CLA QB . -30.23 -18.07 -31.37
CMD CLA QB . -31.58 -19.96 -28.45
CAD CLA QB . -31.98 -16.93 -30.24
OBD CLA QB . -32.93 -16.63 -29.53
CBD CLA QB . -31.43 -16.04 -31.41
CGD CLA QB . -32.54 -15.55 -32.31
O1D CLA QB . -33.30 -14.60 -32.10
O2D CLA QB . -32.67 -16.27 -33.45
CED CLA QB . -33.73 -15.89 -34.35
MG CLA RB . -18.94 -33.11 -25.34
CHA CLA RB . -18.64 -36.45 -26.03
CHB CLA RB . -21.89 -33.05 -26.97
CHC CLA RB . -19.31 -29.86 -24.45
CHD CLA RB . -15.92 -33.25 -23.57
NA CLA RB . -20.05 -34.53 -26.35
C1A CLA RB . -19.76 -35.87 -26.51
C2A CLA RB . -20.86 -36.57 -27.27
C3A CLA RB . -21.82 -35.44 -27.66
C4A CLA RB . -21.24 -34.24 -26.94
CMA CLA RB . -21.84 -35.19 -29.14
CAA CLA RB . -21.51 -37.52 -26.29
CBA CLA RB . -22.03 -36.84 -25.06
CGA CLA RB . -21.05 -36.89 -23.94
O1A CLA RB . -20.46 -37.84 -23.47
O2A CLA RB . -20.82 -35.68 -23.40
NB CLA RB . -20.33 -31.72 -25.67
C1B CLA RB . -21.46 -31.89 -26.35
C2B CLA RB . -22.24 -30.64 -26.35
C3B CLA RB . -21.52 -29.73 -25.64
C4B CLA RB . -20.29 -30.41 -25.18
CMB CLA RB . -23.53 -30.51 -27.02
CAB CLA RB . -21.82 -28.37 -25.34
CBB CLA RB . -21.59 -27.36 -26.17
NC CLA RB . -17.80 -31.79 -24.23
C1C CLA RB . -18.14 -30.51 -23.99
C2C CLA RB . -17.13 -29.88 -23.18
C3C CLA RB . -16.18 -30.84 -22.93
C4C CLA RB . -16.60 -32.04 -23.58
CMC CLA RB . -17.15 -28.50 -22.73
CAC CLA RB . -14.96 -30.66 -22.13
CBC CLA RB . -15.22 -30.94 -20.68
ND CLA RB . -17.53 -34.46 -24.92
C1D CLA RB . -16.33 -34.39 -24.20
C2D CLA RB . -15.67 -35.70 -24.22
C3D CLA RB . -16.52 -36.52 -24.89
C4D CLA RB . -17.67 -35.71 -25.31
CMD CLA RB . -14.40 -36.01 -23.59
CAD CLA RB . -16.74 -37.83 -25.40
OBD CLA RB . -16.01 -38.78 -25.33
CBD CLA RB . -18.13 -37.87 -26.07
CGD CLA RB . -18.10 -38.42 -27.45
O1D CLA RB . -17.65 -37.94 -28.48
O2D CLA RB . -18.67 -39.63 -27.52
CED CLA RB . -19.30 -39.94 -28.76
C1 CLA RB . -20.08 -35.64 -22.17
C2 CLA RB . -19.98 -34.23 -21.74
C3 CLA RB . -18.94 -33.75 -21.05
C4 CLA RB . -17.80 -34.59 -20.68
C5 CLA RB . -18.86 -32.34 -20.61
C6 CLA RB . -20.02 -31.51 -21.07
C7 CLA RB . -20.92 -31.20 -19.90
C8 CLA RB . -22.35 -31.05 -20.38
C9 CLA RB . -22.44 -29.84 -21.29
C10 CLA RB . -23.32 -30.89 -19.24
C11 CLA RB . -24.74 -30.77 -19.76
MG CHL SB . -26.77 -37.04 -25.12
CHA CHL SB . -25.33 -37.02 -21.86
CHB CHL SB . -28.72 -39.73 -23.86
CHC CHL SB . -28.41 -37.10 -28.25
CHD CHL SB . -25.01 -34.11 -26.12
NA CHL SB . -26.93 -38.30 -23.16
C1A CHL SB . -26.28 -38.14 -22.07
C2A CHL SB . -26.56 -39.13 -20.97
C3A CHL SB . -27.52 -40.04 -21.74
C4A CHL SB . -27.76 -39.32 -23.03
CMA CHL SB . -26.92 -41.40 -22.03
CAA CHL SB . -27.14 -38.77 -19.61
CBA CHL SB . -28.53 -38.16 -19.74
CGA CHL SB . -28.56 -36.80 -19.07
NB CHL SB . -28.23 -38.15 -25.89
C1B CHL SB . -28.85 -39.15 -25.21
C2B CHL SB . -29.89 -39.75 -26.08
C3B CHL SB . -29.81 -39.02 -27.36
C4B CHL SB . -28.73 -38.02 -27.14
CMB CHL SB . -30.81 -40.90 -25.73
CAB CHL SB . -30.74 -39.42 -28.44
CBB CHL SB . -31.21 -38.52 -29.28
NC CHL SB . -26.72 -35.81 -26.90
C1C CHL SB . -27.45 -36.01 -28.00
C2C CHL SB . -27.17 -34.98 -29.04
C3C CHL SB . -26.18 -34.10 -28.40
C4C CHL SB . -25.97 -34.72 -27.07
CMC CHL SB . -27.92 -35.11 -30.31
OMC CHL SB . -27.74 -34.28 -31.19
CAC CHL SB . -25.51 -32.86 -28.97
CBC CHL SB . -26.47 -31.70 -28.88
ND CHL SB . -25.51 -35.85 -24.29
C1D CHL SB . -24.91 -34.76 -24.79
C2D CHL SB . -24.02 -34.17 -23.76
C3D CHL SB . -24.19 -35.08 -22.59
C4D CHL SB . -25.10 -36.06 -22.98
CMD CHL SB . -23.05 -33.11 -23.36
CAD CHL SB . -23.76 -35.34 -21.18
OBD CHL SB . -23.01 -34.87 -20.26
CBD CHL SB . -24.48 -36.55 -20.73
CGD CHL SB . -23.52 -37.62 -20.31
O1D CHL SB . -23.50 -38.00 -19.15
O2D CHL SB . -22.58 -38.21 -21.23
CED CHL SB . -21.37 -38.70 -20.66
O1 LHG TB . -36.81 -19.35 -19.00
C1 LHG TB . -35.76 -18.39 -19.21
C2 LHG TB . -34.46 -19.14 -19.40
O2 LHG TB . -34.33 -20.15 -18.43
C3 LHG TB . -33.25 -18.24 -19.27
O3 LHG TB . -32.26 -19.10 -19.82
P LHG TB . -31.01 -18.52 -20.65
O4 LHG TB . -31.50 -18.10 -22.00
O5 LHG TB . -30.18 -17.84 -19.63
O6 LHG TB . -30.35 -20.00 -20.97
C4 LHG TB . -29.44 -20.56 -20.09
C5 LHG TB . -28.32 -21.09 -21.00
C6 LHG TB . -27.84 -20.00 -21.97
O7 LHG TB . -27.27 -21.43 -20.15
C7 LHG TB . -27.36 -22.71 -19.70
O9 LHG TB . -28.32 -23.44 -19.91
C8 LHG TB . -26.07 -23.14 -19.17
C9 LHG TB . -26.19 -23.29 -17.68
C10 LHG TB . -26.57 -24.72 -17.35
O8 LHG TB . -26.42 -20.22 -22.14
C23 LHG TB . -25.73 -19.19 -22.74
O10 LHG TB . -26.35 -18.29 -23.25
C24 LHG TB . -24.28 -18.94 -22.37
C11 LHG TB . -25.32 -25.23 -16.73
C12 LHG TB . -24.46 -25.87 -17.78
C13 LHG TB . -23.34 -26.56 -17.06
C14 LHG TB . -22.73 -27.65 -17.89
C15 LHG TB . -21.61 -28.22 -17.04
C16 LHG TB . -20.56 -27.15 -16.80
C17 LHG TB . -19.49 -27.67 -15.86
C18 LHG TB . -18.64 -28.57 -16.74
C19 LHG TB . -18.54 -30.00 -16.25
C20 LHG TB . -17.03 -30.22 -16.10
C21 LHG TB . -16.73 -31.68 -16.30
C22 LHG TB . -15.24 -31.91 -16.16
C25 LHG TB . -23.38 -20.15 -22.48
C26 LHG TB . -23.45 -21.09 -21.30
C27 LHG TB . -23.90 -22.38 -21.94
C28 LHG TB . -23.36 -23.63 -21.31
C29 LHG TB . -23.57 -24.72 -22.35
C30 LHG TB . -24.34 -25.93 -21.88
C31 LHG TB . -25.03 -26.70 -22.98
C32 LHG TB . -25.37 -28.12 -22.63
C33 LHG TB . -26.25 -28.64 -23.75
C34 LHG TB . -27.04 -29.89 -23.44
N BET UB . -20.76 4.90 -29.22
CA BET UB . -21.23 4.57 -30.59
C BET UB . -20.26 3.75 -31.41
O BET UB . -20.76 2.99 -32.28
OXT BET UB . -19.09 4.20 -31.57
C1 BET UB . -19.91 6.09 -29.25
C2 BET UB . -20.03 3.77 -28.64
C3 BET UB . -21.93 5.19 -28.38
C28 0UR VB . -24.64 -9.05 -40.64
C29 0UR VB . -25.32 -7.68 -40.80
C30 0UR VB . -24.25 -6.65 -41.15
C31 0UR VB . -23.29 -6.68 -39.98
C32 0UR VB . -22.79 -7.86 -39.61
C34 0UR VB . -19.92 -29.26 -28.40
C37 0UR VB . -23.45 -30.95 -31.28
C38 0UR VB . -23.84 -9.35 -41.90
O40 0UR VB . -24.79 -5.33 -41.38
C43 0UR VB . -23.98 -25.98 -30.07
C1 0UR VB . -21.53 -29.93 -30.14
C2 0UR VB . -21.90 -27.49 -30.48
C3 0UR VB . -22.59 -26.20 -30.57
C4 0UR VB . -21.97 -25.16 -31.14
C5 0UR VB . -22.59 -23.84 -31.27
C6 0UR VB . -22.12 -23.03 -32.22
C10 0UR VB . -22.17 -19.14 -35.07
C11 0UR VB . -22.61 -17.80 -35.48
C12 0UR VB . -22.06 -17.12 -36.49
C13 0UR VB . -22.61 -15.77 -36.80
C14 0UR VB . -22.18 -14.94 -37.75
C15 0UR VB . -22.88 -13.65 -37.86
C16 0UR VB . -22.41 -12.59 -38.53
C17 0UR VB . -23.19 -11.32 -38.58
C18 0UR VB . -22.91 -10.33 -39.42
C19 0UR VB . -23.70 -9.05 -39.46
C20 0UR VB . -23.54 -21.00 -31.49
C21 0UR VB . -20.94 -17.71 -37.28
C22 0UR VB . -21.10 -12.67 -39.24
C23 0UR VB . -21.93 -30.78 -31.32
C24 0UR VB . -21.28 -32.15 -31.28
C25 0UR VB . -19.80 -31.98 -31.01
C26 0UR VB . -19.68 -31.51 -29.58
C27 0UR VB . -20.44 -30.22 -29.42
C33 0UR VB . -21.32 -8.01 -39.37
C35 0UR VB . -21.54 -30.09 -32.61
C36 0UR VB . -25.68 -10.14 -40.47
C41 0UR VB . -22.39 -28.73 -29.78
C45 0UR VB . -25.50 -27.31 -28.77
C46 0UR VB . -26.25 -27.68 -29.97
C47 0UR VB . -27.35 -28.39 -29.83
C48 0UR VB . -28.13 -28.79 -31.06
C49 0UR VB . -27.16 -29.01 -32.21
C50 0UR VB . -27.16 -30.47 -32.65
C51 0UR VB . -26.84 -30.59 -34.14
C7 0UR VB . -22.64 -21.67 -32.47
C8 0UR VB . -22.26 -21.05 -33.60
C9 0UR VB . -22.68 -19.71 -33.99
O39 0UR VB . -19.13 -33.23 -31.16
O42 0UR VB . -20.84 -27.54 -31.03
O44 0UR VB . -24.22 -26.66 -28.86
O57 0UR VB . -25.94 -27.54 -27.68
O1 0IE WB . -1.02 33.82 -0.16
C7 0IE WB . 1.79 28.30 1.85
C6 0IE WB . 1.41 29.59 1.44
C5 0IE WB . 0.34 29.99 0.66
C4 0IE WB . -0.24 31.25 0.56
C3 0IE WB . -1.38 31.61 -0.08
C2 0IE WB . -1.81 32.90 -0.22
C10 0IE WB . 4.69 26.94 3.95
C11 0IE WB . 5.42 25.82 4.30
C12 0IE WB . 6.57 25.72 5.11
C13 0IE WB . 7.03 24.52 5.64
C14 0IE WB . 8.31 24.19 6.07
C15 0IE WB . 8.77 22.97 6.53
C16 0IE WB . 10.05 22.40 6.40
C17 0IE WB . 10.30 21.02 6.50
C18 0IE WB . 11.38 20.43 7.03
C19 0IE WB . 11.52 19.00 7.50
C20 0IE WB . -2.22 30.50 -0.66
C21 0IE WB . 1.22 27.13 1.16
C22 0IE WB . 7.32 26.96 5.38
C23 0IE WB . 11.17 23.32 6.15
C24 0IE WB . 11.64 18.89 9.03
C25 0IE WB . 12.08 17.49 9.45
C26 0IE WB . 13.42 17.10 8.82
C27 0IE WB . 13.46 17.45 7.36
C28 0IE WB . 12.68 18.34 6.77
C30 0IE WB . -3.26 33.18 -0.51
C31 0IE WB . -3.70 34.61 -0.38
C32 0IE WB . -4.60 34.94 0.80
C33 0IE WB . -5.09 36.39 0.78
C34 0IE WB . -4.02 37.37 0.37
C35 0IE WB . -3.52 37.03 -1.02
C36 0IE WB . -3.36 35.55 -1.27
C37 0IE WB . -2.79 35.22 -2.63
C38 0IE WB . -3.83 34.69 2.11
C39 0IE WB . -5.82 34.00 0.80
C41 0IE WB . 12.85 18.74 5.33
C43 0IE WB . 10.28 19.20 9.65
C44 0IE WB . 12.63 19.94 9.53
C8 0IE WB . 2.68 28.05 2.92
C9 0IE WB . 3.65 27.09 3.04
O29 0IE WB . -2.08 30.50 -2.05
O40 0IE WB . -4.53 38.71 0.40
O42 0IE WB . 13.69 15.71 9.05
O1 0IE XB . 13.99 39.30 15.35
C7 0IE XB . 18.69 35.56 11.70
C6 0IE XB . 17.97 35.83 12.87
C5 0IE XB . 16.72 36.38 12.97
C4 0IE XB . 16.05 36.89 14.06
C3 0IE XB . 15.44 38.08 14.18
C2 0IE XB . 14.51 38.21 15.17
C10 0IE XB . 20.75 32.82 10.01
C11 0IE XB . 21.58 32.54 8.93
C12 0IE XB . 21.83 31.32 8.30
C13 0IE XB . 22.30 31.22 6.98
C14 0IE XB . 23.06 30.22 6.39
C15 0IE XB . 23.29 30.09 5.03
C16 0IE XB . 24.04 29.12 4.34
C17 0IE XB . 24.51 29.34 3.03
C18 0IE XB . 24.63 28.45 2.05
C19 0IE XB . 25.41 28.57 0.77
C20 0IE XB . 15.79 39.24 13.29
C21 0IE XB . 18.58 36.52 10.59
C22 0IE XB . 21.59 30.07 9.06
C23 0IE XB . 24.29 27.84 5.03
C24 0IE XB . 24.53 28.30 -0.47
C25 0IE XB . 25.38 28.04 -1.73
C26 0IE XB . 26.37 26.91 -1.47
C27 0IE XB . 27.17 27.18 -0.25
C28 0IE XB . 26.62 27.68 0.86
C30 0IE XB . 14.19 37.03 16.07
C31 0IE XB . 12.78 36.73 16.51
C32 0IE XB . 11.78 36.20 15.47
C33 0IE XB . 10.33 36.44 15.92
C34 0IE XB . 10.06 36.01 17.34
C35 0IE XB . 11.01 36.71 18.29
C36 0IE XB . 12.42 36.81 17.80
C37 0IE XB . 13.43 37.03 18.90
C38 0IE XB . 11.99 34.68 15.30
C39 0IE XB . 11.96 36.85 14.08
C41 0IE XB . 27.16 27.38 2.23
C43 0IE XB . 23.63 29.51 -0.72
C44 0IE XB . 23.63 27.09 -0.21
C8 0IE XB . 19.50 34.43 11.50
C9 0IE XB . 20.07 33.97 10.33
O29 0IE XB . 15.22 39.14 12.01
O40 0IE XB . 8.71 36.30 17.69
O42 0IE XB . 27.24 26.71 -2.60
C1 NEX YB . -22.17 18.23 -16.63
C2 NEX YB . -22.60 16.82 -16.26
C3 NEX YB . -21.94 15.79 -17.17
C4 NEX YB . -20.44 15.84 -16.95
C5 NEX YB . -19.84 17.20 -17.27
C6 NEX YB . -20.66 18.30 -16.65
C7 NEX YB . -20.07 19.30 -16.14
C8 NEX YB . -19.48 20.32 -15.67
C9 NEX YB . -18.63 20.47 -14.48
C10 NEX YB . -18.06 21.67 -14.22
C11 NEX YB . -17.21 21.83 -13.03
C12 NEX YB . -16.61 22.98 -12.79
C13 NEX YB . -15.72 23.62 -11.80
C14 NEX YB . -15.00 24.74 -11.60
C15 NEX YB . -14.24 24.88 -10.37
C16 NEX YB . -22.74 19.23 -15.63
C17 NEX YB . -22.70 18.57 -18.02
C18 NEX YB . -18.41 17.26 -16.75
C19 NEX YB . -18.39 19.31 -13.56
C20 NEX YB . -15.72 22.55 -10.75
O3 NEX YB . -22.43 14.48 -16.86
O4 NEX YB . -19.80 17.36 -18.69
C21 NEX YB . -6.24 33.95 -9.53
C22 NEX YB . -5.84 35.39 -9.27
C23 NEX YB . -7.05 36.29 -9.31
C24 NEX YB . -7.80 35.99 -8.03
C25 NEX YB . -8.29 34.56 -7.97
C26 NEX YB . -7.55 33.52 -8.83
C27 NEX YB . -7.38 32.21 -8.08
C28 NEX YB . -8.04 31.10 -8.44
C29 NEX YB . -7.79 29.91 -7.61
C30 NEX YB . -8.45 28.77 -7.86
C31 NEX YB . -9.43 28.68 -8.95
C32 NEX YB . -10.09 27.52 -9.08
C33 NEX YB . -11.08 27.35 -10.17
C34 NEX YB . -12.05 26.45 -10.06
C35 NEX YB . -13.23 25.72 -10.54
C36 NEX YB . -5.07 33.06 -9.09
C37 NEX YB . -6.43 33.72 -11.03
C38 NEX YB . -8.38 34.12 -6.51
C39 NEX YB . -6.79 29.96 -6.49
C40 NEX YB . -11.00 28.21 -11.39
O23 NEX YB . -6.67 37.67 -9.32
O24 NEX YB . -8.95 33.75 -8.93
C1B LMU ZB . -17.82 11.55 -13.20
C2B LMU ZB . -16.36 12.01 -13.08
C3B LMU ZB . -15.99 12.86 -14.28
C4B LMU ZB . -17.17 13.70 -14.74
C5B LMU ZB . -18.16 13.89 -13.61
C6B LMU ZB . -19.25 14.87 -14.00
O1B LMU ZB . -18.12 10.75 -12.05
O2B LMU ZB . -16.13 12.73 -11.85
O3B LMU ZB . -15.60 11.98 -15.33
O4' LMU ZB . -16.67 14.96 -15.17
O5B LMU ZB . -18.74 12.63 -13.29
O6B LMU ZB . -20.49 14.54 -13.35
C1' LMU ZB . -21.56 11.26 -9.70
C2' LMU ZB . -21.68 10.34 -10.94
C3' LMU ZB . -20.40 10.05 -11.73
C4' LMU ZB . -19.35 11.09 -11.44
C5' LMU ZB . -19.22 11.09 -9.94
C6' LMU ZB . -17.89 11.65 -9.49
O1' LMU ZB . -21.77 10.51 -8.51
O2' LMU ZB . -22.20 9.07 -10.52
O3' LMU ZB . -20.68 10.06 -13.14
O5' LMU ZB . -20.29 11.91 -9.54
O6' LMU ZB . -16.82 10.81 -9.91
C1 LMU ZB . -22.87 11.01 -7.77
C2 LMU ZB . -23.95 9.93 -7.71
C3 LMU ZB . -24.37 9.66 -6.28
C4 LMU ZB . -25.64 10.41 -5.95
C5 LMU ZB . -26.00 10.25 -4.48
C6 LMU ZB . -27.33 9.54 -4.31
C7 LMU ZB . -27.18 8.27 -3.48
C8 LMU ZB . -27.18 7.03 -4.36
C9 LMU ZB . -26.75 5.80 -3.58
C10 LMU ZB . -27.29 4.53 -4.23
C11 LMU ZB . -26.24 3.91 -5.15
C12 LMU ZB . -26.30 2.39 -5.11
MG CHL AC . 22.31 23.78 3.09
CHA CHL AC . 18.94 23.89 4.16
CHB CHL AC . 23.07 24.48 6.54
CHC CHL AC . 25.80 23.76 2.27
CHD CHL AC . 21.52 23.33 -0.30
NA CHL AC . 21.15 24.10 5.11
C1A CHL AC . 19.89 24.05 5.29
C2A CHL AC . 19.40 24.21 6.72
C3A CHL AC . 20.75 24.58 7.32
C4A CHL AC . 21.77 24.37 6.24
CMA CHL AC . 20.76 26.02 7.80
CAA CHL AC . 18.97 22.78 7.04
CBA CHL AC . 18.73 22.44 8.51
CGA CHL AC . 18.47 23.66 9.36
O1A CHL AC . 17.43 24.27 9.29
O2A CHL AC . 19.50 24.07 10.31
NB CHL AC . 24.07 24.05 4.17
C1B CHL AC . 24.11 24.31 5.49
C2B CHL AC . 25.53 24.45 5.93
C3B CHL AC . 26.33 24.25 4.70
C4B CHL AC . 25.30 24.01 3.64
CMB CHL AC . 26.04 24.75 7.32
CAB CHL AC . 27.80 24.33 4.81
CBB CHL AC . 28.51 24.80 3.81
NC CHL AC . 23.46 23.57 1.27
C1C CHL AC . 24.81 23.60 1.19
C2C CHL AC . 25.27 23.43 -0.23
C3C CHL AC . 24.01 23.30 -1.00
C4C CHL AC . 22.96 23.41 0.05
CMC CHL AC . 26.69 23.42 -0.65
OMC CHL AC . 27.48 24.25 -0.25
CAC CHL AC . 23.84 23.11 -2.49
CBC CHL AC . 24.56 21.85 -2.91
ND CHL AC . 20.75 23.64 2.15
C1D CHL AC . 20.58 23.47 0.83
C2D CHL AC . 19.13 23.40 0.54
C3D CHL AC . 18.48 23.57 1.87
C4D CHL AC . 19.51 23.71 2.80
CMD CHL AC . 18.47 23.22 -0.80
CAD CHL AC . 17.18 23.66 2.57
OBD CHL AC . 16.11 23.56 1.87
CBD CHL AC . 17.47 23.85 4.00
CGD CHL AC . 16.85 25.14 4.47
O1D CHL AC . 16.89 26.15 3.78
O2D CHL AC . 16.18 25.18 5.76
CED CHL AC . 16.02 26.43 6.43
C1 CHL AC . 19.45 25.37 10.87
C2 CHL AC . 19.24 25.30 12.35
C3 CHL AC . 19.40 26.37 13.14
C4 CHL AC . 19.15 26.23 14.61
C5 CHL AC . 19.82 27.71 12.60
C6 CHL AC . 19.39 28.79 13.60
C7 CHL AC . 20.53 29.72 14.02
C8 CHL AC . 20.05 31.16 14.19
C9 CHL AC . 21.11 32.15 13.73
C10 CHL AC . 19.70 31.44 15.65
C11 CHL AC . 18.77 32.65 15.76
C12 CHL AC . 18.08 32.69 17.11
C13 CHL AC . 16.84 33.57 17.09
C14 CHL AC . 17.20 34.96 16.61
C15 CHL AC . 16.25 33.63 18.49
C16 CHL AC . 14.98 32.78 18.59
C17 CHL AC . 14.03 33.38 19.61
C18 CHL AC . 12.82 32.49 19.83
C19 CHL AC . 11.85 33.11 20.83
C20 CHL AC . 12.10 32.23 18.51
MG CHL BC . 10.66 19.71 2.45
CHA CHL BC . 12.81 16.98 1.93
CHB CHL BC . 8.12 17.31 2.96
CHC CHL BC . 8.39 22.35 3.26
CHD CHL BC . 13.24 22.07 1.87
NA CHL BC . 10.49 17.51 2.44
C1A CHL BC . 11.41 16.65 2.27
C2A CHL BC . 11.02 15.21 2.45
C3A CHL BC . 9.52 15.43 2.38
C4A CHL BC . 9.34 16.89 2.62
CMA CHL BC . 8.95 15.11 1.00
CAA CHL BC . 11.45 14.51 3.75
CBA CHL BC . 11.36 15.43 4.96
CGA CHL BC . 10.06 15.19 5.69
O1A CHL BC . 9.85 14.14 6.27
O2A CHL BC . 9.01 16.20 5.68
NB CHL BC . 8.64 19.82 3.00
C1B CHL BC . 7.86 18.75 3.14
C2B CHL BC . 6.49 19.15 3.54
C3B CHL BC . 6.54 20.63 3.63
C4B CHL BC . 7.96 20.94 3.27
CMB CHL BC . 5.31 18.27 3.79
CAB CHL BC . 5.26 21.26 4.02
CBB CHL BC . 5.14 21.78 5.23
NC CHL BC . 10.80 21.80 2.55
C1C CHL BC . 9.79 22.62 2.89
C2C CHL BC . 10.26 24.05 2.86
C3C CHL BC . 11.67 23.96 2.45
C4C CHL BC . 11.90 22.52 2.29
CMC CHL BC . 9.49 25.28 3.16
OMC CHL BC . 9.87 26.35 2.72
CAC CHL BC . 12.66 25.07 2.25
CBC CHL BC . 13.16 25.48 3.63
ND CHL BC . 12.53 19.64 2.02
C1D CHL BC . 13.42 20.61 1.81
C2D CHL BC . 14.74 20.04 1.49
C3D CHL BC . 14.51 18.57 1.53
C4D CHL BC . 13.16 18.41 1.86
CMD CHL BC . 16.16 20.43 1.15
CAD CHL BC . 15.12 17.22 1.37
OBD CHL BC . 16.33 16.87 1.09
CBD CHL BC . 14.05 16.24 1.64
CGD CHL BC . 13.80 15.38 0.43
O1D CHL BC . 14.41 14.33 0.28
O2D CHL BC . 12.83 15.78 -0.55
CED CHL BC . 12.69 15.01 -1.74
C1 CHL BC . 8.16 16.30 6.80
C2 CHL BC . 7.54 17.67 6.89
C3 CHL BC . 6.43 17.80 7.60
C4 CHL BC . 5.85 16.60 8.26
C5 CHL BC . 5.74 19.12 7.75
C6 CHL BC . 6.73 20.12 8.32
C7 CHL BC . 6.08 21.08 9.29
C8 CHL BC . 7.15 21.47 10.27
C9 CHL BC . 7.38 20.30 11.19
C10 CHL BC . 6.77 22.69 11.08
C11 CHL BC . 8.00 23.55 11.21
C12 CHL BC . 8.52 23.87 9.82
C13 CHL BC . 9.89 24.52 9.85
C14 CHL BC . 10.97 23.49 10.14
C15 CHL BC . 9.92 25.63 10.87
C16 CHL BC . 10.62 26.83 10.26
C17 CHL BC . 10.15 27.04 8.83
C18 CHL BC . 11.00 28.08 8.10
C19 CHL BC . 12.47 27.73 8.14
MG CLA CC . 0.06 23.20 6.07
CHA CLA CC . -1.00 19.88 6.33
CHB CLA CC . 2.79 22.47 7.93
CHC CLA CC . 1.04 26.49 5.81
CHD CLA CC . -2.77 23.89 4.08
NA CLA CC . 0.75 21.44 7.01
C1A CLA CC . 0.18 20.16 7.00
C2A CLA CC . 1.01 19.18 7.84
C3A CLA CC . 2.19 20.07 8.34
C4A CLA CC . 1.90 21.43 7.74
CMA CLA CC . 2.23 20.17 9.85
CAA CLA CC . 1.51 17.95 7.10
CBA CLA CC . 2.25 17.00 8.05
CGA CLA CC . 1.36 16.57 9.19
O1A CLA CC . 0.13 16.56 9.26
O2A CLA CC . 2.06 16.15 10.29
NB CLA CC . 1.62 24.29 6.75
C1B CLA CC . 2.66 23.78 7.46
C2B CLA CC . 3.65 24.86 7.73
C3B CLA CC . 3.15 26.00 7.14
C4B CLA CC . 1.85 25.65 6.51
CMB CLA CC . 4.87 24.62 8.49
CAB CLA CC . 3.73 27.33 7.10
CBB CLA CC . 3.16 28.42 7.61
NC CLA CC . -0.73 24.87 5.12
C1C CLA CC . -0.18 26.13 5.15
C2C CLA CC . -1.01 27.06 4.40
C3C CLA CC . -2.06 26.32 3.88
C4C CLA CC . -1.89 24.95 4.35
CMC CLA CC . -0.75 28.50 4.21
CAC CLA CC . -3.15 26.82 3.03
CBC CLA CC . -2.70 26.83 1.59
ND CLA CC . -1.55 22.19 5.37
C1D CLA CC . -2.64 22.61 4.56
C2D CLA CC . -3.53 21.45 4.33
C3D CLA CC . -2.94 20.38 4.98
C4D CLA CC . -1.71 20.89 5.61
CMD CLA CC . -4.76 21.52 3.54
CAD CLA CC . -3.02 18.97 5.30
OBD CLA CC . -3.87 18.15 4.99
CBD CLA CC . -1.80 18.61 6.19
CGD CLA CC . -2.36 18.09 7.48
O1D CLA CC . -2.43 16.93 7.85
O2D CLA CC . -2.88 19.04 8.30
CED CLA CC . -2.82 18.78 9.71
C1 CLA CC . 1.33 16.06 11.53
C2 CLA CC . 0.94 17.44 11.90
C3 CLA CC . 1.03 17.95 13.13
C4 CLA CC . 1.53 17.13 14.27
C5 CLA CC . 0.60 19.35 13.38
C6 CLA CC . 1.65 20.23 14.02
C7 CLA CC . 0.96 21.35 14.76
C8 CLA CC . 0.51 22.45 13.81
C9 CLA CC . 1.67 23.39 13.55
C10 CLA CC . -0.68 23.24 14.38
C11 CLA CC . -1.90 22.35 14.56
C12 CLA CC . -3.16 23.05 14.10
C13 CLA CC . -3.51 24.21 15.02
C14 CLA CC . -3.75 23.71 16.43
C15 CLA CC . -4.70 25.03 14.50
C16 CLA CC . -4.74 25.13 12.98
C17 CLA CC . -5.58 26.28 12.45
C18 CLA CC . -7.02 25.89 12.11
C19 CLA CC . -7.53 26.61 10.88
C20 CLA CC . -7.17 24.40 11.88
MG CLA DC . -5.15 37.68 -6.18
CHA CLA DC . -7.31 40.36 -5.75
CHB CLA DC . -6.81 35.97 -3.75
CHC CLA DC . -3.14 34.97 -6.78
CHD CLA DC . -3.51 39.47 -8.77
NA CLA DC . -6.77 38.13 -4.94
C1A CLA DC . -7.55 39.28 -4.92
C2A CLA DC . -8.66 39.19 -3.88
C3A CLA DC . -8.35 37.87 -3.14
C4A CLA DC . -7.25 37.25 -4.01
CMA CLA DC . -7.91 38.10 -1.72
CAA CLA DC . -10.02 39.12 -4.57
CBA CLA DC . -9.99 38.33 -5.87
CGA CLA DC . -11.33 38.34 -6.55
O1A CLA DC . -12.17 39.22 -6.58
O2A CLA DC . -11.60 37.16 -7.21
NB CLA DC . -4.94 35.85 -5.35
C1B CLA DC . -5.79 35.30 -4.46
C2B CLA DC . -5.52 33.86 -4.31
C3B CLA DC . -4.48 33.55 -5.17
C4B CLA DC . -4.11 34.83 -5.83
CMB CLA DC . -6.30 33.00 -3.43
CAB CLA DC . -3.83 32.30 -5.46
CBB CLA DC . -3.70 31.26 -4.63
NC CLA DC . -3.58 37.31 -7.51
C1C CLA DC . -2.89 36.13 -7.57
C2C CLA DC . -1.87 36.20 -8.59
C3C CLA DC . -1.98 37.46 -9.19
C4C CLA DC . -3.06 38.16 -8.49
CMC CLA DC . -0.94 35.11 -8.92
CAC CLA DC . -1.18 38.01 -10.29
CBC CLA DC . -1.83 37.77 -11.63
ND CLA DC . -5.32 39.47 -7.10
C1D CLA DC . -4.57 40.10 -8.14
C2D CLA DC . -5.11 41.46 -8.37
C3D CLA DC . -6.17 41.61 -7.48
C4D CLA DC . -6.25 40.34 -6.72
CMD CLA DC . -4.60 42.40 -9.36
CAD CLA DC . -7.21 42.49 -6.98
OBD CLA DC . -7.50 43.64 -7.31
CBD CLA DC . -7.96 41.71 -5.86
CGD CLA DC . -7.89 42.45 -4.55
O1D CLA DC . -8.77 42.52 -3.68
O2D CLA DC . -6.71 43.08 -4.33
CED CLA DC . -6.51 43.73 -3.07
C1 CLA DC . -11.73 37.22 -8.65
MG CHL EC . -20.54 40.10 -8.74
CHA CHL EC . -19.31 40.39 -12.08
CHB CHL EC . -22.34 43.09 -9.52
CHC CHL EC . -21.90 40.02 -5.45
CHD CHL EC . -18.38 37.44 -7.95
NA CHL EC . -20.86 41.49 -10.58
C1A CHL EC . -20.37 41.36 -11.74
C2A CHL EC . -20.94 42.27 -12.81
C3A CHL EC . -21.54 43.29 -11.84
C4A CHL EC . -21.61 42.58 -10.53
CMA CHL EC . -20.66 44.51 -11.71
CAA CHL EC . -21.76 42.18 -14.09
NB CHL EC . -21.85 41.29 -7.70
C1B CHL EC . -22.41 42.40 -8.21
C2B CHL EC . -23.30 43.01 -7.19
C3B CHL EC . -23.19 42.15 -5.99
C4B CHL EC . -22.24 41.08 -6.42
CMB CHL EC . -24.12 44.27 -7.33
CAB CHL EC . -23.99 42.56 -4.82
CBB CHL EC . -24.45 41.66 -3.97
NC CHL EC . -20.19 38.93 -7.00
C1C CHL EC . -20.84 39.07 -5.82
C2C CHL EC . -20.34 38.09 -4.81
C3C CHL EC . -19.30 37.31 -5.55
C4C CHL EC . -19.30 37.94 -6.90
CMC CHL EC . -20.76 37.90 -3.40
OMC CHL EC . -20.98 38.86 -2.67
CAC CHL EC . -18.43 36.18 -5.05
CBC CHL EC . -18.94 34.87 -5.60
ND CHL EC . -19.19 39.13 -9.69
C1D CHL EC . -18.43 38.12 -9.26
C2D CHL EC . -17.53 37.69 -10.36
C3D CHL EC . -17.88 38.60 -11.49
C4D CHL EC . -18.88 39.44 -11.01
CMD CHL EC . -16.50 37.01 -11.22
CAD CHL EC . -17.58 38.97 -12.91
OBD CHL EC . -16.96 38.86 -14.03
CBD CHL EC . -18.47 40.09 -13.26
CGD CHL EC . -17.66 41.30 -13.59
O1D CHL EC . -17.24 42.02 -12.69
O2D CHL EC . -17.34 41.66 -14.96
CED CHL EC . -17.03 43.00 -15.29
MG CHL FC . -11.23 33.82 -3.47
CHA CHL FC . -13.33 33.92 -6.34
CHB CHL FC . -10.30 30.58 -4.59
CHC CHL FC . -9.02 33.61 -0.65
CHD CHL FC . -12.29 37.04 -2.34
NA CHL FC . -11.72 32.45 -5.25
C1A CHL FC . -12.50 32.67 -6.21
C2A CHL FC . -12.50 31.65 -7.28
C3A CHL FC . -11.49 30.71 -6.74
C4A CHL FC . -11.15 31.25 -5.39
CMA CHL FC . -12.13 29.37 -6.60
CAA CHL FC . -12.12 32.35 -8.57
CBA CHL FC . -12.21 31.57 -9.88
CGA CHL FC . -13.59 31.63 -10.45
O1A CHL FC . -13.85 30.98 -11.43
NB CHL FC . -9.93 32.41 -2.77
C1B CHL FC . -9.73 31.22 -3.36
C2B CHL FC . -8.73 30.43 -2.59
C3B CHL FC . -8.35 31.31 -1.44
C4B CHL FC . -9.17 32.53 -1.65
CMB CHL FC . -8.20 29.06 -2.87
CAB CHL FC . -7.36 30.78 -0.49
CBB CHL FC . -6.06 30.96 -0.69
NC CHL FC . -10.74 35.12 -1.78
C1C CHL FC . -9.85 34.83 -0.82
C2C CHL FC . -9.77 35.93 0.19
C3C CHL FC . -10.73 36.94 -0.31
C4C CHL FC . -11.28 36.32 -1.55
CMC CHL FC . -8.84 35.85 1.35
OMC CHL FC . -8.69 36.80 2.10
CAC CHL FC . -11.08 38.27 0.30
CBC CHL FC . -12.24 38.07 1.25
ND CHL FC . -12.45 35.16 -4.10
C1D CHL FC . -12.75 36.35 -3.57
C2D CHL FC . -13.77 37.01 -4.44
C3D CHL FC . -13.99 36.04 -5.54
C4D CHL FC . -13.16 34.95 -5.27
CMD CHL FC . -14.54 38.29 -4.49
CAD CHL FC . -14.74 35.79 -6.81
OBD CHL FC . -15.58 36.54 -7.34
CBD CHL FC . -14.32 34.45 -7.29
CGD CHL FC . -15.53 33.55 -7.30
O1D CHL FC . -15.80 32.89 -6.32
O2D CHL FC . -16.38 33.47 -8.47
CED CHL FC . -16.96 32.22 -8.84
MG CHL GC . -8.29 35.10 5.10
CHA CHL GC . -8.49 37.69 7.48
CHB CHL GC . -4.95 34.60 6.33
CHC CHL GC . -7.98 32.10 3.10
CHD CHL GC . -11.54 35.56 3.88
NA CHL GC . -6.92 36.01 6.67
C1A CHL GC . -7.19 36.95 7.48
C2A CHL GC . -6.14 37.27 8.50
C3A CHL GC . -5.02 36.45 7.88
C4A CHL GC . -5.67 35.60 6.86
CMA CHL GC . -3.96 37.33 7.24
CAA CHL GC . -6.55 36.62 9.82
CBA CHL GC . -6.28 37.55 10.98
CGA CHL GC . -4.84 37.46 11.42
O1A CHL GC . -4.44 38.09 12.38
O2A CHL GC . -3.89 36.62 10.71
NB CHL GC . -6.82 33.68 4.78
C1B CHL GC . -5.56 33.67 5.37
C2B CHL GC . -4.75 32.53 4.94
C3B CHL GC . -5.60 31.77 3.99
C4B CHL GC . -6.87 32.56 3.96
CMB CHL GC . -3.34 32.22 5.38
CAB CHL GC . -5.04 30.53 3.38
CBB CHL GC . -4.28 30.58 2.31
NC CHL GC . -9.57 34.02 3.72
C1C CHL GC . -9.24 32.89 3.07
C2C CHL GC . -10.37 32.43 2.21
C3C CHL GC . -11.42 33.44 2.42
C4C CHL GC . -10.81 34.38 3.40
CMC CHL GC . -9.86 31.20 1.56
OMC CHL GC . -10.52 30.18 1.54
CAC CHL GC . -12.81 33.50 1.81
CBC CHL GC . -13.66 32.41 2.42
ND CHL GC . -9.65 36.25 5.51
C1D CHL GC . -10.89 36.33 4.97
C2D CHL GC . -11.62 37.43 5.64
C3D CHL GC . -10.67 37.97 6.64
C4D CHL GC . -9.50 37.21 6.51
CMD CHL GC . -13.04 37.83 5.30
CAD CHL GC . -10.47 38.98 7.72
OBD CHL GC . -11.55 39.67 7.83
CBD CHL GC . -9.10 38.80 8.24
CGD CHL GC . -8.34 40.07 8.02
O1D CHL GC . -7.92 40.35 6.91
O2D CHL GC . -8.10 40.99 9.13
CED CHL GC . -6.97 41.86 9.12
C1 CHL GC . -2.62 36.28 11.26
C2 CHL GC . -2.15 35.04 10.56
C3 CHL GC . -1.10 35.09 9.75
C4 CHL GC . -0.38 36.39 9.56
C5 CHL GC . -0.63 33.86 9.03
C6 CHL GC . -1.22 32.61 9.68
C7 CHL GC . -0.91 31.37 8.85
C8 CHL GC . -2.01 30.33 9.00
C9 CHL GC . -2.02 29.80 10.42
C10 CHL GC . -1.84 29.21 7.99
C11 CHL GC . -2.93 28.15 8.13
C12 CHL GC . -3.66 27.96 6.82
C13 CHL GC . -5.15 27.78 7.07
C14 CHL GC . -5.39 26.45 7.76
C15 CHL GC . -5.90 27.84 5.75
C16 CHL GC . -6.43 26.47 5.36
MG CHL HC . -7.05 20.55 -10.90
CHA CHL HC . -4.24 22.15 -9.46
CHB CHL HC . -8.44 23.82 -11.10
CHC CHL HC . -9.73 19.15 -12.79
CHD CHL HC . -5.34 17.39 -11.07
NA CHL HC . -6.47 22.69 -10.26
C1A CHL HC . -5.40 23.05 -9.70
C2A CHL HC . -5.29 24.53 -9.36
C3A CHL HC . -6.71 24.93 -9.76
C4A CHL HC . -7.28 23.73 -10.44
CMA CHL HC . -7.55 25.30 -8.55
CAA CHL HC . -4.27 25.36 -10.13
CBA CHL HC . -4.53 25.32 -11.63
CGA CHL HC . -3.40 24.57 -12.30
O1A CHL HC . -3.17 23.42 -11.97
O2A CHL HC . -2.58 25.20 -13.34
NB CHL HC . -8.70 21.31 -11.76
C1B CHL HC . -9.05 22.61 -11.71
C2B CHL HC . -10.32 22.80 -12.44
C3B CHL HC . -10.70 21.46 -12.93
C4B CHL HC . -9.61 20.59 -12.44
CMB CHL HC . -11.06 24.09 -12.65
CAB CHL HC . -11.95 21.34 -13.72
CBB CHL HC . -13.11 21.23 -13.10
NC CHL HC . -7.47 18.60 -11.79
C1C CHL HC . -8.57 18.29 -12.49
C2C CHL HC . -8.55 16.90 -12.98
C3C CHL HC . -7.26 16.39 -12.48
C4C CHL HC . -6.65 17.53 -11.74
CMC CHL HC . -9.35 15.93 -13.75
OMC CHL HC . -10.37 16.31 -14.31
CAC CHL HC . -6.70 15.01 -12.68
CBC CHL HC . -6.02 15.03 -14.03
ND CHL HC . -5.28 19.86 -10.41
C1D CHL HC . -4.75 18.63 -10.52
C2D CHL HC . -3.36 18.64 -9.99
C3D CHL HC . -3.15 20.05 -9.57
C4D CHL HC . -4.33 20.72 -9.85
CMD CHL HC . -2.61 17.33 -10.04
CAD CHL HC . -2.20 21.02 -8.97
OBD CHL HC . -1.03 20.61 -8.63
CBD CHL HC . -2.88 22.33 -8.91
CGD CHL HC . -2.90 22.84 -7.50
O1D CHL HC . -3.71 22.44 -6.67
O2D CHL HC . -1.93 23.86 -7.12
CED CHL HC . -2.04 24.52 -5.87
C1 CHL HC . -1.56 24.49 -14.00
C2 CHL HC . -2.17 24.01 -15.29
C3 CHL HC . -2.13 24.75 -16.40
C4 CHL HC . -1.47 26.09 -16.42
C5 CHL HC . -2.77 24.25 -17.65
C6 CHL HC . -3.98 25.14 -17.87
C7 CHL HC . -5.26 24.31 -17.93
C8 CHL HC . -6.10 24.53 -16.67
C9 CHL HC . -7.56 24.77 -17.03
C10 CHL HC . -5.57 25.70 -15.86
C11 CHL HC . -6.55 26.07 -14.76
MG CHL IC . -7.27 21.09 -0.26
CHA CHL IC . -4.59 18.83 0.58
CHB CHL IC . -9.29 18.17 -0.10
CHC CHL IC . -10.08 23.22 -0.39
CHD CHL IC . -5.08 23.86 -0.27
NA CHL IC . -6.99 18.79 0.17
C1A CHL IC . -5.92 18.17 0.48
C2A CHL IC . -6.07 16.72 0.87
C3A CHL IC . -7.53 16.56 0.48
C4A CHL IC . -8.00 17.94 0.16
CMA CHL IC . -7.69 15.67 -0.74
CAA CHL IC . -5.88 16.52 2.39
CBA CHL IC . -6.26 17.77 3.16
CGA CHL IC . -6.72 17.50 4.57
O1A CHL IC . -6.76 16.37 5.03
O2A CHL IC . -7.11 18.64 5.40
NB CHL IC . -9.24 20.78 -0.25
C1B CHL IC . -9.80 19.56 -0.18
C2B CHL IC . -11.27 19.71 -0.18
C3B CHL IC . -11.55 21.16 -0.27
C4B CHL IC . -10.17 21.74 -0.31
CMB CHL IC . -12.31 18.64 -0.12
CAB CHL IC . -12.98 21.50 -0.29
CBB CHL IC . -13.41 22.65 0.20
NC CHL IC . -7.53 23.15 -0.32
C1C CHL IC . -8.71 23.79 -0.36
C2C CHL IC . -8.53 25.27 -0.39
C3C CHL IC . -7.06 25.43 -0.35
C4C CHL IC . -6.55 24.05 -0.32
CMC CHL IC . -9.95 25.72 -0.43
OMC CHL IC . -10.23 26.78 -0.96
CAC CHL IC . -6.25 26.70 -0.35
CBC CHL IC . -6.17 27.20 1.08
ND CHL IC . -5.36 21.37 0.07
C1D CHL IC . -4.65 22.49 0.03
C2D CHL IC . -3.23 22.21 0.34
C3D CHL IC . -3.20 20.74 0.56
C4D CHL IC . -4.52 20.29 0.38
CMD CHL IC . -1.96 23.01 0.45
CAD CHL IC . -2.35 19.57 0.89
OBD CHL IC . -1.10 19.68 1.11
CBD CHL IC . -3.23 18.38 0.92
CGD CHL IC . -2.78 17.31 -0.02
O1D CHL IC . -3.44 17.03 -1.00
O2D CHL IC . -1.56 16.57 0.22
CED CHL IC . -1.53 15.16 0.00
C1 CHL IC . -6.79 18.67 6.78
C2 CHL IC . -6.02 19.91 7.15
C3 CHL IC . -6.63 20.97 7.70
C4 CHL IC . -8.11 20.92 7.94
C5 CHL IC . -5.90 22.23 8.09
C6 CHL IC . -4.39 22.06 8.06
C7 CHL IC . -3.80 22.87 9.20
C8 CHL IC . -2.36 23.26 8.98
C9 CHL IC . -1.42 22.15 9.39
C10 CHL IC . -2.05 24.51 9.78
C11 CHL IC . -0.61 24.97 9.57
C12 CHL IC . 0.01 25.46 10.87
C13 CHL IC . 1.11 26.49 10.62
C14 CHL IC . 2.47 25.96 11.02
C15 CHL IC . 0.77 27.76 11.39
C16 CHL IC . 1.95 28.72 11.44
C17 CHL IC . 1.70 29.96 10.58
C18 CHL IC . 2.31 31.25 11.14
C19 CHL IC . 1.28 32.03 11.93
C20 CHL IC . 3.51 30.96 12.03
MG CLA JC . 4.05 23.05 -12.39
CHA CLA JC . 3.21 20.53 -14.56
CHB CLA JC . 7.24 22.90 -13.51
CHC CLA JC . 4.73 25.94 -10.74
CHD CLA JC . 0.71 23.25 -11.41
NA CLA JC . 5.05 21.84 -13.75
C1A CLA JC . 4.52 20.89 -14.60
C2A CLA JC . 5.60 20.26 -15.45
C3A CLA JC . 6.89 20.89 -14.92
C4A CLA JC . 6.37 21.97 -13.99
CMA CLA JC . 7.75 19.92 -14.18
CAA CLA JC . 5.40 20.65 -16.89
CBA CLA JC . 4.89 22.06 -17.05
CGA CLA JC . 6.02 23.00 -17.30
O1A CLA JC . 7.05 22.79 -17.94
O2A CLA JC . 5.86 24.23 -16.74
NB CLA JC . 5.67 24.17 -12.13
C1B CLA JC . 6.87 23.95 -12.68
C2B CLA JC . 7.83 25.01 -12.30
C3B CLA JC . 7.13 25.89 -11.52
C4B CLA JC . 5.75 25.37 -11.41
CMB CLA JC . 9.20 25.00 -12.77
CAB CLA JC . 7.54 27.11 -10.92
CBB CLA JC . 8.74 27.69 -11.03
NC CLA JC . 2.94 24.31 -11.20
C1C CLA JC . 3.42 25.43 -10.62
C2C CLA JC . 2.37 26.10 -9.90
C3C CLA JC . 1.22 25.36 -10.09
C4C CLA JC . 1.58 24.24 -10.94
CMC CLA JC . 2.54 27.31 -9.13
CAC CLA JC . -0.09 25.68 -9.55
CBC CLA JC . -1.00 26.31 -10.56
ND CLA JC . 2.34 22.04 -12.73
C1D CLA JC . 1.05 22.21 -12.24
C2D CLA JC . 0.19 21.18 -12.84
C3D CLA JC . 0.96 20.54 -13.76
C4D CLA JC . 2.29 21.11 -13.65
CMD CLA JC . -1.22 20.99 -12.56
CAD CLA JC . 1.02 19.48 -14.73
OBD CLA JC . 0.18 18.67 -15.07
CBD CLA JC . 2.41 19.53 -15.37
CGD CLA JC . 3.02 18.18 -15.39
O1D CLA JC . 3.93 17.73 -14.73
O2D CLA JC . 2.46 17.38 -16.31
CED CLA JC . 3.36 16.74 -17.19
C1 CLA JC . 7.05 24.98 -16.52
C2 CLA JC . 6.71 26.21 -15.76
C3 CLA JC . 7.18 27.42 -16.12
C4 CLA JC . 8.05 27.60 -17.29
C5 CLA JC . 6.86 28.65 -15.34
C6 CLA JC . 5.91 29.62 -16.00
C7 CLA JC . 5.72 30.79 -15.07
C8 CLA JC . 4.68 31.78 -15.54
C9 CLA JC . 4.02 32.47 -14.38
C10 CLA JC . 3.65 31.06 -16.40
C11 CLA JC . 2.32 31.76 -16.41
C12 CLA JC . 1.45 31.27 -17.54
C13 CLA JC . -0.04 31.34 -17.20
MG CLA KC . 20.64 28.30 -7.09
CHA CLA KC . 18.90 26.64 -9.58
CHB CLA KC . 23.57 27.52 -8.64
CHC CLA KC . 22.32 30.11 -4.70
CHD CLA KC . 17.56 29.13 -5.56
NA CLA KC . 21.13 27.22 -8.80
C1A CLA KC . 20.26 26.62 -9.72
C2A CLA KC . 21.03 25.92 -10.84
C3A CLA KC . 22.50 26.04 -10.39
C4A CLA KC . 22.42 27.00 -9.19
CMA CLA KC . 23.06 24.70 -9.99
CAA CLA KC . 20.82 26.64 -12.17
CBA CLA KC . 20.71 28.14 -12.01
CGA CLA KC . 20.54 28.79 -13.34
O1A CLA KC . 20.54 28.29 -14.46
O2A CLA KC . 20.36 30.15 -13.25
NB CLA KC . 22.57 28.72 -6.72
C1B CLA KC . 23.63 28.38 -7.53
C2B CLA KC . 24.86 29.07 -7.08
C3B CLA KC . 24.52 29.80 -5.97
C4B CLA KC . 23.06 29.58 -5.71
CMB CLA KC . 26.14 28.89 -7.75
CAB CLA KC . 25.33 30.64 -5.11
CBB CLA KC . 26.58 30.36 -4.73
NC CLA KC . 20.05 29.36 -5.40
C1C CLA KC . 20.90 30.00 -4.54
C2C CLA KC . 20.14 30.62 -3.45
C3C CLA KC . 18.80 30.39 -3.73
C4C CLA KC . 18.74 29.61 -4.94
CMC CLA KC . 20.72 31.37 -2.33
CAC CLA KC . 17.65 30.83 -2.93
CBC CLA KC . 17.20 32.22 -3.33
ND CLA KC . 18.68 27.92 -7.37
C1D CLA KC . 17.51 28.36 -6.69
C2D CLA KC . 16.32 27.84 -7.41
C3D CLA KC . 16.80 27.16 -8.51
C4D CLA KC . 18.27 27.26 -8.45
CMD CLA KC . 14.94 28.05 -6.99
CAD CLA KC . 16.45 26.39 -9.70
OBD CLA KC . 15.35 26.02 -10.10
CBD CLA KC . 17.79 26.09 -10.43
CGD CLA KC . 18.00 24.63 -10.68
O1D CLA KC . 18.82 23.89 -10.14
O2D CLA KC . 17.18 24.08 -11.63
CED CLA KC . 17.68 22.94 -12.33
C1 CLA KC . 19.14 30.69 -13.77
C2 CLA KC . 18.73 31.78 -12.84
C3 CLA KC . 17.80 32.69 -13.15
C4 CLA KC . 17.11 32.68 -14.47
C5 CLA KC . 17.41 33.75 -12.20
C6 CLA KC . 15.99 33.58 -11.71
C7 CLA KC . 15.10 34.70 -12.21
C8 CLA KC . 13.63 34.32 -12.21
C9 CLA KC . 13.31 33.48 -13.43
C10 CLA KC . 12.75 35.56 -12.17
C11 CLA KC . 12.67 36.09 -10.76
C12 CLA KC . 13.02 37.57 -10.66
C13 CLA KC . 11.84 38.46 -11.01
C14 CLA KC . 12.19 39.92 -10.80
C15 CLA KC . 10.60 38.10 -10.23
C16 CLA KC . 10.73 38.52 -8.78
C17 CLA KC . 9.80 37.73 -7.87
C18 CLA KC . 9.96 38.14 -6.42
C19 CLA KC . 9.71 39.63 -6.24
C20 CLA KC . 9.04 37.34 -5.53
MG CLA LC . 12.18 31.54 -10.75
CHA CLA LC . 13.88 29.26 -12.76
CHB CLA LC . 9.48 31.33 -12.81
CHC CLA LC . 10.62 33.95 -8.85
CHD CLA LC . 15.10 31.88 -8.76
NA CLA LC . 11.76 30.41 -12.46
C1A CLA LC . 12.59 29.51 -13.14
C2A CLA LC . 11.89 28.95 -14.38
C3A CLA LC . 10.49 29.62 -14.36
C4A CLA LC . 10.55 30.52 -13.12
CMA CLA LC . 10.23 30.43 -15.59
CAA CLA LC . 11.78 27.43 -14.32
CBA CLA LC . 11.17 26.86 -15.58
CGA CLA LC . 12.06 27.09 -16.76
O1A CLA LC . 12.99 27.90 -16.90
O2A CLA LC . 11.77 26.28 -17.82
NB CLA LC . 10.40 32.45 -10.82
C1B CLA LC . 9.41 32.20 -11.72
C2B CLA LC . 8.21 33.02 -11.40
C3B CLA LC . 8.52 33.76 -10.28
C4B CLA LC . 9.92 33.42 -9.89
CMB CLA LC . 6.99 32.98 -12.20
CAB CLA LC . 7.74 34.73 -9.54
CBB CLA LC . 6.96 35.65 -10.09
NC CLA LC . 12.74 32.66 -9.08
C1C CLA LC . 11.95 33.58 -8.47
C2C CLA LC . 12.67 34.19 -7.36
C3C CLA LC . 13.94 33.60 -7.32
C4C CLA LC . 13.98 32.64 -8.41
CMC CLA LC . 12.15 35.24 -6.49
CAC CLA LC . 15.05 33.90 -6.41
CBC CLA LC . 15.95 34.97 -6.97
ND CLA LC . 14.02 30.70 -10.64
C1D CLA LC . 15.13 30.97 -9.80
C2D CLA LC . 16.29 30.17 -10.26
C3D CLA LC . 15.87 29.49 -11.38
C4D CLA LC . 14.45 29.87 -11.58
CMD CLA LC . 17.60 30.21 -9.62
CAD CLA LC . 16.24 28.59 -12.46
OBD CLA LC . 17.33 28.09 -12.71
CBD CLA LC . 14.98 28.40 -13.35
CGD CLA LC . 15.28 28.72 -14.79
O1D CLA LC . 15.57 27.93 -15.69
O2D CLA LC . 15.25 30.05 -15.09
CED CLA LC . 15.12 30.41 -16.47
MG CLA MC . 12.55 38.16 6.39
CHA CLA MC . 12.65 41.34 7.74
CHB CLA MC . 14.02 39.34 3.55
CHC CLA MC . 12.61 34.95 5.16
CHD CLA MC . 11.16 36.97 9.43
NA CLA MC . 13.18 40.05 5.76
C1A CLA MC . 13.16 41.24 6.48
C2A CLA MC . 13.75 42.39 5.68
C3A CLA MC . 14.03 41.76 4.30
C4A CLA MC . 13.75 40.27 4.53
CMA CLA MC . 13.15 42.36 3.23
CAA CLA MC . 15.06 42.77 6.37
CBA CLA MC . 16.04 41.62 6.54
CGA CLA MC . 15.88 40.85 7.81
O1A CLA MC . 15.52 41.24 8.93
O2A CLA MC . 16.17 39.52 7.69
NB CLA MC . 13.15 37.31 4.66
C1B CLA MC . 13.81 37.95 3.65
C2B CLA MC . 14.26 36.95 2.65
C3B CLA MC . 13.86 35.72 3.10
C4B CLA MC . 13.14 35.94 4.38
CMB CLA MC . 15.01 37.31 1.44
CAB CLA MC . 14.04 34.42 2.52
CBB CLA MC . 13.67 34.09 1.28
NC CLA MC . 11.95 36.31 7.14
C1C CLA MC . 12.05 35.14 6.45
C2C CLA MC . 11.54 34.04 7.26
C3C CLA MC . 11.16 34.60 8.49
C4C CLA MC . 11.42 36.03 8.40
CMC CLA MC . 11.49 32.65 6.83
CAC CLA MC . 10.61 33.89 9.64
CBC CLA MC . 11.70 33.46 10.60
ND CLA MC . 11.97 38.92 8.18
C1D CLA MC . 11.42 38.32 9.34
C2D CLA MC . 11.18 39.38 10.35
C3D CLA MC . 11.62 40.57 9.80
C4D CLA MC . 12.13 40.22 8.45
CMD CLA MC . 10.59 39.13 11.67
CAD CLA MC . 11.79 42.00 9.96
OBD CLA MC . 11.47 42.75 10.88
CBD CLA MC . 12.52 42.53 8.68
CGD CLA MC . 11.82 43.70 8.03
O1D CLA MC . 10.62 43.85 7.80
O2D CLA MC . 12.68 44.69 7.65
CED CLA MC . 12.37 46.02 8.09
C1 CLA MC . 15.62 38.60 8.66
C2 CLA MC . 15.77 37.25 8.06
C3 CLA MC . 15.50 36.10 8.69
C4 CLA MC . 15.03 36.07 10.09
C5 CLA MC . 15.67 34.78 8.01
C6 CLA MC . 16.19 34.90 6.59
C7 CLA MC . 16.44 33.56 5.93
C8 CLA MC . 17.90 33.34 5.55
C9 CLA MC . 18.74 33.13 6.81
C10 CLA MC . 18.47 34.51 4.75
C11 CLA MC . 19.99 34.47 4.69
C12 CLA MC . 20.52 34.29 3.27
C13 CLA MC . 21.49 33.11 3.17
C14 CLA MC . 22.78 33.41 3.90
C15 CLA MC . 21.78 32.73 1.72
C16 CLA MC . 22.50 33.86 1.00
C17 CLA MC . 23.25 33.40 -0.23
C18 CLA MC . 23.55 34.56 -1.18
C19 CLA MC . 24.44 34.11 -2.31
C20 CLA MC . 22.25 35.11 -1.75
MG CHL NC . 19.79 42.64 3.79
CHA CHL NC . 20.55 40.89 6.80
CHB CHL NC . 22.61 44.62 4.59
CHC CHL NC . 19.26 44.42 0.72
CHD CHL NC . 17.29 40.30 2.81
NA CHL NC . 21.27 42.84 5.52
C1A CHL NC . 21.36 42.13 6.57
C2A CHL NC . 22.38 42.57 7.60
C3A CHL NC . 22.86 43.82 6.88
C4A CHL NC . 22.21 43.78 5.55
CMA CHL NC . 22.42 45.09 7.61
CAA CHL NC . 23.56 41.69 7.99
CBA CHL NC . 24.07 40.88 6.81
CGA CHL NC . 25.28 40.11 7.27
O1A CHL NC . 26.02 40.59 8.11
O2A CHL NC . 25.59 38.80 6.72
NB CHL NC . 20.72 44.18 2.85
C1B CHL NC . 21.81 44.79 3.36
C2B CHL NC . 22.25 45.87 2.43
C3B CHL NC . 21.29 45.83 1.30
C4B CHL NC . 20.35 44.71 1.68
CMB CHL NC . 23.41 46.81 2.60
CAB CHL NC . 21.50 46.83 0.23
CBB CHL NC . 21.30 46.50 -1.04
NC CHL NC . 18.47 42.39 2.04
C1C CHL NC . 18.45 43.20 0.97
C2C CHL NC . 17.45 42.75 -0.03
C3C CHL NC . 16.86 41.53 0.58
C4C CHL NC . 17.58 41.40 1.87
CMC CHL NC . 17.11 43.36 -1.35
OMC CHL NC . 16.12 42.99 -1.96
CAC CHL NC . 15.79 40.63 0.03
CBC CHL NC . 16.38 39.81 -1.11
ND CHL NC . 19.08 41.06 4.52
C1D CHL NC . 18.11 40.25 4.04
C2D CHL NC . 17.92 39.13 4.99
C3D CHL NC . 18.89 39.39 6.08
C4D CHL NC . 19.56 40.57 5.74
CMD CHL NC . 16.96 37.98 4.87
CAD CHL NC . 19.41 38.87 7.37
OBD CHL NC . 18.92 37.79 7.86
CBD CHL NC . 20.46 39.82 7.82
CGD CHL NC . 20.01 40.40 9.14
O1D CHL NC . 20.84 40.75 9.96
O2D CHL NC . 18.60 40.55 9.42
CED CHL NC . 18.20 40.87 10.76
O1 LHG OC . 27.05 26.09 -4.89
C1 LHG OC . 25.67 26.23 -5.19
C2 LHG OC . 25.12 24.87 -5.48
O2 LHG OC . 25.99 24.15 -6.33
C3 LHG OC . 23.80 24.93 -6.19
O3 LHG OC . 22.99 25.38 -5.13
P LHG OC . 21.45 24.93 -5.04
O4 LHG OC . 20.68 25.82 -5.94
O5 LHG OC . 21.52 23.45 -4.93
O6 LHG OC . 21.17 25.57 -3.54
C4 LHG OC . 21.09 26.96 -3.35
C5 LHG OC . 19.74 27.18 -2.63
C6 LHG OC . 18.58 26.49 -3.34
O7 LHG OC . 19.86 26.62 -1.33
C7 LHG OC . 20.19 27.56 -0.41
O9 LHG OC . 20.63 28.65 -0.69
C8 LHG OC . 19.86 27.08 0.95
C9 LHG OC . 19.93 28.26 1.90
C10 LHG OC . 20.78 27.90 3.10
O8 LHG OC . 17.62 26.19 -2.31
C23 LHG OC . 16.39 25.77 -2.71
O10 LHG OC . 16.05 25.91 -3.88
C24 LHG OC . 15.47 24.98 -1.77
C11 LHG OC . 19.74 27.78 4.18
C12 LHG OC . 20.15 28.66 5.32
C13 LHG OC . 19.30 29.90 5.28
C14 LHG OC . 17.94 29.65 5.91
C15 LHG OC . 18.16 29.69 7.40
C16 LHG OC . 16.82 29.68 8.07
C17 LHG OC . 16.97 29.51 9.59
C18 LHG OC . 16.56 30.86 10.13
C19 LHG OC . 16.25 30.85 11.61
C20 LHG OC . 15.87 32.30 11.87
C21 LHG OC . 15.56 32.52 13.31
C22 LHG OC . 14.47 31.55 13.72
C25 LHG OC . 15.22 25.59 -0.41
C26 LHG OC . 14.48 26.92 -0.40
C27 LHG OC . 15.60 27.96 -0.41
C28 LHG OC . 16.41 28.08 0.86
C29 LHG OC . 16.21 29.51 1.35
C30 LHG OC . 17.21 30.51 0.85
C31 LHG OC . 16.85 31.97 0.99
C32 LHG OC . 18.03 32.94 1.01
C33 LHG OC . 17.55 34.28 0.47
C34 LHG OC . 18.56 35.05 -0.37
C35 LHG OC . 18.85 36.42 0.22
MG MG PC . 1.39 6.96 -12.11
C28 0UR QC . 2.98 26.05 -18.59
C29 0UR QC . 3.07 25.00 -19.68
C30 0UR QC . 1.74 24.29 -19.81
C31 0UR QC . 1.46 23.68 -18.47
C32 0UR QC . 1.89 24.23 -17.31
C34 0UR QC . 10.72 36.77 1.85
C37 0UR QC . 11.88 40.10 -1.33
C38 0UR QC . 1.78 26.96 -18.83
O40 0UR QC . 1.78 23.28 -20.84
C43 0UR QC . 11.94 35.20 -3.10
C1 0UR QC . 10.77 38.42 0.06
C2 0UR QC . 10.30 36.52 -1.56
C3 0UR QC . 10.58 35.56 -2.63
C4 0UR QC . 9.55 34.93 -3.23
C5 0UR QC . 9.72 33.95 -4.29
C6 0UR QC . 8.65 33.53 -4.96
C10 0UR QC . 6.37 31.51 -8.72
C11 0UR QC . 6.21 30.61 -9.86
C12 0UR QC . 5.02 30.44 -10.47
C13 0UR QC . 4.92 29.52 -11.62
C14 0UR QC . 3.81 29.23 -12.31
C15 0UR QC . 3.94 28.27 -13.41
C16 0UR QC . 2.95 27.85 -14.22
C17 0UR QC . 3.27 26.86 -15.29
C18 0UR QC . 2.40 26.40 -16.19
C19 0UR QC . 2.85 25.38 -17.22
C20 0UR QC . 9.85 31.62 -6.20
C21 0UR QC . 3.82 31.17 -9.97
C22 0UR QC . 1.56 28.35 -14.07
C23 0UR QC . 10.65 39.83 -0.46
C24 0UR QC . 10.63 40.81 0.71
C25 0UR QC . 9.47 40.50 1.63
C26 0UR QC . 9.68 39.10 2.20
C27 0UR QC . 10.40 38.13 1.30
C33 0UR QC . 1.40 23.63 -16.02
C35 0UR QC . 9.39 39.98 -1.29
C36 0UR QC . 4.25 26.88 -18.59
C41 0UR QC . 11.36 37.33 -0.83
C45 0UR QC . 14.14 35.79 -2.51
C46 0UR QC . 14.17 36.65 -3.69
C47 0UR QC . 15.31 37.24 -4.01
C48 0UR QC . 15.38 38.14 -5.21
C49 0UR QC . 14.12 37.99 -6.04
C50 0UR QC . 13.41 39.33 -6.20
C51 0UR QC . 13.23 40.02 -4.85
C7 0UR QC . 8.68 32.53 -6.05
C8 0UR QC . 7.63 32.48 -6.90
C9 0UR QC . 7.52 31.55 -8.03
O39 0UR QC . 9.39 41.46 2.72
O42 0UR QC . 9.16 36.69 -1.24
O44 0UR QC . 12.92 35.22 -2.09
O57 0UR QC . 15.17 35.55 -1.92
O1 0IE RC . 18.51 28.52 27.58
C7 0IE RC . 15.61 23.18 25.54
C6 0IE RC . 16.23 24.26 26.20
C5 0IE RC . 17.30 25.06 25.79
C4 0IE RC . 17.80 26.21 26.37
C3 0IE RC . 18.71 27.07 25.88
C2 0IE RC . 18.99 28.28 26.49
C10 0IE RC . 12.58 20.85 25.91
C11 0IE RC . 11.84 19.82 25.36
C12 0IE RC . 10.67 19.21 25.82
C13 0IE RC . 10.06 18.10 25.20
C14 0IE RC . 9.11 17.21 25.68
C15 0IE RC . 8.56 16.11 25.05
C16 0IE RC . 8.16 14.88 25.59
C17 0IE RC . 8.05 13.69 24.82
C18 0IE RC . 7.11 12.73 24.93
C19 0IE RC . 6.71 11.73 23.88
C20 0IE RC . 19.47 26.69 24.64
C21 0IE RC . 16.30 22.56 24.39
C22 0IE RC . 10.02 19.76 27.03
C23 0IE RC . 7.89 14.85 27.03
C24 0IE RC . 5.29 11.97 23.35
C25 0IE RC . 4.81 10.77 22.51
C26 0IE RC . 4.81 9.50 23.34
C27 0IE RC . 6.10 9.32 24.10
C28 0IE RC . 6.93 10.31 24.38
C30 0IE RC . 19.86 29.31 25.85
C31 0IE RC . 19.84 30.64 26.58
C32 0IE RC . 19.19 31.80 25.85
C33 0IE RC . 19.50 33.13 26.57
C34 0IE RC . 19.21 33.06 28.06
C35 0IE RC . 20.04 31.96 28.69
C36 0IE RC . 20.36 30.80 27.80
C37 0IE RC . 21.31 29.81 28.43
C38 0IE RC . 17.66 31.61 25.82
C39 0IE RC . 19.68 31.91 24.39
C41 0IE RC . 8.18 10.08 25.18
C43 0IE RC . 5.28 13.23 22.47
C44 0IE RC . 4.32 12.20 24.53
C8 0IE RC . 14.37 22.64 25.93
C9 0IE RC . 13.69 21.54 25.44
O29 0IE RC . 20.75 26.26 24.99
O40 0IE RC . 19.50 34.31 28.67
O42 0IE RC . 4.55 8.35 22.51
O1 0IE SC . -2.28 27.12 36.13
C7 0IE SC . -0.37 20.69 38.39
C6 0IE SC . -1.18 21.59 37.67
C5 0IE SC . -0.83 22.80 37.12
C4 0IE SC . -1.64 23.78 36.57
C3 0IE SC . -1.59 25.11 36.77
C2 0IE SC . -2.13 25.96 35.85
C10 0IE SC . 0.54 16.95 38.35
C11 0IE SC . 1.12 15.98 39.13
C12 0IE SC . 1.51 14.68 38.77
C13 0IE SC . 2.33 13.86 39.57
C14 0IE SC . 2.83 12.58 39.29
C15 0IE SC . 3.67 11.79 40.06
C16 0IE SC . 4.05 10.44 39.83
C17 0IE SC . 4.61 9.62 40.83
C18 0IE SC . 5.61 8.73 40.71
C19 0IE SC . 6.56 8.25 41.78
C20 0IE SC . -0.95 25.66 38.02
C21 0IE SC . 0.17 21.13 39.69
C22 0IE SC . 1.04 14.15 37.48
C23 0IE SC . 3.84 9.90 38.48
C24 0IE SC . 8.03 8.35 41.33
C25 0IE SC . 8.94 7.44 42.17
C26 0IE SC . 8.47 6.00 42.08
C27 0IE SC . 7.02 5.89 42.41
C28 0IE SC . 6.15 6.88 42.25
C30 0IE SC . -2.54 25.46 34.48
C31 0IE SC . -2.35 26.42 33.34
C32 0IE SC . -0.98 26.42 32.66
C33 0IE SC . -0.80 27.65 31.76
C34 0IE SC . -2.00 27.88 30.87
C35 0IE SC . -3.22 28.13 31.72
C36 0IE SC . -3.36 27.18 32.88
C37 0IE SC . -4.74 27.14 33.48
C38 0IE SC . -0.86 25.16 31.79
C39 0IE SC . 0.17 26.39 33.69
C41 0IE SC . 4.69 6.69 42.54
C43 0IE SC . 8.52 9.81 41.48
C44 0IE SC . 8.16 7.96 39.85
C8 0IE SC . -0.03 19.40 37.93
C9 0IE SC . 0.00 18.21 38.65
O29 0IE SC . 0.21 26.36 37.67
O40 0IE SC . -1.75 29.00 30.01
O42 0IE SC . 9.25 5.13 42.93
C1 NEX TC . 42.02 25.31 8.29
C2 NEX TC . 42.08 24.23 7.22
C3 NEX TC . 43.15 23.19 7.54
C4 NEX TC . 42.76 22.49 8.83
C5 NEX TC . 42.79 23.46 9.99
C6 NEX TC . 41.94 24.66 9.67
C7 NEX TC . 41.15 25.14 10.54
C8 NEX TC . 40.38 25.61 11.42
C9 NEX TC . 38.92 25.74 11.55
C10 NEX TC . 38.37 26.10 12.72
C11 NEX TC . 36.91 26.23 12.82
C12 NEX TC . 36.35 26.55 13.97
C13 NEX TC . 34.95 26.74 14.39
C14 NEX TC . 35.20 27.02 15.68
C15 NEX TC . 34.11 27.30 16.60
C16 NEX TC . 40.80 26.18 8.05
C17 NEX TC . 43.27 26.18 8.22
C18 NEX TC . 42.27 22.76 11.25
C19 NEX TC . 38.05 25.50 10.35
C20 NEX TC . 33.54 26.70 13.88
O3 NEX TC . 43.25 22.24 6.47
O4 NEX TC . 44.14 23.87 10.22
C21 NEX TC . 28.99 29.34 27.37
C22 NEX TC . 28.56 30.17 28.57
C23 NEX TC . 29.16 31.56 28.51
C24 NEX TC . 28.46 32.30 27.40
C25 NEX TC . 28.56 31.57 26.06
C26 NEX TC . 29.23 30.20 26.12
C27 NEX TC . 28.91 29.41 24.86
C28 NEX TC . 29.46 28.99 23.75
C29 NEX TC . 28.55 28.23 22.88
C30 NEX TC . 28.98 27.72 21.73
C31 NEX TC . 30.37 27.96 21.34
C32 NEX TC . 30.43 27.59 20.06
C33 NEX TC . 31.72 27.71 19.36
C34 NEX TC . 31.82 27.39 18.05
C35 NEX TC . 33.17 27.57 17.52
C36 NEX TC . 27.94 28.28 27.10
C37 NEX TC . 30.30 28.63 27.70
C38 NEX TC . 27.18 31.49 25.39
C39 NEX TC . 27.12 27.99 23.30
C40 NEX TC . 32.92 28.20 20.12
O23 NEX TC . 28.91 32.25 29.75
O24 NEX TC . 29.83 31.32 25.48
MG CHL UC . 6.03 7.43 35.69
CHA CHL UC . 6.66 9.92 33.27
CHB CHL UC . 2.58 8.36 35.35
CHC CHL UC . 5.22 5.28 38.43
CHD CHL UC . 9.48 6.68 36.08
NA CHL UC . 4.80 8.90 34.46
C1A CHL UC . 5.22 9.70 33.59
C2A CHL UC . 4.18 10.50 32.84
C3A CHL UC . 2.98 10.09 33.68
C4A CHL UC . 3.48 9.01 34.59
CMA CHL UC . 2.44 11.24 34.53
CAA CHL UC . 3.84 10.92 31.42
CBA CHL UC . 2.50 10.37 30.94
CGA CHL UC . 1.51 11.50 31.04
O1A CHL UC . 1.89 12.66 30.83
O2A CHL UC . 0.13 11.27 31.39
NB CHL UC . 4.24 6.91 36.70
C1B CHL UC . 3.04 7.40 36.38
C2B CHL UC . 2.01 6.82 37.30
C3B CHL UC . 2.76 5.92 38.21
C4B CHL UC . 4.16 6.06 37.73
CMB CHL UC . 0.52 7.08 37.31
CAB CHL UC . 1.96 5.20 39.23
CBB CHL UC . 2.52 4.77 40.34
NC CHL UC . 7.14 6.21 37.01
C1C CHL UC . 6.62 5.46 38.00
C2C CHL UC . 7.69 4.72 38.73
C3C CHL UC . 8.93 5.13 38.05
C4C CHL UC . 8.48 6.06 36.98
CMC CHL UC . 7.06 3.91 39.80
OMC CHL UC . 7.76 3.24 40.54
CAC CHL UC . 10.34 4.70 38.36
CBC CHL UC . 10.60 3.43 37.58
ND CHL UC . 7.69 8.07 34.92
C1D CHL UC . 8.95 7.70 35.15
C2D CHL UC . 9.87 8.51 34.31
C3D CHL UC . 8.96 9.39 33.55
C4D CHL UC . 7.66 9.08 33.97
CMD CHL UC . 11.20 8.96 33.76
CAD CHL UC . 8.87 10.47 32.53
OBD CHL UC . 9.62 11.19 31.77
CBD CHL UC . 7.43 10.79 32.34
CGD CHL UC . 7.15 12.24 32.54
O1D CHL UC . 7.47 12.83 33.57
O2D CHL UC . 6.45 12.96 31.49
CED CHL UC . 5.94 14.27 31.72
C1 CHL UC . -0.45 12.25 32.24
C2 CHL UC . -1.47 13.05 31.50
C3 CHL UC . -2.18 14.03 32.06
C4 CHL UC . -3.19 14.77 31.23
C5 CHL UC . -2.00 14.43 33.51
C6 CHL UC . -3.06 15.48 33.83
C7 CHL UC . -3.14 15.82 35.31
C8 CHL UC . -3.02 17.32 35.57
C9 CHL UC . -3.00 17.64 37.05
C10 CHL UC . -4.16 18.09 34.93
C11 CHL UC . -3.79 19.56 34.78
C12 CHL UC . -5.01 20.41 34.49
C13 CHL UC . -4.66 21.86 34.18
C14 CHL UC . -4.99 22.77 35.34
C15 CHL UC . -5.41 22.30 32.94
C16 CHL UC . -4.52 23.03 31.96
C17 CHL UC . -5.30 24.15 31.29
C18 CHL UC . -5.23 24.00 29.79
C19 CHL UC . -5.64 25.29 29.09
C20 CHL UC . -3.83 23.60 29.38
MG CHL VC . 11.80 11.39 25.28
CHA CHL VC . 11.47 7.89 24.97
CHB CHL VC . 12.39 11.38 21.79
CHC CHL VC . 11.73 14.97 25.35
CHD CHL VC . 11.17 11.32 28.77
NA CHL VC . 11.96 9.88 23.64
C1A CHL VC . 11.76 8.63 23.71
C2A CHL VC . 11.78 7.87 22.41
C3A CHL VC . 12.48 8.95 21.61
C4A CHL VC . 12.28 10.19 22.40
CMA CHL VC . 13.97 8.67 21.49
CAA CHL VC . 10.43 7.50 21.81
CBA CHL VC . 9.39 8.61 21.98
CGA CHL VC . 9.24 9.36 20.68
O1A CHL VC . 9.10 8.78 19.62
O2A CHL VC . 9.27 10.80 20.66
NB CHL VC . 12.02 12.89 23.87
C1B CHL VC . 12.24 12.63 22.57
C2B CHL VC . 12.33 13.91 21.81
C3B CHL VC . 12.14 14.96 22.82
C4B CHL VC . 11.95 14.21 24.10
CMB CHL VC . 12.57 14.06 20.34
CAB CHL VC . 12.19 16.35 22.29
CBB CHL VC . 12.67 17.32 23.03
NC CHL VC . 11.51 12.89 26.80
C1C CHL VC . 11.53 14.22 26.60
C2C CHL VC . 11.28 14.95 27.88
C3C CHL VC . 11.11 13.86 28.89
C4C CHL VC . 11.28 12.62 28.10
CMC CHL VC . 11.12 16.17 28.69
OMC CHL VC . 11.33 17.27 28.20
CAC CHL VC . 10.85 13.98 30.37
CBC CHL VC . 9.35 14.14 30.60
ND CHL VC . 11.42 10.02 26.60
C1D CHL VC . 11.19 10.12 27.90
C2D CHL VC . 10.95 8.77 28.47
C3D CHL VC . 11.05 7.87 27.29
C4D CHL VC . 11.34 8.69 26.20
CMD CHL VC . 10.66 8.46 29.91
CAD CHL VC . 10.99 6.46 26.80
OBD CHL VC . 10.76 5.37 27.44
CBD CHL VC . 11.26 6.48 25.35
CGD CHL VC . 12.55 5.75 25.08
O1D CHL VC . 12.60 4.53 25.14
O2D CHL VC . 13.76 6.49 24.78
CED CHL VC . 15.04 5.89 24.89
C1 CHL VC . 8.27 11.53 19.97
C2 CHL VC . 8.14 12.90 20.58
C3 CHL VC . 8.63 13.96 19.93
C4 CHL VC . 9.30 13.78 18.61
C5 CHL VC . 8.48 15.33 20.54
C6 CHL VC . 7.17 15.95 20.07
C7 CHL VC . 6.96 17.32 20.68
C8 CHL VC . 5.68 17.35 21.47
C9 CHL VC . 4.49 17.08 20.58
C10 CHL VC . 5.52 18.70 22.12
C11 CHL VC . 5.67 18.54 23.62
C12 CHL VC . 4.39 18.03 24.23
C13 CHL VC . 4.66 17.58 25.65
C14 CHL VC . 3.70 16.49 26.08
C15 CHL VC . 4.57 18.77 26.59
C16 CHL VC . 4.62 18.26 28.01
C17 CHL VC . 5.57 19.08 28.86
C18 CHL VC . 6.87 18.34 29.13
MG CLA WC . 12.69 21.49 19.32
CHA CLA WC . 12.95 19.73 16.32
CHB CLA WC . 9.90 19.71 20.13
CHC CLA WC . 12.44 23.29 22.25
CHD CLA WC . 15.61 23.30 18.47
NA CLA WC . 11.63 19.97 18.36
C1A CLA WC . 11.90 19.35 17.11
C2A CLA WC . 10.85 18.28 16.79
C3A CLA WC . 9.90 18.32 18.02
C4A CLA WC . 10.50 19.40 18.92
CMA CLA WC . 8.48 18.65 17.63
CAA CLA WC . 11.46 16.90 16.62
CBA CLA WC . 10.53 15.92 15.91
CGA CLA WC . 9.82 16.59 14.76
O1A CLA WC . 10.30 17.36 13.93
O2A CLA WC . 8.50 16.29 14.66
NB CLA WC . 11.40 21.52 20.87
C1B CLA WC . 10.34 20.69 21.04
C2B CLA WC . 9.69 20.95 22.37
C3B CLA WC . 10.40 21.97 22.96
C4B CLA WC . 11.50 22.35 22.03
CMB CLA WC . 8.53 20.22 22.87
CAB CLA WC . 10.20 22.58 24.25
CBB CLA WC . 10.05 23.90 24.46
NC CLA WC . 13.82 23.01 20.19
C1C CLA WC . 13.54 23.60 21.39
C2C CLA WC . 14.53 24.63 21.68
C3C CLA WC . 15.44 24.63 20.63
C4C CLA WC . 14.98 23.61 19.69
CMC CLA WC . 14.52 25.47 22.89
CAC CLA WC . 16.62 25.48 20.48
CBC CLA WC . 17.80 24.97 21.28
ND CLA WC . 14.03 21.52 17.82
C1D CLA WC . 15.18 22.33 17.58
C2D CLA WC . 15.78 21.96 16.27
C3D CLA WC . 14.95 20.98 15.76
C4D CLA WC . 13.88 20.74 16.75
CMD CLA WC . 16.97 22.56 15.68
CAD CLA WC . 14.73 20.09 14.65
OBD CLA WC . 15.38 19.94 13.63
CBD CLA WC . 13.44 19.28 14.95
CGD CLA WC . 12.47 19.51 13.82
O1D CLA WC . 12.24 18.74 12.87
O2D CLA WC . 11.81 20.69 13.83
CED CLA WC . 10.77 20.86 12.87
C1 CLA WC . 7.82 16.88 13.52
C2 CLA WC . 7.49 18.28 13.85
C3 CLA WC . 6.23 18.73 13.94
C4 CLA WC . 5.08 17.82 13.71
C5 CLA WC . 5.93 20.15 14.27
C6 CLA WC . 5.45 20.32 15.70
C7 CLA WC . 4.58 21.55 15.82
C8 CLA WC . 5.43 22.80 15.97
C9 CLA WC . 6.13 22.77 17.32
C10 CLA WC . 4.56 24.04 15.85
C11 CLA WC . 4.96 24.86 14.63
C12 CLA WC . 6.26 25.61 14.86
C13 CLA WC . 6.08 27.06 14.42
C14 CLA WC . 5.62 27.11 12.98
C15 CLA WC . 7.32 27.92 14.68
C16 CLA WC . 8.62 27.33 14.20
C17 CLA WC . 9.82 28.01 14.85
C18 CLA WC . 10.44 29.14 14.02
C19 CLA WC . 10.49 30.43 14.80
C20 CLA WC . 11.85 28.81 13.59
MG CLA XC . 25.50 32.31 29.63
CHA CLA XC . 25.99 35.74 29.79
CHB CLA XC . 23.89 32.69 26.65
CHC CLA XC . 25.32 28.89 29.35
CHD CLA XC . 27.13 31.96 32.76
NA CLA XC . 25.02 33.96 28.45
C1A CLA XC . 25.33 35.31 28.65
C2A CLA XC . 24.81 36.17 27.50
C3A CLA XC . 23.86 35.21 26.76
C4A CLA XC . 24.31 33.84 27.29
CMA CLA XC . 22.41 35.48 27.03
CAA CLA XC . 25.89 36.48 26.48
CBA CLA XC . 27.16 37.15 26.97
CGA CLA XC . 28.35 36.74 26.14
O1A CLA XC . 29.23 37.45 25.67
O2A CLA XC . 28.44 35.40 25.94
NB CLA XC . 24.68 31.04 28.30
C1B CLA XC . 24.20 31.39 27.09
C2B CLA XC . 24.01 30.18 26.23
C3B CLA XC . 24.41 29.10 26.98
C4B CLA XC . 24.84 29.64 28.31
CMB CLA XC . 23.50 30.29 24.87
CAB CLA XC . 24.46 27.69 26.69
CBB CLA XC . 23.98 27.07 25.61
NC CLA XC . 26.08 30.73 30.86
C1C CLA XC . 25.91 29.40 30.55
C2C CLA XC . 26.42 28.57 31.62
C3C CLA XC . 26.95 29.42 32.58
C4C CLA XC . 26.73 30.79 32.10
CMC CLA XC . 26.38 27.10 31.61
CAC CLA XC . 27.59 29.07 33.86
CBC CLA XC . 29.10 29.14 33.78
ND CLA XC . 26.39 33.50 30.99
C1D CLA XC . 26.97 33.25 32.26
C2D CLA XC . 27.37 34.53 32.88
C3D CLA XC . 27.06 35.52 31.96
C4D CLA XC . 26.42 34.82 30.82
CMD CLA XC . 28.01 34.66 34.18
CAD CLA XC . 27.06 36.93 31.66
OBD CLA XC . 27.54 37.87 32.30
CBD CLA XC . 26.33 37.12 30.29
CGD CLA XC . 25.11 37.96 30.43
O1D CLA XC . 24.84 39.01 29.84
O2D CLA XC . 24.22 37.48 31.33
CED CLA XC . 23.13 38.33 31.70
C1 CLA XC . 29.72 34.94 25.44
C2 CLA XC . 30.68 34.98 26.57
C3 CLA XC . 31.90 34.42 26.54
C4 CLA XC . 32.43 33.73 25.33
C5 CLA XC . 32.81 34.49 27.72
MG CHL YC . 34.33 42.96 22.09
CHA CHL YC . 36.84 41.76 24.33
CHB CHL YC . 35.49 46.22 23.15
CHC CHL YC . 31.96 44.44 19.90
CHD CHL YC . 32.98 39.78 21.52
NA CHL YC . 36.01 43.87 23.47
C1A CHL YC . 36.89 43.24 24.14
C2A CHL YC . 37.99 44.07 24.75
C3A CHL YC . 37.26 45.40 24.65
C4A CHL YC . 36.15 45.17 23.67
CMA CHL YC . 36.67 45.82 25.99
NB CHL YC . 33.82 44.92 21.61
C1B CHL YC . 34.41 46.00 22.16
C2B CHL YC . 33.79 47.23 21.58
C3B CHL YC . 32.77 46.74 20.63
C4B CHL YC . 32.87 45.26 20.73
CMB CHL YC . 34.14 48.66 21.90
CAB CHL YC . 31.99 47.78 19.91
CBB CHL YC . 31.40 47.49 18.76
NC CHL YC . 32.73 42.23 20.92
C1C CHL YC . 31.94 42.98 20.13
C2C CHL YC . 30.92 42.13 19.46
C3C CHL YC . 31.21 40.76 19.92
C4C CHL YC . 32.37 40.94 20.83
CMC CHL YC . 29.86 42.63 18.53
OMC CHL YC . 29.13 43.54 18.88
CAC CHL YC . 30.49 39.47 19.57
CBC CHL YC . 31.08 38.89 18.30
ND CHL YC . 34.73 41.23 22.71
C1D CHL YC . 34.13 40.07 22.41
C2D CHL YC . 34.80 38.97 23.14
C3D CHL YC . 35.88 39.64 23.91
C4D CHL YC . 35.79 41.01 23.60
CMD CHL YC . 34.45 37.51 23.10
CAD CHL YC . 37.02 39.45 24.86
OBD CHL YC . 37.36 38.30 25.33
CBD CHL YC . 37.61 40.77 25.11
CGD CHL YC . 37.53 41.09 26.58
O1D CHL YC . 36.49 41.49 27.06
O2D CHL YC . 38.68 40.90 27.43
CED CHL YC . 38.80 41.63 28.65
MG CHL ZC . 25.92 33.84 22.11
CHA CHL ZC . 29.33 34.57 21.64
CHB CHL ZC . 26.68 30.64 20.83
CHC CHL ZC . 22.43 33.01 22.48
CHD CHL ZC . 25.13 37.18 23.13
NA CHL ZC . 27.76 32.73 21.39
C1A CHL ZC . 28.96 33.16 21.34
C2A CHL ZC . 30.01 32.19 20.88
C3A CHL ZC . 29.07 31.06 20.49
C4A CHL ZC . 27.72 31.49 20.93
CMA CHL ZC . 29.08 30.81 18.99
CAA CHL ZC . 31.44 31.74 21.15
CBA CHL ZC . 31.67 31.56 22.65
NB CHL ZC . 24.80 32.18 21.73
C1B CHL ZC . 25.31 31.05 21.23
C2B CHL ZC . 24.22 30.04 21.07
C3B CHL ZC . 23.00 30.72 21.55
C4B CHL ZC . 23.46 32.08 21.95
CMB CHL ZC . 24.35 28.64 20.54
CAB CHL ZC . 21.71 29.97 21.52
CBB CHL ZC . 21.47 28.96 22.34
NC CHL ZC . 24.06 34.92 22.71
C1C CHL ZC . 22.83 34.40 22.78
C2C CHL ZC . 21.82 35.41 23.23
C3C CHL ZC . 22.64 36.63 23.42
C4C CHL ZC . 24.01 36.21 23.07
CMC CHL ZC . 20.37 35.22 23.43
OMC CHL ZC . 19.62 36.18 23.59
CAC CHL ZC . 22.20 38.01 23.85
CBC CHL ZC . 21.89 38.83 22.62
ND CHL ZC . 26.87 35.44 22.34
C1D CHL ZC . 26.46 36.66 22.74
C2D CHL ZC . 27.62 37.58 22.76
C3D CHL ZC . 28.76 36.76 22.32
C4D CHL ZC . 28.24 35.47 22.09
CMD CHL ZC . 28.55 38.75 22.88
CAD CHL ZC . 30.22 36.73 22.03
OBD CHL ZC . 31.41 37.22 21.94
CBD CHL ZC . 30.57 35.36 21.62
CGD CHL ZC . 31.15 35.36 20.24
O1D CHL ZC . 30.44 35.22 19.26
O2D CHL ZC . 32.58 35.51 20.05
CED CHL ZC . 33.22 34.84 18.96
MG CHL AD . 16.78 35.40 21.83
CHA CHL AD . 14.71 38.04 22.81
CHB CHL AD . 14.32 33.27 23.44
CHC CHL AD . 18.58 32.44 20.79
CHD CHL AD . 19.22 37.40 20.38
NA CHL AD . 14.78 35.62 22.93
C1A CHL AD . 14.15 36.69 23.15
C2A CHL AD . 12.75 36.55 23.71
C3A CHL AD . 12.88 35.08 24.07
C4A CHL AD . 14.12 34.59 23.42
CMA CHL AD . 12.97 34.86 25.58
CAA CHL AD . 11.54 36.73 22.80
CBA CHL AD . 10.40 37.49 23.47
CGA CHL AD . 9.46 36.57 24.22
O1A CHL AD . 8.35 36.96 24.56
O2A CHL AD . 9.84 35.20 24.56
NB CHL AD . 16.50 33.25 22.06
C1B CHL AD . 15.48 32.68 22.72
C2B CHL AD . 15.62 31.19 22.69
C3B CHL AD . 16.85 30.95 21.92
C4B CHL AD . 17.33 32.32 21.57
CMB CHL AD . 14.71 30.16 23.29
CAB CHL AD . 17.23 29.55 21.73
CBB CHL AD . 18.11 29.01 22.55
NC CHL AD . 18.58 35.00 20.76
C1C CHL AD . 19.08 33.79 20.48
C2C CHL AD . 20.36 33.92 19.71
C3C CHL AD . 20.58 35.38 19.58
C4C CHL AD . 19.40 35.94 20.27
CMC CHL AD . 21.21 32.82 19.21
OMC CHL AD . 20.74 31.74 18.91
CAC CHL AD . 21.71 36.11 18.89
CBC CHL AD . 21.40 36.24 17.42
ND CHL AD . 16.97 37.15 21.62
C1D CHL AD . 17.97 37.83 21.04
C2D CHL AD . 17.68 39.29 21.12
C3D CHL AD . 16.39 39.35 21.82
C4D CHL AD . 16.01 38.04 22.09
CMD CHL AD . 18.52 40.42 20.60
CAD CHL AD . 15.34 40.28 22.33
OBD CHL AD . 15.25 41.57 22.32
CBD CHL AD . 14.30 39.45 22.96
CGD CHL AD . 14.25 39.81 24.41
O1D CHL AD . 15.22 39.60 25.14
O2D CHL AD . 13.07 40.44 24.99
CED CHL AD . 12.98 40.62 26.40
C1 CHL AD . 8.86 34.22 24.89
C2 CHL AD . 9.35 32.87 24.48
C3 CHL AD . 9.55 31.91 25.39
C4 CHL AD . 9.28 32.19 26.84
C5 CHL AD . 10.05 30.56 24.97
C6 CHL AD . 9.33 30.10 23.72
C7 CHL AD . 10.28 29.95 22.53
C8 CHL AD . 10.17 28.59 21.87
C9 CHL AD . 10.66 27.51 22.81
C10 CHL AD . 10.98 28.56 20.57
C11 CHL AD . 12.26 27.77 20.75
C12 CHL AD . 12.86 27.38 19.40
C13 CHL AD . 14.16 28.15 19.17
C15 CHL AD . 14.46 28.18 17.68
C16 CHL AD . 15.78 27.49 17.38
MG CHL BD . 31.04 19.68 18.13
CHA CHL BD . 28.63 19.51 20.67
CHB CHL BD . 31.84 22.89 19.48
CHC CHL BD . 33.93 19.87 15.96
CHD CHL BD . 30.58 16.29 17.16
NA CHL BD . 30.25 21.05 19.73
C1A CHL BD . 29.32 20.83 20.55
C2A CHL BD . 28.95 21.95 21.49
C3A CHL BD . 29.89 23.00 20.90
C4A CHL BD . 30.75 22.26 19.94
CMA CHL BD . 29.12 24.08 20.15
CAA CHL BD . 29.29 21.71 22.96
CBA CHL BD . 30.69 21.12 23.12
CGA CHL BD . 30.63 19.92 24.03
O1A CHL BD . 29.77 19.08 23.89
O2A CHL BD . 31.61 19.77 25.10
NB CHL BD . 32.59 21.10 17.80
C1B CHL BD . 32.67 22.27 18.44
C2B CHL BD . 33.86 23.01 17.96
C3B CHL BD . 34.48 22.16 16.93
C4B CHL BD . 33.59 20.95 16.90
CMB CHL BD . 34.34 24.37 18.42
CAB CHL BD . 35.71 22.66 16.27
CBB CHL BD . 35.60 23.51 15.26
NC CHL BD . 32.08 18.30 16.78
C1C CHL BD . 33.17 18.60 16.06
C2C CHL BD . 33.61 17.41 15.26
C3C CHL BD . 32.63 16.35 15.61
C4C CHL BD . 31.73 17.02 16.57
CMC CHL BD . 34.69 17.12 14.31
OMC CHL BD . 35.45 18.00 13.98
CAC CHL BD . 32.58 14.93 15.11
CBC CHL BD . 33.53 14.08 15.94
ND CHL BD . 29.95 18.25 18.69
C1D CHL BD . 29.86 17.00 18.24
C2D CHL BD . 28.83 16.26 19.02
C3D CHL BD . 28.34 17.26 20.00
C4D CHL BD . 29.06 18.44 19.74
CMD CHL BD . 28.62 14.83 18.63
CAD CHL BD . 27.40 17.51 21.13
OBD CHL BD . 26.65 16.54 21.50
CBD CHL BD . 27.58 18.92 21.54
CGD CHL BD . 26.31 19.69 21.29
O1D CHL BD . 25.38 19.65 22.08
O2D CHL BD . 26.22 20.50 20.09
CED CHL BD . 24.98 20.59 19.39
C1 CHL BD . 31.87 18.48 25.63
C2 CHL BD . 33.22 18.04 25.12
C3 CHL BD . 34.30 18.18 25.88
C4 CHL BD . 34.21 18.79 27.24
C5 CHL BD . 35.65 17.74 25.37
C6 CHL BD . 36.37 18.92 24.73
C7 CHL BD . 35.87 19.19 23.32
C8 CHL BD . 35.21 20.57 23.25
C9 CHL BD . 34.97 21.00 21.82
C10 CHL BD . 36.11 21.56 23.97
MG CHL CD . 21.44 22.71 15.10
CHA CHL CD . 19.66 19.68 15.09
CHB CHL CD . 22.37 21.90 11.77
CHC CHL CD . 22.74 26.03 14.70
CHD CHL CD . 20.58 23.47 18.46
NA CHL CD . 21.07 21.04 13.64
C1A CHL CD . 20.33 20.01 13.81
C2A CHL CD . 20.12 19.13 12.60
C3A CHL CD . 21.20 19.77 11.73
C4A CHL CD . 21.61 21.01 12.43
CMA CHL CD . 22.42 18.88 11.58
CAA CHL CD . 18.72 19.32 12.00
CBA CHL CD . 18.34 20.80 11.89
CGA CHL CD . 16.92 20.96 11.39
O1A CHL CD . 16.38 20.05 10.79
O2A CHL CD . 16.18 22.19 11.63
NB CHL CD . 22.37 23.76 13.54
C1B CHL CD . 22.62 23.24 12.33
C2B CHL CD . 23.29 24.25 11.47
C3B CHL CD . 23.40 25.46 12.32
C4B CHL CD . 22.79 25.04 13.60
CMB CHL CD . 23.74 24.07 10.05
CAB CHL CD . 24.02 26.65 11.70
CBB CHL CD . 24.14 27.78 12.36
NC CHL CD . 21.62 24.44 16.37
C1C CHL CD . 22.16 25.61 16.00
C2C CHL CD . 22.12 26.59 17.11
C3C CHL CD . 21.48 25.85 18.22
C4C CHL CD . 21.22 24.51 17.63
CMC CHL CD . 22.56 28.00 17.29
OMC CHL CD . 22.99 28.62 16.34
CAC CHL CD . 21.19 26.33 19.62
CBC CHL CD . 19.94 27.18 19.55
ND CHL CD . 20.41 21.87 16.45
C1D CHL CD . 20.16 22.26 17.71
C2D CHL CD . 19.30 21.26 18.37
C3D CHL CD . 19.10 20.23 17.33
C4D CHL CD . 19.79 20.66 16.20
CMD CHL CD . 18.60 20.92 19.67
CAD CHL CD . 18.45 18.93 17.02
OBD CHL CD . 17.71 17.99 17.48
CBD CHL CD . 18.78 18.60 15.61
CGD CHL CD . 19.45 17.27 15.54
O1D CHL CD . 20.65 17.17 15.73
O2D CHL CD . 18.67 16.10 15.25
CED CHL CD . 19.20 15.05 14.44
C1 CHL CD . 14.76 22.23 11.57
C2 CHL CD . 14.25 22.94 12.80
C3 CHL CD . 13.88 24.23 12.75
C4 CHL CD . 13.99 24.98 11.45
C5 CHL CD . 13.36 24.94 13.96
C6 CHL CD . 12.54 23.99 14.81
C7 CHL CD . 11.41 24.73 15.52
C8 CHL CD . 10.98 23.99 16.77
C9 CHL CD . 10.07 22.82 16.42
C10 CHL CD . 10.25 24.95 17.68
C11 CHL CD . 9.60 24.19 18.83
C12 CHL CD . 8.90 25.15 19.79
C13 CHL CD . 8.21 24.38 20.89
C14 CHL CD . 7.74 23.03 20.37
C15 CHL CD . 7.02 25.14 21.41
C16 CHL CD . 7.41 26.25 22.39
C17 CHL CD . 7.40 25.75 23.83
C18 CHL CD . 6.44 26.52 24.72
C19 CHL CD . 6.97 27.90 25.03
C20 CHL CD . 5.05 26.62 24.09
MG CLA DD . 27.89 14.13 27.90
CHA CLA DD . 30.08 12.02 26.25
CHB CLA DD . 27.49 11.77 30.35
CHC CLA DD . 26.14 16.41 29.75
CHD CLA DD . 28.42 16.56 25.39
NA CLA DD . 28.60 12.19 28.19
C1A CLA DD . 29.56 11.51 27.40
C2A CLA DD . 29.83 10.12 27.98
C3A CLA DD . 28.79 9.98 29.12
C4A CLA DD . 28.25 11.41 29.26
CMA CLA DD . 27.71 8.98 28.77
CAA CLA DD . 31.23 10.09 28.58
CBA CLA DD . 31.61 11.41 29.26
CGA CLA DD . 31.20 11.42 30.70
O1A CLA DD . 31.09 10.47 31.48
O2A CLA DD . 30.93 12.67 31.20
NB CLA DD . 26.98 14.09 29.70
C1B CLA DD . 26.94 13.04 30.56
C2B CLA DD . 26.21 13.42 31.80
C3B CLA DD . 25.82 14.73 31.65
C4B CLA DD . 26.31 15.18 30.31
CMB CLA DD . 26.02 12.46 32.90
CAB CLA DD . 25.08 15.60 32.53
CBB CLA DD . 25.07 15.54 33.87
NC CLA DD . 27.31 16.11 27.58
C1C CLA DD . 26.58 16.84 28.46
C2C CLA DD . 26.36 18.19 27.93
C3C CLA DD . 27.04 18.25 26.72
C4C CLA DD . 27.63 16.93 26.50
CMC CLA DD . 25.61 19.26 28.59
CAC CLA DD . 27.12 19.40 25.81
CBC CLA DD . 28.10 20.45 26.30
ND CLA DD . 28.81 14.25 26.12
C1D CLA DD . 28.98 15.33 25.19
C2D CLA DD . 29.84 14.87 24.08
C3D CLA DD . 30.29 13.61 24.43
C4D CLA DD . 29.65 13.29 25.72
CMD CLA DD . 30.15 15.66 22.88
CAD CLA DD . 31.06 12.45 24.04
OBD CLA DD . 31.63 12.22 22.98
CBD CLA DD . 31.06 11.46 25.26
CGD CLA DD . 30.74 10.04 24.90
O1D CLA DD . 29.62 9.54 24.75
O2D CLA DD . 31.84 9.25 24.73
CED CLA DD . 31.69 8.06 23.95
C1 CLA DD . 30.94 12.82 32.64
C2 CLA DD . 30.16 14.03 32.97
C3 CLA DD . 30.08 14.53 34.22
C4 CLA DD . 30.76 13.91 35.37
C5 CLA DD . 29.28 15.76 34.52
C6 CLA DD . 30.13 16.93 34.98
C7 CLA DD . 29.35 18.22 34.87
C8 CLA DD . 30.24 19.44 35.08
C9 CLA DD . 29.41 20.71 35.21
C10 CLA DD . 31.24 19.59 33.94
MG CLA ED . 15.91 9.28 40.92
CHA CLA ED . 18.94 8.43 39.47
CHB CLA ED . 16.09 6.53 42.91
CHC CLA ED . 13.01 10.28 42.46
CHD CLA ED . 15.81 12.18 38.88
NA CLA ED . 17.27 7.72 41.10
C1A CLA ED . 18.49 7.55 40.41
C2A CLA ED . 19.20 6.27 40.86
C3A CLA ED . 18.15 5.58 41.78
C4A CLA ED . 17.09 6.67 41.97
CMA CLA ED . 17.56 4.36 41.12
CAA CLA ED . 20.46 6.60 41.63
CBA CLA ED . 20.21 7.75 42.59
CGA CLA ED . 21.44 8.07 43.38
O1A CLA ED . 22.46 7.40 43.53
O2A CLA ED . 21.35 9.29 43.99
NB CLA ED . 14.71 8.49 42.34
C1B CLA ED . 15.07 7.46 43.16
C2B CLA ED . 14.20 7.44 44.37
C3B CLA ED . 13.33 8.50 44.25
C4B CLA ED . 13.63 9.18 42.95
CMB CLA ED . 14.33 6.46 45.45
CAB CLA ED . 12.29 8.93 45.15
CBB CLA ED . 11.00 9.10 44.84
NC CLA ED . 14.61 10.89 40.66
C1C CLA ED . 13.46 11.08 41.36
C2C CLA ED . 12.77 12.28 40.90
C3C CLA ED . 13.60 12.85 39.94
C4C CLA ED . 14.75 11.98 39.79
CMC CLA ED . 11.48 12.77 41.41
CAC CLA ED . 13.36 14.09 39.17
CBC CLA ED . 14.18 15.22 39.75
ND CLA ED . 17.05 10.15 39.48
C1D CLA ED . 16.90 11.34 38.73
C2D CLA ED . 18.06 11.49 37.82
C3D CLA ED . 18.88 10.40 38.07
C4D CLA ED . 18.20 9.59 39.10
CMD CLA ED . 18.25 12.61 36.89
CAD CLA ED . 20.13 9.72 37.73
OBD CLA ED . 21.01 10.03 36.93
CBD CLA ED . 20.20 8.44 38.62
CGD CLA ED . 20.37 7.18 37.83
O1D CLA ED . 19.52 6.33 37.54
O2D CLA ED . 21.65 6.96 37.41
CED CLA ED . 22.35 5.86 38.00
C1 CLA ED . 22.50 10.15 43.87
C2 CLA ED . 21.97 11.54 43.79
C3 CLA ED . 22.76 12.62 43.81
C4 CLA ED . 24.24 12.50 43.89
C5 CLA ED . 22.20 13.99 43.73
C6 CLA ED . 22.76 14.73 42.54
C7 CLA ED . 23.51 15.98 42.99
C8 CLA ED . 24.35 16.55 41.86
C9 CLA ED . 25.80 16.72 42.30
C10 CLA ED . 23.80 17.89 41.38
C11 CLA ED . 23.81 18.94 42.48
C12 CLA ED . 23.58 20.32 41.92
C13 CLA ED . 22.81 21.20 42.90
C14 CLA ED . 21.53 20.50 43.32
C15 CLA ED . 22.50 22.57 42.32
C16 CLA ED . 21.57 22.47 41.13
C17 CLA ED . 20.89 23.79 40.81
C18 CLA ED . 19.72 23.60 39.85
MG CLA FD . 22.61 15.80 38.54
CHA CLA FD . 23.79 12.54 38.86
CHB CLA FD . 25.52 16.71 37.05
CHC CLA FD . 21.44 19.02 38.39
CHD CLA FD . 19.64 14.82 40.22
NA CLA FD . 24.34 14.75 38.00
C1A CLA FD . 24.64 13.40 38.22
C2A CLA FD . 26.03 13.06 37.68
C3A CLA FD . 26.54 14.41 37.08
C4A CLA FD . 25.39 15.37 37.37
CMA CLA FD . 27.82 14.86 37.73
CAA CLA FD . 25.96 12.02 36.58
CBA CLA FD . 27.33 11.46 36.30
CGA CLA FD . 27.91 10.96 37.58
O1A CLA FD . 27.63 9.93 38.21
O2A CLA FD . 28.88 11.79 38.09
NB CLA FD . 23.32 17.53 37.80
C1B CLA FD . 24.56 17.71 37.29
C2B CLA FD . 24.79 19.16 37.02
C3B CLA FD . 23.64 19.81 37.40
C4B CLA FD . 22.68 18.78 37.89
CMB CLA FD . 26.05 19.67 36.48
CAB CLA FD . 23.32 21.22 37.37
CBB CLA FD . 24.09 22.19 37.88
NC CLA FD . 20.84 16.73 39.14
C1C CLA FD . 20.56 18.05 38.96
C2C CLA FD . 19.23 18.37 39.50
C3C CLA FD . 18.74 17.17 40.05
C4C CLA FD . 19.75 16.16 39.81
CMC CLA FD . 18.61 19.68 39.48
CAC CLA FD . 17.46 16.95 40.73
CBC CLA FD . 17.58 17.12 42.22
ND CLA FD . 21.80 14.10 39.30
C1D CLA FD . 20.59 13.85 40.00
C2D CLA FD . 20.55 12.45 40.43
C3D CLA FD . 21.75 11.88 40.01
C4D CLA FD . 22.49 12.97 39.32
CMD CLA FD . 19.43 11.86 41.16
CAD CLA FD . 22.58 10.70 39.98
OBD CLA FD . 22.37 9.59 40.44
CBD CLA FD . 23.91 11.09 39.26
CGD CLA FD . 25.09 10.86 40.18
O1D CLA FD . 25.72 9.81 40.34
O2D CLA FD . 25.45 11.96 40.89
CED CLA FD . 26.85 12.25 40.99
MG CLA GD . 6.93 25.19 37.64
CHA CLA GD . 5.53 27.87 39.36
CHB CLA GD . 8.81 24.43 40.36
CHC CLA GD . 8.03 22.36 36.02
CHD CLA GD . 4.77 25.89 34.92
NA CLA GD . 7.17 26.07 39.51
C1A CLA GD . 6.49 27.17 40.05
C2A CLA GD . 6.96 27.45 41.46
C3A CLA GD . 8.15 26.47 41.66
C4A CLA GD . 8.05 25.58 40.43
CMA CLA GD . 9.50 27.17 41.74
CAA CLA GD . 5.82 27.10 42.41
CBA CLA GD . 5.28 25.69 42.23
CGA CLA GD . 4.10 25.64 41.28
O1A CLA GD . 3.13 26.39 41.20
O2A CLA GD . 4.19 24.59 40.41
NB CLA GD . 8.24 23.73 38.07
C1B CLA GD . 8.80 23.53 39.29
C2B CLA GD . 9.41 22.17 39.35
C3B CLA GD . 9.19 21.58 38.13
C4B CLA GD . 8.45 22.57 37.29
CMB CLA GD . 10.09 21.67 40.54
CAB CLA GD . 9.57 20.28 37.61
CBB CLA GD . 10.81 19.82 37.49
NC CLA GD . 6.54 24.35 35.76
C1C CLA GD . 7.14 23.21 35.30
C2C CLA GD . 6.65 22.91 33.95
C3C CLA GD . 5.68 23.87 33.66
C4C CLA GD . 5.62 24.76 34.81
CMC CLA GD . 7.11 21.78 33.14
CAC CLA GD . 4.90 23.99 32.42
CBC CLA GD . 3.78 22.97 32.33
ND CLA GD . 5.57 26.61 37.13
C1D CLA GD . 4.73 26.75 36.00
C2D CLA GD . 3.87 27.93 36.19
C3D CLA GD . 4.14 28.42 37.45
C4D CLA GD . 5.18 27.53 38.01
CMD CLA GD . 2.91 28.43 35.20
CAD CLA GD . 3.86 29.43 38.45
OBD CLA GD . 3.13 30.43 38.39
CBD CLA GD . 4.66 29.05 39.73
CGD CLA GD . 5.43 30.22 40.27
O1D CLA GD . 6.29 30.87 39.68
O2D CLA GD . 5.08 30.58 41.54
CED CLA GD . 6.07 31.24 42.35
C1 CLA GD . 3.21 24.47 39.36
C2 CLA GD . 3.41 23.11 38.75
C3 CLA GD . 3.04 22.77 37.50
C4 CLA GD . 2.37 23.72 36.58
C5 CLA GD . 3.28 21.40 36.98
C6 CLA GD . 4.54 20.78 37.54
C7 CLA GD . 4.39 19.28 37.66
C8 CLA GD . 5.40 18.66 38.63
C10 CLA GD . 4.90 17.31 39.13
C11 CLA GD . 5.06 17.18 40.63
MG CHL HD . 6.55 23.49 46.40
CHA CHL HD . 3.60 22.33 44.73
CHB CHL HD . 4.49 23.45 49.30
CHC CHL HD . 9.46 24.23 48.30
CHD CHL HD . 8.52 23.25 43.48
NA CHL HD . 4.32 23.04 46.94
C1A CHL HD . 3.39 22.61 46.18
C2A CHL HD . 2.05 22.37 46.80
C3A CHL HD . 2.37 22.97 48.16
C4A CHL HD . 3.84 23.18 48.16
CMA CHL HD . 1.67 24.32 48.33
NB CHL HD . 6.91 23.78 48.37
C1B CHL HD . 5.96 23.71 49.33
C2B CHL HD . 6.56 23.97 50.66
C3B CHL HD . 8.01 24.21 50.40
C4B CHL HD . 8.12 24.06 48.92
CMB CHL HD . 5.87 24.00 52.01
CAB CHL HD . 8.82 24.49 51.61
CBB CHL HD . 10.13 24.69 51.50
NC CHL HD . 8.63 23.71 45.96
C1C CHL HD . 9.59 23.99 46.86
C2C CHL HD . 10.92 24.07 46.20
C3C CHL HD . 10.64 23.78 44.77
C4C CHL HD . 9.18 23.57 44.75
CMC CHL HD . 12.21 24.36 46.87
OMC CHL HD . 13.24 24.35 46.22
CAC CHL HD . 11.60 23.70 43.61
CBC CHL HD . 12.11 22.29 43.45
ND CHL HD . 6.24 22.95 44.59
C1D CHL HD . 7.08 22.91 43.56
C2D CHL HD . 6.38 22.42 42.36
C3D CHL HD . 5.00 22.19 42.83
C4D CHL HD . 4.97 22.53 44.18
CMD CHL HD . 6.09 21.99 40.94
CAD CHL HD . 3.63 21.74 42.42
OBD CHL HD . 2.77 21.30 41.58
CBD CHL HD . 2.77 21.81 43.61
CGD CHL HD . 1.56 22.66 43.37
O1D CHL HD . 0.45 22.26 43.65
O2D CHL HD . 1.69 23.98 42.80
CED CHL HD . 0.57 24.54 42.13
O1 LHG ID . 13.47 2.83 42.28
C1 LHG ID . 13.38 3.77 41.21
C2 LHG ID . 12.94 5.09 41.80
O2 LHG ID . 11.84 4.90 42.67
C3 LHG ID . 12.48 6.08 40.76
O3 LHG ID . 13.75 6.51 40.29
P LHG ID . 14.00 6.82 38.72
O4 LHG ID . 15.33 7.48 38.63
O5 LHG ID . 13.39 5.67 38.00
O6 LHG ID . 12.95 8.11 38.62
C4 LHG ID . 12.76 8.75 37.38
C5 LHG ID . 12.06 10.06 37.73
C6 LHG ID . 12.79 11.26 37.15
O7 LHG ID . 10.79 9.99 37.14
C7 LHG ID . 9.83 10.58 37.90
O9 LHG ID . 10.02 10.93 39.05
C8 LHG ID . 8.67 10.96 37.05
C9 LHG ID . 7.85 12.00 37.78
C10 LHG ID . 6.45 12.05 37.22
O8 LHG ID . 13.20 10.83 35.84
C23 LHG ID . 14.22 11.52 35.23
O10 LHG ID . 15.17 10.89 34.86
C24 LHG ID . 13.88 12.79 34.50
C11 LHG ID . 6.18 13.52 37.16
C12 LHG ID . 5.19 13.80 36.07
C13 LHG ID . 4.80 15.25 36.14
C14 LHG ID . 4.61 15.84 34.75
C15 LHG ID . 3.12 15.97 34.53
C16 LHG ID . 2.78 17.43 34.38
C17 LHG ID . 1.36 17.58 33.83
C18 LHG ID . 1.21 19.06 33.69
C19 LHG ID . -0.14 19.51 33.17
C20 LHG ID . -0.06 21.03 33.31
C25 LHG ID . 12.80 12.62 33.45
C26 LHG ID . 11.35 12.71 33.96
C27 LHG ID . 11.40 13.78 35.03
C28 LHG ID . 10.07 14.16 35.62
C29 LHG ID . 10.31 15.43 36.42
C30 LHG ID . 9.47 15.58 37.67
C31 LHG ID . 9.94 16.61 38.68
C32 LHG ID . 8.82 17.31 39.44
C1B LMU JD . -0.72 -1.62 42.87
C2B LMU JD . -0.85 -2.90 42.04
C3B LMU JD . 0.25 -3.93 42.31
C4B LMU JD . 1.60 -3.29 42.60
C5B LMU JD . 1.46 -2.13 43.55
C6B LMU JD . 2.79 -1.48 43.91
O1B LMU JD . -1.17 -1.85 44.20
O2B LMU JD . -2.11 -3.51 42.35
O3B LMU JD . 0.36 -4.77 41.16
O4' LMU JD . 2.47 -4.27 43.16
O5B LMU JD . 0.63 -1.17 42.93
O6B LMU JD . 3.87 -2.23 43.35
C1' LMU JD . -3.10 1.16 46.14
C2' LMU JD . -4.02 0.25 45.36
C3' LMU JD . -3.29 -1.01 44.95
C4' LMU JD . -1.83 -0.70 44.67
C5' LMU JD . -1.13 -0.19 45.93
C6' LMU JD . -0.06 0.86 45.61
O1' LMU JD . -3.85 1.86 47.12
O2' LMU JD . -5.16 -0.10 46.16
O3' LMU JD . -3.90 -1.57 43.78
O5' LMU JD . -2.10 0.37 46.81
O6' LMU JD . 0.02 1.10 44.20
C1 LMU JD . -4.41 3.06 46.59
C2 LMU JD . -3.57 4.24 47.08
C3 LMU JD . -4.48 5.39 47.49
C4 LMU JD . -5.88 4.87 47.75
C5 LMU JD . -6.92 5.70 47.02
C6 LMU JD . -8.01 4.80 46.48
C7 LMU JD . -9.28 4.93 47.31
C8 LMU JD . -10.23 5.92 46.66
C9 LMU JD . -11.60 5.30 46.45
C10 LMU JD . -11.97 4.38 47.61
C11 LMU JD . -13.35 3.78 47.41
C12 LMU JD . -13.46 2.44 48.13
C28 0UR KD . 33.86 15.33 31.06
C29 0UR KD . 34.84 14.19 30.81
C30 0UR KD . 35.39 14.31 29.40
C31 0UR KD . 34.19 14.23 28.48
C32 0UR KD . 33.09 14.96 28.74
C34 0UR KD . 11.82 23.46 37.27
C37 0UR KD . 14.00 24.65 41.21
C38 0UR KD . 34.56 16.65 30.77
O40 0UR KD . 36.38 13.30 29.09
C43 0UR KD . 15.89 20.34 38.25
C1 0UR KD . 13.48 24.32 38.84
C2 0UR KD . 15.10 22.78 37.69
C3 0UR KD . 15.98 21.63 37.48
C4 0UR KD . 16.92 21.77 36.53
C5 0UR KD . 17.88 20.72 36.21
C6 0UR KD . 18.96 21.07 35.53
C10 0UR KD . 23.39 20.09 33.80
C11 0UR KD . 24.47 19.18 33.45
C12 0UR KD . 25.55 19.57 32.76
C13 0UR KD . 26.60 18.57 32.45
C14 0UR KD . 27.72 18.80 31.76
C15 0UR KD . 28.64 17.66 31.60
C16 0UR KD . 29.71 17.65 30.78
C17 0UR KD . 30.55 16.44 30.70
C18 0UR KD . 31.81 16.46 30.23
C19 0UR KD . 32.64 15.20 30.15
C20 0UR KD . 19.79 18.65 35.47
C21 0UR KD . 25.67 20.99 32.29
C22 0UR KD . 30.03 18.87 29.97
C23 0UR KD . 13.88 25.36 39.86
C24 0UR KD . 12.83 26.43 39.94
C25 0UR KD . 12.69 27.05 38.56
C26 0UR KD . 12.07 26.01 37.64
C27 0UR KD . 12.52 24.60 37.97
C33 0UR KD . 32.30 15.55 27.62
C35 0UR KD . 15.20 25.95 39.44
C36 0UR KD . 33.41 15.33 32.51
C41 0UR KD . 14.16 22.97 38.85
C45 0UR KD . 14.50 19.71 40.17
C46 0UR KD . 15.45 20.26 41.13
C47 0UR KD . 15.10 20.36 42.41
C48 0UR KD . 16.08 20.93 43.42
C49 0UR KD . 15.63 22.35 43.78
C50 0UR KD . 16.79 23.22 44.26
C51 0UR KD . 16.40 24.68 44.30
C7 0UR KD . 20.00 20.10 35.17
C8 0UR KD . 21.14 20.53 34.58
C9 0UR KD . 22.21 19.61 34.20
O39 0UR KD . 11.84 28.20 38.63
O42 0UR KD . 15.16 23.62 36.83
O44 0UR KD . 14.63 20.04 38.78
O57 0UR KD . 13.58 19.00 40.50
O1 0IE LD . -14.68 19.78 28.35
C7 0IE LD . -11.24 16.93 23.68
C6 0IE LD . -12.15 17.56 24.56
C5 0IE LD . -12.17 17.58 25.95
C4 0IE LD . -13.07 18.24 26.80
C3 0IE LD . -13.17 18.14 28.14
C2 0IE LD . -13.84 19.08 28.88
C10 0IE LD . -10.26 17.31 20.01
C11 0IE LD . -9.52 16.82 18.96
C12 0IE LD . -9.51 17.20 17.60
C13 0IE LD . -8.60 16.67 16.66
C14 0IE LD . -8.71 16.58 15.28
C15 0IE LD . -7.82 15.98 14.41
C16 0IE LD . -8.00 15.62 13.07
C17 0IE LD . -7.08 14.81 12.40
C18 0IE LD . -6.90 14.59 11.09
C19 0IE LD . -5.83 13.73 10.46
C20 0IE LD . -12.51 16.98 28.84
C21 0IE LD . -10.75 15.58 24.03
C22 0IE LD . -10.50 18.19 17.16
C23 0IE LD . -9.22 16.11 12.40
C24 0IE LD . -4.67 14.56 9.86
C25 0IE LD . -3.78 13.67 8.98
C26 0IE LD . -4.57 13.05 7.85
C27 0IE LD . -5.85 12.45 8.34
C28 0IE LD . -6.43 12.74 9.49
C30 0IE LD . -13.59 19.22 30.35
C31 0IE LD . -14.24 20.42 31.00
C32 0IE LD . -13.30 21.56 31.40
C33 0IE LD . -13.99 22.59 32.30
C34 0IE LD . -15.41 22.91 31.91
C35 0IE LD . -16.23 21.64 31.89
C36 0IE LD . -15.55 20.48 31.21
C37 0IE LD . -16.51 19.39 30.82
C38 0IE LD . -12.80 22.26 30.13
C39 0IE LD . -12.08 21.01 32.15
C41 0IE LD . -7.70 12.09 9.94
C43 0IE LD . -3.83 15.15 11.00
C44 0IE LD . -5.23 15.72 9.02
C8 0IE LD . -10.77 17.51 22.49
C9 0IE LD . -10.32 16.89 21.34
O29 0IE LD . -13.40 15.91 28.93
O40 0IE LD . -15.97 23.84 32.82
O42 0IE LD . -3.78 12.08 7.15
O1 0IE MD . -13.55 33.77 10.39
C7 0IE MD . -16.01 28.29 6.68
C6 0IE MD . -15.01 29.18 7.11
C5 0IE MD . -14.85 29.79 8.34
C4 0IE MD . -13.99 30.82 8.69
C3 0IE MD . -14.25 31.88 9.48
C2 0IE MD . -13.25 32.70 9.90
C10 0IE MD . -16.54 25.11 4.66
C11 0IE MD . -17.38 24.08 4.32
C12 0IE MD . -17.05 22.78 3.91
C13 0IE MD . -17.94 21.68 4.00
C14 0IE MD . -18.19 20.67 3.11
C15 0IE MD . -19.18 19.72 3.24
C16 0IE MD . -19.32 18.47 2.62
C17 0IE MD . -20.56 17.84 2.52
C18 0IE MD . -20.84 16.53 2.49
C19 0IE MD . -22.18 15.87 2.50
C20 0IE MD . -15.66 32.16 9.90
C21 0IE MD . -17.39 28.56 7.11
C22 0IE MD . -15.70 22.53 3.38
C23 0IE MD . -18.11 17.85 2.07
C24 0IE MD . -22.37 14.93 3.70
C25 0IE MD . -23.50 13.91 3.46
C26 0IE MD . -23.19 13.10 2.22
C27 0IE MD . -22.90 13.97 1.05
C28 0IE MD . -22.41 15.20 1.15
C30 0IE MD . -11.79 32.32 9.75
C31 0IE MD . -10.83 32.60 10.89
C32 0IE MD . -10.77 31.61 12.04
C33 0IE MD . -10.07 32.20 13.28
C34 0IE MD . -8.78 32.91 12.94
C35 0IE MD . -9.05 34.02 11.95
C36 0IE MD . -10.02 33.67 10.85
C37 0IE MD . -9.99 34.63 9.69
C38 0IE MD . -9.99 30.36 11.59
C39 0IE MD . -12.17 31.13 12.46
C41 0IE MD . -22.06 16.03 -0.05
C43 0IE MD . -22.70 15.76 4.96
C44 0IE MD . -21.06 14.18 3.98
C8 0IE MD . -15.76 27.16 5.90
C9 0IE MD . -16.60 26.09 5.64
O29 0IE MD . -15.75 32.02 11.29
O40 0IE MD . -8.19 33.43 14.13
O42 0IE MD . -24.25 12.17 1.94
C1 NEX ND . -8.24 -3.26 48.05
C2 NEX ND . -7.61 -4.64 47.88
C3 NEX ND . -8.68 -5.69 47.61
C4 NEX ND . -9.30 -5.38 46.26
C5 NEX ND . -10.07 -4.06 46.35
C6 NEX ND . -9.20 -2.97 46.93
C7 NEX ND . -9.31 -1.80 46.47
C8 NEX ND . -9.43 -0.62 46.03
C9 NEX ND . -8.97 0.40 45.07
C10 NEX ND . -9.69 1.49 44.84
C11 NEX ND . -9.23 2.49 43.89
C12 NEX ND . -9.99 3.56 43.62
C13 NEX ND . -9.81 4.72 42.73
C14 NEX ND . -10.82 5.51 42.32
C15 NEX ND . -10.54 6.63 41.43
C16 NEX ND . -7.13 -2.21 48.07
C17 NEX ND . -9.00 -3.19 49.36
C18 NEX ND . -10.56 -3.69 44.96
C19 NEX ND . -7.67 0.20 44.36
C20 NEX ND . -8.43 4.98 42.22
O3 NEX ND . -8.10 -7.01 47.59
O4 NEX ND . -11.21 -4.25 47.20
C21 NEX ND . -18.70 13.80 36.20
C22 NEX ND . -19.57 15.03 36.06
C23 NEX ND . -19.60 15.81 37.36
C24 NEX ND . -18.22 16.44 37.51
C25 NEX ND . -17.09 15.42 37.55
C26 NEX ND . -17.34 14.04 36.89
C27 NEX ND . -16.17 13.61 36.01
C28 NEX ND . -15.28 12.63 36.23
C29 NEX ND . -14.10 11.92 35.71
C30 NEX ND . -13.52 10.92 36.39
C31 NEX ND . -14.02 10.48 37.68
C32 NEX ND . -13.10 9.56 37.97
C33 NEX ND . -13.18 8.80 39.23
C34 NEX ND . -12.11 8.17 39.72
C35 NEX ND . -11.31 7.36 40.62
C36 NEX ND . -18.52 13.19 34.80
C37 NEX ND . -19.47 12.78 37.03
C38 NEX ND . -15.81 16.09 37.05
C39 NEX ND . -13.52 12.32 34.39
C40 NEX ND . -14.47 8.71 39.98
O23 NEX ND . -20.60 16.85 37.29
O24 NEX ND . -17.12 14.19 38.29
MG CHL OD . -16.13 13.95 3.26
CHA CHL OD . -14.25 14.81 6.12
CHB CHL OD . -14.44 16.69 1.68
CHC CHL OD . -18.13 13.46 0.32
CHD CHL OD . -17.96 11.44 4.94
NA CHL OD . -14.53 15.50 3.81
C1A CHL OD . -13.92 15.61 4.91
C2A CHL OD . -12.84 16.64 4.99
C3A CHL OD . -13.12 17.31 3.65
C4A CHL OD . -14.12 16.43 2.96
CMA CHL OD . -13.70 18.69 3.86
CAA CHL OD . -11.45 16.97 5.53
CBA CHL OD . -10.40 16.67 4.47
CGA CHL OD . -9.90 18.00 3.97
O1A CHL OD . -9.25 18.11 2.96
O2A CHL OD . -10.25 19.19 4.69
NB CHL OD . -16.26 14.88 1.36
C1B CHL OD . -15.51 15.93 0.98
C2B CHL OD . -15.88 16.32 -0.41
C3B CHL OD . -16.95 15.39 -0.81
C4B CHL OD . -17.11 14.52 0.39
CMB CHL OD . -15.33 17.40 -1.30
CAB CHL OD . -17.50 15.57 -2.17
CBB CHL OD . -18.74 15.22 -2.44
NC CHL OD . -17.74 12.68 2.73
C1C CHL OD . -18.37 12.66 1.54
C2C CHL OD . -19.46 11.64 1.53
C3C CHL OD . -19.42 11.05 2.88
C4C CHL OD . -18.31 11.78 3.54
CMC CHL OD . -20.45 11.21 0.52
OMC CHL OD . -20.40 11.66 -0.61
CAC CHL OD . -20.28 9.98 3.46
CBC CHL OD . -19.69 8.67 3.03
ND CHL OD . -16.16 13.26 5.01
C1D CHL OD . -16.92 12.29 5.54
C2D CHL OD . -16.56 12.11 6.97
C3D CHL OD . -15.51 13.12 7.19
C4D CHL OD . -15.31 13.77 5.98
CMD CHL OD . -16.82 11.37 8.25
CAD CHL OD . -14.58 13.69 8.20
OBD CHL OD . -14.14 13.71 9.40
CBD CHL OD . -13.79 14.74 7.52
CGD CHL OD . -13.94 16.05 8.23
O1D CHL OD . -15.05 16.50 8.51
O2D CHL OD . -12.76 16.81 8.57
CED CHL OD . -12.88 18.18 8.90
C1 CHL OD . -9.56 20.39 4.31
C2 CHL OD . -10.53 21.39 3.74
C3 CHL OD . -10.17 22.61 3.32
C4 CHL OD . -8.76 23.09 3.38
C5 CHL OD . -11.24 23.53 2.78
C6 CHL OD . -11.02 24.95 3.28
C7 CHL OD . -11.97 25.90 2.58
C8 CHL OD . -12.42 27.01 3.52
C9 CHL OD . -13.54 27.82 2.91
C10 CHL OD . -11.24 27.89 3.86
C11 CHL OD . -11.61 28.86 4.97
C12 CHL OD . -10.61 29.99 5.03
C13 CHL OD . -10.55 30.62 6.42
C14 CHL OD . -10.91 32.09 6.34
C15 CHL OD . -9.16 30.41 6.98
C16 CHL OD . -8.31 31.67 6.94
C17 CHL OD . -7.84 32.03 8.33
C18 CHL OD . -6.40 31.63 8.59
C19 CHL OD . -5.63 32.75 9.24
C20 CHL OD . -6.32 30.39 9.44
MG CHL PD . -9.26 10.67 13.04
CHA CHL PD . -8.84 8.11 10.62
CHB CHL PD . -6.50 9.26 14.69
CHC CHL PD . -9.49 13.30 15.41
CHD CHL PD . -12.14 11.92 11.34
NA CHL PD . -7.87 8.99 12.70
C1A CHL PD . -7.83 8.18 11.72
C2A CHL PD . -6.63 7.27 11.63
C3A CHL PD . -6.16 7.48 13.05
C4A CHL PD . -6.89 8.68 13.54
CMA CHL PD . -6.57 6.27 13.89
CAA CHL PD . -5.50 7.46 10.63
CBA CHL PD . -5.26 8.92 10.29
CGA CHL PD . -4.35 9.51 11.35
O1A CHL PD . -3.23 9.04 11.58
O2A CHL PD . -4.81 10.65 12.12
NB CHL PD . -8.22 11.17 14.71
C1B CHL PD . -7.18 10.47 15.17
C2B CHL PD . -6.65 11.12 16.42
C3B CHL PD . -7.51 12.31 16.63
C4B CHL PD . -8.47 12.23 15.49
CMB CHL PD . -5.49 10.66 17.26
CAB CHL PD . -7.30 13.20 17.81
CBB CHL PD . -6.26 14.00 17.95
NC CHL PD . -10.55 12.27 13.32
C1C CHL PD . -10.45 13.19 14.31
C2C CHL PD . -11.52 14.22 14.20
C3C CHL PD . -12.29 13.80 13.00
C4C CHL PD . -11.59 12.58 12.54
CMC CHL PD . -11.74 15.35 15.11
OMC CHL PD . -12.56 16.20 14.86
CAC CHL PD . -13.49 14.47 12.40
CBC CHL PD . -12.95 15.65 11.61
ND CHL PD . -10.30 10.20 11.39
C1D CHL PD . -11.39 10.74 10.86
C2D CHL PD . -11.78 10.02 9.62
C3D CHL PD . -10.76 8.94 9.51
C4D CHL PD . -9.92 9.13 10.61
CMD CHL PD . -13.00 10.79 9.17
CAD CHL PD . -10.25 7.77 8.74
OBD CHL PD . -10.59 7.13 7.68
CBD CHL PD . -9.05 7.26 9.44
CGD CHL PD . -9.35 5.87 9.90
O1D CHL PD . -9.23 4.92 9.17
O2D CHL PD . -9.78 5.62 11.27
CED CHL PD . -10.26 4.33 11.62
C1 CHL PD . -4.46 11.11 13.41
C2 CHL PD . -3.03 11.40 13.77
C3 CHL PD . -2.72 12.52 14.42
C4 CHL PD . -1.30 12.77 14.79
C5 CHL PD . -3.75 13.56 14.77
C6 CHL PD . -3.03 14.88 15.08
C7 CHL PD . -3.88 16.12 14.87
C8 CHL PD . -3.05 17.31 14.43
C9 CHL PD . -1.77 17.41 15.23
C10 CHL PD . -3.79 18.62 14.61
C11 CHL PD . -4.57 18.97 13.37
C12 CHL PD . -6.05 18.97 13.69
C13 CHL PD . -6.88 19.44 12.51
C14 CHL PD . -6.19 19.15 11.19
C15 CHL PD . -7.14 20.91 12.66
C16 CHL PD . -8.52 21.17 12.08
C17 CHL PD . -9.55 21.09 13.19
C18 CHL PD . -10.76 20.28 12.76
C19 CHL PD . -11.69 20.01 13.92
C20 CHL PD . -11.48 21.02 11.63
MG CLA QD . -4.54 16.05 22.42
CHA CLA QD . -1.91 13.77 22.40
CHB CLA QD . -3.99 16.71 19.12
CHC CLA QD . -7.12 18.32 22.52
CHD CLA QD . -5.05 15.35 25.87
NA CLA QD . -3.16 15.34 21.02
C1A CLA QD . -2.14 14.39 21.20
C2A CLA QD . -1.36 14.19 19.90
C3A CLA QD . -1.98 15.23 18.94
C4A CLA QD . -3.14 15.81 19.73
CMA CLA QD . -0.99 16.31 18.60
CAA CLA QD . -1.49 12.80 19.34
CBA CLA QD . -0.16 12.17 18.93
CGA CLA QD . 0.99 13.13 18.90
O1A CLA QD . 1.52 13.75 19.84
O2A CLA QD . 1.50 13.29 17.64
NB CLA QD . -5.41 17.26 21.08
C1B CLA QD . -5.07 17.36 19.76
C2B CLA QD . -6.00 18.30 19.07
C3B CLA QD . -6.88 18.75 20.03
C4B CLA QD . -6.51 18.11 21.32
CMB CLA QD . -5.90 18.64 17.66
CAB CLA QD . -7.96 19.69 19.93
CBB CLA QD . -7.96 20.86 20.55
NC CLA QD . -5.84 16.72 23.92
C1C CLA QD . -6.81 17.67 23.75
C2C CLA QD . -7.51 17.92 25.01
C3C CLA QD . -6.95 17.05 25.94
C4C CLA QD . -5.89 16.30 25.26
CMC CLA QD . -8.60 18.86 25.23
CAC CLA QD . -7.35 16.91 27.35
CBC CLA QD . -8.45 15.88 27.45
ND CLA QD . -3.72 14.88 23.85
C1D CLA QD . -4.02 14.70 25.24
C2D CLA QD . -3.09 13.70 25.80
C3D CLA QD . -2.30 13.28 24.75
C4D CLA QD . -2.71 14.06 23.57
CMD CLA QD . -3.11 13.24 27.19
CAD CLA QD . -1.22 12.40 24.34
OBD CLA QD . -0.64 11.53 24.97
CBD CLA QD . -0.91 12.73 22.85
CGD CLA QD . 0.52 13.17 22.77
O1D CLA QD . 1.52 12.45 22.71
O2D CLA QD . 0.69 14.52 22.79
CED CLA QD . 2.05 14.97 22.87
C1 CLA QD . 2.79 13.93 17.56
C2 CLA QD . 2.56 15.40 17.59
C3 CLA QD . 3.58 16.26 17.42
C4 CLA QD . 4.96 15.77 17.20
C5 CLA QD . 3.39 17.74 17.43
C6 CLA QD . 2.14 18.25 18.13
C7 CLA QD . 2.19 19.76 18.28
C8 CLA QD . 1.17 20.31 19.25
C9 CLA QD . -0.19 20.40 18.58
C10 CLA QD . 1.56 21.69 19.76
C11 CLA QD . 2.67 21.64 20.79
C12 CLA QD . 2.13 21.53 22.21
C13 CLA QD . 2.57 22.65 23.16
C14 CLA QD . 3.54 23.64 22.52
C15 CLA QD . 3.17 22.08 24.43
C16 CLA QD . 2.15 21.38 25.31
C17 CLA QD . 0.98 22.28 25.68
C18 CLA QD . 0.39 21.97 27.05
C19 CLA QD . -1.12 22.11 27.01
C20 CLA QD . 0.77 20.61 27.58
MG CLA RD . -19.42 18.88 35.00
CHA CLA RD . -19.90 21.18 37.56
CHB CLA RD . -16.06 19.39 35.17
CHC CLA RD . -18.98 16.42 32.66
CHD CLA RD . -22.94 18.37 34.89
NA CLA RD . -18.21 20.12 36.16
C1A CLA RD . -18.59 20.99 37.18
C2A CLA RD . -17.37 21.71 37.77
C3A CLA RD . -16.22 21.29 36.84
C4A CLA RD . -16.84 20.18 36.00
CMA CLA RD . -15.73 22.45 36.00
CAA CLA RD . -17.13 21.21 39.19
CBA CLA RD . -16.86 19.72 39.24
CGA CLA RD . -17.57 19.11 40.41
O1A CLA RD . -18.12 19.71 41.34
O2A CLA RD . -17.59 17.74 40.40
NB CLA RD . -17.84 18.11 34.04
C1B CLA RD . -16.53 18.36 34.34
C2B CLA RD . -15.65 17.39 33.63
C3B CLA RD . -16.48 16.55 32.92
C4B CLA RD . -17.87 17.00 33.18
CMB CLA RD . -14.20 17.42 33.76
CAB CLA RD . -16.20 15.42 32.07
CBB CLA RD . -15.04 15.10 31.49
NC CLA RD . -20.73 17.66 33.93
C1C CLA RD . -20.33 16.73 33.02
C2C CLA RD . -21.50 16.06 32.45
C3C CLA RD . -22.61 16.58 33.09
C4C CLA RD . -22.14 17.59 34.03
CMC CLA RD . -21.41 15.03 31.41
CAC CLA RD . -24.02 16.21 32.84
CBC CLA RD . -24.60 15.44 33.99
ND CLA RD . -21.07 19.58 35.95
C1D CLA RD . -22.47 19.30 35.79
C2D CLA RD . -23.23 20.15 36.74
C3D CLA RD . -22.30 20.89 37.45
C4D CLA RD . -20.97 20.49 36.92
CMD CLA RD . -24.69 20.17 36.85
CAD CLA RD . -22.08 21.91 38.47
OBD CLA RD . -22.87 22.55 39.15
CBD CLA RD . -20.53 22.09 38.58
CGD CLA RD . -20.17 23.53 38.36
O1D CLA RD . -19.81 24.36 39.19
O2D CLA RD . -20.29 23.95 37.06
CED CLA RD . -20.56 25.34 36.84
C1 CLA RD . -18.22 17.08 41.51
MG CHL SD . -16.61 18.99 50.42
CHA CHL SD . -19.46 16.88 50.38
CHB CHL SD . -18.29 20.65 53.11
CHC CHL SD . -13.81 21.17 50.67
CHD CHL SD . -15.16 17.44 47.59
NA CHL SD . -18.59 18.78 51.61
C1A CHL SD . -19.48 17.88 51.49
C2A CHL SD . -20.58 17.87 52.51
C3A CHL SD . -20.32 19.28 53.02
C4A CHL SD . -18.96 19.62 52.56
CMA CHL SD . -21.31 20.29 52.44
CAA CHL SD . -20.87 16.92 53.66
NB CHL SD . -16.15 20.57 51.62
C1B CHL SD . -16.95 21.03 52.60
C2B CHL SD . -16.29 22.18 53.26
C3B CHL SD . -14.99 22.34 52.57
C4B CHL SD . -15.00 21.27 51.55
CMB CHL SD . -16.81 23.00 54.41
CAB CHL SD . -14.08 23.40 53.02
CBB CHL SD . -12.97 23.06 53.66
NC CHL SD . -14.79 19.27 49.31
C1C CHL SD . -13.84 20.17 49.58
C2C CHL SD . -12.71 20.09 48.60
C3C CHL SD . -13.11 18.99 47.70
C4C CHL SD . -14.43 18.55 48.24
CMC CHL SD . -11.44 20.85 48.47
OMC CHL SD . -11.42 22.06 48.69
CAC CHL SD . -12.38 18.42 46.51
CBC CHL SD . -11.50 17.27 46.94
ND CHL SD . -17.10 17.57 49.26
C1D CHL SD . -16.45 17.06 48.20
C2D CHL SD . -17.25 15.95 47.63
C3D CHL SD . -18.44 15.87 48.49
C4D CHL SD . -18.30 16.88 49.46
CMD CHL SD . -17.16 14.97 46.49
CAD CHL SD . -19.73 15.17 48.74
OBD CHL SD . -20.67 14.32 48.56
CBD CHL SD . -20.36 15.80 49.92
CGD CHL SD . -21.66 16.41 49.49
O1D CHL SD . -21.67 17.49 48.93
O2D CHL SD . -22.92 15.73 49.76
CED CHL SD . -24.14 16.47 49.85
MG CHL TD . -12.48 17.79 38.75
CHA CHL TD . -13.83 15.97 41.48
CHB CHL TD . -11.66 14.55 37.45
CHC CHL TD . -11.54 19.36 35.67
CHD CHL TD . -13.42 20.93 40.04
NA CHL TD . -12.68 15.53 39.41
C1A CHL TD . -13.22 15.09 40.47
C2A CHL TD . -13.24 13.59 40.65
C3A CHL TD . -12.44 13.24 39.40
C4A CHL TD . -12.23 14.53 38.67
CMA CHL TD . -11.12 12.59 39.77
CAA CHL TD . -14.50 12.73 40.77
NB CHL TD . -11.75 17.11 36.93
C1B CHL TD . -11.52 15.81 36.67
C2B CHL TD . -11.00 15.69 35.28
C3B CHL TD . -10.96 17.06 34.73
C4B CHL TD . -11.45 17.89 35.87
CMB CHL TD . -10.60 14.43 34.55
CAB CHL TD . -10.46 17.14 33.34
CBB CHL TD . -11.06 17.91 32.45
NC CHL TD . -12.48 19.81 37.98
C1C CHL TD . -12.08 20.19 36.76
C2C CHL TD . -12.22 21.68 36.59
C3C CHL TD . -12.78 22.15 37.87
C4C CHL TD . -12.89 20.90 38.66
CMC CHL TD . -11.91 22.55 35.43
OMC CHL TD . -11.63 23.74 35.60
CAC CHL TD . -13.13 23.55 38.29
CBC CHL TD . -11.99 24.17 39.06
ND CHL TD . -13.36 18.35 40.27
C1D CHL TD . -13.66 19.60 40.65
C2D CHL TD . -14.37 19.55 41.96
C3D CHL TD . -14.44 18.11 42.27
C4D CHL TD . -13.81 17.43 41.22
CMD CHL TD . -14.95 20.59 42.86
CAD CHL TD . -14.91 17.11 43.28
OBD CHL TD . -15.51 16.93 44.40
CBD CHL TD . -14.53 15.77 42.77
CGD CHL TD . -13.62 15.11 43.76
O1D CHL TD . -12.42 15.09 43.57
O2D CHL TD . -14.18 14.48 44.95
CED CHL TD . -13.43 13.48 45.65
MG CHL UD . -8.83 24.38 33.48
CHA CHL UD . -8.79 27.90 33.71
CHB CHL UD . -9.09 24.91 29.98
CHC CHL UD . -8.57 20.85 33.00
CHD CHL UD . -8.64 23.90 36.98
NA CHL UD . -8.92 26.15 32.04
C1A CHL UD . -8.85 27.38 32.32
C2A CHL UD . -8.78 28.33 31.15
C3A CHL UD . -9.12 27.32 30.08
C4A CHL UD . -9.03 26.00 30.74
CMA CHL UD . -10.54 27.53 29.56
CAA CHL UD . -7.44 28.96 30.80
CBA CHL UD . -7.61 30.40 30.33
CGA CHL UD . -7.84 30.48 28.83
O1A CHL UD . -7.93 31.57 28.31
O2A CHL UD . -7.98 29.31 27.99
NB CHL UD . -8.83 23.15 31.87
C1B CHL UD . -8.94 23.58 30.60
C2B CHL UD . -8.91 22.44 29.66
C3B CHL UD . -8.76 21.25 30.51
C4B CHL UD . -8.72 21.81 31.90
CMB CHL UD . -9.00 22.50 28.16
CAB CHL UD . -8.69 19.96 29.80
CBB CHL UD . -9.81 19.39 29.41
NC CHL UD . -8.64 22.65 34.79
C1C CHL UD . -8.54 21.38 34.38
C2C CHL UD . -8.42 20.45 35.56
C3C CHL UD . -8.44 21.36 36.73
C4C CHL UD . -8.58 22.70 36.13
CMC CHL UD . -8.34 19.11 34.92
OMC CHL UD . -7.47 18.31 35.21
CAC CHL UD . -8.35 21.01 38.19
CBC CHL UD . -6.96 21.26 38.71
ND CHL UD . -8.73 25.51 34.96
C1D CHL UD . -8.67 25.20 36.27
C2D CHL UD . -8.62 26.46 37.06
C3D CHL UD . -8.67 27.53 36.04
C4D CHL UD . -8.73 26.89 34.81
CMD CHL UD . -8.53 26.45 38.56
CAD CHL UD . -8.66 29.01 35.81
OBD CHL UD . -8.59 29.31 37.07
CBD CHL UD . -8.74 29.22 34.35
CGD CHL UD . -10.01 29.97 34.06
O1D CHL UD . -11.10 29.43 34.14
O2D CHL UD . -9.99 31.35 33.67
CED CHL UD . -11.20 31.92 33.17
C1 CHL UD . -8.33 29.30 26.61
C2 CHL UD . -7.50 28.21 25.96
C3 CHL UD . -7.98 27.08 25.43
C4 CHL UD . -9.45 26.82 25.41
C5 CHL UD . -7.00 26.10 24.82
C6 CHL UD . -7.49 24.65 24.81
C7 CHL UD . -6.58 23.76 25.66
C8 CHL UD . -5.79 22.72 24.87
C9 CHL UD . -6.70 21.78 24.10
C10 CHL UD . -4.87 21.94 25.82
C11 CHL UD . -5.21 20.46 26.00
C12 CHL UD . -5.32 20.10 27.47
C13 CHL UD . -4.20 19.18 27.94
C14 CHL UD . -4.68 18.15 28.94
C15 CHL UD . -3.12 19.99 28.63
MG CHL VD . -11.20 2.87 33.87
CHA CHL VD . -12.32 4.83 31.18
CHB CHL VD . -12.71 5.29 35.95
CHC CHL VD . -10.52 0.73 36.68
CHD CHL VD . -10.02 0.26 31.70
NA CHL VD . -12.23 4.80 33.61
C1A CHL VD . -12.55 5.39 32.53
C2A CHL VD . -13.26 6.70 32.65
C3A CHL VD . -13.11 6.87 34.15
C4A CHL VD . -12.64 5.54 34.63
CMA CHL VD . -12.09 7.94 34.49
CAA CHL VD . -14.74 6.69 32.25
CBA CHL VD . -15.52 5.65 33.03
CGA CHL VD . -16.38 4.89 32.07
O1A CHL VD . -15.93 4.53 30.99
O2A CHL VD . -17.76 4.57 32.39
NB CHL VD . -11.54 2.98 35.89
C1B CHL VD . -12.15 4.02 36.48
C2B CHL VD . -12.24 3.78 37.95
C3B CHL VD . -11.61 2.46 38.16
C4B CHL VD . -11.20 2.04 36.79
CMB CHL VD . -12.85 4.69 38.99
CAB CHL VD . -11.54 1.94 39.54
CBB CHL VD . -10.65 2.44 40.38
NC CHL VD . -10.40 0.83 34.15
C1C CHL VD . -10.24 0.22 35.33
C2C CHL VD . -9.68 -1.15 35.15
C3C CHL VD . -9.54 -1.28 33.69
C4C CHL VD . -10.02 0.01 33.16
CMC CHL VD . -9.55 -1.72 36.52
OMC CHL VD . -9.57 -2.92 36.66
CAC CHL VD . -9.03 -2.46 32.91
CBC CHL VD . -10.23 -3.25 32.44
ND CHL VD . -11.14 2.55 31.94
C1D CHL VD . -10.66 1.52 31.24
C2D CHL VD . -10.87 1.78 29.79
C3D CHL VD . -11.53 3.11 29.73
C4D CHL VD . -11.66 3.50 31.07
CMD CHL VD . -10.77 1.43 28.33
CAD CHL VD . -12.10 4.19 28.88
OBD CHL VD . -12.39 4.63 27.71
CBD CHL VD . -12.61 5.25 29.79
CGD CHL VD . -12.02 6.60 29.52
O1D CHL VD . -11.08 7.03 30.18
O2D CHL VD . -12.59 7.45 28.48
CED CHL VD . -12.47 8.87 28.60
C1 CHL VD . -18.38 3.46 31.73
C2 CHL VD . -18.44 2.38 32.76
C3 CHL VD . -19.61 1.88 33.18
C4 CHL VD . -20.91 2.38 32.65
C5 CHL VD . -19.57 0.81 34.24
C6 CHL VD . -19.28 1.48 35.57
C7 CHL VD . -17.82 1.33 35.97
C8 CHL VD . -17.15 2.70 36.15
C9 CHL VD . -16.26 2.73 37.37
C10 CHL VD . -18.21 3.78 36.25
MG CHL WD . -4.52 10.42 30.51
CHA CHL WD . -3.68 9.37 27.24
CHB CHL WD . -1.81 8.54 31.63
CHC CHL WD . -4.82 12.10 33.66
CHD CHL WD . -7.18 12.54 29.21
NA CHL WD . -3.01 9.09 29.60
C1A CHL WD . -2.84 8.81 28.36
C2A CHL WD . -1.64 7.95 28.03
C3A CHL WD . -1.30 7.55 29.47
C4A CHL WD . -2.10 8.46 30.33
CMA CHL WD . -1.68 6.10 29.75
CAA CHL WD . -0.48 8.74 27.42
CBA CHL WD . -0.50 10.20 27.86
CGA CHL WD . 0.81 10.91 27.59
O1A CHL WD . 1.73 10.31 27.04
O2A CHL WD . 0.99 12.29 27.99
NB CHL WD . -3.53 10.33 32.28
C1B CHL WD . -2.48 9.53 32.50
C2B CHL WD . -1.98 9.70 33.88
C3B CHL WD . -2.85 10.73 34.49
C4B CHL WD . -3.80 11.07 33.38
CMB CHL WD . -0.83 9.00 34.57
CAB CHL WD . -2.51 11.05 35.89
CBB CHL WD . -3.24 11.89 36.59
NC CHL WD . -5.78 12.03 31.30
C1C CHL WD . -5.71 12.52 32.55
C2C CHL WD . -6.71 13.60 32.76
C3C CHL WD . -7.38 13.70 31.44
C4C CHL WD . -6.72 12.69 30.61
CMC CHL WD . -6.94 14.37 33.99
OMC CHL WD . -6.66 13.89 35.08
CAC CHL WD . -8.47 14.64 31.01
CBC CHL WD . -7.86 16.02 30.92
ND CHL WD . -5.30 10.90 28.70
C1D CHL WD . -6.30 11.71 28.36
C2D CHL WD . -6.47 11.70 26.87
C3D CHL WD . -5.41 10.76 26.42
C4D CHL WD . -4.75 10.32 27.58
CMD CHL WD . -7.44 12.43 26.00
CAD CHL WD . -4.80 10.10 25.25
OBD CHL WD . -5.01 10.14 23.99
CBD CHL WD . -3.70 9.26 25.77
CGD CHL WD . -3.87 7.86 25.31
O1D CHL WD . -4.57 7.09 25.94
O2D CHL WD . -3.17 7.43 24.11
CED CHL WD . -2.57 6.13 24.04
C1 CHL WD . 1.66 13.24 27.17
C2 CHL WD . 0.68 14.30 26.76
C3 CHL WD . 0.57 15.46 27.40
C4 CHL WD . 1.44 15.76 28.60
C5 CHL WD . -0.42 16.50 26.94
C6 CHL WD . 0.03 17.10 25.61
C7 CHL WD . -1.04 18.01 25.06
C8 CHL WD . -1.32 17.68 23.60
C9 CHL WD . -0.20 18.19 22.71
C10 CHL WD . -2.65 18.29 23.22
C11 CHL WD . -2.46 19.69 22.66
C12 CHL WD . -3.64 20.12 21.82
C13 CHL WD . -3.19 21.02 20.69
C14 CHL WD . -2.28 22.10 21.23
C15 CHL WD . -4.40 21.64 20.02
C16 CHL WD . -4.95 22.81 20.80
C17 CHL WD . -5.04 24.06 19.93
C18 CHL WD . -6.45 24.68 19.91
C19 CHL WD . -6.73 25.43 21.19
C20 CHL WD . -6.63 25.58 18.71
MG CLA XD . -18.53 3.65 24.77
CHA CLA XD . -17.88 0.34 25.52
CHB CLA XD . -20.60 2.68 22.31
CHC CLA XD . -19.67 6.82 24.51
CHD CLA XD . -16.47 4.58 27.42
NA CLA XD . -19.05 1.82 24.00
C1A CLA XD . -18.73 0.55 24.49
C2A CLA XD . -19.36 -0.51 23.64
C3A CLA XD . -19.97 0.25 22.47
C4A CLA XD . -19.89 1.69 22.95
CMA CLA XD . -19.19 0.01 21.21
CAA CLA XD . -20.47 -1.09 24.50
CBA CLA XD . -21.30 -0.04 25.21
CGA CLA XD . -22.48 0.36 24.38
O1A CLA XD . -23.31 -0.34 23.83
O2A CLA XD . -22.62 1.68 24.22
NB CLA XD . -19.85 4.58 23.60
C1B CLA XD . -20.60 4.00 22.67
C2B CLA XD . -21.48 4.99 22.05
C3B CLA XD . -21.24 6.17 22.66
C4B CLA XD . -20.19 5.92 23.67
CMB CLA XD . -22.41 4.62 21.00
CAB CLA XD . -21.81 7.47 22.49
CBB CLA XD . -22.66 7.82 21.53
NC CLA XD . -18.08 5.41 25.74
C1C CLA XD . -18.67 6.59 25.48
C2C CLA XD . -18.16 7.59 26.38
C3C CLA XD . -17.25 6.97 27.18
C4C CLA XD . -17.21 5.58 26.79
CMC CLA XD . -18.55 8.99 26.39
CAC CLA XD . -16.48 7.59 28.25
CBC CLA XD . -17.15 7.39 29.57
ND CLA XD . -17.30 2.73 26.07
C1D CLA XD . -16.52 3.24 27.12
C2D CLA XD . -15.79 2.12 27.75
C3D CLA XD . -16.28 0.99 27.18
C4D CLA XD . -17.24 1.42 26.17
CMD CLA XD . -14.79 2.23 28.80
CAD CLA XD . -16.16 -0.43 27.06
OBD CLA XD . -15.29 -1.18 27.47
CBD CLA XD . -17.36 -0.90 26.20
CGD CLA XD . -16.98 -1.99 25.26
O1D CLA XD . -17.02 -1.97 24.05
O2D CLA XD . -16.61 -3.15 25.85
CED CLA XD . -17.14 -4.31 25.25
C1 CLA XD . -23.49 2.38 25.09
C2 CLA XD . -24.59 2.88 24.23
C3 CLA XD . -25.26 4.01 24.52
C4 CLA XD . -26.36 4.49 23.68
C5 CLA XD . -24.98 4.85 25.70
C6 CLA XD . -26.08 5.85 25.89
C7 CLA XD . -25.54 7.19 26.36
C8 CLA XD . -26.07 7.57 27.73
C9 CLA XD . -26.39 9.06 27.75
C10 CLA XD . -25.06 7.26 28.82
C11 CLA XD . -25.66 7.37 30.20
C12 CLA XD . -24.81 6.68 31.25
C13 CLA XD . -25.40 6.82 32.63
MG CLA YD . -25.05 10.80 9.45
CHA CLA YD . -25.09 7.93 11.38
CHB CLA YD . -26.91 9.21 7.07
CHC CLA YD . -25.20 13.76 7.68
CHD CLA YD . -23.30 12.46 12.05
NA CLA YD . -25.81 8.86 9.25
C1A CLA YD . -25.73 7.82 10.18
C2A CLA YD . -26.45 6.58 9.67
C3A CLA YD . -26.87 6.97 8.23
C4A CLA YD . -26.52 8.45 8.16
CMA CLA YD . -26.14 6.13 7.22
CAA CLA YD . -27.68 6.32 10.52
CBA CLA YD . -28.43 7.60 10.84
CGA CLA YD . -29.70 7.29 11.57
O1A CLA YD . -30.28 6.21 11.69
O2A CLA YD . -30.25 8.40 12.15
NB CLA YD . -25.83 11.35 7.67
C1B CLA YD . -26.65 10.58 6.90
C2B CLA YD . -27.25 11.41 5.82
C3B CLA YD . -26.78 12.69 5.98
C4B CLA YD . -25.86 12.68 7.16
CMB CLA YD . -28.19 10.86 4.84
CAB CLA YD . -27.04 13.90 5.24
CBB CLA YD . -27.28 13.99 3.93
NC CLA YD . -24.30 12.73 9.76
C1C CLA YD . -24.47 13.78 8.90
C2C CLA YD . -23.83 14.98 9.44
C3C CLA YD . -23.34 14.63 10.70
C4C CLA YD . -23.63 13.21 10.89
CMC CLA YD . -23.80 16.28 8.77
CAC CLA YD . -22.62 15.50 11.64
CBC CLA YD . -23.56 16.18 12.60
ND CLA YD . -24.25 10.34 11.25
C1D CLA YD . -23.58 11.13 12.23
C2D CLA YD . -23.31 10.28 13.41
C3D CLA YD . -23.85 9.03 13.15
C4D CLA YD . -24.45 9.14 11.79
CMD CLA YD . -22.61 10.74 14.62
CAD CLA YD . -24.11 7.69 13.63
OBD CLA YD . -23.79 7.16 14.70
CBD CLA YD . -24.93 6.95 12.53
CGD CLA YD . -24.29 5.67 12.09
O1D CLA YD . -23.45 5.51 11.20
O2D CLA YD . -24.69 4.57 12.77
CED CLA YD . -24.52 3.29 12.14
C1 CLA YD . -30.63 8.30 13.54
C2 CLA YD . -30.27 9.60 14.18
C3 CLA YD . -31.00 10.16 15.15
C4 CLA YD . -32.23 9.52 15.66
C5 CLA YD . -30.59 11.45 15.78
C6 CLA YD . -29.84 11.22 17.07
C7 CLA YD . -29.82 12.46 17.96
C8 CLA YD . -29.23 12.13 19.32
C9 CLA YD . -29.79 10.83 19.85
C10 CLA YD . -29.44 13.27 20.32
MG CLA ZD . -26.07 10.80 18.94
CHA CLA ZD . -26.82 7.74 17.51
CHB CLA ZD . -26.06 9.35 22.02
CHC CLA ZD . -25.49 13.90 20.33
CHD CLA ZD . -26.20 12.28 15.73
NA CLA ZD . -26.36 8.85 19.62
C1A CLA ZD . -26.66 7.70 18.87
C2A CLA ZD . -26.82 6.48 19.77
C3A CLA ZD . -26.61 7.05 21.19
C4A CLA ZD . -26.30 8.52 20.94
CMA CLA ZD . -27.85 6.93 22.02
CAA CLA ZD . -25.82 5.38 19.47
CBA CLA ZD . -26.01 4.20 20.38
CGA CLA ZD . -27.15 3.34 19.93
O1A CLA ZD . -27.40 2.91 18.80
O2A CLA ZD . -28.02 3.02 20.94
NB CLA ZD . -25.79 11.50 20.81
C1B CLA ZD . -25.81 10.74 21.94
C2B CLA ZD . -25.60 11.60 23.13
C3B CLA ZD . -25.43 12.89 22.67
C4B CLA ZD . -25.56 12.84 21.18
CMB CLA ZD . -25.60 11.06 24.49
CAB CLA ZD . -25.21 14.11 23.38
CBB CLA ZD . -25.89 14.53 24.45
NC CLA ZD . -25.84 12.72 18.16
C1C CLA ZD . -25.62 13.85 18.91
C2C CLA ZD . -25.57 15.01 18.03
C3C CLA ZD . -25.76 14.55 16.72
C4C CLA ZD . -25.94 13.12 16.82
CMC CLA ZD . -25.36 16.39 18.50
CAC CLA ZD . -25.81 15.32 15.46
CBC CLA ZD . -27.11 16.06 15.31
ND CLA ZD . -26.38 10.21 17.03
C1D CLA ZD . -26.42 10.93 15.81
C2D CLA ZD . -26.78 10.01 14.71
C3D CLA ZD . -26.95 8.76 15.31
C4D CLA ZD . -26.69 8.95 16.75
CMD CLA ZD . -26.94 10.44 13.32
CAD CLA ZD . -27.32 7.38 15.11
OBD CLA ZD . -27.70 6.80 14.09
CBD CLA ZD . -27.20 6.66 16.51
CGD CLA ZD . -28.45 5.94 16.93
O1D CLA ZD . -28.70 4.73 16.85
O2D CLA ZD . -29.40 6.75 17.48
CED CLA ZD . -30.75 6.28 17.41
MG CLA AE . -18.70 27.15 15.07
CHA CLA AE . -19.79 30.42 15.38
CHB CLA AE . -21.93 26.08 15.09
CHC CLA AE . -17.58 23.95 14.53
CHD CLA AE . -15.36 28.32 14.89
NA CLA AE . -20.54 28.11 15.26
C1A CLA AE . -20.78 29.49 15.36
C2A CLA AE . -22.27 29.78 15.42
C3A CLA AE . -22.92 28.38 15.44
C4A CLA AE . -21.74 27.44 15.24
CMA CLA AE . -23.65 28.10 16.73
CAA CLA AE . -22.65 30.51 14.13
CBA CLA AE . -22.25 29.77 12.87
CGA CLA AE . -20.86 30.13 12.39
O1A CLA AE . -20.32 31.24 12.35
O2A CLA AE . -20.14 29.06 11.98
NB CLA AE . -19.58 25.36 14.81
C1B CLA AE . -20.92 25.13 14.90
C2B CLA AE . -21.18 23.67 14.80
C3B CLA AE . -19.95 23.05 14.64
C4B CLA AE . -18.92 24.13 14.66
CMB CLA AE . -22.52 23.11 14.87
CAB CLA AE . -19.63 21.66 14.50
CBB CLA AE . -20.05 20.68 15.30
NC CLA AE . -16.82 26.30 14.83
C1C CLA AE . -16.59 24.96 14.63
C2C CLA AE . -15.16 24.72 14.46
C3C CLA AE . -14.53 25.97 14.54
C4C CLA AE . -15.58 26.95 14.76
CMC CLA AE . -14.56 23.41 14.24
CAC CLA AE . -13.10 26.26 14.42
CBC CLA AE . -12.71 26.54 13.00
ND CLA AE . -17.72 28.91 15.27
C1D CLA AE . -16.35 29.26 15.13
C2D CLA AE . -16.21 30.72 15.28
C3D CLA AE . -17.49 31.22 15.40
C4D CLA AE . -18.40 30.06 15.35
CMD CLA AE . -14.93 31.42 15.26
CAD CLA AE . -18.33 32.41 15.59
OBD CLA AE . -17.99 33.57 15.78
CBD CLA AE . -19.81 31.94 15.48
CGD CLA AE . -20.65 32.41 16.63
O1D CLA AE . -20.58 32.06 17.81
O2D CLA AE . -21.59 33.33 16.28
CED CLA AE . -22.55 33.70 17.28
C1 CLA AE . -18.74 29.28 11.69
C2 CLA AE . -18.22 27.99 11.17
C3 CLA AE . -16.92 27.72 11.05
C4 CLA AE . -15.89 28.71 11.44
C5 CLA AE . -16.43 26.41 10.52
C6 CLA AE . -17.46 25.30 10.66
C7 CLA AE . -17.29 24.24 9.58
C8 CLA AE . -18.62 23.55 9.29
C9 CLA AE . -18.56 22.11 9.73
C10 CLA AE . -18.99 23.62 7.81
C11 CLA AE . -20.41 23.13 7.59
MG CHL BE . -26.15 28.33 10.73
CHA CHL BE . -23.43 28.89 8.53
CHB CHL BE . -27.96 30.45 8.48
CHC CHL BE . -29.13 27.63 12.61
CHD CHL BE . -24.34 26.15 12.84
NA CHL BE . -25.74 29.58 8.80
C1A CHL BE . -24.66 29.64 8.13
C2A CHL BE . -24.70 30.49 6.88
C3A CHL BE . -26.04 31.16 7.17
C4A CHL BE . -26.65 30.33 8.24
CMA CHL BE . -25.85 32.58 7.67
CAA CHL BE . -24.65 30.08 5.40
CBA CHL BE . -25.60 28.92 5.10
CGA CHL BE . -25.01 27.94 4.11
O1A CHL BE . -24.70 28.30 2.99
O2A CHL BE . -24.78 26.56 4.48
NB CHL BE . -28.11 28.91 10.59
C1B CHL BE . -28.58 29.73 9.63
C2B CHL BE . -30.04 29.95 9.82
C3B CHL BE . -30.39 29.14 11.01
C4B CHL BE . -29.10 28.52 11.42
CMB CHL BE . -30.96 30.79 8.98
CAB CHL BE . -31.81 29.15 11.45
CBB CHL BE . -32.44 28.00 11.60
NC CHL BE . -26.65 27.08 12.46
C1C CHL BE . -27.87 26.98 13.01
C2C CHL BE . -27.85 26.04 14.17
C3C CHL BE . -26.45 25.59 14.25
C4C CHL BE . -25.79 26.31 13.13
CMC CHL BE . -29.16 25.85 14.84
OMC CHL BE . -29.21 25.21 15.89
CAC CHL BE . -25.84 24.62 15.25
CBC CHL BE . -26.12 23.22 14.76
ND CHL BE . -24.42 27.67 10.75
C1D CHL BE . -23.84 26.83 11.62
C2D CHL BE . -22.44 26.60 11.20
C3D CHL BE . -22.28 27.42 9.97
C4D CHL BE . -23.51 28.04 9.75
CMD CHL BE . -21.19 25.85 11.59
CAD CHL BE . -21.32 27.84 8.90
OBD CHL BE . -20.11 27.66 8.50
CBD CHL BE . -22.06 28.74 7.99
CGD CHL BE . -21.36 30.06 7.84
O1D CHL BE . -21.03 30.44 6.73
O2D CHL BE . -21.06 30.89 8.99
CED CHL BE . -20.04 31.88 8.88
O1 LHG CE . -25.02 7.28 3.75
C1 LHG CE . -23.96 8.05 4.28
C2 LHG CE . -24.47 9.45 4.44
O2 LHG CE . -24.51 10.11 3.19
C3 LHG CE . -23.63 10.34 5.37
O3 LHG CE . -22.63 9.43 5.77
P LHG CE . -22.09 9.42 7.30
O4 LHG CE . -23.28 9.30 8.17
O5 LHG CE . -20.82 8.67 7.24
O6 LHG CE . -21.74 11.04 7.38
C4 LHG CE . -20.49 11.42 7.84
C5 LHG CE . -20.65 12.88 8.19
C6 LHG CE . -20.58 13.10 9.70
O7 LHG CE . -19.55 13.54 7.61
C7 LHG CE . -19.74 14.87 7.60
O9 LHG CE . -20.83 15.38 7.55
C8 LHG CE . -18.48 15.55 7.32
C9 LHG CE . -18.48 16.02 5.90
C10 LHG CE . -17.39 17.04 5.73
O8 LHG CE . -19.49 12.29 10.13
C23 LHG CE . -19.44 11.95 11.44
O10 LHG CE . -19.63 10.77 11.70
C24 LHG CE . -18.51 12.72 12.35
C11 LHG CE . -18.08 18.27 6.21
C12 LHG CE . -17.28 18.88 7.31
C13 LHG CE . -16.30 19.85 6.69
C14 LHG CE . -15.77 20.83 7.73
C15 LHG CE . -14.77 21.71 7.02
C16 LHG CE . -13.40 21.45 7.60
C17 LHG CE . -12.50 22.66 7.41
C18 LHG CE . -13.16 23.69 8.29
C19 LHG CE . -12.93 25.13 7.85
C20 LHG CE . -11.47 25.33 8.22
C21 LHG CE . -11.16 26.80 8.22
C22 LHG CE . -12.14 27.49 9.14
C25 LHG CE . -17.09 12.82 11.83
C26 LHG CE . -16.76 14.06 10.99
C27 LHG CE . -17.53 15.17 11.68
C28 LHG CE . -18.58 15.89 10.86
C29 LHG CE . -18.85 17.21 11.56
C30 LHG CE . -19.41 18.33 10.68
C31 LHG CE . -20.91 18.56 10.79
C32 LHG CE . -21.33 20.01 10.97
C33 LHG CE . -22.86 20.02 10.99
C34 LHG CE . -23.52 21.38 11.14
C1 LMG DE . -34.77 25.18 40.23
O1 LMG DE . -35.72 26.09 39.75
C2 LMG DE . -33.74 26.03 41.02
O2 LMG DE . -33.01 26.73 40.04
C3 LMG DE . -32.77 25.03 41.72
O3 LMG DE . -31.91 25.82 42.50
C4 LMG DE . -33.58 24.07 42.61
O4 LMG DE . -34.23 24.81 43.61
C5 LMG DE . -34.67 23.40 41.72
O5 LMG DE . -36.27 23.34 43.42
C6 LMG DE . -35.54 22.48 42.60
O6 LMG DE . -35.50 24.37 41.13
C7 LMG DE . -35.76 26.18 38.34
C8 LMG DE . -37.24 26.03 37.92
C9 LMG DE . -37.49 26.95 36.71
O7 LMG DE . -37.43 24.71 37.42
C10 LMG DE . -38.43 23.95 37.95
O9 LMG DE . -38.15 22.92 38.55
C11 LMG DE . -39.80 24.37 37.49
C12 LMG DE . -40.69 23.17 37.23
C13 LMG DE . -40.22 22.33 36.06
C14 LMG DE . -41.03 22.74 34.84
C15 LMG DE . -40.59 21.89 33.66
C16 LMG DE . -41.57 22.09 32.51
O8 LMG DE . -37.78 26.11 35.62
C28 LMG DE . -38.66 26.57 34.70
O10 LMG DE . -38.51 26.25 33.52
C29 LMG DE . -39.89 27.22 35.27
C30 LMG DE . -40.14 28.56 34.62
C31 LMG DE . -41.23 29.25 35.42
C28 0UR EE . -23.76 1.75 29.02
C29 0UR EE . -23.99 0.24 28.94
C30 0UR EE . -22.98 -0.50 29.83
C31 0UR EE . -21.61 -0.05 29.34
C32 0UR EE . -21.36 1.20 28.91
C34 0UR EE . -19.94 22.77 17.99
C37 0UR EE . -24.76 23.30 18.24
C38 0UR EE . -23.76 2.22 30.47
O40 0UR EE . -23.14 -1.93 29.80
C43 0UR EE . -23.14 18.30 17.73
C1 0UR EE . -22.36 22.82 18.44
C2 0UR EE . -22.08 20.38 18.86
C3 0UR EE . -22.29 18.94 18.77
C4 0UR EE . -21.71 18.14 19.68
C5 0UR EE . -21.88 16.68 19.68
C6 0UR EE . -21.78 16.06 20.85
C10 0UR EE . -22.09 12.27 23.85
C11 0UR EE . -22.24 10.87 24.22
C12 0UR EE . -22.05 10.40 25.47
C13 0UR EE . -22.23 8.95 25.74
C14 0UR EE . -21.92 8.27 26.85
C15 0UR EE . -22.19 6.82 26.86
C16 0UR EE . -21.77 5.94 27.77
C17 0UR EE . -22.12 4.49 27.64
C18 0UR EE . -22.06 3.57 28.63
C19 0UR EE . -22.43 2.11 28.38
C20 0UR EE . -22.10 13.74 19.80
C21 0UR EE . -21.65 11.35 26.56
C22 0UR EE . -20.94 6.41 28.92
C23 0UR EE . -23.54 23.47 19.12
C24 0UR EE . -23.35 24.96 19.39
C25 0UR EE . -21.92 25.27 19.76
C26 0UR EE . -21.10 24.95 18.54
C27 0UR EE . -21.20 23.48 18.32
C33 0UR EE . -19.95 1.71 28.94
C35 0UR EE . -23.78 22.79 20.45
C36 0UR EE . -24.90 2.46 28.29
C41 0UR EE . -22.51 21.43 17.88
C45 0UR EE . -24.21 19.14 15.73
C46 0UR EE . -25.51 19.27 16.40
C47 0UR EE . -26.55 19.59 15.66
C48 0UR EE . -27.91 19.74 16.30
C49 0UR EE . -27.77 20.43 17.64
C50 0UR EE . -29.00 21.27 17.97
C51 0UR EE . -28.68 22.34 19.02
C7 0UR EE . -21.93 14.60 21.01
C8 0UR EE . -21.91 14.08 22.25
C9 0UR EE . -22.06 12.66 22.58
O39 0UR EE . -21.77 26.67 20.04
O42 0UR EE . -21.47 20.73 19.82
O44 0UR EE . -23.01 18.91 16.48
O57 0UR EE . -24.14 19.23 14.54
#